data_2N27
#
_entry.id   2N27
#
loop_
_entity.id
_entity.type
_entity.pdbx_description
1 polymer Calmodulin
2 non-polymer 'CALCIUM ION'
3 non-polymer (6E)-N-(4-hydroxy-3-methoxybenzyl)-8-methylnon-6-enamide
#
_entity_poly.entity_id   1
_entity_poly.type   'polypeptide(L)'
_entity_poly.pdbx_seq_one_letter_code
;ADQLTEEQIAEFKEAFSLFDKDGDGTITTKELGTVMRSLGQNPTEAELQDMINEVDADGNGTIDFPEFLTMMARKMKDTD
SEEEIREAFRVFDKDGNGYISAAELRHVMTNLGEKLTDEEVDEMIREADIDGDGQVNYEEFVQMMTAK
;
_entity_poly.pdbx_strand_id   A
#
# COMPACT_ATOMS: atom_id res chain seq x y z
N ALA A 1 -8.75 19.45 -13.77
CA ALA A 1 -7.66 20.45 -13.52
C ALA A 1 -7.11 20.25 -12.11
N ASP A 2 -7.99 19.89 -11.18
CA ASP A 2 -7.60 19.68 -9.79
C ASP A 2 -7.15 18.24 -9.58
N GLN A 3 -5.88 18.07 -9.20
CA GLN A 3 -5.32 16.74 -8.97
C GLN A 3 -5.66 16.26 -7.56
N LEU A 4 -5.67 17.18 -6.60
CA LEU A 4 -5.98 16.85 -5.21
C LEU A 4 -7.43 17.19 -4.91
N THR A 5 -8.18 16.18 -4.47
CA THR A 5 -9.59 16.37 -4.13
C THR A 5 -9.93 15.62 -2.84
N GLU A 6 -11.01 16.03 -2.20
CA GLU A 6 -11.45 15.39 -0.96
C GLU A 6 -11.93 13.97 -1.23
N GLU A 7 -12.53 13.76 -2.40
CA GLU A 7 -13.05 12.44 -2.75
C GLU A 7 -11.96 11.38 -2.61
N GLN A 8 -10.76 11.70 -3.10
CA GLN A 8 -9.66 10.75 -3.02
C GLN A 8 -9.39 10.35 -1.57
N ILE A 9 -9.43 11.32 -0.68
CA ILE A 9 -9.20 11.06 0.74
C ILE A 9 -10.29 10.17 1.31
N ALA A 10 -11.54 10.45 0.95
CA ALA A 10 -12.67 9.69 1.45
C ALA A 10 -12.50 8.20 1.15
N GLU A 11 -11.81 7.88 0.08
CA GLU A 11 -11.60 6.48 -0.29
C GLU A 11 -10.99 5.71 0.87
N PHE A 12 -9.94 6.27 1.46
CA PHE A 12 -9.27 5.62 2.58
C PHE A 12 -10.19 5.54 3.79
N LYS A 13 -10.94 6.62 4.03
CA LYS A 13 -11.85 6.68 5.17
C LYS A 13 -12.93 5.61 5.05
N GLU A 14 -13.48 5.47 3.84
CA GLU A 14 -14.53 4.47 3.60
C GLU A 14 -13.98 3.06 3.72
N ALA A 15 -12.74 2.86 3.27
CA ALA A 15 -12.11 1.55 3.32
C ALA A 15 -12.04 1.05 4.77
N PHE A 16 -11.96 1.98 5.71
CA PHE A 16 -11.87 1.63 7.12
C PHE A 16 -13.06 0.77 7.53
N SER A 17 -14.26 1.19 7.14
CA SER A 17 -15.46 0.45 7.48
C SER A 17 -15.62 -0.76 6.56
N LEU A 18 -14.98 -0.72 5.40
CA LEU A 18 -15.06 -1.83 4.46
C LEU A 18 -14.49 -3.10 5.07
N PHE A 19 -13.37 -2.97 5.76
CA PHE A 19 -12.73 -4.14 6.35
C PHE A 19 -13.64 -4.81 7.38
N ASP A 20 -14.18 -4.03 8.30
CA ASP A 20 -15.05 -4.58 9.33
C ASP A 20 -16.45 -4.86 8.78
N LYS A 21 -16.75 -4.33 7.61
CA LYS A 21 -18.06 -4.54 7.00
C LYS A 21 -18.47 -6.02 7.09
N ASP A 22 -17.49 -6.91 7.02
CA ASP A 22 -17.78 -8.35 7.09
C ASP A 22 -18.61 -8.67 8.33
N GLY A 23 -18.20 -8.11 9.48
CA GLY A 23 -18.91 -8.35 10.74
C GLY A 23 -18.89 -7.10 11.62
N ASP A 24 -18.95 -7.29 12.93
CA ASP A 24 -18.94 -6.16 13.86
C ASP A 24 -17.56 -5.52 13.94
N GLY A 25 -16.53 -6.35 14.08
CA GLY A 25 -15.16 -5.86 14.13
C GLY A 25 -14.17 -7.01 13.98
N THR A 26 -13.53 -7.11 12.82
CA THR A 26 -12.57 -8.18 12.60
C THR A 26 -11.72 -7.91 11.37
N ILE A 27 -10.43 -8.20 11.46
CA ILE A 27 -9.51 -8.01 10.33
C ILE A 27 -8.98 -9.37 9.87
N THR A 28 -9.42 -9.83 8.70
CA THR A 28 -8.99 -11.12 8.17
C THR A 28 -8.49 -10.97 6.74
N THR A 29 -7.88 -12.02 6.21
CA THR A 29 -7.36 -12.00 4.85
C THR A 29 -8.48 -11.83 3.84
N LYS A 30 -9.64 -12.40 4.16
CA LYS A 30 -10.79 -12.31 3.25
C LYS A 30 -11.18 -10.84 3.07
N GLU A 31 -11.16 -10.09 4.17
CA GLU A 31 -11.50 -8.69 4.12
C GLU A 31 -10.51 -7.94 3.24
N LEU A 32 -9.21 -8.22 3.45
CA LEU A 32 -8.16 -7.58 2.66
C LEU A 32 -8.28 -7.98 1.19
N GLY A 33 -8.53 -9.27 0.96
CA GLY A 33 -8.67 -9.76 -0.41
C GLY A 33 -9.76 -9.02 -1.15
N THR A 34 -10.72 -8.48 -0.42
CA THR A 34 -11.81 -7.74 -1.02
C THR A 34 -11.28 -6.49 -1.71
N VAL A 35 -10.34 -5.82 -1.05
CA VAL A 35 -9.76 -4.60 -1.60
C VAL A 35 -9.17 -4.86 -2.96
N MET A 36 -8.84 -6.12 -3.23
CA MET A 36 -8.26 -6.47 -4.51
C MET A 36 -9.07 -5.87 -5.65
N ARG A 37 -10.37 -5.70 -5.45
CA ARG A 37 -11.17 -5.15 -6.54
C ARG A 37 -10.74 -3.73 -6.86
N SER A 38 -10.56 -2.91 -5.84
CA SER A 38 -10.16 -1.53 -6.06
C SER A 38 -8.78 -1.49 -6.70
N LEU A 39 -8.03 -2.57 -6.52
CA LEU A 39 -6.67 -2.67 -7.06
C LEU A 39 -6.65 -3.66 -8.24
N GLY A 40 -7.83 -4.17 -8.60
CA GLY A 40 -7.94 -5.14 -9.69
C GLY A 40 -7.16 -6.40 -9.37
N GLN A 41 -5.84 -6.28 -9.39
CA GLN A 41 -4.95 -7.40 -9.09
C GLN A 41 -3.71 -6.87 -8.38
N ASN A 42 -3.60 -7.19 -7.09
CA ASN A 42 -2.46 -6.74 -6.27
C ASN A 42 -1.78 -7.93 -5.59
N PRO A 43 -1.06 -8.78 -6.33
CA PRO A 43 -0.36 -9.96 -5.75
C PRO A 43 0.16 -9.69 -4.34
N THR A 44 0.50 -8.44 -4.09
CA THR A 44 1.03 -8.04 -2.79
C THR A 44 0.31 -8.79 -1.67
N GLU A 45 -0.95 -9.11 -1.91
CA GLU A 45 -1.75 -9.82 -0.91
C GLU A 45 -1.55 -11.32 -1.05
N ALA A 46 -1.38 -11.78 -2.29
CA ALA A 46 -1.17 -13.20 -2.56
C ALA A 46 0.06 -13.71 -1.83
N GLU A 47 1.18 -13.00 -1.98
CA GLU A 47 2.42 -13.39 -1.32
C GLU A 47 2.27 -13.22 0.18
N LEU A 48 1.74 -12.08 0.57
CA LEU A 48 1.58 -11.79 2.00
C LEU A 48 0.58 -12.76 2.64
N GLN A 49 -0.41 -13.21 1.87
CA GLN A 49 -1.42 -14.13 2.37
C GLN A 49 -0.80 -15.14 3.35
N ASP A 50 0.28 -15.78 2.92
CA ASP A 50 0.96 -16.75 3.77
C ASP A 50 1.59 -16.03 4.96
N MET A 51 2.17 -14.86 4.74
CA MET A 51 2.80 -14.10 5.81
C MET A 51 1.78 -13.71 6.87
N ILE A 52 0.60 -13.30 6.44
CA ILE A 52 -0.45 -12.88 7.36
C ILE A 52 -0.87 -14.03 8.28
N ASN A 53 -1.16 -15.17 7.69
CA ASN A 53 -1.56 -16.35 8.47
C ASN A 53 -0.44 -16.79 9.41
N GLU A 54 0.79 -16.75 8.92
CA GLU A 54 1.93 -17.16 9.72
C GLU A 54 1.99 -16.39 11.04
N VAL A 55 2.14 -15.08 10.95
CA VAL A 55 2.21 -14.24 12.15
C VAL A 55 0.87 -14.18 12.87
N ASP A 56 -0.21 -14.30 12.11
CA ASP A 56 -1.57 -14.24 12.67
C ASP A 56 -2.02 -15.61 13.18
N ALA A 57 -1.28 -16.65 12.82
CA ALA A 57 -1.63 -18.01 13.23
C ALA A 57 -1.35 -18.21 14.71
N ASP A 58 -1.13 -17.10 15.41
CA ASP A 58 -0.89 -17.17 16.85
C ASP A 58 -2.14 -17.65 17.54
N GLY A 59 -3.30 -17.38 16.94
CA GLY A 59 -4.58 -17.81 17.51
C GLY A 59 -5.61 -18.03 16.41
N ASN A 60 -5.38 -17.39 15.26
CA ASN A 60 -6.28 -17.51 14.12
C ASN A 60 -5.86 -16.54 13.01
N GLY A 61 -6.17 -16.89 11.77
CA GLY A 61 -5.83 -16.03 10.64
C GLY A 61 -6.61 -14.72 10.69
N THR A 62 -6.85 -14.21 11.90
CA THR A 62 -7.59 -12.95 12.06
C THR A 62 -6.87 -12.07 13.09
N ILE A 63 -6.99 -10.76 12.91
CA ILE A 63 -6.36 -9.79 13.82
C ILE A 63 -7.41 -8.89 14.45
N ASP A 64 -7.31 -8.70 15.75
CA ASP A 64 -8.26 -7.87 16.48
C ASP A 64 -7.99 -6.39 16.21
N PHE A 65 -8.98 -5.55 16.50
CA PHE A 65 -8.84 -4.11 16.25
C PHE A 65 -7.74 -3.49 17.13
N PRO A 66 -7.73 -3.77 18.41
CA PRO A 66 -6.71 -3.21 19.34
C PRO A 66 -5.29 -3.43 18.82
N GLU A 67 -5.06 -4.59 18.21
CA GLU A 67 -3.75 -4.91 17.66
C GLU A 67 -3.60 -4.39 16.24
N PHE A 68 -4.73 -4.17 15.56
CA PHE A 68 -4.71 -3.67 14.19
C PHE A 68 -4.04 -2.31 14.11
N LEU A 69 -4.44 -1.41 15.01
CA LEU A 69 -3.87 -0.07 15.02
C LEU A 69 -2.37 -0.12 15.31
N THR A 70 -2.00 -0.95 16.28
CA THR A 70 -0.59 -1.08 16.65
C THR A 70 0.22 -1.65 15.49
N MET A 71 -0.30 -2.70 14.86
CA MET A 71 0.39 -3.33 13.74
C MET A 71 0.55 -2.35 12.58
N MET A 72 -0.52 -1.66 12.24
CA MET A 72 -0.49 -0.70 11.14
C MET A 72 0.43 0.46 11.50
N ALA A 73 0.39 0.87 12.76
CA ALA A 73 1.22 1.98 13.21
C ALA A 73 2.70 1.68 13.00
N ARG A 74 3.13 0.52 13.44
CA ARG A 74 4.53 0.14 13.31
C ARG A 74 4.89 -0.17 11.85
N LYS A 75 4.00 -0.91 11.18
CA LYS A 75 4.22 -1.27 9.78
C LYS A 75 4.19 -0.03 8.89
N MET A 76 3.21 0.85 9.15
CA MET A 76 3.06 2.09 8.38
C MET A 76 3.57 3.27 9.18
N LYS A 77 4.46 4.07 8.58
CA LYS A 77 5.01 5.23 9.25
C LYS A 77 4.10 6.44 9.08
N ASP A 78 3.98 7.24 10.14
CA ASP A 78 3.12 8.41 10.10
C ASP A 78 3.42 9.24 8.86
N THR A 79 2.70 10.34 8.70
CA THR A 79 2.90 11.21 7.55
C THR A 79 4.18 12.03 7.70
N ASP A 80 4.81 11.92 8.87
CA ASP A 80 6.04 12.66 9.14
C ASP A 80 7.16 12.16 8.24
N SER A 81 6.96 11.00 7.64
CA SER A 81 7.97 10.43 6.75
C SER A 81 8.22 11.34 5.56
N GLU A 82 7.26 12.23 5.30
CA GLU A 82 7.40 13.16 4.19
C GLU A 82 8.77 13.83 4.21
N GLU A 83 9.20 14.26 5.40
CA GLU A 83 10.48 14.91 5.54
C GLU A 83 11.63 13.91 5.32
N GLU A 84 11.45 12.69 5.83
CA GLU A 84 12.47 11.65 5.68
C GLU A 84 12.62 11.26 4.22
N ILE A 85 11.49 11.09 3.56
CA ILE A 85 11.51 10.73 2.15
C ILE A 85 12.08 11.89 1.35
N ARG A 86 12.08 13.09 1.94
CA ARG A 86 12.58 14.23 1.21
C ARG A 86 14.02 13.99 0.78
N GLU A 87 14.83 13.51 1.70
CA GLU A 87 16.23 13.24 1.39
C GLU A 87 16.32 12.14 0.35
N ALA A 88 15.37 11.19 0.38
CA ALA A 88 15.37 10.09 -0.56
C ALA A 88 14.98 10.52 -1.97
N PHE A 89 14.42 11.72 -2.11
CA PHE A 89 14.00 12.20 -3.43
C PHE A 89 15.18 12.22 -4.41
N ARG A 90 16.28 12.81 -3.96
CA ARG A 90 17.49 12.95 -4.75
C ARG A 90 18.09 11.57 -5.09
N VAL A 91 18.17 10.70 -4.09
CA VAL A 91 18.72 9.36 -4.32
C VAL A 91 17.72 8.47 -5.05
N PHE A 92 16.50 8.42 -4.52
CA PHE A 92 15.47 7.59 -5.11
C PHE A 92 15.15 8.06 -6.53
N ASP A 93 14.96 9.37 -6.69
CA ASP A 93 14.66 9.95 -8.01
C ASP A 93 15.87 10.74 -8.53
N LYS A 94 16.70 10.07 -9.33
CA LYS A 94 17.88 10.71 -9.90
C LYS A 94 17.48 11.74 -10.94
N ASP A 95 16.49 11.38 -11.76
CA ASP A 95 16.03 12.27 -12.80
C ASP A 95 15.47 13.57 -12.21
N GLY A 96 14.74 13.44 -11.11
CA GLY A 96 14.15 14.61 -10.46
C GLY A 96 13.01 15.18 -11.29
N ASN A 97 13.33 15.71 -12.47
CA ASN A 97 12.32 16.27 -13.35
C ASN A 97 11.42 15.17 -13.91
N GLY A 98 11.91 13.93 -13.80
CA GLY A 98 11.16 12.77 -14.29
C GLY A 98 10.69 11.90 -13.13
N TYR A 99 9.72 11.04 -13.40
CA TYR A 99 9.16 10.16 -12.36
C TYR A 99 9.52 8.71 -12.67
N ILE A 100 9.54 7.88 -11.61
CA ILE A 100 9.90 6.48 -11.78
C ILE A 100 8.70 5.67 -12.30
N SER A 101 8.91 4.96 -13.39
CA SER A 101 7.85 4.14 -13.99
C SER A 101 7.77 2.79 -13.26
N ALA A 102 6.70 2.04 -13.54
CA ALA A 102 6.52 0.74 -12.91
C ALA A 102 7.64 -0.21 -13.31
N ALA A 103 8.07 -0.12 -14.57
CA ALA A 103 9.14 -0.99 -15.06
C ALA A 103 10.44 -0.74 -14.31
N GLU A 104 10.79 0.54 -14.17
CA GLU A 104 12.02 0.92 -13.47
C GLU A 104 11.91 0.61 -11.97
N LEU A 105 10.70 0.73 -11.43
CA LEU A 105 10.47 0.48 -10.00
C LEU A 105 10.81 -0.97 -9.64
N ARG A 106 10.41 -1.87 -10.53
CA ARG A 106 10.63 -3.30 -10.37
C ARG A 106 12.11 -3.61 -10.20
N HIS A 107 12.95 -2.97 -11.00
CA HIS A 107 14.38 -3.18 -10.90
C HIS A 107 14.87 -2.85 -9.50
N VAL A 108 14.35 -1.76 -8.96
CA VAL A 108 14.71 -1.32 -7.61
C VAL A 108 14.22 -2.32 -6.57
N MET A 109 12.98 -2.78 -6.74
CA MET A 109 12.38 -3.73 -5.82
C MET A 109 13.17 -5.03 -5.79
N THR A 110 13.70 -5.42 -6.96
CA THR A 110 14.47 -6.66 -7.08
C THR A 110 15.71 -6.60 -6.18
N ASN A 111 16.41 -5.47 -6.21
CA ASN A 111 17.62 -5.31 -5.41
C ASN A 111 17.29 -5.49 -3.93
N LEU A 112 16.11 -5.04 -3.51
CA LEU A 112 15.70 -5.15 -2.12
C LEU A 112 15.64 -6.61 -1.70
N GLY A 113 15.03 -7.43 -2.54
CA GLY A 113 14.88 -8.85 -2.24
C GLY A 113 13.81 -9.49 -3.12
N GLU A 114 13.33 -10.65 -2.68
CA GLU A 114 12.30 -11.39 -3.41
C GLU A 114 11.28 -12.01 -2.45
N LYS A 115 11.17 -11.43 -1.27
CA LYS A 115 10.23 -11.93 -0.27
C LYS A 115 8.80 -11.79 -0.78
N LEU A 116 8.51 -10.64 -1.38
CA LEU A 116 7.17 -10.37 -1.91
C LEU A 116 7.11 -10.77 -3.38
N THR A 117 5.92 -10.66 -3.98
CA THR A 117 5.76 -11.02 -5.38
C THR A 117 6.40 -9.97 -6.30
N ASP A 118 6.66 -10.36 -7.54
CA ASP A 118 7.27 -9.45 -8.52
C ASP A 118 6.19 -8.71 -9.31
N GLU A 119 4.99 -9.29 -9.36
CA GLU A 119 3.88 -8.71 -10.11
C GLU A 119 3.08 -7.70 -9.28
N GLU A 120 3.09 -7.85 -7.96
CA GLU A 120 2.34 -6.95 -7.08
C GLU A 120 2.30 -5.50 -7.62
N VAL A 121 3.47 -4.89 -7.75
CA VAL A 121 3.55 -3.50 -8.21
C VAL A 121 3.13 -3.36 -9.67
N ASP A 122 3.52 -4.31 -10.52
CA ASP A 122 3.19 -4.24 -11.94
C ASP A 122 1.68 -4.13 -12.16
N GLU A 123 0.92 -4.98 -11.48
CA GLU A 123 -0.53 -4.98 -11.62
C GLU A 123 -1.21 -3.97 -10.69
N MET A 124 -0.70 -3.87 -9.45
CA MET A 124 -1.30 -2.94 -8.49
C MET A 124 -1.22 -1.53 -9.03
N ILE A 125 -0.05 -1.17 -9.54
CA ILE A 125 0.14 0.17 -10.09
C ILE A 125 -0.66 0.32 -11.38
N ARG A 126 -1.09 -0.79 -11.97
CA ARG A 126 -1.81 -0.70 -13.22
C ARG A 126 -3.27 -0.29 -13.02
N GLU A 127 -3.96 -0.98 -12.12
CA GLU A 127 -5.37 -0.67 -11.89
C GLU A 127 -5.51 0.43 -10.84
N ALA A 128 -5.16 0.12 -9.61
CA ALA A 128 -5.27 1.08 -8.51
C ALA A 128 -4.91 2.49 -8.97
N ASP A 129 -4.07 2.59 -10.01
CA ASP A 129 -3.66 3.90 -10.53
C ASP A 129 -4.65 4.41 -11.58
N ILE A 130 -5.11 5.65 -11.37
CA ILE A 130 -6.06 6.27 -12.29
C ILE A 130 -5.40 6.50 -13.66
N ASP A 131 -4.16 7.00 -13.65
CA ASP A 131 -3.45 7.25 -14.90
C ASP A 131 -3.18 5.95 -15.64
N GLY A 132 -2.83 4.92 -14.88
CA GLY A 132 -2.54 3.62 -15.47
C GLY A 132 -1.18 3.62 -16.13
N ASP A 133 -0.52 4.79 -16.11
CA ASP A 133 0.81 4.91 -16.71
C ASP A 133 1.88 4.58 -15.68
N GLY A 134 1.45 4.43 -14.43
CA GLY A 134 2.39 4.11 -13.36
C GLY A 134 3.49 5.15 -13.25
N GLN A 135 3.51 5.84 -12.12
CA GLN A 135 4.52 6.87 -11.88
C GLN A 135 4.62 7.16 -10.39
N VAL A 136 5.87 7.23 -9.88
CA VAL A 136 6.11 7.48 -8.46
C VAL A 136 7.00 8.71 -8.30
N ASN A 137 6.66 9.56 -7.34
CA ASN A 137 7.44 10.78 -7.09
C ASN A 137 7.32 11.18 -5.62
N TYR A 138 8.10 12.18 -5.22
CA TYR A 138 8.08 12.67 -3.84
C TYR A 138 6.66 13.06 -3.42
N GLU A 139 5.98 13.80 -4.27
CA GLU A 139 4.63 14.26 -3.96
C GLU A 139 3.71 13.06 -3.71
N GLU A 140 3.81 12.05 -4.57
CA GLU A 140 2.98 10.86 -4.43
C GLU A 140 3.40 10.00 -3.25
N PHE A 141 4.69 10.05 -2.91
CA PHE A 141 5.21 9.25 -1.80
C PHE A 141 4.44 9.55 -0.52
N VAL A 142 4.18 10.81 -0.25
CA VAL A 142 3.46 11.20 0.95
C VAL A 142 2.09 10.54 0.97
N GLN A 143 1.38 10.61 -0.16
CA GLN A 143 0.05 10.00 -0.25
C GLN A 143 0.13 8.48 -0.22
N MET A 144 1.24 7.93 -0.70
CA MET A 144 1.41 6.48 -0.73
C MET A 144 1.32 5.89 0.68
N MET A 145 1.95 6.56 1.65
CA MET A 145 1.94 6.10 3.04
C MET A 145 1.23 7.10 3.93
N THR A 146 0.42 6.59 4.86
CA THR A 146 -0.32 7.46 5.78
C THR A 146 -0.83 6.66 6.97
N ALA A 147 0.07 6.37 7.92
CA ALA A 147 -0.33 5.61 9.10
C ALA A 147 -1.32 6.41 9.94
N LYS A 148 -1.25 7.74 9.85
CA LYS A 148 -2.15 8.62 10.60
C LYS A 148 -2.49 9.86 9.79
N ALA A 1 -2.89 21.42 -11.51
CA ALA A 1 -3.63 20.13 -11.46
C ALA A 1 -3.80 19.69 -10.01
N ASP A 2 -5.01 19.25 -9.66
CA ASP A 2 -5.29 18.79 -8.31
C ASP A 2 -5.45 17.27 -8.29
N GLN A 3 -4.43 16.57 -7.83
CA GLN A 3 -4.47 15.12 -7.77
C GLN A 3 -5.29 14.66 -6.58
N LEU A 4 -5.65 15.63 -5.72
CA LEU A 4 -6.45 15.33 -4.54
C LEU A 4 -7.90 15.73 -4.76
N THR A 5 -8.80 14.77 -4.64
CA THR A 5 -10.23 15.02 -4.84
C THR A 5 -11.02 14.33 -3.73
N GLU A 6 -12.28 14.74 -3.57
CA GLU A 6 -13.13 14.14 -2.55
C GLU A 6 -13.31 12.65 -2.79
N GLU A 7 -13.29 12.26 -4.07
CA GLU A 7 -13.46 10.86 -4.42
C GLU A 7 -12.34 10.02 -3.82
N GLN A 8 -11.12 10.51 -3.92
CA GLN A 8 -9.97 9.80 -3.39
C GLN A 8 -10.03 9.71 -1.86
N ILE A 9 -10.44 10.81 -1.23
CA ILE A 9 -10.55 10.85 0.23
C ILE A 9 -11.61 9.87 0.74
N ALA A 10 -12.75 9.83 0.04
CA ALA A 10 -13.84 8.95 0.44
C ALA A 10 -13.39 7.48 0.41
N GLU A 11 -12.57 7.13 -0.57
CA GLU A 11 -12.10 5.75 -0.67
C GLU A 11 -11.45 5.29 0.63
N PHE A 12 -10.52 6.09 1.15
CA PHE A 12 -9.84 5.74 2.40
C PHE A 12 -10.83 5.69 3.56
N LYS A 13 -11.70 6.69 3.62
CA LYS A 13 -12.69 6.76 4.69
C LYS A 13 -13.63 5.56 4.63
N GLU A 14 -14.10 5.25 3.43
CA GLU A 14 -15.01 4.11 3.23
C GLU A 14 -14.27 2.79 3.44
N ALA A 15 -13.01 2.75 3.03
CA ALA A 15 -12.20 1.54 3.15
C ALA A 15 -12.00 1.14 4.62
N PHE A 16 -11.83 2.14 5.48
CA PHE A 16 -11.61 1.90 6.89
C PHE A 16 -12.78 1.12 7.48
N SER A 17 -14.00 1.54 7.16
CA SER A 17 -15.19 0.86 7.66
C SER A 17 -15.50 -0.38 6.83
N LEU A 18 -14.94 -0.44 5.62
CA LEU A 18 -15.18 -1.58 4.73
C LEU A 18 -14.62 -2.87 5.34
N PHE A 19 -13.42 -2.78 5.90
CA PHE A 19 -12.78 -3.96 6.47
C PHE A 19 -13.64 -4.60 7.56
N ASP A 20 -14.12 -3.78 8.49
CA ASP A 20 -14.96 -4.29 9.58
C ASP A 20 -16.35 -4.65 9.09
N LYS A 21 -16.69 -4.21 7.88
CA LYS A 21 -18.00 -4.49 7.31
C LYS A 21 -18.39 -5.95 7.55
N ASP A 22 -17.41 -6.85 7.54
CA ASP A 22 -17.66 -8.27 7.74
C ASP A 22 -18.43 -8.50 9.02
N GLY A 23 -18.00 -7.84 10.10
CA GLY A 23 -18.66 -7.99 11.41
C GLY A 23 -18.56 -6.70 12.22
N ASP A 24 -18.56 -6.86 13.54
CA ASP A 24 -18.48 -5.70 14.44
C ASP A 24 -17.09 -5.07 14.37
N GLY A 25 -16.06 -5.90 14.46
CA GLY A 25 -14.69 -5.41 14.39
C GLY A 25 -13.72 -6.58 14.18
N THR A 26 -13.17 -6.68 12.98
CA THR A 26 -12.22 -7.77 12.70
C THR A 26 -11.46 -7.50 11.40
N ILE A 27 -10.17 -7.79 11.40
CA ILE A 27 -9.34 -7.62 10.20
C ILE A 27 -8.74 -8.96 9.82
N THR A 28 -9.20 -9.51 8.69
CA THR A 28 -8.70 -10.81 8.21
C THR A 28 -8.32 -10.72 6.74
N THR A 29 -7.65 -11.77 6.25
CA THR A 29 -7.23 -11.81 4.86
C THR A 29 -8.45 -11.80 3.94
N LYS A 30 -9.55 -12.38 4.40
CA LYS A 30 -10.77 -12.42 3.62
C LYS A 30 -11.26 -11.00 3.36
N GLU A 31 -11.21 -10.16 4.39
CA GLU A 31 -11.65 -8.78 4.27
C GLU A 31 -10.72 -8.02 3.32
N LEU A 32 -9.41 -8.20 3.50
CA LEU A 32 -8.43 -7.53 2.65
C LEU A 32 -8.55 -8.02 1.21
N GLY A 33 -8.72 -9.33 1.05
CA GLY A 33 -8.86 -9.91 -0.28
C GLY A 33 -9.97 -9.21 -1.05
N THR A 34 -10.92 -8.63 -0.33
CA THR A 34 -12.02 -7.92 -0.96
C THR A 34 -11.51 -6.71 -1.73
N VAL A 35 -10.59 -5.95 -1.12
CA VAL A 35 -10.05 -4.76 -1.77
C VAL A 35 -9.47 -5.12 -3.13
N MET A 36 -9.15 -6.39 -3.32
CA MET A 36 -8.56 -6.83 -4.58
C MET A 36 -9.36 -6.30 -5.76
N ARG A 37 -10.67 -6.19 -5.62
CA ARG A 37 -11.46 -5.72 -6.76
C ARG A 37 -11.09 -4.30 -7.15
N SER A 38 -10.99 -3.41 -6.16
CA SER A 38 -10.66 -2.02 -6.45
C SER A 38 -9.29 -1.94 -7.11
N LEU A 39 -8.42 -2.88 -6.75
CA LEU A 39 -7.07 -2.93 -7.30
C LEU A 39 -7.01 -3.92 -8.47
N GLY A 40 -8.17 -4.49 -8.80
CA GLY A 40 -8.27 -5.46 -9.89
C GLY A 40 -7.41 -6.69 -9.58
N GLN A 41 -6.11 -6.49 -9.59
CA GLN A 41 -5.15 -7.56 -9.30
C GLN A 41 -3.98 -6.97 -8.52
N ASN A 42 -3.88 -7.34 -7.24
CA ASN A 42 -2.80 -6.83 -6.38
C ASN A 42 -2.00 -7.96 -5.77
N PRO A 43 -1.14 -8.61 -6.52
CA PRO A 43 -0.29 -9.71 -5.99
C PRO A 43 0.15 -9.45 -4.56
N THR A 44 0.42 -8.19 -4.28
CA THR A 44 0.86 -7.78 -2.95
C THR A 44 0.16 -8.57 -1.87
N GLU A 45 -1.08 -8.96 -2.15
CA GLU A 45 -1.86 -9.74 -1.19
C GLU A 45 -1.59 -11.23 -1.37
N ALA A 46 -1.39 -11.64 -2.63
CA ALA A 46 -1.13 -13.05 -2.93
C ALA A 46 0.12 -13.53 -2.20
N GLU A 47 1.22 -12.79 -2.36
CA GLU A 47 2.47 -13.18 -1.70
C GLU A 47 2.34 -13.01 -0.19
N LEU A 48 1.80 -11.86 0.20
CA LEU A 48 1.64 -11.57 1.63
C LEU A 48 0.66 -12.54 2.27
N GLN A 49 -0.26 -13.08 1.48
CA GLN A 49 -1.26 -14.01 1.99
C GLN A 49 -0.62 -14.95 3.03
N ASP A 50 0.54 -15.50 2.68
CA ASP A 50 1.25 -16.39 3.59
C ASP A 50 1.84 -15.61 4.77
N MET A 51 2.41 -14.44 4.48
CA MET A 51 3.02 -13.62 5.53
C MET A 51 1.97 -13.19 6.56
N ILE A 52 0.80 -12.80 6.09
CA ILE A 52 -0.27 -12.35 6.98
C ILE A 52 -0.69 -13.44 7.96
N ASN A 53 -0.99 -14.63 7.43
CA ASN A 53 -1.39 -15.76 8.26
C ASN A 53 -0.24 -16.19 9.18
N GLU A 54 0.98 -16.19 8.64
CA GLU A 54 2.14 -16.60 9.43
C GLU A 54 2.27 -15.79 10.71
N VAL A 55 2.39 -14.48 10.58
CA VAL A 55 2.52 -13.61 11.75
C VAL A 55 1.21 -13.55 12.53
N ASP A 56 0.10 -13.61 11.81
CA ASP A 56 -1.22 -13.54 12.42
C ASP A 56 -1.65 -14.89 12.99
N ALA A 57 -0.93 -15.94 12.60
CA ALA A 57 -1.23 -17.30 13.07
C ALA A 57 -0.85 -17.46 14.54
N ASP A 58 -0.65 -16.33 15.21
CA ASP A 58 -0.31 -16.38 16.62
C ASP A 58 -1.50 -16.93 17.40
N GLY A 59 -2.70 -16.79 16.83
CA GLY A 59 -3.91 -17.28 17.47
C GLY A 59 -4.98 -17.57 16.41
N ASN A 60 -4.88 -16.88 15.28
CA ASN A 60 -5.83 -17.06 14.19
C ASN A 60 -5.46 -16.14 13.02
N GLY A 61 -5.79 -16.54 11.79
CA GLY A 61 -5.49 -15.71 10.63
C GLY A 61 -6.29 -14.42 10.67
N THR A 62 -6.56 -13.91 11.87
CA THR A 62 -7.30 -12.66 12.03
C THR A 62 -6.55 -11.73 12.98
N ILE A 63 -6.69 -10.43 12.77
CA ILE A 63 -6.01 -9.43 13.61
C ILE A 63 -7.04 -8.54 14.30
N ASP A 64 -6.83 -8.33 15.60
CA ASP A 64 -7.73 -7.52 16.39
C ASP A 64 -7.43 -6.03 16.19
N PHE A 65 -8.33 -5.17 16.68
CA PHE A 65 -8.15 -3.72 16.51
C PHE A 65 -6.93 -3.21 17.31
N PRO A 66 -6.82 -3.56 18.57
CA PRO A 66 -5.67 -3.11 19.41
C PRO A 66 -4.33 -3.42 18.76
N GLU A 67 -4.20 -4.63 18.23
CA GLU A 67 -2.96 -5.03 17.57
C GLU A 67 -2.81 -4.31 16.24
N PHE A 68 -3.91 -4.11 15.55
CA PHE A 68 -3.90 -3.43 14.25
C PHE A 68 -3.35 -2.02 14.37
N LEU A 69 -3.84 -1.29 15.37
CA LEU A 69 -3.40 0.09 15.58
C LEU A 69 -1.91 0.14 15.89
N THR A 70 -1.45 -0.76 16.76
CA THR A 70 -0.04 -0.81 17.12
C THR A 70 0.81 -1.19 15.92
N MET A 71 0.35 -2.20 15.17
CA MET A 71 1.07 -2.66 13.99
C MET A 71 1.17 -1.56 12.94
N MET A 72 0.07 -0.82 12.74
CA MET A 72 0.06 0.25 11.76
C MET A 72 1.07 1.34 12.14
N ALA A 73 1.12 1.65 13.42
CA ALA A 73 2.03 2.68 13.91
C ALA A 73 3.49 2.30 13.63
N ARG A 74 3.78 1.01 13.71
CA ARG A 74 5.14 0.52 13.46
C ARG A 74 5.38 0.23 11.98
N LYS A 75 4.55 -0.63 11.39
CA LYS A 75 4.72 -0.98 9.97
C LYS A 75 4.51 0.24 9.08
N MET A 76 3.50 1.04 9.38
CA MET A 76 3.21 2.24 8.60
C MET A 76 3.55 3.49 9.39
N LYS A 77 4.28 4.41 8.77
CA LYS A 77 4.68 5.65 9.43
C LYS A 77 3.56 6.68 9.36
N ASP A 78 3.50 7.55 10.36
CA ASP A 78 2.48 8.59 10.40
C ASP A 78 2.53 9.44 9.14
N THR A 79 1.97 10.64 9.21
CA THR A 79 1.96 11.54 8.05
C THR A 79 3.13 12.51 8.12
N ASP A 80 3.94 12.40 9.17
CA ASP A 80 5.09 13.27 9.35
C ASP A 80 6.27 12.74 8.54
N SER A 81 6.05 11.66 7.81
CA SER A 81 7.08 11.05 6.99
C SER A 81 7.57 12.02 5.92
N GLU A 82 6.65 12.83 5.38
CA GLU A 82 6.99 13.79 4.33
C GLU A 82 8.37 14.42 4.59
N GLU A 83 8.73 14.51 5.87
CA GLU A 83 10.02 15.09 6.25
C GLU A 83 11.17 14.13 5.94
N GLU A 84 11.08 12.93 6.52
CA GLU A 84 12.12 11.92 6.30
C GLU A 84 12.15 11.51 4.83
N ILE A 85 10.96 11.41 4.25
CA ILE A 85 10.84 11.05 2.85
C ILE A 85 11.60 12.07 2.00
N ARG A 86 11.87 13.24 2.55
CA ARG A 86 12.57 14.25 1.76
C ARG A 86 13.90 13.69 1.27
N GLU A 87 14.63 13.03 2.15
CA GLU A 87 15.92 12.47 1.75
C GLU A 87 15.71 11.37 0.72
N ALA A 88 14.58 10.65 0.83
CA ALA A 88 14.28 9.55 -0.09
C ALA A 88 14.11 10.05 -1.54
N PHE A 89 13.69 11.30 -1.70
CA PHE A 89 13.48 11.86 -3.04
C PHE A 89 14.75 11.73 -3.88
N ARG A 90 15.86 12.10 -3.25
CA ARG A 90 17.18 12.08 -3.87
C ARG A 90 17.73 10.65 -3.99
N VAL A 91 17.71 9.89 -2.90
CA VAL A 91 18.20 8.51 -2.93
C VAL A 91 17.34 7.65 -3.85
N PHE A 92 16.02 7.77 -3.67
CA PHE A 92 15.08 7.00 -4.48
C PHE A 92 15.20 7.41 -5.95
N ASP A 93 15.24 8.73 -6.19
CA ASP A 93 15.35 9.26 -7.55
C ASP A 93 16.52 10.24 -7.65
N LYS A 94 17.62 9.79 -8.28
CA LYS A 94 18.79 10.64 -8.45
C LYS A 94 18.52 11.77 -9.41
N ASP A 95 17.82 11.46 -10.49
CA ASP A 95 17.52 12.46 -11.49
C ASP A 95 16.70 13.60 -10.90
N GLY A 96 15.68 13.26 -10.13
CA GLY A 96 14.84 14.28 -9.51
C GLY A 96 13.93 14.93 -10.54
N ASN A 97 14.49 15.22 -11.72
CA ASN A 97 13.72 15.85 -12.79
C ASN A 97 12.89 14.80 -13.51
N GLY A 98 13.21 13.52 -13.26
CA GLY A 98 12.48 12.42 -13.89
C GLY A 98 11.67 11.66 -12.85
N TYR A 99 10.69 10.89 -13.33
CA TYR A 99 9.82 10.12 -12.44
C TYR A 99 10.05 8.62 -12.62
N ILE A 100 9.85 7.84 -11.56
CA ILE A 100 10.05 6.40 -11.64
C ILE A 100 8.72 5.67 -11.88
N SER A 101 8.63 5.00 -13.02
CA SER A 101 7.42 4.25 -13.37
C SER A 101 7.47 2.86 -12.74
N ALA A 102 6.35 2.14 -12.82
CA ALA A 102 6.28 0.80 -12.26
C ALA A 102 7.28 -0.15 -12.95
N ALA A 103 7.43 0.03 -14.26
CA ALA A 103 8.33 -0.82 -15.02
C ALA A 103 9.76 -0.73 -14.47
N GLU A 104 10.21 0.50 -14.24
CA GLU A 104 11.55 0.74 -13.71
C GLU A 104 11.67 0.27 -12.26
N LEU A 105 10.60 0.45 -11.48
CA LEU A 105 10.59 0.06 -10.08
C LEU A 105 10.80 -1.46 -9.94
N ARG A 106 10.15 -2.18 -10.83
CA ARG A 106 10.21 -3.64 -10.87
C ARG A 106 11.65 -4.12 -10.88
N HIS A 107 12.49 -3.50 -11.68
CA HIS A 107 13.89 -3.88 -11.76
C HIS A 107 14.57 -3.68 -10.41
N VAL A 108 14.30 -2.53 -9.79
CA VAL A 108 14.87 -2.21 -8.49
C VAL A 108 14.37 -3.19 -7.43
N MET A 109 13.07 -3.46 -7.47
CA MET A 109 12.45 -4.37 -6.53
C MET A 109 12.99 -5.79 -6.72
N THR A 110 13.23 -6.16 -7.98
CA THR A 110 13.75 -7.48 -8.29
C THR A 110 15.11 -7.70 -7.64
N ASN A 111 15.99 -6.72 -7.76
CA ASN A 111 17.34 -6.82 -7.18
C ASN A 111 17.27 -6.83 -5.66
N LEU A 112 16.21 -6.27 -5.09
CA LEU A 112 16.06 -6.22 -3.65
C LEU A 112 16.01 -7.62 -3.05
N GLY A 113 15.23 -8.48 -3.68
CA GLY A 113 15.09 -9.86 -3.20
C GLY A 113 13.86 -10.53 -3.82
N GLU A 114 13.25 -11.46 -3.07
CA GLU A 114 12.08 -12.18 -3.54
C GLU A 114 11.05 -12.36 -2.43
N LYS A 115 11.07 -11.45 -1.44
CA LYS A 115 10.14 -11.53 -0.32
C LYS A 115 8.71 -11.34 -0.79
N LEU A 116 8.50 -10.33 -1.64
CA LEU A 116 7.17 -10.02 -2.17
C LEU A 116 7.13 -10.29 -3.66
N THR A 117 5.94 -10.24 -4.25
CA THR A 117 5.78 -10.48 -5.68
C THR A 117 6.39 -9.33 -6.49
N ASP A 118 6.65 -9.60 -7.77
CA ASP A 118 7.22 -8.59 -8.66
C ASP A 118 6.11 -7.83 -9.40
N GLU A 119 4.95 -8.46 -9.52
CA GLU A 119 3.81 -7.86 -10.23
C GLU A 119 2.94 -7.00 -9.31
N GLU A 120 3.01 -7.22 -8.00
CA GLU A 120 2.22 -6.43 -7.04
C GLU A 120 2.05 -4.96 -7.47
N VAL A 121 3.15 -4.22 -7.48
CA VAL A 121 3.10 -2.80 -7.81
C VAL A 121 2.67 -2.57 -9.27
N ASP A 122 3.08 -3.47 -10.16
CA ASP A 122 2.75 -3.32 -11.57
C ASP A 122 1.23 -3.27 -11.79
N GLU A 123 0.54 -4.37 -11.52
CA GLU A 123 -0.91 -4.44 -11.72
C GLU A 123 -1.66 -3.47 -10.81
N MET A 124 -1.28 -3.41 -9.53
CA MET A 124 -1.97 -2.51 -8.61
C MET A 124 -1.92 -1.09 -9.13
N ILE A 125 -0.73 -0.65 -9.51
CA ILE A 125 -0.57 0.69 -10.04
C ILE A 125 -1.28 0.82 -11.37
N ARG A 126 -1.49 -0.29 -12.08
CA ARG A 126 -2.13 -0.20 -13.38
C ARG A 126 -3.62 0.00 -13.25
N GLU A 127 -4.27 -0.80 -12.40
CA GLU A 127 -5.71 -0.69 -12.26
C GLU A 127 -6.10 0.39 -11.25
N ALA A 128 -5.80 0.15 -9.98
CA ALA A 128 -6.12 1.11 -8.94
C ALA A 128 -5.93 2.56 -9.41
N ASP A 129 -4.94 2.78 -10.28
CA ASP A 129 -4.68 4.12 -10.80
C ASP A 129 -5.39 4.34 -12.13
N ILE A 130 -5.82 5.57 -12.38
CA ILE A 130 -6.51 5.91 -13.62
C ILE A 130 -5.51 6.34 -14.69
N ASP A 131 -4.31 6.68 -14.27
CA ASP A 131 -3.27 7.11 -15.20
C ASP A 131 -2.88 5.96 -16.13
N GLY A 132 -2.70 4.79 -15.54
CA GLY A 132 -2.32 3.61 -16.31
C GLY A 132 -0.85 3.69 -16.73
N ASP A 133 -0.26 4.87 -16.56
CA ASP A 133 1.15 5.06 -16.93
C ASP A 133 2.06 4.71 -15.76
N GLY A 134 1.49 4.70 -14.56
CA GLY A 134 2.27 4.37 -13.37
C GLY A 134 3.47 5.28 -13.24
N GLN A 135 3.41 6.23 -12.29
CA GLN A 135 4.50 7.16 -12.06
C GLN A 135 4.67 7.38 -10.56
N VAL A 136 5.92 7.35 -10.09
CA VAL A 136 6.22 7.56 -8.66
C VAL A 136 7.06 8.81 -8.47
N ASN A 137 6.66 9.66 -7.52
CA ASN A 137 7.38 10.91 -7.25
C ASN A 137 7.37 11.20 -5.74
N TYR A 138 8.07 12.26 -5.36
CA TYR A 138 8.15 12.66 -3.97
C TYR A 138 6.75 12.93 -3.39
N GLU A 139 5.95 13.66 -4.13
CA GLU A 139 4.60 14.01 -3.68
C GLU A 139 3.74 12.76 -3.51
N GLU A 140 3.90 11.78 -4.41
CA GLU A 140 3.11 10.57 -4.33
C GLU A 140 3.46 9.75 -3.08
N PHE A 141 4.72 9.79 -2.68
CA PHE A 141 5.16 9.05 -1.50
C PHE A 141 4.44 9.53 -0.23
N VAL A 142 4.27 10.84 -0.11
CA VAL A 142 3.62 11.39 1.08
C VAL A 142 2.22 10.79 1.25
N GLN A 143 1.46 10.73 0.16
CA GLN A 143 0.11 10.18 0.22
C GLN A 143 0.13 8.64 0.13
N MET A 144 1.27 8.09 -0.30
CA MET A 144 1.38 6.64 -0.43
C MET A 144 1.18 5.95 0.91
N MET A 145 1.75 6.53 1.97
CA MET A 145 1.62 5.96 3.32
C MET A 145 0.91 6.92 4.26
N THR A 146 0.06 6.39 5.14
CA THR A 146 -0.68 7.22 6.08
C THR A 146 -1.17 6.38 7.27
N ALA A 147 -0.31 6.20 8.26
CA ALA A 147 -0.68 5.43 9.44
C ALA A 147 -1.71 6.17 10.29
N LYS A 148 -1.51 7.48 10.43
CA LYS A 148 -2.41 8.31 11.24
C LYS A 148 -2.86 9.52 10.44
N ALA A 1 -9.02 21.98 -12.86
CA ALA A 1 -8.82 20.58 -13.31
C ALA A 1 -8.07 19.81 -12.25
N ASP A 2 -8.57 19.87 -11.02
CA ASP A 2 -7.94 19.15 -9.91
C ASP A 2 -8.58 17.77 -9.75
N GLN A 3 -7.86 16.73 -10.18
CA GLN A 3 -8.38 15.38 -10.07
C GLN A 3 -8.33 14.91 -8.63
N LEU A 4 -7.56 15.62 -7.80
CA LEU A 4 -7.45 15.27 -6.39
C LEU A 4 -8.52 15.98 -5.58
N THR A 5 -9.30 15.19 -4.85
CA THR A 5 -10.38 15.73 -4.01
C THR A 5 -10.49 14.93 -2.73
N GLU A 6 -10.96 15.58 -1.67
CA GLU A 6 -11.12 14.92 -0.38
C GLU A 6 -12.09 13.75 -0.50
N GLU A 7 -12.93 13.79 -1.53
CA GLU A 7 -13.90 12.72 -1.74
C GLU A 7 -13.20 11.39 -1.94
N GLN A 8 -12.11 11.40 -2.69
CA GLN A 8 -11.36 10.17 -2.95
C GLN A 8 -10.82 9.59 -1.65
N ILE A 9 -10.28 10.45 -0.80
CA ILE A 9 -9.73 10.00 0.48
C ILE A 9 -10.83 9.45 1.38
N ALA A 10 -11.96 10.15 1.42
CA ALA A 10 -13.09 9.71 2.24
C ALA A 10 -13.36 8.22 2.08
N GLU A 11 -12.85 7.65 0.99
CA GLU A 11 -13.04 6.24 0.73
C GLU A 11 -12.48 5.41 1.88
N PHE A 12 -11.29 5.76 2.34
CA PHE A 12 -10.65 5.03 3.43
C PHE A 12 -11.48 5.14 4.71
N LYS A 13 -11.94 6.35 5.02
CA LYS A 13 -12.74 6.59 6.21
C LYS A 13 -14.05 5.83 6.14
N GLU A 14 -14.73 5.93 4.99
CA GLU A 14 -16.01 5.26 4.80
C GLU A 14 -15.80 3.74 4.75
N ALA A 15 -14.68 3.31 4.21
CA ALA A 15 -14.37 1.90 4.11
C ALA A 15 -14.03 1.32 5.48
N PHE A 16 -13.79 2.19 6.45
CA PHE A 16 -13.46 1.74 7.80
C PHE A 16 -14.53 0.81 8.34
N SER A 17 -15.79 1.22 8.23
CA SER A 17 -16.90 0.41 8.70
C SER A 17 -17.11 -0.80 7.79
N LEU A 18 -16.79 -0.64 6.51
CA LEU A 18 -16.98 -1.72 5.54
C LEU A 18 -16.15 -2.95 5.90
N PHE A 19 -14.91 -2.73 6.32
CA PHE A 19 -14.02 -3.85 6.67
C PHE A 19 -14.62 -4.66 7.81
N ASP A 20 -15.03 -4.00 8.88
CA ASP A 20 -15.60 -4.68 10.03
C ASP A 20 -17.04 -5.12 9.76
N LYS A 21 -17.65 -4.58 8.72
CA LYS A 21 -19.02 -4.94 8.39
C LYS A 21 -19.24 -6.45 8.50
N ASP A 22 -18.20 -7.23 8.21
CA ASP A 22 -18.31 -8.68 8.29
C ASP A 22 -18.80 -9.09 9.68
N GLY A 23 -18.26 -8.45 10.72
CA GLY A 23 -18.66 -8.74 12.10
C GLY A 23 -18.66 -7.47 12.96
N ASP A 24 -18.51 -7.63 14.27
CA ASP A 24 -18.51 -6.49 15.17
C ASP A 24 -17.19 -5.72 15.09
N GLY A 25 -16.08 -6.46 15.14
CA GLY A 25 -14.75 -5.85 15.03
C GLY A 25 -13.70 -6.92 14.79
N THR A 26 -13.17 -6.99 13.58
CA THR A 26 -12.15 -7.99 13.26
C THR A 26 -11.46 -7.67 11.94
N ILE A 27 -10.23 -8.17 11.78
CA ILE A 27 -9.47 -7.96 10.55
C ILE A 27 -9.07 -9.31 9.95
N THR A 28 -9.93 -9.83 9.06
CA THR A 28 -9.67 -11.11 8.40
C THR A 28 -9.09 -10.88 7.02
N THR A 29 -8.68 -11.96 6.37
CA THR A 29 -8.10 -11.89 5.04
C THR A 29 -9.13 -11.35 4.05
N LYS A 30 -10.39 -11.68 4.29
CA LYS A 30 -11.46 -11.21 3.42
C LYS A 30 -11.53 -9.70 3.46
N GLU A 31 -11.38 -9.13 4.66
CA GLU A 31 -11.43 -7.68 4.81
C GLU A 31 -10.24 -7.03 4.11
N LEU A 32 -9.05 -7.60 4.31
CA LEU A 32 -7.83 -7.07 3.69
C LEU A 32 -7.93 -7.15 2.17
N GLY A 33 -8.37 -8.30 1.67
CA GLY A 33 -8.50 -8.50 0.22
C GLY A 33 -9.17 -7.30 -0.41
N THR A 34 -9.96 -6.58 0.37
CA THR A 34 -10.65 -5.40 -0.15
C THR A 34 -9.63 -4.34 -0.56
N VAL A 35 -8.59 -4.17 0.26
CA VAL A 35 -7.56 -3.18 -0.05
C VAL A 35 -7.07 -3.35 -1.47
N MET A 36 -7.32 -4.51 -2.05
CA MET A 36 -6.88 -4.77 -3.41
C MET A 36 -7.50 -3.75 -4.36
N ARG A 37 -8.78 -3.41 -4.17
CA ARG A 37 -9.37 -2.45 -5.09
C ARG A 37 -8.72 -1.08 -4.96
N SER A 38 -8.49 -0.64 -3.72
CA SER A 38 -7.88 0.67 -3.50
C SER A 38 -6.51 0.72 -4.18
N LEU A 39 -5.84 -0.43 -4.22
CA LEU A 39 -4.52 -0.52 -4.85
C LEU A 39 -4.64 -1.05 -6.27
N GLY A 40 -5.88 -1.19 -6.75
CA GLY A 40 -6.11 -1.68 -8.11
C GLY A 40 -5.20 -2.87 -8.42
N GLN A 41 -5.74 -4.07 -8.25
CA GLN A 41 -4.98 -5.29 -8.53
C GLN A 41 -3.55 -5.15 -8.01
N ASN A 42 -3.31 -5.63 -6.79
CA ASN A 42 -1.99 -5.54 -6.17
C ASN A 42 -1.51 -6.89 -5.61
N PRO A 43 -1.08 -7.81 -6.45
CA PRO A 43 -0.56 -9.13 -5.97
C PRO A 43 0.18 -9.03 -4.65
N THR A 44 0.73 -7.85 -4.39
CA THR A 44 1.47 -7.62 -3.16
C THR A 44 0.80 -8.33 -1.98
N GLU A 45 -0.51 -8.54 -2.09
CA GLU A 45 -1.26 -9.22 -1.03
C GLU A 45 -1.26 -10.73 -1.27
N ALA A 46 -1.27 -11.13 -2.54
CA ALA A 46 -1.26 -12.55 -2.89
C ALA A 46 -0.08 -13.27 -2.27
N GLU A 47 1.13 -12.76 -2.50
CA GLU A 47 2.33 -13.37 -1.95
C GLU A 47 2.33 -13.21 -0.44
N LEU A 48 1.93 -12.02 0.00
CA LEU A 48 1.90 -11.74 1.43
C LEU A 48 0.75 -12.47 2.10
N GLN A 49 -0.18 -12.98 1.31
CA GLN A 49 -1.31 -13.71 1.85
C GLN A 49 -0.82 -14.81 2.79
N ASP A 50 0.16 -15.58 2.32
CA ASP A 50 0.71 -16.65 3.14
C ASP A 50 1.45 -16.06 4.34
N MET A 51 2.12 -14.94 4.13
CA MET A 51 2.86 -14.30 5.23
C MET A 51 1.93 -13.92 6.38
N ILE A 52 0.75 -13.39 6.05
CA ILE A 52 -0.21 -12.97 7.07
C ILE A 52 -0.65 -14.14 7.94
N ASN A 53 -1.02 -15.25 7.31
CA ASN A 53 -1.48 -16.42 8.04
C ASN A 53 -0.36 -16.95 8.92
N GLU A 54 0.87 -16.93 8.40
CA GLU A 54 2.01 -17.43 9.16
C GLU A 54 2.14 -16.70 10.50
N VAL A 55 2.24 -15.38 10.47
CA VAL A 55 2.36 -14.61 11.70
C VAL A 55 1.03 -14.52 12.45
N ASP A 56 -0.06 -14.56 11.68
CA ASP A 56 -1.41 -14.46 12.26
C ASP A 56 -1.92 -15.83 12.73
N ALA A 57 -1.24 -16.88 12.32
CA ALA A 57 -1.63 -18.24 12.70
C ALA A 57 -1.35 -18.49 14.17
N ASP A 58 -0.85 -17.47 14.85
CA ASP A 58 -0.56 -17.59 16.26
C ASP A 58 -1.79 -18.13 16.98
N GLY A 59 -2.97 -17.86 16.41
CA GLY A 59 -4.22 -18.33 17.00
C GLY A 59 -5.30 -18.44 15.94
N ASN A 60 -5.19 -17.63 14.90
CA ASN A 60 -6.15 -17.63 13.82
C ASN A 60 -5.73 -16.64 12.74
N GLY A 61 -6.02 -16.96 11.48
CA GLY A 61 -5.66 -16.07 10.38
C GLY A 61 -6.41 -14.74 10.45
N THR A 62 -6.63 -14.25 11.68
CA THR A 62 -7.32 -12.99 11.89
C THR A 62 -6.55 -12.13 12.89
N ILE A 63 -6.69 -10.81 12.77
CA ILE A 63 -6.00 -9.88 13.68
C ILE A 63 -7.01 -9.00 14.39
N ASP A 64 -6.81 -8.80 15.69
CA ASP A 64 -7.70 -7.98 16.49
C ASP A 64 -7.50 -6.51 16.15
N PHE A 65 -8.37 -5.65 16.70
CA PHE A 65 -8.29 -4.21 16.42
C PHE A 65 -7.09 -3.57 17.15
N PRO A 66 -6.92 -3.83 18.42
CA PRO A 66 -5.78 -3.26 19.21
C PRO A 66 -4.42 -3.56 18.55
N GLU A 67 -4.29 -4.76 18.02
CA GLU A 67 -3.06 -5.18 17.36
C GLU A 67 -2.95 -4.56 15.98
N PHE A 68 -4.09 -4.42 15.30
CA PHE A 68 -4.11 -3.86 13.95
C PHE A 68 -3.54 -2.44 13.94
N LEU A 69 -4.04 -1.60 14.83
CA LEU A 69 -3.56 -0.23 14.91
C LEU A 69 -2.11 -0.18 15.36
N THR A 70 -1.77 -1.01 16.35
CA THR A 70 -0.40 -1.05 16.86
C THR A 70 0.57 -1.52 15.78
N MET A 71 0.23 -2.60 15.10
CA MET A 71 1.09 -3.14 14.05
C MET A 71 1.23 -2.13 12.91
N MET A 72 0.11 -1.54 12.51
CA MET A 72 0.11 -0.55 11.43
C MET A 72 0.91 0.69 11.82
N ALA A 73 0.77 1.10 13.08
CA ALA A 73 1.48 2.27 13.56
C ALA A 73 2.98 2.08 13.43
N ARG A 74 3.46 0.91 13.86
CA ARG A 74 4.87 0.61 13.80
C ARG A 74 5.33 0.35 12.36
N LYS A 75 4.55 -0.43 11.61
CA LYS A 75 4.88 -0.74 10.22
C LYS A 75 4.74 0.49 9.32
N MET A 76 3.63 1.20 9.48
CA MET A 76 3.36 2.40 8.66
C MET A 76 3.66 3.65 9.49
N LYS A 77 4.42 4.58 8.90
CA LYS A 77 4.76 5.81 9.61
C LYS A 77 3.65 6.84 9.45
N ASP A 78 3.47 7.67 10.47
CA ASP A 78 2.45 8.70 10.45
C ASP A 78 2.51 9.47 9.13
N THR A 79 1.63 10.46 8.99
CA THR A 79 1.59 11.26 7.76
C THR A 79 2.67 12.35 7.82
N ASP A 80 3.31 12.49 8.98
CA ASP A 80 4.35 13.49 9.14
C ASP A 80 5.59 13.10 8.33
N SER A 81 5.57 11.89 7.78
CA SER A 81 6.69 11.40 6.99
C SER A 81 6.91 12.29 5.77
N GLU A 82 5.85 12.96 5.32
CA GLU A 82 5.93 13.83 4.14
C GLU A 82 7.27 14.57 4.10
N GLU A 83 7.65 15.16 5.24
CA GLU A 83 8.91 15.89 5.32
C GLU A 83 10.11 14.94 5.28
N GLU A 84 10.02 13.84 6.04
CA GLU A 84 11.11 12.88 6.09
C GLU A 84 11.31 12.24 4.73
N ILE A 85 10.21 11.98 4.04
CA ILE A 85 10.28 11.39 2.72
C ILE A 85 10.96 12.37 1.78
N ARG A 86 10.93 13.65 2.11
CA ARG A 86 11.53 14.63 1.22
C ARG A 86 12.98 14.27 0.97
N GLU A 87 13.69 13.90 2.02
CA GLU A 87 15.09 13.52 1.89
C GLU A 87 15.20 12.28 1.00
N ALA A 88 14.22 11.39 1.09
CA ALA A 88 14.22 10.16 0.30
C ALA A 88 14.00 10.41 -1.19
N PHE A 89 13.42 11.55 -1.53
CA PHE A 89 13.16 11.87 -2.95
C PHE A 89 14.45 11.84 -3.77
N ARG A 90 15.45 12.52 -3.26
CA ARG A 90 16.76 12.63 -3.90
C ARG A 90 17.44 11.27 -3.98
N VAL A 91 17.43 10.51 -2.88
CA VAL A 91 18.04 9.20 -2.87
C VAL A 91 17.27 8.25 -3.79
N PHE A 92 15.95 8.25 -3.65
CA PHE A 92 15.10 7.39 -4.47
C PHE A 92 15.19 7.79 -5.94
N ASP A 93 15.05 9.08 -6.21
CA ASP A 93 15.12 9.60 -7.57
C ASP A 93 16.48 10.24 -7.81
N LYS A 94 17.36 9.52 -8.51
CA LYS A 94 18.69 10.02 -8.81
C LYS A 94 18.59 11.21 -9.74
N ASP A 95 17.70 11.09 -10.73
CA ASP A 95 17.52 12.15 -11.70
C ASP A 95 16.77 13.33 -11.09
N GLY A 96 15.73 13.04 -10.31
CA GLY A 96 14.95 14.10 -9.69
C GLY A 96 14.01 14.75 -10.70
N ASN A 97 14.56 15.16 -11.84
CA ASN A 97 13.76 15.78 -12.89
C ASN A 97 12.96 14.73 -13.64
N GLY A 98 13.33 13.47 -13.44
CA GLY A 98 12.66 12.34 -14.08
C GLY A 98 11.91 11.51 -13.06
N TYR A 99 10.97 10.67 -13.53
CA TYR A 99 10.18 9.83 -12.64
C TYR A 99 10.53 8.35 -12.86
N ILE A 100 10.40 7.55 -11.80
CA ILE A 100 10.73 6.13 -11.89
C ILE A 100 9.53 5.32 -12.35
N SER A 101 9.71 4.59 -13.45
CA SER A 101 8.64 3.75 -14.00
C SER A 101 8.70 2.36 -13.38
N ALA A 102 7.74 1.51 -13.74
CA ALA A 102 7.69 0.16 -13.22
C ALA A 102 8.94 -0.63 -13.64
N ALA A 103 9.41 -0.38 -14.86
CA ALA A 103 10.59 -1.09 -15.38
C ALA A 103 11.81 -0.86 -14.48
N GLU A 104 12.13 0.40 -14.21
CA GLU A 104 13.27 0.72 -13.36
C GLU A 104 13.04 0.28 -11.92
N LEU A 105 11.81 0.42 -11.45
CA LEU A 105 11.46 0.04 -10.07
C LEU A 105 11.69 -1.46 -9.87
N ARG A 106 11.28 -2.22 -10.87
CA ARG A 106 11.39 -3.68 -10.88
C ARG A 106 12.84 -4.11 -10.64
N HIS A 107 13.78 -3.44 -11.29
CA HIS A 107 15.20 -3.76 -11.13
C HIS A 107 15.57 -3.69 -9.65
N VAL A 108 15.07 -2.66 -8.97
CA VAL A 108 15.34 -2.48 -7.56
C VAL A 108 14.70 -3.61 -6.73
N MET A 109 13.47 -3.97 -7.08
CA MET A 109 12.76 -5.03 -6.36
C MET A 109 13.52 -6.35 -6.47
N THR A 110 14.10 -6.60 -7.63
CA THR A 110 14.86 -7.84 -7.85
C THR A 110 16.04 -7.92 -6.89
N ASN A 111 16.69 -6.80 -6.67
CA ASN A 111 17.85 -6.75 -5.78
C ASN A 111 17.47 -7.26 -4.39
N LEU A 112 16.30 -6.87 -3.91
CA LEU A 112 15.85 -7.31 -2.59
C LEU A 112 15.71 -8.82 -2.54
N GLY A 113 15.14 -9.38 -3.61
CA GLY A 113 14.95 -10.84 -3.70
C GLY A 113 13.66 -11.16 -4.44
N GLU A 114 12.99 -12.24 -4.02
CA GLU A 114 11.73 -12.68 -4.64
C GLU A 114 10.72 -13.07 -3.58
N LYS A 115 10.82 -12.46 -2.41
CA LYS A 115 9.90 -12.77 -1.31
C LYS A 115 8.48 -12.41 -1.71
N LEU A 116 8.33 -11.26 -2.36
CA LEU A 116 7.02 -10.79 -2.79
C LEU A 116 6.78 -11.19 -4.25
N THR A 117 5.53 -11.04 -4.70
CA THR A 117 5.19 -11.38 -6.08
C THR A 117 5.94 -10.48 -7.06
N ASP A 118 6.02 -10.92 -8.32
CA ASP A 118 6.70 -10.14 -9.36
C ASP A 118 5.70 -9.23 -10.08
N GLU A 119 4.42 -9.60 -10.01
CA GLU A 119 3.35 -8.83 -10.67
C GLU A 119 2.83 -7.68 -9.82
N GLU A 120 2.98 -7.77 -8.49
CA GLU A 120 2.49 -6.72 -7.59
C GLU A 120 2.65 -5.32 -8.20
N VAL A 121 3.89 -4.90 -8.43
CA VAL A 121 4.13 -3.57 -8.99
C VAL A 121 3.56 -3.44 -10.39
N ASP A 122 3.63 -4.51 -11.18
CA ASP A 122 3.12 -4.46 -12.55
C ASP A 122 1.66 -4.02 -12.60
N GLU A 123 0.76 -4.86 -12.07
CA GLU A 123 -0.67 -4.55 -12.08
C GLU A 123 -1.00 -3.39 -11.14
N MET A 124 -0.35 -3.33 -9.99
CA MET A 124 -0.64 -2.26 -9.04
C MET A 124 -0.36 -0.92 -9.70
N ILE A 125 0.78 -0.80 -10.36
CA ILE A 125 1.13 0.43 -11.04
C ILE A 125 0.24 0.64 -12.26
N ARG A 126 -0.37 -0.42 -12.78
CA ARG A 126 -1.21 -0.27 -13.97
C ARG A 126 -2.64 0.05 -13.60
N GLU A 127 -3.28 -0.85 -12.88
CA GLU A 127 -4.68 -0.64 -12.53
C GLU A 127 -4.86 0.60 -11.67
N ALA A 128 -4.37 0.54 -10.43
CA ALA A 128 -4.50 1.67 -9.52
C ALA A 128 -4.15 3.00 -10.22
N ASP A 129 -3.30 2.94 -11.24
CA ASP A 129 -2.89 4.15 -11.95
C ASP A 129 -3.85 4.49 -13.07
N ILE A 130 -4.36 5.71 -13.06
CA ILE A 130 -5.28 6.16 -14.08
C ILE A 130 -4.53 6.51 -15.37
N ASP A 131 -3.24 6.81 -15.23
CA ASP A 131 -2.42 7.14 -16.39
C ASP A 131 -2.10 5.87 -17.18
N GLY A 132 -1.78 4.81 -16.44
CA GLY A 132 -1.44 3.54 -17.07
C GLY A 132 -0.07 3.61 -17.72
N ASP A 133 0.59 4.76 -17.58
CA ASP A 133 1.92 4.94 -18.14
C ASP A 133 2.97 4.49 -17.16
N GLY A 134 2.57 4.38 -15.89
CA GLY A 134 3.50 3.93 -14.85
C GLY A 134 4.53 5.01 -14.54
N GLN A 135 4.44 5.59 -13.36
CA GLN A 135 5.37 6.63 -12.95
C GLN A 135 5.31 6.82 -11.44
N VAL A 136 6.48 7.02 -10.82
CA VAL A 136 6.58 7.21 -9.37
C VAL A 136 7.34 8.49 -9.06
N ASN A 137 6.78 9.29 -8.15
CA ASN A 137 7.39 10.56 -7.76
C ASN A 137 7.10 10.85 -6.29
N TYR A 138 7.82 11.82 -5.73
CA TYR A 138 7.64 12.20 -4.33
C TYR A 138 6.15 12.42 -4.03
N GLU A 139 5.43 12.98 -4.98
CA GLU A 139 4.01 13.26 -4.79
C GLU A 139 3.23 11.97 -4.51
N GLU A 140 3.66 10.86 -5.12
CA GLU A 140 2.98 9.58 -4.92
C GLU A 140 3.30 8.97 -3.56
N PHE A 141 4.54 9.11 -3.10
CA PHE A 141 4.94 8.53 -1.82
C PHE A 141 4.13 9.11 -0.65
N VAL A 142 4.03 10.43 -0.58
CA VAL A 142 3.30 11.06 0.50
C VAL A 142 1.92 10.43 0.65
N GLN A 143 1.22 10.29 -0.46
CA GLN A 143 -0.11 9.69 -0.44
C GLN A 143 -0.05 8.20 -0.10
N MET A 144 0.96 7.52 -0.65
CA MET A 144 1.12 6.09 -0.41
C MET A 144 1.31 5.81 1.08
N MET A 145 2.15 6.60 1.73
CA MET A 145 2.42 6.43 3.16
C MET A 145 1.42 7.23 3.98
N THR A 146 0.67 6.53 4.83
CA THR A 146 -0.32 7.18 5.68
C THR A 146 -0.82 6.23 6.76
N ALA A 147 -0.07 6.12 7.86
CA ALA A 147 -0.45 5.23 8.94
C ALA A 147 -1.78 5.66 9.55
N LYS A 148 -1.91 6.95 9.81
CA LYS A 148 -3.14 7.48 10.40
C LYS A 148 -4.31 7.29 9.45
N ALA A 1 -12.06 22.34 -10.43
CA ALA A 1 -10.77 23.05 -10.72
C ALA A 1 -9.73 22.61 -9.70
N ASP A 2 -10.14 22.49 -8.44
CA ASP A 2 -9.23 22.08 -7.38
C ASP A 2 -8.76 20.64 -7.61
N GLN A 3 -7.47 20.42 -7.49
CA GLN A 3 -6.90 19.09 -7.68
C GLN A 3 -7.12 18.23 -6.44
N LEU A 4 -7.27 18.89 -5.29
CA LEU A 4 -7.49 18.19 -4.02
C LEU A 4 -8.98 18.12 -3.71
N THR A 5 -9.46 16.92 -3.43
CA THR A 5 -10.87 16.71 -3.11
C THR A 5 -11.00 15.77 -1.92
N GLU A 6 -12.06 15.96 -1.14
CA GLU A 6 -12.30 15.12 0.02
C GLU A 6 -12.66 13.70 -0.41
N GLU A 7 -13.10 13.56 -1.65
CA GLU A 7 -13.48 12.26 -2.18
C GLU A 7 -12.30 11.29 -2.11
N GLN A 8 -11.12 11.78 -2.47
CA GLN A 8 -9.92 10.95 -2.44
C GLN A 8 -9.60 10.51 -1.02
N ILE A 9 -9.66 11.44 -0.07
CA ILE A 9 -9.38 11.12 1.33
C ILE A 9 -10.42 10.15 1.88
N ALA A 10 -11.68 10.40 1.56
CA ALA A 10 -12.76 9.54 2.06
C ALA A 10 -12.44 8.08 1.84
N GLU A 11 -11.62 7.78 0.84
CA GLU A 11 -11.26 6.39 0.55
C GLU A 11 -10.78 5.70 1.82
N PHE A 12 -9.93 6.37 2.59
CA PHE A 12 -9.42 5.80 3.82
C PHE A 12 -10.55 5.54 4.82
N LYS A 13 -11.44 6.52 4.95
CA LYS A 13 -12.56 6.40 5.88
C LYS A 13 -13.50 5.25 5.48
N GLU A 14 -13.84 5.19 4.20
CA GLU A 14 -14.74 4.15 3.70
C GLU A 14 -14.08 2.78 3.78
N ALA A 15 -12.81 2.71 3.38
CA ALA A 15 -12.08 1.45 3.41
C ALA A 15 -11.99 0.92 4.83
N PHE A 16 -11.84 1.82 5.79
CA PHE A 16 -11.74 1.42 7.19
C PHE A 16 -12.94 0.57 7.61
N SER A 17 -14.14 1.07 7.33
CA SER A 17 -15.35 0.34 7.69
C SER A 17 -15.55 -0.86 6.78
N LEU A 18 -14.96 -0.79 5.58
CA LEU A 18 -15.09 -1.89 4.62
C LEU A 18 -14.50 -3.18 5.19
N PHE A 19 -13.33 -3.08 5.83
CA PHE A 19 -12.68 -4.26 6.39
C PHE A 19 -13.58 -4.95 7.41
N ASP A 20 -14.12 -4.18 8.34
CA ASP A 20 -14.99 -4.73 9.38
C ASP A 20 -16.37 -5.08 8.83
N LYS A 21 -16.68 -4.60 7.63
CA LYS A 21 -17.98 -4.88 7.03
C LYS A 21 -18.37 -6.34 7.22
N ASP A 22 -17.39 -7.23 7.23
CA ASP A 22 -17.67 -8.65 7.40
C ASP A 22 -18.52 -8.89 8.65
N GLY A 23 -18.14 -8.23 9.76
CA GLY A 23 -18.86 -8.38 11.02
C GLY A 23 -18.78 -7.10 11.84
N ASP A 24 -18.81 -7.24 13.17
CA ASP A 24 -18.74 -6.09 14.06
C ASP A 24 -17.35 -5.47 14.07
N GLY A 25 -16.32 -6.31 14.19
CA GLY A 25 -14.95 -5.83 14.19
C GLY A 25 -13.98 -6.99 14.02
N THR A 26 -13.37 -7.10 12.85
CA THR A 26 -12.42 -8.19 12.61
C THR A 26 -11.60 -7.93 11.36
N ILE A 27 -10.32 -8.31 11.41
CA ILE A 27 -9.42 -8.14 10.26
C ILE A 27 -8.89 -9.51 9.84
N THR A 28 -9.37 -9.99 8.70
CA THR A 28 -8.97 -11.31 8.18
C THR A 28 -8.52 -11.18 6.74
N THR A 29 -7.93 -12.25 6.23
CA THR A 29 -7.43 -12.26 4.86
C THR A 29 -8.59 -12.12 3.86
N LYS A 30 -9.74 -12.66 4.22
CA LYS A 30 -10.90 -12.59 3.34
C LYS A 30 -11.29 -11.15 3.11
N GLU A 31 -11.24 -10.36 4.19
CA GLU A 31 -11.60 -8.96 4.10
C GLU A 31 -10.61 -8.23 3.18
N LEU A 32 -9.32 -8.51 3.36
CA LEU A 32 -8.29 -7.87 2.55
C LEU A 32 -8.44 -8.30 1.10
N GLY A 33 -8.65 -9.59 0.89
CA GLY A 33 -8.80 -10.11 -0.47
C GLY A 33 -9.84 -9.30 -1.23
N THR A 34 -10.74 -8.66 -0.50
CA THR A 34 -11.77 -7.84 -1.12
C THR A 34 -11.13 -6.65 -1.83
N VAL A 35 -10.16 -6.02 -1.17
CA VAL A 35 -9.47 -4.86 -1.74
C VAL A 35 -8.91 -5.20 -3.10
N MET A 36 -8.81 -6.48 -3.39
CA MET A 36 -8.28 -6.90 -4.67
C MET A 36 -9.12 -6.32 -5.79
N ARG A 37 -10.43 -6.19 -5.60
CA ARG A 37 -11.24 -5.67 -6.69
C ARG A 37 -10.82 -4.23 -7.01
N SER A 38 -10.62 -3.42 -5.98
CA SER A 38 -10.22 -2.02 -6.20
C SER A 38 -8.87 -1.96 -6.92
N LEU A 39 -7.99 -2.89 -6.61
CA LEU A 39 -6.66 -2.94 -7.22
C LEU A 39 -6.65 -3.90 -8.40
N GLY A 40 -7.82 -4.46 -8.69
CA GLY A 40 -7.97 -5.42 -9.79
C GLY A 40 -7.13 -6.68 -9.53
N GLN A 41 -5.82 -6.49 -9.55
CA GLN A 41 -4.89 -7.58 -9.31
C GLN A 41 -3.66 -7.06 -8.57
N ASN A 42 -3.58 -7.36 -7.28
CA ASN A 42 -2.47 -6.90 -6.44
C ASN A 42 -1.76 -8.08 -5.76
N PRO A 43 -1.00 -8.87 -6.50
CA PRO A 43 -0.26 -10.04 -5.92
C PRO A 43 0.22 -9.77 -4.51
N THR A 44 0.55 -8.52 -4.23
CA THR A 44 1.04 -8.12 -2.92
C THR A 44 0.29 -8.87 -1.82
N GLU A 45 -0.96 -9.20 -2.09
CA GLU A 45 -1.78 -9.92 -1.12
C GLU A 45 -1.58 -11.41 -1.26
N ALA A 46 -1.40 -11.85 -2.50
CA ALA A 46 -1.20 -13.27 -2.80
C ALA A 46 0.01 -13.80 -2.03
N GLU A 47 1.14 -13.09 -2.14
CA GLU A 47 2.35 -13.52 -1.45
C GLU A 47 2.17 -13.32 0.05
N LEU A 48 1.66 -12.15 0.41
CA LEU A 48 1.47 -11.85 1.83
C LEU A 48 0.46 -12.79 2.46
N GLN A 49 -0.51 -13.26 1.68
CA GLN A 49 -1.53 -14.17 2.18
C GLN A 49 -0.91 -15.21 3.12
N ASP A 50 0.10 -15.91 2.65
CA ASP A 50 0.76 -16.93 3.47
C ASP A 50 1.43 -16.29 4.67
N MET A 51 2.07 -15.15 4.46
CA MET A 51 2.75 -14.46 5.55
C MET A 51 1.74 -14.07 6.63
N ILE A 52 0.55 -13.63 6.22
CA ILE A 52 -0.50 -13.23 7.16
C ILE A 52 -0.93 -14.40 8.04
N ASN A 53 -1.18 -15.55 7.43
CA ASN A 53 -1.61 -16.73 8.18
C ASN A 53 -0.53 -17.17 9.18
N GLU A 54 0.73 -17.13 8.75
CA GLU A 54 1.84 -17.54 9.61
C GLU A 54 1.88 -16.73 10.90
N VAL A 55 1.97 -15.41 10.77
CA VAL A 55 2.03 -14.55 11.96
C VAL A 55 0.69 -14.52 12.69
N ASP A 56 -0.39 -14.69 11.93
CA ASP A 56 -1.76 -14.66 12.47
C ASP A 56 -2.21 -16.06 12.95
N ALA A 57 -1.47 -17.08 12.56
CA ALA A 57 -1.80 -18.46 12.93
C ALA A 57 -1.54 -18.68 14.41
N ASP A 58 -1.35 -17.61 15.14
CA ASP A 58 -1.13 -17.71 16.57
C ASP A 58 -2.41 -18.22 17.22
N GLY A 59 -3.55 -17.91 16.60
CA GLY A 59 -4.85 -18.34 17.12
C GLY A 59 -5.83 -18.54 15.98
N ASN A 60 -5.67 -17.73 14.93
CA ASN A 60 -6.55 -17.82 13.78
C ASN A 60 -6.09 -16.83 12.71
N GLY A 61 -6.39 -17.13 11.44
CA GLY A 61 -6.02 -16.25 10.35
C GLY A 61 -6.75 -14.91 10.45
N THR A 62 -7.04 -14.48 11.69
CA THR A 62 -7.72 -13.21 11.93
C THR A 62 -6.91 -12.38 12.93
N ILE A 63 -6.93 -11.07 12.75
CA ILE A 63 -6.22 -10.14 13.64
C ILE A 63 -7.21 -9.25 14.35
N ASP A 64 -6.93 -9.01 15.63
CA ASP A 64 -7.79 -8.17 16.46
C ASP A 64 -7.73 -6.72 15.97
N PHE A 65 -8.52 -5.85 16.57
CA PHE A 65 -8.54 -4.44 16.17
C PHE A 65 -7.43 -3.65 16.89
N PRO A 66 -7.29 -3.82 18.18
CA PRO A 66 -6.25 -3.09 18.97
C PRO A 66 -4.85 -3.31 18.40
N GLU A 67 -4.54 -4.57 18.08
CA GLU A 67 -3.23 -4.91 17.53
C GLU A 67 -3.07 -4.37 16.11
N PHE A 68 -4.16 -4.41 15.35
CA PHE A 68 -4.14 -3.93 13.98
C PHE A 68 -3.68 -2.47 13.93
N LEU A 69 -4.18 -1.68 14.87
CA LEU A 69 -3.84 -0.26 14.92
C LEU A 69 -2.33 -0.08 15.13
N THR A 70 -1.76 -0.87 16.03
CA THR A 70 -0.33 -0.78 16.31
C THR A 70 0.47 -1.19 15.07
N MET A 71 0.04 -2.25 14.41
CA MET A 71 0.71 -2.75 13.22
C MET A 71 0.75 -1.67 12.13
N MET A 72 -0.38 -0.99 11.94
CA MET A 72 -0.47 0.07 10.94
C MET A 72 0.45 1.22 11.29
N ALA A 73 0.54 1.53 12.57
CA ALA A 73 1.38 2.63 13.03
C ALA A 73 2.83 2.42 12.59
N ARG A 74 3.33 1.21 12.80
CA ARG A 74 4.70 0.90 12.44
C ARG A 74 4.90 0.79 10.93
N LYS A 75 3.98 0.08 10.26
CA LYS A 75 4.05 -0.09 8.81
C LYS A 75 3.88 1.25 8.10
N MET A 76 2.89 2.02 8.56
CA MET A 76 2.61 3.33 7.97
C MET A 76 3.34 4.41 8.76
N LYS A 77 4.09 5.26 8.05
CA LYS A 77 4.84 6.33 8.68
C LYS A 77 3.95 7.55 8.87
N ASP A 78 4.22 8.31 9.93
CA ASP A 78 3.44 9.51 10.20
C ASP A 78 3.41 10.42 8.99
N THR A 79 2.50 11.38 8.99
CA THR A 79 2.36 12.32 7.89
C THR A 79 3.58 13.22 7.79
N ASP A 80 4.30 13.35 8.90
CA ASP A 80 5.50 14.18 8.94
C ASP A 80 6.56 13.62 8.00
N SER A 81 6.28 12.44 7.46
CA SER A 81 7.22 11.81 6.54
C SER A 81 7.58 12.77 5.41
N GLU A 82 6.62 13.58 4.98
CA GLU A 82 6.85 14.54 3.90
C GLU A 82 8.26 15.14 4.00
N GLU A 83 8.66 15.54 5.21
CA GLU A 83 9.97 16.13 5.42
C GLU A 83 11.07 15.08 5.23
N GLU A 84 10.87 13.90 5.82
CA GLU A 84 11.86 12.82 5.71
C GLU A 84 11.95 12.32 4.28
N ILE A 85 10.80 12.29 3.61
CA ILE A 85 10.74 11.86 2.23
C ILE A 85 11.59 12.80 1.39
N ARG A 86 11.84 14.01 1.90
CA ARG A 86 12.61 14.95 1.10
C ARG A 86 13.92 14.31 0.70
N GLU A 87 14.58 13.67 1.65
CA GLU A 87 15.86 13.03 1.36
C GLU A 87 15.64 11.83 0.42
N ALA A 88 14.50 11.17 0.57
CA ALA A 88 14.18 9.99 -0.25
C ALA A 88 14.06 10.34 -1.74
N PHE A 89 13.71 11.58 -2.04
CA PHE A 89 13.55 11.99 -3.44
C PHE A 89 14.86 11.78 -4.21
N ARG A 90 15.92 12.30 -3.66
CA ARG A 90 17.25 12.19 -4.26
C ARG A 90 17.77 10.76 -4.23
N VAL A 91 17.63 10.09 -3.09
CA VAL A 91 18.11 8.71 -2.96
C VAL A 91 17.26 7.77 -3.83
N PHE A 92 15.95 7.87 -3.67
CA PHE A 92 15.04 7.02 -4.43
C PHE A 92 15.17 7.31 -5.93
N ASP A 93 15.16 8.59 -6.28
CA ASP A 93 15.29 9.02 -7.68
C ASP A 93 16.64 9.70 -7.93
N LYS A 94 17.52 8.99 -8.62
CA LYS A 94 18.84 9.54 -8.93
C LYS A 94 18.71 10.68 -9.92
N ASP A 95 17.85 10.50 -10.91
CA ASP A 95 17.63 11.52 -11.91
C ASP A 95 16.95 12.77 -11.32
N GLY A 96 16.03 12.55 -10.40
CA GLY A 96 15.32 13.65 -9.78
C GLY A 96 14.41 14.35 -10.78
N ASN A 97 15.02 14.97 -11.79
CA ASN A 97 14.27 15.67 -12.82
C ASN A 97 13.39 14.70 -13.60
N GLY A 98 13.66 13.40 -13.42
CA GLY A 98 12.89 12.35 -14.10
C GLY A 98 12.07 11.56 -13.08
N TYR A 99 11.06 10.84 -13.56
CA TYR A 99 10.19 10.06 -12.69
C TYR A 99 10.41 8.57 -12.92
N ILE A 100 10.30 7.77 -11.87
CA ILE A 100 10.51 6.33 -11.99
C ILE A 100 9.24 5.63 -12.47
N SER A 101 9.37 4.87 -13.56
CA SER A 101 8.24 4.14 -14.12
C SER A 101 8.08 2.81 -13.40
N ALA A 102 6.99 2.11 -13.69
CA ALA A 102 6.73 0.82 -13.07
C ALA A 102 7.78 -0.21 -13.46
N ALA A 103 8.20 -0.18 -14.73
CA ALA A 103 9.21 -1.12 -15.21
C ALA A 103 10.51 -0.99 -14.44
N GLU A 104 10.99 0.23 -14.31
CA GLU A 104 12.22 0.50 -13.59
C GLU A 104 12.05 0.20 -12.10
N LEU A 105 10.85 0.44 -11.58
CA LEU A 105 10.56 0.20 -10.16
C LEU A 105 10.73 -1.27 -9.79
N ARG A 106 10.24 -2.13 -10.66
CA ARG A 106 10.29 -3.57 -10.48
C ARG A 106 11.73 -4.03 -10.26
N HIS A 107 12.65 -3.50 -11.06
CA HIS A 107 14.06 -3.85 -10.92
C HIS A 107 14.56 -3.50 -9.52
N VAL A 108 14.18 -2.30 -9.05
CA VAL A 108 14.59 -1.84 -7.73
C VAL A 108 14.02 -2.74 -6.64
N MET A 109 12.74 -3.07 -6.76
CA MET A 109 12.06 -3.92 -5.79
C MET A 109 12.70 -5.31 -5.77
N THR A 110 13.08 -5.79 -6.95
CA THR A 110 13.70 -7.11 -7.06
C THR A 110 15.00 -7.18 -6.25
N ASN A 111 15.78 -6.10 -6.31
CA ASN A 111 17.04 -6.04 -5.58
C ASN A 111 16.84 -6.29 -4.10
N LEU A 112 15.64 -5.96 -3.59
CA LEU A 112 15.35 -6.16 -2.17
C LEU A 112 15.46 -7.64 -1.83
N GLY A 113 14.90 -8.49 -2.69
CA GLY A 113 14.94 -9.93 -2.47
C GLY A 113 13.75 -10.60 -3.16
N GLU A 114 13.18 -11.62 -2.50
CA GLU A 114 12.04 -12.34 -3.04
C GLU A 114 11.00 -12.61 -1.95
N LYS A 115 10.97 -11.74 -0.94
CA LYS A 115 10.02 -11.89 0.15
C LYS A 115 8.59 -11.78 -0.36
N LEU A 116 8.37 -10.81 -1.23
CA LEU A 116 7.04 -10.58 -1.82
C LEU A 116 7.05 -10.99 -3.28
N THR A 117 5.92 -10.81 -3.95
CA THR A 117 5.80 -11.16 -5.36
C THR A 117 6.49 -10.10 -6.24
N ASP A 118 6.78 -10.46 -7.48
CA ASP A 118 7.42 -9.54 -8.43
C ASP A 118 6.37 -8.79 -9.25
N GLU A 119 5.17 -9.39 -9.34
CA GLU A 119 4.07 -8.81 -10.12
C GLU A 119 3.24 -7.80 -9.30
N GLU A 120 3.24 -7.92 -7.97
CA GLU A 120 2.46 -7.03 -7.10
C GLU A 120 2.42 -5.60 -7.65
N VAL A 121 3.55 -4.91 -7.66
CA VAL A 121 3.59 -3.54 -8.15
C VAL A 121 3.24 -3.44 -9.62
N ASP A 122 3.63 -4.43 -10.41
CA ASP A 122 3.36 -4.39 -11.85
C ASP A 122 1.87 -4.23 -12.13
N GLU A 123 1.07 -5.26 -11.81
CA GLU A 123 -0.36 -5.22 -12.06
C GLU A 123 -1.08 -4.21 -11.16
N MET A 124 -0.64 -4.11 -9.90
CA MET A 124 -1.28 -3.18 -8.96
C MET A 124 -1.17 -1.76 -9.50
N ILE A 125 0.03 -1.40 -9.93
CA ILE A 125 0.24 -0.07 -10.47
C ILE A 125 -0.48 0.07 -11.80
N ARG A 126 -0.87 -1.04 -12.41
CA ARG A 126 -1.53 -0.96 -13.71
C ARG A 126 -2.99 -0.61 -13.55
N GLU A 127 -3.71 -1.34 -12.71
CA GLU A 127 -5.13 -1.07 -12.56
C GLU A 127 -5.38 0.02 -11.53
N ALA A 128 -5.11 -0.29 -10.27
CA ALA A 128 -5.31 0.67 -9.19
C ALA A 128 -4.94 2.09 -9.63
N ASP A 129 -4.04 2.19 -10.61
CA ASP A 129 -3.60 3.51 -11.10
C ASP A 129 -4.51 4.00 -12.21
N ILE A 130 -5.03 5.21 -12.03
CA ILE A 130 -5.91 5.82 -13.02
C ILE A 130 -5.15 6.07 -14.33
N ASP A 131 -3.91 6.54 -14.23
CA ASP A 131 -3.10 6.81 -15.42
C ASP A 131 -2.87 5.51 -16.21
N GLY A 132 -2.57 4.43 -15.49
CA GLY A 132 -2.33 3.15 -16.14
C GLY A 132 -0.95 3.12 -16.78
N ASP A 133 -0.23 4.23 -16.67
CA ASP A 133 1.12 4.33 -17.22
C ASP A 133 2.15 3.99 -16.16
N GLY A 134 1.73 4.05 -14.89
CA GLY A 134 2.63 3.74 -13.80
C GLY A 134 3.77 4.75 -13.71
N GLN A 135 3.87 5.40 -12.57
CA GLN A 135 4.91 6.39 -12.34
C GLN A 135 5.04 6.71 -10.85
N VAL A 136 6.27 6.95 -10.40
CA VAL A 136 6.53 7.26 -8.99
C VAL A 136 7.37 8.55 -8.87
N ASN A 137 6.95 9.43 -7.97
CA ASN A 137 7.65 10.69 -7.75
C ASN A 137 7.47 11.15 -6.30
N TYR A 138 8.12 12.26 -5.95
CA TYR A 138 8.05 12.80 -4.59
C TYR A 138 6.60 13.07 -4.18
N GLU A 139 5.85 13.71 -5.07
CA GLU A 139 4.46 14.03 -4.78
C GLU A 139 3.68 12.79 -4.39
N GLU A 140 3.97 11.66 -5.05
CA GLU A 140 3.27 10.42 -4.76
C GLU A 140 3.65 9.89 -3.38
N PHE A 141 4.92 9.99 -3.01
CA PHE A 141 5.38 9.49 -1.71
C PHE A 141 4.69 10.21 -0.54
N VAL A 142 4.56 11.52 -0.63
CA VAL A 142 3.95 12.30 0.43
C VAL A 142 2.52 11.81 0.69
N GLN A 143 1.76 11.61 -0.38
CA GLN A 143 0.39 11.15 -0.24
C GLN A 143 0.35 9.65 0.06
N MET A 144 1.41 8.93 -0.32
CA MET A 144 1.47 7.49 -0.09
C MET A 144 1.50 7.19 1.40
N MET A 145 2.25 7.98 2.16
CA MET A 145 2.35 7.77 3.60
C MET A 145 1.29 8.59 4.35
N THR A 146 0.57 7.92 5.26
CA THR A 146 -0.47 8.60 6.04
C THR A 146 -0.92 7.72 7.19
N ALA A 147 -0.04 7.50 8.17
CA ALA A 147 -0.36 6.69 9.32
C ALA A 147 -1.47 7.34 10.14
N LYS A 148 -1.44 8.67 10.24
CA LYS A 148 -2.45 9.42 10.99
C LYS A 148 -3.59 9.84 10.08
N ALA A 1 -0.20 24.45 1.13
CA ALA A 1 -0.58 24.16 -0.29
C ALA A 1 -0.61 22.65 -0.50
N ASP A 2 -1.59 21.99 0.09
CA ASP A 2 -1.73 20.55 -0.04
C ASP A 2 -2.43 20.20 -1.35
N GLN A 3 -1.71 19.52 -2.24
CA GLN A 3 -2.27 19.13 -3.52
C GLN A 3 -3.10 17.85 -3.38
N LEU A 4 -3.10 17.28 -2.17
CA LEU A 4 -3.86 16.07 -1.93
C LEU A 4 -5.30 16.41 -1.59
N THR A 5 -6.24 15.85 -2.35
CA THR A 5 -7.65 16.12 -2.12
C THR A 5 -8.17 15.26 -0.97
N GLU A 6 -9.24 15.71 -0.33
CA GLU A 6 -9.82 14.97 0.79
C GLU A 6 -10.59 13.77 0.27
N GLU A 7 -11.03 13.84 -0.99
CA GLU A 7 -11.80 12.75 -1.57
C GLU A 7 -10.98 11.46 -1.62
N GLN A 8 -9.71 11.58 -2.01
CA GLN A 8 -8.84 10.41 -2.10
C GLN A 8 -8.62 9.81 -0.71
N ILE A 9 -8.41 10.66 0.29
CA ILE A 9 -8.18 10.20 1.65
C ILE A 9 -9.42 9.46 2.19
N ALA A 10 -10.58 10.04 1.94
CA ALA A 10 -11.83 9.47 2.42
C ALA A 10 -11.95 8.00 2.01
N GLU A 11 -11.56 7.71 0.76
CA GLU A 11 -11.63 6.35 0.26
C GLU A 11 -11.12 5.35 1.30
N PHE A 12 -9.96 5.65 1.87
CA PHE A 12 -9.37 4.78 2.89
C PHE A 12 -10.23 4.77 4.15
N LYS A 13 -10.76 5.93 4.51
CA LYS A 13 -11.61 6.03 5.70
C LYS A 13 -12.90 5.24 5.52
N GLU A 14 -13.57 5.44 4.39
CA GLU A 14 -14.82 4.76 4.12
C GLU A 14 -14.60 3.25 4.02
N ALA A 15 -13.44 2.86 3.51
CA ALA A 15 -13.11 1.45 3.38
C ALA A 15 -13.23 0.74 4.72
N PHE A 16 -13.19 1.52 5.80
CA PHE A 16 -13.28 0.95 7.15
C PHE A 16 -14.57 0.14 7.30
N SER A 17 -15.69 0.74 6.92
CA SER A 17 -16.98 0.06 7.03
C SER A 17 -16.99 -1.21 6.20
N LEU A 18 -16.41 -1.12 5.00
CA LEU A 18 -16.37 -2.27 4.11
C LEU A 18 -15.57 -3.42 4.72
N PHE A 19 -14.44 -3.09 5.33
CA PHE A 19 -13.60 -4.11 5.93
C PHE A 19 -14.37 -4.88 7.01
N ASP A 20 -15.00 -4.16 7.91
CA ASP A 20 -15.75 -4.80 8.98
C ASP A 20 -17.08 -5.36 8.49
N LYS A 21 -17.52 -4.94 7.31
CA LYS A 21 -18.78 -5.41 6.76
C LYS A 21 -18.92 -6.92 6.96
N ASP A 22 -17.80 -7.63 6.91
CA ASP A 22 -17.82 -9.08 7.07
C ASP A 22 -18.54 -9.46 8.37
N GLY A 23 -18.25 -8.73 9.45
CA GLY A 23 -18.87 -8.98 10.74
C GLY A 23 -19.07 -7.68 11.52
N ASP A 24 -19.11 -7.78 12.85
CA ASP A 24 -19.31 -6.59 13.67
C ASP A 24 -18.04 -5.75 13.72
N GLY A 25 -16.91 -6.41 13.96
CA GLY A 25 -15.62 -5.71 13.98
C GLY A 25 -14.48 -6.73 13.95
N THR A 26 -13.79 -6.81 12.82
CA THR A 26 -12.69 -7.74 12.70
C THR A 26 -11.86 -7.46 11.46
N ILE A 27 -10.55 -7.76 11.52
CA ILE A 27 -9.66 -7.56 10.38
C ILE A 27 -9.06 -8.89 9.96
N THR A 28 -9.48 -9.40 8.80
CA THR A 28 -8.97 -10.68 8.31
C THR A 28 -8.54 -10.55 6.85
N THR A 29 -7.87 -11.58 6.35
CA THR A 29 -7.41 -11.58 4.97
C THR A 29 -8.59 -11.53 4.01
N LYS A 30 -9.71 -12.08 4.45
CA LYS A 30 -10.91 -12.10 3.61
C LYS A 30 -11.37 -10.67 3.34
N GLU A 31 -11.31 -9.83 4.37
CA GLU A 31 -11.72 -8.44 4.22
C GLU A 31 -10.76 -7.71 3.28
N LEU A 32 -9.46 -7.92 3.49
CA LEU A 32 -8.45 -7.28 2.66
C LEU A 32 -8.53 -7.81 1.24
N GLY A 33 -8.67 -9.13 1.11
CA GLY A 33 -8.74 -9.75 -0.21
C GLY A 33 -9.77 -9.05 -1.09
N THR A 34 -10.71 -8.37 -0.45
CA THR A 34 -11.74 -7.65 -1.17
C THR A 34 -11.14 -6.47 -1.94
N VAL A 35 -10.06 -5.92 -1.41
CA VAL A 35 -9.39 -4.79 -2.06
C VAL A 35 -8.88 -5.21 -3.42
N MET A 36 -8.68 -6.50 -3.59
CA MET A 36 -8.19 -7.00 -4.86
C MET A 36 -9.10 -6.56 -5.97
N ARG A 37 -10.41 -6.52 -5.72
CA ARG A 37 -11.25 -6.12 -6.81
C ARG A 37 -10.95 -4.70 -7.22
N SER A 38 -10.79 -3.82 -6.24
CA SER A 38 -10.52 -2.43 -6.54
C SER A 38 -9.22 -2.28 -7.34
N LEU A 39 -8.22 -3.10 -6.98
CA LEU A 39 -6.92 -3.06 -7.64
C LEU A 39 -6.85 -4.09 -8.77
N GLY A 40 -7.98 -4.74 -9.00
CA GLY A 40 -8.08 -5.76 -10.04
C GLY A 40 -7.24 -6.98 -9.66
N GLN A 41 -5.93 -6.79 -9.65
CA GLN A 41 -4.99 -7.86 -9.31
C GLN A 41 -3.77 -7.25 -8.62
N ASN A 42 -3.69 -7.43 -7.31
CA ASN A 42 -2.58 -6.88 -6.53
C ASN A 42 -1.86 -7.98 -5.76
N PRO A 43 -1.04 -8.77 -6.41
CA PRO A 43 -0.26 -9.85 -5.75
C PRO A 43 0.20 -9.48 -4.36
N THR A 44 0.43 -8.19 -4.16
CA THR A 44 0.92 -7.68 -2.88
C THR A 44 0.24 -8.42 -1.73
N GLU A 45 -1.00 -8.83 -1.95
CA GLU A 45 -1.75 -9.56 -0.94
C GLU A 45 -1.48 -11.05 -1.07
N ALA A 46 -1.34 -11.52 -2.30
CA ALA A 46 -1.09 -12.92 -2.56
C ALA A 46 0.13 -13.40 -1.79
N GLU A 47 1.23 -12.65 -1.91
CA GLU A 47 2.45 -13.02 -1.21
C GLU A 47 2.29 -12.82 0.30
N LEU A 48 1.79 -11.64 0.66
CA LEU A 48 1.61 -11.31 2.06
C LEU A 48 0.60 -12.25 2.71
N GLN A 49 -0.24 -12.87 1.89
CA GLN A 49 -1.25 -13.79 2.39
C GLN A 49 -0.63 -14.74 3.43
N ASP A 50 0.52 -15.31 3.09
CA ASP A 50 1.20 -16.23 3.99
C ASP A 50 1.78 -15.46 5.17
N MET A 51 2.31 -14.27 4.90
CA MET A 51 2.91 -13.46 5.96
C MET A 51 1.87 -13.07 7.00
N ILE A 52 0.68 -12.69 6.53
CA ILE A 52 -0.39 -12.28 7.44
C ILE A 52 -0.82 -13.44 8.34
N ASN A 53 -1.01 -14.61 7.73
CA ASN A 53 -1.41 -15.79 8.49
C ASN A 53 -0.34 -16.18 9.50
N GLU A 54 0.93 -16.13 9.07
CA GLU A 54 2.03 -16.51 9.95
C GLU A 54 2.07 -15.66 11.21
N VAL A 55 2.20 -14.34 11.04
CA VAL A 55 2.24 -13.43 12.18
C VAL A 55 0.91 -13.43 12.92
N ASP A 56 -0.18 -13.62 12.18
CA ASP A 56 -1.53 -13.62 12.75
C ASP A 56 -1.93 -15.01 13.27
N ALA A 57 -1.16 -16.02 12.90
CA ALA A 57 -1.44 -17.40 13.30
C ALA A 57 -1.15 -17.59 14.78
N ASP A 58 -0.97 -16.47 15.49
CA ASP A 58 -0.71 -16.53 16.91
C ASP A 58 -1.94 -17.12 17.61
N GLY A 59 -3.13 -16.82 17.08
CA GLY A 59 -4.36 -17.33 17.65
C GLY A 59 -5.40 -17.57 16.57
N ASN A 60 -5.27 -16.82 15.48
CA ASN A 60 -6.19 -16.93 14.35
C ASN A 60 -5.77 -15.98 13.24
N GLY A 61 -6.04 -16.38 11.99
CA GLY A 61 -5.70 -15.54 10.84
C GLY A 61 -6.50 -14.24 10.86
N THR A 62 -6.78 -13.73 12.05
CA THR A 62 -7.54 -12.49 12.20
C THR A 62 -6.79 -11.53 13.12
N ILE A 63 -7.00 -10.23 12.91
CA ILE A 63 -6.35 -9.21 13.71
C ILE A 63 -7.40 -8.36 14.42
N ASP A 64 -7.16 -8.11 15.70
CA ASP A 64 -8.08 -7.32 16.50
C ASP A 64 -7.90 -5.84 16.20
N PHE A 65 -8.27 -4.98 17.14
CA PHE A 65 -8.13 -3.52 16.95
C PHE A 65 -6.83 -3.01 17.57
N PRO A 66 -6.53 -3.39 18.80
CA PRO A 66 -5.29 -2.93 19.50
C PRO A 66 -4.04 -3.24 18.68
N GLU A 67 -4.05 -4.38 17.99
CA GLU A 67 -2.91 -4.79 17.17
C GLU A 67 -2.97 -4.14 15.80
N PHE A 68 -4.18 -3.83 15.34
CA PHE A 68 -4.35 -3.21 14.03
C PHE A 68 -3.62 -1.88 13.97
N LEU A 69 -3.80 -1.06 15.02
CA LEU A 69 -3.15 0.25 15.06
C LEU A 69 -1.63 0.10 15.09
N THR A 70 -1.15 -0.83 15.90
CA THR A 70 0.29 -1.05 16.01
C THR A 70 0.85 -1.53 14.68
N MET A 71 0.16 -2.48 14.05
CA MET A 71 0.59 -3.01 12.77
C MET A 71 0.61 -1.92 11.70
N MET A 72 -0.44 -1.11 11.68
CA MET A 72 -0.53 -0.04 10.69
C MET A 72 0.59 0.98 10.90
N ALA A 73 0.86 1.31 12.16
CA ALA A 73 1.90 2.28 12.46
C ALA A 73 3.25 1.78 11.96
N ARG A 74 3.58 0.53 12.28
CA ARG A 74 4.85 -0.03 11.86
C ARG A 74 4.89 -0.29 10.37
N LYS A 75 3.87 -0.96 9.85
CA LYS A 75 3.81 -1.26 8.44
C LYS A 75 3.68 0.03 7.63
N MET A 76 2.87 0.96 8.13
CA MET A 76 2.66 2.23 7.45
C MET A 76 3.04 3.39 8.37
N LYS A 77 3.92 4.27 7.88
CA LYS A 77 4.35 5.42 8.65
C LYS A 77 3.35 6.56 8.55
N ASP A 78 3.32 7.40 9.58
CA ASP A 78 2.40 8.52 9.59
C ASP A 78 2.55 9.35 8.32
N THR A 79 1.75 10.41 8.21
CA THR A 79 1.80 11.27 7.04
C THR A 79 2.97 12.25 7.13
N ASP A 80 3.60 12.31 8.29
CA ASP A 80 4.72 13.21 8.50
C ASP A 80 5.91 12.80 7.63
N SER A 81 5.91 11.54 7.22
CA SER A 81 6.97 11.02 6.37
C SER A 81 7.20 11.94 5.18
N GLU A 82 6.13 12.57 4.71
CA GLU A 82 6.22 13.50 3.57
C GLU A 82 7.51 14.31 3.64
N GLU A 83 7.81 14.83 4.82
CA GLU A 83 9.01 15.64 5.00
C GLU A 83 10.27 14.78 4.89
N GLU A 84 10.27 13.63 5.57
CA GLU A 84 11.42 12.74 5.54
C GLU A 84 11.65 12.19 4.15
N ILE A 85 10.58 11.68 3.55
CA ILE A 85 10.68 11.14 2.21
C ILE A 85 11.22 12.21 1.30
N ARG A 86 11.08 13.47 1.71
CA ARG A 86 11.55 14.52 0.85
C ARG A 86 13.02 14.33 0.56
N GLU A 87 13.79 14.02 1.59
CA GLU A 87 15.22 13.83 1.40
C GLU A 87 15.49 12.60 0.54
N ALA A 88 14.55 11.66 0.56
CA ALA A 88 14.69 10.43 -0.21
C ALA A 88 14.31 10.62 -1.68
N PHE A 89 13.66 11.74 -1.99
CA PHE A 89 13.24 12.00 -3.37
C PHE A 89 14.43 11.96 -4.32
N ARG A 90 15.46 12.69 -3.97
CA ARG A 90 16.67 12.80 -4.77
C ARG A 90 17.36 11.44 -4.89
N VAL A 91 17.47 10.73 -3.78
CA VAL A 91 18.13 9.42 -3.78
C VAL A 91 17.29 8.44 -4.60
N PHE A 92 15.97 8.44 -4.36
CA PHE A 92 15.07 7.54 -5.07
C PHE A 92 15.10 7.83 -6.57
N ASP A 93 14.98 9.12 -6.92
CA ASP A 93 14.99 9.55 -8.32
C ASP A 93 16.15 10.50 -8.57
N LYS A 94 17.17 10.01 -9.26
CA LYS A 94 18.33 10.83 -9.58
C LYS A 94 17.97 11.92 -10.56
N ASP A 95 17.21 11.56 -11.59
CA ASP A 95 16.81 12.52 -12.59
C ASP A 95 15.96 13.62 -11.98
N GLY A 96 15.01 13.23 -11.13
CA GLY A 96 14.14 14.20 -10.48
C GLY A 96 13.14 14.77 -11.48
N ASN A 97 13.64 15.17 -12.65
CA ASN A 97 12.79 15.75 -13.69
C ASN A 97 11.98 14.65 -14.38
N GLY A 98 12.39 13.40 -14.14
CA GLY A 98 11.71 12.24 -14.74
C GLY A 98 11.01 11.43 -13.66
N TYR A 99 10.06 10.59 -14.07
CA TYR A 99 9.30 9.76 -13.13
C TYR A 99 9.67 8.29 -13.32
N ILE A 100 9.71 7.55 -12.23
CA ILE A 100 10.06 6.14 -12.30
C ILE A 100 8.92 5.31 -12.86
N SER A 101 9.22 4.49 -13.86
CA SER A 101 8.23 3.63 -14.48
C SER A 101 8.04 2.36 -13.67
N ALA A 102 7.00 1.60 -14.00
CA ALA A 102 6.72 0.36 -13.29
C ALA A 102 7.85 -0.65 -13.49
N ALA A 103 8.36 -0.72 -14.72
CA ALA A 103 9.44 -1.65 -15.03
C ALA A 103 10.71 -1.28 -14.27
N GLU A 104 11.00 0.02 -14.21
CA GLU A 104 12.19 0.50 -13.51
C GLU A 104 12.05 0.27 -12.01
N LEU A 105 10.85 0.44 -11.48
CA LEU A 105 10.62 0.26 -10.05
C LEU A 105 10.96 -1.15 -9.62
N ARG A 106 10.55 -2.11 -10.43
CA ARG A 106 10.78 -3.52 -10.17
C ARG A 106 12.25 -3.79 -9.93
N HIS A 107 13.11 -3.14 -10.71
CA HIS A 107 14.55 -3.34 -10.55
C HIS A 107 14.97 -2.92 -9.15
N VAL A 108 14.42 -1.81 -8.67
CA VAL A 108 14.75 -1.32 -7.33
C VAL A 108 14.29 -2.32 -6.26
N MET A 109 13.08 -2.82 -6.40
CA MET A 109 12.52 -3.78 -5.45
C MET A 109 13.35 -5.06 -5.45
N THR A 110 13.84 -5.45 -6.61
CA THR A 110 14.63 -6.67 -6.74
C THR A 110 15.89 -6.58 -5.88
N ASN A 111 16.53 -5.41 -5.89
CA ASN A 111 17.74 -5.19 -5.10
C ASN A 111 17.47 -5.40 -3.62
N LEU A 112 16.31 -4.95 -3.16
CA LEU A 112 15.96 -5.11 -1.75
C LEU A 112 15.91 -6.58 -1.36
N GLY A 113 15.28 -7.39 -2.22
CA GLY A 113 15.16 -8.81 -1.95
C GLY A 113 13.99 -9.41 -2.72
N GLU A 114 13.30 -10.36 -2.10
CA GLU A 114 12.15 -11.02 -2.74
C GLU A 114 11.08 -11.34 -1.71
N LYS A 115 10.99 -10.52 -0.67
CA LYS A 115 10.00 -10.73 0.37
C LYS A 115 8.59 -10.63 -0.20
N LEU A 116 8.38 -9.65 -1.09
CA LEU A 116 7.08 -9.43 -1.71
C LEU A 116 7.11 -9.93 -3.15
N THR A 117 5.93 -10.07 -3.76
CA THR A 117 5.86 -10.54 -5.13
C THR A 117 6.50 -9.53 -6.08
N ASP A 118 6.83 -9.98 -7.29
CA ASP A 118 7.42 -9.12 -8.31
C ASP A 118 6.33 -8.50 -9.19
N GLU A 119 5.15 -9.12 -9.20
CA GLU A 119 4.04 -8.65 -10.03
C GLU A 119 3.15 -7.62 -9.29
N GLU A 120 3.13 -7.68 -7.95
CA GLU A 120 2.31 -6.78 -7.14
C GLU A 120 2.21 -5.37 -7.77
N VAL A 121 3.33 -4.67 -7.83
CA VAL A 121 3.34 -3.32 -8.38
C VAL A 121 3.07 -3.32 -9.88
N ASP A 122 3.41 -4.41 -10.56
CA ASP A 122 3.22 -4.48 -12.01
C ASP A 122 1.73 -4.40 -12.39
N GLU A 123 0.89 -5.12 -11.65
CA GLU A 123 -0.55 -5.14 -11.95
C GLU A 123 -1.29 -4.02 -11.22
N MET A 124 -0.94 -3.79 -9.97
CA MET A 124 -1.61 -2.75 -9.19
C MET A 124 -1.41 -1.40 -9.87
N ILE A 125 -0.20 -1.15 -10.32
CA ILE A 125 0.08 0.10 -11.00
C ILE A 125 -0.62 0.11 -12.34
N ARG A 126 -1.06 -1.08 -12.80
CA ARG A 126 -1.71 -1.11 -14.09
C ARG A 126 -3.19 -0.85 -14.00
N GLU A 127 -3.91 -1.75 -13.36
CA GLU A 127 -5.36 -1.59 -13.31
C GLU A 127 -5.76 -0.44 -12.39
N ALA A 128 -5.54 -0.62 -11.09
CA ALA A 128 -5.90 0.40 -10.12
C ALA A 128 -5.65 1.82 -10.65
N ASP A 129 -4.54 1.99 -11.36
CA ASP A 129 -4.20 3.30 -11.92
C ASP A 129 -4.81 3.46 -13.31
N ILE A 130 -5.58 4.53 -13.46
CA ILE A 130 -6.24 4.82 -14.72
C ILE A 130 -5.21 5.28 -15.76
N ASP A 131 -4.03 5.66 -15.28
CA ASP A 131 -2.97 6.12 -16.19
C ASP A 131 -2.52 4.98 -17.10
N GLY A 132 -2.30 3.82 -16.51
CA GLY A 132 -1.86 2.65 -17.26
C GLY A 132 -0.42 2.81 -17.72
N ASP A 133 0.11 4.03 -17.57
CA ASP A 133 1.49 4.31 -17.96
C ASP A 133 2.44 4.03 -16.81
N GLY A 134 1.87 3.95 -15.61
CA GLY A 134 2.66 3.68 -14.42
C GLY A 134 3.73 4.75 -14.22
N GLN A 135 3.69 5.42 -13.09
CA GLN A 135 4.66 6.46 -12.78
C GLN A 135 4.67 6.75 -11.27
N VAL A 136 5.86 6.91 -10.72
CA VAL A 136 6.02 7.19 -9.29
C VAL A 136 6.85 8.46 -9.09
N ASN A 137 6.37 9.33 -8.21
CA ASN A 137 7.05 10.58 -7.91
C ASN A 137 6.80 10.99 -6.45
N TYR A 138 7.68 11.85 -5.93
CA TYR A 138 7.56 12.32 -4.56
C TYR A 138 6.10 12.60 -4.20
N GLU A 139 5.33 13.08 -5.16
CA GLU A 139 3.93 13.40 -4.93
C GLU A 139 3.12 12.14 -4.64
N GLU A 140 3.39 11.06 -5.38
CA GLU A 140 2.66 9.81 -5.18
C GLU A 140 3.08 9.12 -3.88
N PHE A 141 4.33 9.33 -3.48
CA PHE A 141 4.84 8.71 -2.26
C PHE A 141 4.01 9.12 -1.04
N VAL A 142 3.71 10.40 -0.93
CA VAL A 142 2.93 10.88 0.22
C VAL A 142 1.56 10.20 0.27
N GLN A 143 0.88 10.18 -0.86
CA GLN A 143 -0.44 9.57 -0.94
C GLN A 143 -0.34 8.05 -0.81
N MET A 144 0.76 7.49 -1.31
CA MET A 144 0.94 6.04 -1.26
C MET A 144 0.86 5.54 0.17
N MET A 145 1.56 6.20 1.08
CA MET A 145 1.56 5.80 2.49
C MET A 145 0.74 6.78 3.32
N THR A 146 -0.11 6.23 4.19
CA THR A 146 -0.95 7.06 5.04
C THR A 146 -1.44 6.26 6.24
N ALA A 147 -0.61 6.14 7.26
CA ALA A 147 -0.97 5.39 8.45
C ALA A 147 -2.12 6.09 9.20
N LYS A 148 -2.05 7.42 9.26
CA LYS A 148 -3.09 8.20 9.94
C LYS A 148 -3.37 9.49 9.16
N ALA A 1 -9.10 19.13 -14.00
CA ALA A 1 -8.01 20.13 -13.80
C ALA A 1 -7.44 19.97 -12.38
N ASP A 2 -8.31 19.62 -11.44
CA ASP A 2 -7.89 19.44 -10.05
C ASP A 2 -7.42 18.00 -9.81
N GLN A 3 -6.15 17.85 -9.46
CA GLN A 3 -5.58 16.53 -9.22
C GLN A 3 -5.89 16.06 -7.79
N LEU A 4 -5.90 17.01 -6.85
CA LEU A 4 -6.18 16.70 -5.45
C LEU A 4 -7.63 17.04 -5.12
N THR A 5 -8.37 16.04 -4.65
CA THR A 5 -9.78 16.22 -4.30
C THR A 5 -10.10 15.49 -2.99
N GLU A 6 -11.17 15.91 -2.34
CA GLU A 6 -11.59 15.29 -1.08
C GLU A 6 -12.06 13.86 -1.32
N GLU A 7 -12.68 13.63 -2.47
CA GLU A 7 -13.19 12.30 -2.79
C GLU A 7 -12.10 11.25 -2.66
N GLN A 8 -10.91 11.56 -3.17
CA GLN A 8 -9.80 10.62 -3.09
C GLN A 8 -9.51 10.25 -1.64
N ILE A 9 -9.54 11.24 -0.75
CA ILE A 9 -9.28 11.01 0.66
C ILE A 9 -10.36 10.12 1.26
N ALA A 10 -11.61 10.39 0.92
CA ALA A 10 -12.74 9.63 1.44
C ALA A 10 -12.57 8.14 1.17
N GLU A 11 -11.88 7.80 0.09
CA GLU A 11 -11.69 6.40 -0.25
C GLU A 11 -11.05 5.65 0.92
N PHE A 12 -9.99 6.22 1.48
CA PHE A 12 -9.30 5.59 2.60
C PHE A 12 -10.21 5.55 3.83
N LYS A 13 -10.94 6.62 4.06
CA LYS A 13 -11.85 6.69 5.21
C LYS A 13 -12.92 5.62 5.12
N GLU A 14 -13.49 5.45 3.93
CA GLU A 14 -14.54 4.45 3.72
C GLU A 14 -13.97 3.03 3.86
N ALA A 15 -12.75 2.83 3.39
CA ALA A 15 -12.12 1.52 3.46
C ALA A 15 -12.00 1.06 4.91
N PHE A 16 -11.93 2.00 5.83
CA PHE A 16 -11.82 1.69 7.25
C PHE A 16 -12.99 0.83 7.70
N SER A 17 -14.20 1.23 7.32
CA SER A 17 -15.40 0.50 7.68
C SER A 17 -15.55 -0.74 6.79
N LEU A 18 -14.93 -0.71 5.62
CA LEU A 18 -15.03 -1.84 4.70
C LEU A 18 -14.45 -3.10 5.33
N PHE A 19 -13.30 -2.95 5.99
CA PHE A 19 -12.65 -4.11 6.61
C PHE A 19 -13.55 -4.76 7.65
N ASP A 20 -14.08 -3.97 8.57
CA ASP A 20 -14.94 -4.50 9.62
C ASP A 20 -16.34 -4.80 9.10
N LYS A 21 -16.65 -4.29 7.92
CA LYS A 21 -17.97 -4.52 7.34
C LYS A 21 -18.37 -6.00 7.46
N ASP A 22 -17.39 -6.88 7.40
CA ASP A 22 -17.67 -8.32 7.50
C ASP A 22 -18.49 -8.62 8.76
N GLY A 23 -18.07 -8.05 9.88
CA GLY A 23 -18.74 -8.26 11.16
C GLY A 23 -18.72 -7.00 12.01
N ASP A 24 -18.75 -7.16 13.33
CA ASP A 24 -18.74 -6.02 14.25
C ASP A 24 -17.36 -5.37 14.28
N GLY A 25 -16.32 -6.19 14.43
CA GLY A 25 -14.95 -5.70 14.44
C GLY A 25 -13.97 -6.86 14.30
N THR A 26 -13.34 -6.97 13.14
CA THR A 26 -12.37 -8.03 12.92
C THR A 26 -11.55 -7.78 11.66
N ILE A 27 -10.26 -8.07 11.75
CA ILE A 27 -9.36 -7.89 10.60
C ILE A 27 -8.82 -9.26 10.16
N THR A 28 -9.28 -9.74 9.00
CA THR A 28 -8.85 -11.04 8.48
C THR A 28 -8.38 -10.91 7.04
N THR A 29 -7.78 -11.97 6.52
CA THR A 29 -7.27 -11.97 5.16
C THR A 29 -8.42 -11.83 4.16
N LYS A 30 -9.57 -12.39 4.50
CA LYS A 30 -10.73 -12.32 3.62
C LYS A 30 -11.13 -10.86 3.42
N GLU A 31 -11.09 -10.10 4.50
CA GLU A 31 -11.44 -8.69 4.43
C GLU A 31 -10.46 -7.96 3.52
N LEU A 32 -9.17 -8.23 3.71
CA LEU A 32 -8.13 -7.59 2.90
C LEU A 32 -8.27 -8.02 1.44
N GLY A 33 -8.52 -9.31 1.23
CA GLY A 33 -8.67 -9.84 -0.13
C GLY A 33 -9.78 -9.11 -0.87
N THR A 34 -10.74 -8.57 -0.12
CA THR A 34 -11.84 -7.84 -0.72
C THR A 34 -11.32 -6.60 -1.44
N VAL A 35 -10.37 -5.91 -0.81
CA VAL A 35 -9.80 -4.70 -1.39
C VAL A 35 -9.23 -4.98 -2.76
N MET A 36 -8.91 -6.24 -3.01
CA MET A 36 -8.35 -6.61 -4.29
C MET A 36 -9.18 -6.04 -5.43
N ARG A 37 -10.49 -5.87 -5.21
CA ARG A 37 -11.30 -5.35 -6.30
C ARG A 37 -10.88 -3.92 -6.65
N SER A 38 -10.69 -3.09 -5.65
CA SER A 38 -10.29 -1.71 -5.90
C SER A 38 -8.92 -1.67 -6.56
N LEU A 39 -8.16 -2.75 -6.37
CA LEU A 39 -6.82 -2.86 -6.94
C LEU A 39 -6.81 -3.87 -8.09
N GLY A 40 -8.00 -4.39 -8.43
CA GLY A 40 -8.12 -5.37 -9.50
C GLY A 40 -7.33 -6.63 -9.17
N GLN A 41 -6.01 -6.50 -9.20
CA GLN A 41 -5.11 -7.61 -8.90
C GLN A 41 -3.85 -7.07 -8.22
N ASN A 42 -3.72 -7.36 -6.92
CA ASN A 42 -2.57 -6.90 -6.14
C ASN A 42 -1.87 -8.07 -5.44
N PRO A 43 -1.17 -8.93 -6.18
CA PRO A 43 -0.46 -10.09 -5.58
C PRO A 43 0.09 -9.80 -4.20
N THR A 44 0.41 -8.54 -3.97
CA THR A 44 0.97 -8.12 -2.69
C THR A 44 0.28 -8.84 -1.54
N GLU A 45 -0.99 -9.18 -1.75
CA GLU A 45 -1.77 -9.87 -0.74
C GLU A 45 -1.56 -11.38 -0.84
N ALA A 46 -1.41 -11.85 -2.08
CA ALA A 46 -1.19 -13.27 -2.32
C ALA A 46 0.05 -13.77 -1.61
N GLU A 47 1.16 -13.06 -1.79
CA GLU A 47 2.41 -13.44 -1.14
C GLU A 47 2.29 -13.24 0.35
N LEU A 48 1.76 -12.08 0.74
CA LEU A 48 1.61 -11.78 2.15
C LEU A 48 0.62 -12.73 2.83
N GLN A 49 -0.37 -13.20 2.08
CA GLN A 49 -1.37 -14.12 2.62
C GLN A 49 -0.72 -15.11 3.60
N ASP A 50 0.35 -15.76 3.17
CA ASP A 50 1.05 -16.70 4.03
C ASP A 50 1.69 -15.96 5.20
N MET A 51 2.26 -14.79 4.94
CA MET A 51 2.91 -14.01 5.99
C MET A 51 1.90 -13.61 7.07
N ILE A 52 0.70 -13.21 6.64
CA ILE A 52 -0.33 -12.78 7.57
C ILE A 52 -0.73 -13.91 8.52
N ASN A 53 -1.01 -15.08 7.96
CA ASN A 53 -1.41 -16.23 8.76
C ASN A 53 -0.26 -16.65 9.69
N GLU A 54 0.96 -16.61 9.18
CA GLU A 54 2.12 -17.00 9.97
C GLU A 54 2.20 -16.21 11.28
N VAL A 55 2.33 -14.90 11.16
CA VAL A 55 2.42 -14.04 12.35
C VAL A 55 1.08 -13.98 13.09
N ASP A 56 0.00 -14.11 12.34
CA ASP A 56 -1.36 -14.05 12.92
C ASP A 56 -1.78 -15.41 13.47
N ALA A 57 -1.06 -16.45 13.11
CA ALA A 57 -1.39 -17.81 13.54
C ALA A 57 -1.09 -17.98 15.03
N ASP A 58 -0.85 -16.86 15.70
CA ASP A 58 -0.59 -16.90 17.13
C ASP A 58 -1.84 -17.38 17.86
N GLY A 59 -3.00 -17.11 17.27
CA GLY A 59 -4.27 -17.54 17.87
C GLY A 59 -5.31 -17.79 16.79
N ASN A 60 -5.11 -17.16 15.63
CA ASN A 60 -6.04 -17.31 14.50
C ASN A 60 -5.63 -16.36 13.38
N GLY A 61 -5.95 -16.73 12.14
CA GLY A 61 -5.63 -15.89 11.00
C GLY A 61 -6.42 -14.58 11.02
N THR A 62 -6.65 -14.05 12.23
CA THR A 62 -7.38 -12.80 12.38
C THR A 62 -6.66 -11.89 13.38
N ILE A 63 -6.78 -10.58 13.18
CA ILE A 63 -6.14 -9.60 14.06
C ILE A 63 -7.19 -8.70 14.70
N ASP A 64 -7.06 -8.48 16.00
CA ASP A 64 -8.01 -7.64 16.72
C ASP A 64 -7.76 -6.16 16.42
N PHE A 65 -8.74 -5.31 16.71
CA PHE A 65 -8.61 -3.88 16.43
C PHE A 65 -7.51 -3.24 17.28
N PRO A 66 -7.48 -3.50 18.57
CA PRO A 66 -6.44 -2.91 19.47
C PRO A 66 -5.02 -3.14 18.93
N GLU A 67 -4.81 -4.31 18.33
CA GLU A 67 -3.49 -4.64 17.78
C GLU A 67 -3.37 -4.15 16.33
N PHE A 68 -4.51 -3.94 15.68
CA PHE A 68 -4.52 -3.47 14.30
C PHE A 68 -3.86 -2.10 14.18
N LEU A 69 -4.24 -1.19 15.07
CA LEU A 69 -3.68 0.15 15.04
C LEU A 69 -2.19 0.12 15.33
N THR A 70 -1.78 -0.69 16.30
CA THR A 70 -0.37 -0.81 16.65
C THR A 70 0.43 -1.40 15.48
N MET A 71 -0.10 -2.46 14.88
CA MET A 71 0.56 -3.10 13.76
C MET A 71 0.71 -2.15 12.58
N MET A 72 -0.37 -1.48 12.24
CA MET A 72 -0.35 -0.53 11.13
C MET A 72 0.56 0.64 11.45
N ALA A 73 0.54 1.07 12.71
CA ALA A 73 1.37 2.19 13.13
C ALA A 73 2.85 1.90 12.89
N ARG A 74 3.30 0.74 13.35
CA ARG A 74 4.70 0.37 13.21
C ARG A 74 5.03 0.03 11.75
N LYS A 75 4.14 -0.72 11.11
CA LYS A 75 4.33 -1.10 9.71
C LYS A 75 4.28 0.12 8.80
N MET A 76 3.30 1.00 9.06
CA MET A 76 3.14 2.22 8.26
C MET A 76 3.65 3.42 9.03
N LYS A 77 4.53 4.21 8.41
CA LYS A 77 5.09 5.39 9.05
C LYS A 77 4.17 6.59 8.87
N ASP A 78 4.05 7.41 9.91
CA ASP A 78 3.20 8.58 9.87
C ASP A 78 3.47 9.39 8.60
N THR A 79 2.75 10.48 8.45
CA THR A 79 2.93 11.33 7.27
C THR A 79 4.20 12.15 7.40
N ASP A 80 4.84 12.07 8.56
CA ASP A 80 6.07 12.81 8.79
C ASP A 80 7.19 12.30 7.88
N SER A 81 6.98 11.13 7.29
CA SER A 81 7.97 10.55 6.41
C SER A 81 8.20 11.44 5.20
N GLU A 82 7.24 12.32 4.93
CA GLU A 82 7.35 13.24 3.80
C GLU A 82 8.72 13.91 3.80
N GLU A 83 9.17 14.36 4.97
CA GLU A 83 10.46 15.02 5.08
C GLU A 83 11.60 14.02 4.86
N GLU A 84 11.44 12.81 5.39
CA GLU A 84 12.46 11.77 5.24
C GLU A 84 12.58 11.37 3.79
N ILE A 85 11.45 11.17 3.15
CA ILE A 85 11.45 10.79 1.74
C ILE A 85 12.00 11.94 0.91
N ARG A 86 12.01 13.14 1.48
CA ARG A 86 12.49 14.27 0.72
C ARG A 86 13.92 14.03 0.28
N GLU A 87 14.75 13.56 1.20
CA GLU A 87 16.13 13.31 0.87
C GLU A 87 16.23 12.18 -0.15
N ALA A 88 15.29 11.24 -0.09
CA ALA A 88 15.26 10.10 -1.01
C ALA A 88 14.85 10.52 -2.43
N PHE A 89 14.29 11.71 -2.57
CA PHE A 89 13.84 12.17 -3.89
C PHE A 89 15.01 12.18 -4.90
N ARG A 90 16.10 12.78 -4.47
CA ARG A 90 17.31 12.89 -5.28
C ARG A 90 17.91 11.53 -5.60
N VAL A 91 18.01 10.67 -4.61
CA VAL A 91 18.57 9.33 -4.81
C VAL A 91 17.56 8.43 -5.51
N PHE A 92 16.35 8.37 -4.95
CA PHE A 92 15.30 7.53 -5.52
C PHE A 92 14.96 7.98 -6.94
N ASP A 93 14.77 9.29 -7.13
CA ASP A 93 14.44 9.83 -8.44
C ASP A 93 15.63 10.61 -9.00
N LYS A 94 16.46 9.94 -9.80
CA LYS A 94 17.63 10.57 -10.39
C LYS A 94 17.21 11.58 -11.45
N ASP A 95 16.21 11.21 -12.24
CA ASP A 95 15.73 12.07 -13.30
C ASP A 95 15.17 13.38 -12.72
N GLY A 96 14.45 13.27 -11.61
CA GLY A 96 13.88 14.45 -10.98
C GLY A 96 12.70 14.99 -11.79
N ASN A 97 13.01 15.50 -12.98
CA ASN A 97 11.98 16.05 -13.86
C ASN A 97 11.09 14.93 -14.38
N GLY A 98 11.58 13.70 -14.26
CA GLY A 98 10.83 12.53 -14.72
C GLY A 98 10.39 11.68 -13.54
N TYR A 99 9.41 10.81 -13.77
CA TYR A 99 8.87 9.95 -12.71
C TYR A 99 9.23 8.49 -12.99
N ILE A 100 9.28 7.68 -11.93
CA ILE A 100 9.62 6.27 -12.08
C ILE A 100 8.43 5.45 -12.56
N SER A 101 8.63 4.72 -13.64
CA SER A 101 7.57 3.89 -14.20
C SER A 101 7.50 2.55 -13.46
N ALA A 102 6.44 1.79 -13.71
CA ALA A 102 6.27 0.51 -13.05
C ALA A 102 7.38 -0.45 -13.45
N ALA A 103 7.80 -0.39 -14.72
CA ALA A 103 8.86 -1.26 -15.21
C ALA A 103 10.17 -0.98 -14.48
N GLU A 104 10.52 0.30 -14.37
CA GLU A 104 11.75 0.69 -13.70
C GLU A 104 11.68 0.41 -12.19
N LEU A 105 10.47 0.54 -11.64
CA LEU A 105 10.26 0.32 -10.20
C LEU A 105 10.61 -1.12 -9.82
N ARG A 106 10.20 -2.05 -10.68
CA ARG A 106 10.43 -3.48 -10.51
C ARG A 106 11.92 -3.77 -10.35
N HIS A 107 12.74 -3.14 -11.18
CA HIS A 107 14.18 -3.35 -11.10
C HIS A 107 14.69 -2.99 -9.71
N VAL A 108 14.17 -1.89 -9.17
CA VAL A 108 14.55 -1.43 -7.84
C VAL A 108 14.07 -2.40 -6.77
N MET A 109 12.83 -2.87 -6.92
CA MET A 109 12.25 -3.81 -5.97
C MET A 109 13.05 -5.11 -5.94
N THR A 110 13.56 -5.51 -7.10
CA THR A 110 14.34 -6.75 -7.20
C THR A 110 15.59 -6.68 -6.34
N ASN A 111 16.29 -5.55 -6.40
CA ASN A 111 17.51 -5.36 -5.62
C ASN A 111 17.21 -5.52 -4.13
N LEU A 112 16.02 -5.06 -3.71
CA LEU A 112 15.64 -5.15 -2.30
C LEU A 112 15.60 -6.61 -1.86
N GLY A 113 14.96 -7.44 -2.67
CA GLY A 113 14.84 -8.85 -2.35
C GLY A 113 13.76 -9.52 -3.20
N GLU A 114 13.29 -10.67 -2.72
CA GLU A 114 12.25 -11.43 -3.43
C GLU A 114 11.25 -12.03 -2.44
N LYS A 115 11.15 -11.43 -1.26
CA LYS A 115 10.23 -11.92 -0.24
C LYS A 115 8.79 -11.79 -0.73
N LEU A 116 8.49 -10.66 -1.35
CA LEU A 116 7.14 -10.40 -1.87
C LEU A 116 7.05 -10.83 -3.33
N THR A 117 5.86 -10.73 -3.91
CA THR A 117 5.67 -11.12 -5.30
C THR A 117 6.30 -10.08 -6.24
N ASP A 118 6.55 -10.49 -7.49
CA ASP A 118 7.12 -9.61 -8.49
C ASP A 118 6.04 -8.88 -9.28
N GLU A 119 4.84 -9.46 -9.30
CA GLU A 119 3.72 -8.92 -10.04
C GLU A 119 2.92 -7.89 -9.22
N GLU A 120 2.96 -8.01 -7.89
CA GLU A 120 2.20 -7.09 -7.02
C GLU A 120 2.16 -5.66 -7.58
N VAL A 121 3.32 -5.04 -7.74
CA VAL A 121 3.39 -3.67 -8.24
C VAL A 121 2.95 -3.55 -9.69
N ASP A 122 3.33 -4.51 -10.51
CA ASP A 122 2.97 -4.47 -11.94
C ASP A 122 1.47 -4.37 -12.13
N GLU A 123 0.72 -5.21 -11.43
CA GLU A 123 -0.74 -5.23 -11.55
C GLU A 123 -1.40 -4.20 -10.62
N MET A 124 -0.88 -4.08 -9.40
CA MET A 124 -1.46 -3.13 -8.45
C MET A 124 -1.40 -1.73 -9.01
N ILE A 125 -0.24 -1.37 -9.54
CA ILE A 125 -0.07 -0.04 -10.12
C ILE A 125 -0.88 0.08 -11.40
N ARG A 126 -1.32 -1.05 -11.96
CA ARG A 126 -2.07 -0.98 -13.20
C ARG A 126 -3.51 -0.57 -12.98
N GLU A 127 -4.19 -1.25 -12.06
CA GLU A 127 -5.60 -0.94 -11.82
C GLU A 127 -5.74 0.18 -10.79
N ALA A 128 -5.37 -0.12 -9.55
CA ALA A 128 -5.45 0.87 -8.48
C ALA A 128 -5.10 2.28 -8.96
N ASP A 129 -4.29 2.37 -10.02
CA ASP A 129 -3.89 3.66 -10.56
C ASP A 129 -4.90 4.16 -11.60
N ILE A 130 -5.36 5.38 -11.42
CA ILE A 130 -6.32 5.99 -12.34
C ILE A 130 -5.69 6.20 -13.71
N ASP A 131 -4.45 6.70 -13.74
CA ASP A 131 -3.76 6.94 -15.00
C ASP A 131 -3.51 5.63 -15.72
N GLY A 132 -3.13 4.61 -14.96
CA GLY A 132 -2.85 3.30 -15.51
C GLY A 132 -1.50 3.29 -16.20
N ASP A 133 -0.84 4.46 -16.20
CA ASP A 133 0.47 4.58 -16.83
C ASP A 133 1.57 4.27 -15.81
N GLY A 134 1.15 4.15 -14.55
CA GLY A 134 2.11 3.84 -13.49
C GLY A 134 3.21 4.89 -13.43
N GLN A 135 3.25 5.61 -12.31
CA GLN A 135 4.25 6.64 -12.10
C GLN A 135 4.38 6.96 -10.62
N VAL A 136 5.63 7.04 -10.13
CA VAL A 136 5.90 7.32 -8.72
C VAL A 136 6.79 8.55 -8.60
N ASN A 137 6.46 9.43 -7.64
CA ASN A 137 7.23 10.65 -7.43
C ASN A 137 7.13 11.08 -5.96
N TYR A 138 7.92 12.09 -5.60
CA TYR A 138 7.91 12.60 -4.23
C TYR A 138 6.50 12.99 -3.79
N GLU A 139 5.80 13.73 -4.64
CA GLU A 139 4.45 14.18 -4.33
C GLU A 139 3.54 12.98 -4.04
N GLU A 140 3.63 11.95 -4.87
CA GLU A 140 2.81 10.76 -4.70
C GLU A 140 3.26 9.92 -3.50
N PHE A 141 4.55 9.99 -3.19
CA PHE A 141 5.09 9.21 -2.07
C PHE A 141 4.34 9.53 -0.78
N VAL A 142 4.08 10.79 -0.54
CA VAL A 142 3.37 11.20 0.67
C VAL A 142 2.00 10.53 0.72
N GLN A 143 1.28 10.57 -0.39
CA GLN A 143 -0.04 9.96 -0.47
C GLN A 143 0.04 8.44 -0.40
N MET A 144 1.15 7.89 -0.89
CA MET A 144 1.32 6.44 -0.89
C MET A 144 1.26 5.88 0.53
N MET A 145 1.91 6.56 1.46
CA MET A 145 1.92 6.13 2.88
C MET A 145 1.22 7.15 3.76
N THR A 146 0.42 6.65 4.70
CA THR A 146 -0.30 7.53 5.61
C THR A 146 -0.79 6.76 6.84
N ALA A 147 0.11 6.48 7.78
CA ALA A 147 -0.26 5.74 8.97
C ALA A 147 -1.25 6.56 9.82
N LYS A 148 -1.18 7.88 9.70
CA LYS A 148 -2.07 8.77 10.45
C LYS A 148 -2.43 10.00 9.63
N ALA A 1 -12.31 18.28 -15.63
CA ALA A 1 -12.45 19.22 -14.49
C ALA A 1 -11.31 18.96 -13.49
N ASP A 2 -11.68 18.76 -12.22
CA ASP A 2 -10.68 18.51 -11.18
C ASP A 2 -10.37 17.02 -11.08
N GLN A 3 -9.13 16.65 -11.37
CA GLN A 3 -8.71 15.26 -11.29
C GLN A 3 -8.45 14.86 -9.85
N LEU A 4 -8.11 15.84 -9.01
CA LEU A 4 -7.83 15.59 -7.59
C LEU A 4 -8.94 16.16 -6.72
N THR A 5 -9.59 15.28 -5.96
CA THR A 5 -10.68 15.67 -5.07
C THR A 5 -10.57 14.93 -3.74
N GLU A 6 -11.18 15.48 -2.71
CA GLU A 6 -11.15 14.88 -1.38
C GLU A 6 -11.94 13.57 -1.36
N GLU A 7 -12.84 13.42 -2.33
CA GLU A 7 -13.65 12.22 -2.42
C GLU A 7 -12.76 10.98 -2.51
N GLN A 8 -11.68 11.11 -3.25
CA GLN A 8 -10.74 10.01 -3.41
C GLN A 8 -10.10 9.65 -2.07
N ILE A 9 -9.75 10.66 -1.29
CA ILE A 9 -9.12 10.44 0.02
C ILE A 9 -10.08 9.70 0.97
N ALA A 10 -11.34 10.12 0.98
CA ALA A 10 -12.34 9.51 1.86
C ALA A 10 -12.42 8.00 1.62
N GLU A 11 -11.91 7.55 0.48
CA GLU A 11 -11.94 6.14 0.16
C GLU A 11 -11.30 5.32 1.28
N PHE A 12 -10.18 5.83 1.80
CA PHE A 12 -9.46 5.15 2.89
C PHE A 12 -10.27 5.17 4.18
N LYS A 13 -10.89 6.31 4.47
CA LYS A 13 -11.68 6.45 5.68
C LYS A 13 -12.86 5.49 5.69
N GLU A 14 -13.54 5.39 4.55
CA GLU A 14 -14.68 4.50 4.44
C GLU A 14 -14.23 3.04 4.53
N ALA A 15 -13.05 2.76 3.97
CA ALA A 15 -12.50 1.41 4.00
C ALA A 15 -12.28 0.94 5.44
N PHE A 16 -12.13 1.89 6.35
CA PHE A 16 -11.89 1.56 7.75
C PHE A 16 -13.00 0.66 8.29
N SER A 17 -14.25 1.02 8.00
CA SER A 17 -15.38 0.23 8.46
C SER A 17 -15.60 -0.98 7.55
N LEU A 18 -15.07 -0.91 6.33
CA LEU A 18 -15.23 -2.00 5.38
C LEU A 18 -14.57 -3.28 5.88
N PHE A 19 -13.37 -3.14 6.46
CA PHE A 19 -12.64 -4.30 6.95
C PHE A 19 -13.45 -5.05 8.00
N ASP A 20 -14.00 -4.31 8.94
CA ASP A 20 -14.80 -4.90 10.02
C ASP A 20 -16.21 -5.26 9.54
N LYS A 21 -16.61 -4.75 8.39
CA LYS A 21 -17.94 -5.03 7.87
C LYS A 21 -18.30 -6.51 8.06
N ASP A 22 -17.30 -7.38 7.99
CA ASP A 22 -17.54 -8.80 8.14
C ASP A 22 -18.30 -9.08 9.44
N GLY A 23 -17.87 -8.44 10.53
CA GLY A 23 -18.50 -8.63 11.83
C GLY A 23 -18.40 -7.35 12.67
N ASP A 24 -18.37 -7.52 13.99
CA ASP A 24 -18.27 -6.38 14.90
C ASP A 24 -16.87 -5.76 14.85
N GLY A 25 -15.85 -6.62 14.91
CA GLY A 25 -14.47 -6.15 14.83
C GLY A 25 -13.53 -7.32 14.60
N THR A 26 -12.99 -7.44 13.40
CA THR A 26 -12.08 -8.53 13.11
C THR A 26 -11.33 -8.29 11.81
N ILE A 27 -10.02 -8.56 11.81
CA ILE A 27 -9.20 -8.39 10.60
C ILE A 27 -8.75 -9.76 10.09
N THR A 28 -9.18 -10.11 8.86
CA THR A 28 -8.83 -11.41 8.28
C THR A 28 -8.39 -11.22 6.83
N THR A 29 -7.80 -12.27 6.26
CA THR A 29 -7.33 -12.21 4.88
C THR A 29 -8.49 -12.02 3.94
N LYS A 30 -9.64 -12.61 4.29
CA LYS A 30 -10.83 -12.50 3.48
C LYS A 30 -11.26 -11.05 3.38
N GLU A 31 -11.15 -10.34 4.50
CA GLU A 31 -11.53 -8.93 4.53
C GLU A 31 -10.61 -8.12 3.62
N LEU A 32 -9.30 -8.32 3.77
CA LEU A 32 -8.32 -7.60 2.95
C LEU A 32 -8.48 -7.98 1.49
N GLY A 33 -8.64 -9.26 1.23
CA GLY A 33 -8.80 -9.73 -0.14
C GLY A 33 -9.90 -8.96 -0.85
N THR A 34 -10.82 -8.42 -0.06
CA THR A 34 -11.92 -7.65 -0.61
C THR A 34 -11.39 -6.39 -1.29
N VAL A 35 -10.40 -5.75 -0.67
CA VAL A 35 -9.82 -4.52 -1.21
C VAL A 35 -9.28 -4.79 -2.60
N MET A 36 -9.00 -6.04 -2.91
CA MET A 36 -8.49 -6.40 -4.21
C MET A 36 -9.30 -5.78 -5.31
N ARG A 37 -10.61 -5.64 -5.10
CA ARG A 37 -11.42 -5.07 -6.17
C ARG A 37 -11.01 -3.65 -6.46
N SER A 38 -10.83 -2.86 -5.40
CA SER A 38 -10.45 -1.47 -5.58
C SER A 38 -9.12 -1.38 -6.34
N LEU A 39 -8.27 -2.39 -6.16
CA LEU A 39 -6.95 -2.43 -6.81
C LEU A 39 -6.98 -3.38 -8.01
N GLY A 40 -8.17 -3.91 -8.30
CA GLY A 40 -8.34 -4.85 -9.41
C GLY A 40 -7.55 -6.12 -9.15
N GLN A 41 -6.23 -5.99 -9.22
CA GLN A 41 -5.32 -7.11 -8.98
C GLN A 41 -4.09 -6.61 -8.24
N ASN A 42 -3.89 -7.11 -7.02
CA ASN A 42 -2.75 -6.71 -6.19
C ASN A 42 -2.07 -7.94 -5.58
N PRO A 43 -1.39 -8.75 -6.38
CA PRO A 43 -0.68 -9.96 -5.87
C PRO A 43 -0.13 -9.76 -4.47
N THR A 44 0.28 -8.53 -4.19
CA THR A 44 0.86 -8.19 -2.90
C THR A 44 0.12 -8.92 -1.78
N GLU A 45 -1.16 -9.19 -2.01
CA GLU A 45 -1.97 -9.87 -1.02
C GLU A 45 -1.87 -11.39 -1.19
N ALA A 46 -1.75 -11.82 -2.44
CA ALA A 46 -1.64 -13.25 -2.73
C ALA A 46 -0.38 -13.84 -2.08
N GLU A 47 0.75 -13.18 -2.28
CA GLU A 47 2.01 -13.66 -1.70
C GLU A 47 1.97 -13.53 -0.20
N LEU A 48 1.57 -12.35 0.25
CA LEU A 48 1.51 -12.08 1.68
C LEU A 48 0.52 -13.01 2.37
N GLN A 49 -0.44 -13.53 1.61
CA GLN A 49 -1.45 -14.44 2.16
C GLN A 49 -0.81 -15.41 3.16
N ASP A 50 0.28 -16.04 2.74
CA ASP A 50 0.98 -16.97 3.61
C ASP A 50 1.68 -16.22 4.75
N MET A 51 2.27 -15.07 4.43
CA MET A 51 2.97 -14.30 5.45
C MET A 51 2.01 -13.85 6.56
N ILE A 52 0.79 -13.46 6.18
CA ILE A 52 -0.22 -12.99 7.13
C ILE A 52 -0.62 -14.10 8.11
N ASN A 53 -0.89 -15.29 7.58
CA ASN A 53 -1.28 -16.42 8.41
C ASN A 53 -0.14 -16.83 9.32
N GLU A 54 1.08 -16.80 8.80
CA GLU A 54 2.25 -17.20 9.58
C GLU A 54 2.39 -16.35 10.85
N VAL A 55 2.47 -15.04 10.68
CA VAL A 55 2.61 -14.14 11.83
C VAL A 55 1.33 -14.12 12.66
N ASP A 56 0.19 -14.28 11.99
CA ASP A 56 -1.12 -14.27 12.66
C ASP A 56 -1.49 -15.65 13.19
N ALA A 57 -0.77 -16.66 12.77
CA ALA A 57 -1.04 -18.04 13.19
C ALA A 57 -0.64 -18.23 14.64
N ASP A 58 -0.43 -17.12 15.34
CA ASP A 58 -0.07 -17.19 16.75
C ASP A 58 -1.25 -17.76 17.53
N GLY A 59 -2.46 -17.62 16.96
CA GLY A 59 -3.65 -18.12 17.61
C GLY A 59 -4.78 -18.28 16.60
N ASN A 60 -4.68 -17.54 15.51
CA ASN A 60 -5.69 -17.58 14.46
C ASN A 60 -5.33 -16.62 13.33
N GLY A 61 -5.67 -16.98 12.11
CA GLY A 61 -5.38 -16.12 10.96
C GLY A 61 -6.20 -14.83 11.04
N THR A 62 -6.43 -14.36 12.27
CA THR A 62 -7.20 -13.11 12.47
C THR A 62 -6.47 -12.21 13.46
N ILE A 63 -6.55 -10.90 13.22
CA ILE A 63 -5.89 -9.92 14.09
C ILE A 63 -6.94 -9.02 14.74
N ASP A 64 -6.76 -8.79 16.05
CA ASP A 64 -7.68 -7.96 16.81
C ASP A 64 -7.60 -6.51 16.34
N PHE A 65 -8.51 -5.67 16.85
CA PHE A 65 -8.51 -4.25 16.46
C PHE A 65 -7.33 -3.50 17.08
N PRO A 66 -7.11 -3.64 18.36
CA PRO A 66 -5.98 -2.94 19.05
C PRO A 66 -4.64 -3.18 18.34
N GLU A 67 -4.40 -4.42 17.94
CA GLU A 67 -3.16 -4.76 17.25
C GLU A 67 -3.13 -4.16 15.85
N PHE A 68 -4.28 -4.14 15.20
CA PHE A 68 -4.38 -3.59 13.86
C PHE A 68 -3.98 -2.12 13.84
N LEU A 69 -4.49 -1.36 14.80
CA LEU A 69 -4.20 0.07 14.89
C LEU A 69 -2.69 0.29 15.11
N THR A 70 -2.10 -0.49 16.02
CA THR A 70 -0.68 -0.38 16.30
C THR A 70 0.17 -0.84 15.12
N MET A 71 -0.20 -1.96 14.53
CA MET A 71 0.53 -2.51 13.39
C MET A 71 0.51 -1.54 12.22
N MET A 72 -0.65 -0.97 11.95
CA MET A 72 -0.80 -0.03 10.86
C MET A 72 0.04 1.22 11.12
N ALA A 73 0.05 1.65 12.37
CA ALA A 73 0.81 2.84 12.74
C ALA A 73 2.29 2.66 12.43
N ARG A 74 2.82 1.48 12.75
CA ARG A 74 4.23 1.20 12.51
C ARG A 74 4.52 1.05 11.02
N LYS A 75 3.63 0.35 10.31
CA LYS A 75 3.80 0.15 8.86
C LYS A 75 3.72 1.48 8.13
N MET A 76 2.79 2.33 8.55
CA MET A 76 2.60 3.65 7.94
C MET A 76 3.37 4.71 8.71
N LYS A 77 4.16 5.51 8.01
CA LYS A 77 4.94 6.57 8.66
C LYS A 77 4.10 7.84 8.77
N ASP A 78 4.26 8.55 9.88
CA ASP A 78 3.51 9.77 10.10
C ASP A 78 3.61 10.69 8.89
N THR A 79 2.79 11.73 8.87
CA THR A 79 2.79 12.69 7.77
C THR A 79 4.00 13.61 7.85
N ASP A 80 4.66 13.63 9.01
CA ASP A 80 5.84 14.47 9.21
C ASP A 80 7.00 13.96 8.35
N SER A 81 6.88 12.72 7.88
CA SER A 81 7.93 12.14 7.06
C SER A 81 8.14 12.94 5.78
N GLU A 82 7.11 13.70 5.38
CA GLU A 82 7.18 14.52 4.16
C GLU A 82 8.58 15.13 4.00
N GLU A 83 9.10 15.72 5.08
CA GLU A 83 10.43 16.34 5.05
C GLU A 83 11.52 15.27 4.97
N GLU A 84 11.38 14.21 5.76
CA GLU A 84 12.37 13.15 5.78
C GLU A 84 12.43 12.46 4.42
N ILE A 85 11.25 12.28 3.83
CA ILE A 85 11.17 11.67 2.52
C ILE A 85 11.80 12.62 1.49
N ARG A 86 11.88 13.91 1.82
CA ARG A 86 12.44 14.83 0.86
C ARG A 86 13.86 14.42 0.49
N GLU A 87 14.65 14.03 1.47
CA GLU A 87 16.02 13.61 1.20
C GLU A 87 16.00 12.35 0.33
N ALA A 88 15.01 11.49 0.55
CA ALA A 88 14.89 10.25 -0.21
C ALA A 88 14.60 10.51 -1.70
N PHE A 89 14.10 11.71 -2.03
CA PHE A 89 13.78 12.02 -3.41
C PHE A 89 15.00 11.85 -4.32
N ARG A 90 16.11 12.42 -3.88
CA ARG A 90 17.37 12.37 -4.60
C ARG A 90 17.95 10.94 -4.63
N VAL A 91 17.93 10.28 -3.47
CA VAL A 91 18.46 8.92 -3.39
C VAL A 91 17.58 7.98 -4.23
N PHE A 92 16.27 8.08 -4.03
CA PHE A 92 15.33 7.23 -4.77
C PHE A 92 15.39 7.54 -6.27
N ASP A 93 15.37 8.82 -6.61
CA ASP A 93 15.43 9.25 -8.01
C ASP A 93 16.65 10.14 -8.23
N LYS A 94 17.71 9.55 -8.77
CA LYS A 94 18.94 10.29 -9.03
C LYS A 94 18.68 11.33 -10.10
N ASP A 95 17.91 10.94 -11.10
CA ASP A 95 17.61 11.84 -12.20
C ASP A 95 16.77 13.03 -11.71
N GLY A 96 15.81 12.76 -10.83
CA GLY A 96 14.95 13.83 -10.31
C GLY A 96 14.03 14.37 -11.40
N ASN A 97 14.62 14.89 -12.47
CA ASN A 97 13.86 15.44 -13.58
C ASN A 97 13.01 14.35 -14.22
N GLY A 98 13.35 13.10 -13.93
CA GLY A 98 12.62 11.95 -14.48
C GLY A 98 11.87 11.24 -13.35
N TYR A 99 10.87 10.44 -13.74
CA TYR A 99 10.06 9.70 -12.77
C TYR A 99 10.30 8.20 -12.91
N ILE A 100 10.06 7.45 -11.84
CA ILE A 100 10.27 6.00 -11.87
C ILE A 100 8.96 5.27 -12.18
N SER A 101 8.95 4.54 -13.30
CA SER A 101 7.78 3.77 -13.71
C SER A 101 7.79 2.41 -13.03
N ALA A 102 6.70 1.66 -13.16
CA ALA A 102 6.60 0.34 -12.57
C ALA A 102 7.67 -0.58 -13.16
N ALA A 103 7.96 -0.42 -14.44
CA ALA A 103 8.95 -1.25 -15.12
C ALA A 103 10.31 -1.14 -14.44
N GLU A 104 10.77 0.09 -14.23
CA GLU A 104 12.06 0.31 -13.59
C GLU A 104 12.01 -0.09 -12.11
N LEU A 105 10.88 0.19 -11.45
CA LEU A 105 10.71 -0.14 -10.04
C LEU A 105 10.79 -1.65 -9.80
N ARG A 106 10.22 -2.39 -10.72
CA ARG A 106 10.17 -3.85 -10.65
C ARG A 106 11.58 -4.43 -10.50
N HIS A 107 12.52 -3.90 -11.26
CA HIS A 107 13.89 -4.37 -11.17
C HIS A 107 14.46 -4.10 -9.78
N VAL A 108 14.11 -2.94 -9.23
CA VAL A 108 14.58 -2.55 -7.91
C VAL A 108 14.08 -3.54 -6.86
N MET A 109 12.80 -3.88 -6.95
CA MET A 109 12.18 -4.81 -6.01
C MET A 109 12.82 -6.20 -6.15
N THR A 110 13.13 -6.60 -7.39
CA THR A 110 13.75 -7.90 -7.63
C THR A 110 15.09 -7.97 -6.90
N ASN A 111 15.82 -6.86 -6.92
CA ASN A 111 17.12 -6.78 -6.26
C ASN A 111 16.99 -7.01 -4.76
N LEU A 112 15.92 -6.49 -4.15
CA LEU A 112 15.72 -6.63 -2.72
C LEU A 112 15.58 -8.10 -2.34
N GLY A 113 14.82 -8.84 -3.15
CA GLY A 113 14.60 -10.25 -2.89
C GLY A 113 13.41 -10.79 -3.69
N GLU A 114 12.81 -11.85 -3.18
CA GLU A 114 11.67 -12.50 -3.83
C GLU A 114 10.61 -12.90 -2.80
N LYS A 115 10.62 -12.24 -1.64
CA LYS A 115 9.67 -12.55 -0.59
C LYS A 115 8.25 -12.28 -1.07
N LEU A 116 8.08 -11.14 -1.74
CA LEU A 116 6.78 -10.74 -2.26
C LEU A 116 6.69 -11.08 -3.75
N THR A 117 5.50 -10.99 -4.31
CA THR A 117 5.32 -11.29 -5.73
C THR A 117 6.01 -10.23 -6.60
N ASP A 118 6.24 -10.56 -7.87
CA ASP A 118 6.86 -9.63 -8.81
C ASP A 118 5.80 -8.82 -9.56
N GLU A 119 4.58 -9.36 -9.61
CA GLU A 119 3.49 -8.70 -10.33
C GLU A 119 2.72 -7.69 -9.45
N GLU A 120 2.77 -7.87 -8.13
CA GLU A 120 2.07 -6.98 -7.18
C GLU A 120 2.07 -5.52 -7.65
N VAL A 121 3.24 -4.91 -7.69
CA VAL A 121 3.35 -3.50 -8.08
C VAL A 121 2.95 -3.30 -9.54
N ASP A 122 3.25 -4.27 -10.39
CA ASP A 122 2.92 -4.14 -11.82
C ASP A 122 1.42 -4.00 -12.03
N GLU A 123 0.63 -4.85 -11.36
CA GLU A 123 -0.83 -4.80 -11.51
C GLU A 123 -1.47 -3.77 -10.56
N MET A 124 -0.96 -3.69 -9.33
CA MET A 124 -1.52 -2.75 -8.37
C MET A 124 -1.43 -1.35 -8.92
N ILE A 125 -0.25 -1.01 -9.43
CA ILE A 125 -0.04 0.30 -10.01
C ILE A 125 -0.83 0.44 -11.31
N ARG A 126 -1.25 -0.67 -11.91
CA ARG A 126 -1.97 -0.57 -13.17
C ARG A 126 -3.41 -0.14 -12.95
N GLU A 127 -4.11 -0.83 -12.07
CA GLU A 127 -5.51 -0.49 -11.85
C GLU A 127 -5.65 0.62 -10.81
N ALA A 128 -5.35 0.31 -9.57
CA ALA A 128 -5.47 1.28 -8.49
C ALA A 128 -5.04 2.68 -8.94
N ASP A 129 -4.24 2.75 -10.00
CA ASP A 129 -3.76 4.04 -10.51
C ASP A 129 -4.72 4.59 -11.56
N ILE A 130 -5.18 5.82 -11.33
CA ILE A 130 -6.11 6.46 -12.25
C ILE A 130 -5.41 6.74 -13.59
N ASP A 131 -4.12 7.01 -13.54
CA ASP A 131 -3.36 7.28 -14.76
C ASP A 131 -3.18 6.00 -15.57
N GLY A 132 -2.80 4.93 -14.89
CA GLY A 132 -2.59 3.65 -15.55
C GLY A 132 -1.24 3.61 -16.24
N ASP A 133 -0.53 4.74 -16.24
CA ASP A 133 0.79 4.80 -16.87
C ASP A 133 1.86 4.45 -15.85
N GLY A 134 1.46 4.35 -14.58
CA GLY A 134 2.39 4.00 -13.52
C GLY A 134 3.53 5.01 -13.45
N GLN A 135 3.63 5.68 -12.32
CA GLN A 135 4.68 6.68 -12.11
C GLN A 135 4.87 6.92 -10.61
N VAL A 136 6.13 7.08 -10.19
CA VAL A 136 6.47 7.32 -8.79
C VAL A 136 7.33 8.57 -8.66
N ASN A 137 6.96 9.44 -7.71
CA ASN A 137 7.70 10.69 -7.48
C ASN A 137 7.59 11.10 -6.01
N TYR A 138 8.29 12.17 -5.65
CA TYR A 138 8.27 12.66 -4.27
C TYR A 138 6.85 13.00 -3.81
N GLU A 139 6.15 13.81 -4.59
CA GLU A 139 4.80 14.22 -4.24
C GLU A 139 3.91 13.00 -4.02
N GLU A 140 4.15 11.94 -4.78
CA GLU A 140 3.35 10.73 -4.64
C GLU A 140 3.63 10.01 -3.32
N PHE A 141 4.90 9.98 -2.91
CA PHE A 141 5.27 9.29 -1.67
C PHE A 141 4.58 9.91 -0.45
N VAL A 142 4.58 11.23 -0.36
CA VAL A 142 3.96 11.91 0.77
C VAL A 142 2.50 11.51 0.87
N GLN A 143 1.79 11.52 -0.25
CA GLN A 143 0.38 11.17 -0.27
C GLN A 143 0.18 9.66 -0.12
N MET A 144 1.14 8.87 -0.61
CA MET A 144 1.04 7.43 -0.53
C MET A 144 0.96 6.96 0.93
N MET A 145 1.75 7.60 1.79
CA MET A 145 1.75 7.26 3.22
C MET A 145 1.02 8.33 4.03
N THR A 146 0.28 7.89 5.04
CA THR A 146 -0.48 8.80 5.90
C THR A 146 -0.97 8.06 7.13
N ALA A 147 -0.05 7.75 8.04
CA ALA A 147 -0.41 7.04 9.27
C ALA A 147 -1.39 7.86 10.10
N LYS A 148 -1.12 9.17 10.18
CA LYS A 148 -1.97 10.08 10.95
C LYS A 148 -2.20 11.37 10.15
N ALA A 1 -3.21 21.16 -11.88
CA ALA A 1 -3.95 19.87 -11.80
C ALA A 1 -4.09 19.45 -10.34
N ASP A 2 -5.30 19.01 -9.97
CA ASP A 2 -5.56 18.58 -8.59
C ASP A 2 -5.71 17.06 -8.54
N GLN A 3 -4.67 16.37 -8.09
CA GLN A 3 -4.71 14.92 -8.01
C GLN A 3 -5.51 14.49 -6.80
N LEU A 4 -5.86 15.46 -5.94
CA LEU A 4 -6.64 15.17 -4.75
C LEU A 4 -8.09 15.58 -4.95
N THR A 5 -8.99 14.61 -4.80
CA THR A 5 -10.42 14.85 -4.98
C THR A 5 -11.20 14.18 -3.85
N GLU A 6 -12.45 14.58 -3.67
CA GLU A 6 -13.29 14.01 -2.63
C GLU A 6 -13.46 12.51 -2.85
N GLU A 7 -13.46 12.09 -4.11
CA GLU A 7 -13.63 10.68 -4.44
C GLU A 7 -12.49 9.86 -3.84
N GLN A 8 -11.27 10.37 -3.96
CA GLN A 8 -10.11 9.66 -3.43
C GLN A 8 -10.16 9.60 -1.91
N ILE A 9 -10.56 10.71 -1.29
CA ILE A 9 -10.64 10.77 0.17
C ILE A 9 -11.69 9.80 0.71
N ALA A 10 -12.84 9.75 0.03
CA ALA A 10 -13.92 8.86 0.47
C ALA A 10 -13.47 7.40 0.46
N GLU A 11 -12.65 7.03 -0.52
CA GLU A 11 -12.18 5.65 -0.61
C GLU A 11 -11.51 5.21 0.69
N PHE A 12 -10.58 6.03 1.17
CA PHE A 12 -9.88 5.71 2.42
C PHE A 12 -10.85 5.68 3.60
N LYS A 13 -11.73 6.68 3.65
CA LYS A 13 -12.70 6.76 4.73
C LYS A 13 -13.63 5.55 4.71
N GLU A 14 -14.13 5.22 3.52
CA GLU A 14 -15.02 4.08 3.37
C GLU A 14 -14.28 2.76 3.59
N ALA A 15 -13.02 2.71 3.15
CA ALA A 15 -12.21 1.51 3.29
C ALA A 15 -11.98 1.14 4.76
N PHE A 16 -11.80 2.17 5.59
CA PHE A 16 -11.56 1.94 7.02
C PHE A 16 -12.72 1.17 7.63
N SER A 17 -13.94 1.58 7.32
CA SER A 17 -15.11 0.91 7.86
C SER A 17 -15.44 -0.35 7.05
N LEU A 18 -14.90 -0.43 5.83
CA LEU A 18 -15.14 -1.59 4.98
C LEU A 18 -14.57 -2.87 5.59
N PHE A 19 -13.36 -2.77 6.14
CA PHE A 19 -12.71 -3.93 6.73
C PHE A 19 -13.55 -4.55 7.84
N ASP A 20 -14.01 -3.72 8.76
CA ASP A 20 -14.83 -4.20 9.87
C ASP A 20 -16.23 -4.58 9.40
N LYS A 21 -16.59 -4.17 8.19
CA LYS A 21 -17.92 -4.47 7.66
C LYS A 21 -18.29 -5.93 7.92
N ASP A 22 -17.31 -6.81 7.90
CA ASP A 22 -17.54 -8.23 8.14
C ASP A 22 -18.29 -8.45 9.45
N GLY A 23 -17.86 -7.76 10.50
CA GLY A 23 -18.50 -7.89 11.81
C GLY A 23 -18.39 -6.59 12.61
N ASP A 24 -18.36 -6.72 13.93
CA ASP A 24 -18.26 -5.55 14.80
C ASP A 24 -16.88 -4.91 14.71
N GLY A 25 -15.85 -5.73 14.79
CA GLY A 25 -14.48 -5.25 14.68
C GLY A 25 -13.51 -6.41 14.48
N THR A 26 -12.98 -6.53 13.29
CA THR A 26 -12.04 -7.60 13.00
C THR A 26 -11.30 -7.37 11.69
N ILE A 27 -10.00 -7.66 11.68
CA ILE A 27 -9.19 -7.50 10.47
C ILE A 27 -8.59 -8.84 10.09
N THR A 28 -9.07 -9.42 8.98
CA THR A 28 -8.57 -10.73 8.52
C THR A 28 -8.21 -10.67 7.03
N THR A 29 -7.55 -11.71 6.56
CA THR A 29 -7.15 -11.77 5.15
C THR A 29 -8.38 -11.79 4.26
N LYS A 30 -9.47 -12.38 4.76
CA LYS A 30 -10.70 -12.43 3.99
C LYS A 30 -11.21 -11.01 3.71
N GLU A 31 -11.13 -10.16 4.73
CA GLU A 31 -11.58 -8.79 4.58
C GLU A 31 -10.68 -8.04 3.60
N LEU A 32 -9.37 -8.21 3.77
CA LEU A 32 -8.40 -7.55 2.90
C LEU A 32 -8.54 -8.07 1.47
N GLY A 33 -8.71 -9.38 1.34
CA GLY A 33 -8.87 -9.98 0.02
C GLY A 33 -9.98 -9.30 -0.75
N THR A 34 -10.92 -8.72 -0.02
CA THR A 34 -12.04 -8.03 -0.64
C THR A 34 -11.55 -6.82 -1.46
N VAL A 35 -10.64 -6.05 -0.87
CA VAL A 35 -10.11 -4.87 -1.55
C VAL A 35 -9.54 -5.24 -2.92
N MET A 36 -9.22 -6.52 -3.09
CA MET A 36 -8.65 -6.98 -4.35
C MET A 36 -9.46 -6.48 -5.52
N ARG A 37 -10.78 -6.37 -5.36
CA ARG A 37 -11.58 -5.93 -6.50
C ARG A 37 -11.23 -4.51 -6.93
N SER A 38 -11.12 -3.60 -5.95
CA SER A 38 -10.79 -2.21 -6.27
C SER A 38 -9.44 -2.14 -6.95
N LEU A 39 -8.55 -3.07 -6.59
CA LEU A 39 -7.22 -3.13 -7.15
C LEU A 39 -7.18 -4.13 -8.31
N GLY A 40 -8.33 -4.71 -8.62
CA GLY A 40 -8.44 -5.71 -9.68
C GLY A 40 -7.57 -6.93 -9.37
N GLN A 41 -6.27 -6.72 -9.40
CA GLN A 41 -5.31 -7.78 -9.11
C GLN A 41 -4.13 -7.18 -8.35
N ASN A 42 -4.01 -7.51 -7.07
CA ASN A 42 -2.93 -6.99 -6.24
C ASN A 42 -2.09 -8.10 -5.61
N PRO A 43 -1.25 -8.77 -6.37
CA PRO A 43 -0.40 -9.85 -5.83
C PRO A 43 0.08 -9.56 -4.42
N THR A 44 0.34 -8.30 -4.16
CA THR A 44 0.81 -7.86 -2.85
C THR A 44 0.12 -8.64 -1.74
N GLU A 45 -1.12 -9.03 -1.99
CA GLU A 45 -1.88 -9.80 -1.01
C GLU A 45 -1.61 -11.29 -1.17
N ALA A 46 -1.42 -11.73 -2.42
CA ALA A 46 -1.16 -13.13 -2.70
C ALA A 46 0.10 -13.60 -1.98
N GLU A 47 1.19 -12.87 -2.16
CA GLU A 47 2.45 -13.22 -1.52
C GLU A 47 2.34 -13.03 -0.02
N LEU A 48 1.82 -11.88 0.37
CA LEU A 48 1.67 -11.56 1.79
C LEU A 48 0.71 -12.53 2.46
N GLN A 49 -0.22 -13.07 1.69
CA GLN A 49 -1.21 -14.02 2.24
C GLN A 49 -0.55 -14.93 3.28
N ASP A 50 0.61 -15.48 2.93
CA ASP A 50 1.33 -16.35 3.85
C ASP A 50 1.94 -15.55 4.99
N MET A 51 2.50 -14.37 4.68
CA MET A 51 3.12 -13.53 5.71
C MET A 51 2.08 -13.09 6.74
N ILE A 52 0.90 -12.72 6.28
CA ILE A 52 -0.15 -12.25 7.18
C ILE A 52 -0.55 -13.33 8.19
N ASN A 53 -0.85 -14.53 7.68
CA ASN A 53 -1.23 -15.64 8.55
C ASN A 53 -0.07 -16.05 9.44
N GLU A 54 1.14 -16.05 8.90
CA GLU A 54 2.32 -16.44 9.67
C GLU A 54 2.46 -15.61 10.94
N VAL A 55 2.57 -14.30 10.78
CA VAL A 55 2.72 -13.41 11.93
C VAL A 55 1.42 -13.34 12.73
N ASP A 56 0.30 -13.42 12.02
CA ASP A 56 -1.01 -13.35 12.66
C ASP A 56 -1.43 -14.70 13.26
N ALA A 57 -0.70 -15.74 12.89
CA ALA A 57 -0.99 -17.09 13.38
C ALA A 57 -0.59 -17.23 14.84
N ASP A 58 -0.39 -16.08 15.49
CA ASP A 58 -0.02 -16.10 16.89
C ASP A 58 -1.19 -16.65 17.70
N GLY A 59 -2.40 -16.51 17.15
CA GLY A 59 -3.60 -17.00 17.81
C GLY A 59 -4.69 -17.31 16.78
N ASN A 60 -4.60 -16.64 15.63
CA ASN A 60 -5.56 -16.84 14.56
C ASN A 60 -5.23 -15.95 13.37
N GLY A 61 -5.58 -16.38 12.16
CA GLY A 61 -5.29 -15.57 10.98
C GLY A 61 -6.11 -14.28 11.00
N THR A 62 -6.36 -13.74 12.21
CA THR A 62 -7.11 -12.51 12.35
C THR A 62 -6.34 -11.56 13.27
N ILE A 63 -6.49 -10.25 13.03
CA ILE A 63 -5.80 -9.24 13.84
C ILE A 63 -6.81 -8.34 14.54
N ASP A 64 -6.59 -8.10 15.83
CA ASP A 64 -7.49 -7.28 16.63
C ASP A 64 -7.20 -5.79 16.39
N PHE A 65 -8.08 -4.93 16.87
CA PHE A 65 -7.92 -3.48 16.67
C PHE A 65 -6.69 -2.95 17.44
N PRO A 66 -6.56 -3.28 18.71
CA PRO A 66 -5.41 -2.80 19.53
C PRO A 66 -4.06 -3.12 18.86
N GLU A 67 -3.94 -4.34 18.35
CA GLU A 67 -2.72 -4.75 17.68
C GLU A 67 -2.58 -4.05 16.34
N PHE A 68 -3.71 -3.87 15.65
CA PHE A 68 -3.71 -3.22 14.34
C PHE A 68 -3.17 -1.79 14.44
N LEU A 69 -3.63 -1.05 15.42
CA LEU A 69 -3.21 0.33 15.60
C LEU A 69 -1.70 0.39 15.89
N THR A 70 -1.23 -0.48 16.76
CA THR A 70 0.19 -0.52 17.11
C THR A 70 1.01 -0.92 15.89
N MET A 71 0.55 -1.95 15.18
CA MET A 71 1.26 -2.42 13.98
C MET A 71 1.33 -1.35 12.92
N MET A 72 0.23 -0.62 12.73
CA MET A 72 0.20 0.44 11.72
C MET A 72 1.20 1.54 12.07
N ALA A 73 1.28 1.88 13.35
CA ALA A 73 2.20 2.92 13.80
C ALA A 73 3.63 2.54 13.50
N ARG A 74 3.94 1.25 13.60
CA ARG A 74 5.30 0.77 13.35
C ARG A 74 5.52 0.44 11.86
N LYS A 75 4.69 -0.43 11.29
CA LYS A 75 4.83 -0.81 9.88
C LYS A 75 4.61 0.39 8.98
N MET A 76 3.59 1.19 9.27
CA MET A 76 3.28 2.38 8.47
C MET A 76 3.63 3.65 9.24
N LYS A 77 4.34 4.56 8.59
CA LYS A 77 4.76 5.81 9.23
C LYS A 77 3.63 6.84 9.15
N ASP A 78 3.57 7.73 10.14
CA ASP A 78 2.55 8.76 10.18
C ASP A 78 2.58 9.58 8.90
N THR A 79 2.02 10.79 8.96
CA THR A 79 1.99 11.67 7.78
C THR A 79 3.15 12.65 7.81
N ASP A 80 3.97 12.55 8.86
CA ASP A 80 5.13 13.44 9.00
C ASP A 80 6.30 12.90 8.18
N SER A 81 6.06 11.80 7.48
CA SER A 81 7.10 11.18 6.65
C SER A 81 7.56 12.13 5.54
N GLU A 82 6.62 12.92 5.01
CA GLU A 82 6.94 13.87 3.94
C GLU A 82 8.31 14.50 4.17
N GLU A 83 8.70 14.63 5.43
CA GLU A 83 9.99 15.22 5.78
C GLU A 83 11.15 14.26 5.48
N GLU A 84 11.08 13.07 6.07
CA GLU A 84 12.11 12.05 5.86
C GLU A 84 12.12 11.63 4.41
N ILE A 85 10.93 11.51 3.83
CA ILE A 85 10.79 11.12 2.45
C ILE A 85 11.53 12.12 1.57
N ARG A 86 11.80 13.31 2.09
CA ARG A 86 12.48 14.30 1.27
C ARG A 86 13.81 13.74 0.78
N GLU A 87 14.56 13.10 1.66
CA GLU A 87 15.83 12.54 1.25
C GLU A 87 15.62 11.42 0.23
N ALA A 88 14.50 10.70 0.38
CA ALA A 88 14.19 9.58 -0.52
C ALA A 88 13.99 10.05 -1.97
N PHE A 89 13.56 11.30 -2.15
CA PHE A 89 13.33 11.83 -3.50
C PHE A 89 14.59 11.69 -4.35
N ARG A 90 15.70 12.08 -3.75
CA ARG A 90 17.01 12.05 -4.39
C ARG A 90 17.57 10.62 -4.50
N VAL A 91 17.58 9.88 -3.39
CA VAL A 91 18.07 8.50 -3.40
C VAL A 91 17.19 7.63 -4.29
N PHE A 92 15.87 7.74 -4.10
CA PHE A 92 14.93 6.96 -4.87
C PHE A 92 15.02 7.34 -6.35
N ASP A 93 15.05 8.65 -6.62
CA ASP A 93 15.14 9.16 -7.99
C ASP A 93 16.31 10.14 -8.13
N LYS A 94 17.39 9.69 -8.76
CA LYS A 94 18.56 10.53 -8.96
C LYS A 94 18.27 11.65 -9.94
N ASP A 95 17.55 11.31 -11.00
CA ASP A 95 17.23 12.29 -12.03
C ASP A 95 16.42 13.45 -11.44
N GLY A 96 15.41 13.11 -10.65
CA GLY A 96 14.58 14.13 -10.04
C GLY A 96 13.64 14.77 -11.06
N ASN A 97 14.18 15.04 -12.25
CA ASN A 97 13.39 15.64 -13.32
C ASN A 97 12.56 14.57 -14.01
N GLY A 98 12.88 13.30 -13.74
CA GLY A 98 12.16 12.19 -14.35
C GLY A 98 11.37 11.44 -13.28
N TYR A 99 10.38 10.66 -13.72
CA TYR A 99 9.53 9.90 -12.79
C TYR A 99 9.76 8.40 -12.97
N ILE A 100 9.59 7.65 -11.88
CA ILE A 100 9.80 6.19 -11.94
C ILE A 100 8.47 5.46 -12.14
N SER A 101 8.35 4.76 -13.28
CA SER A 101 7.14 4.00 -13.58
C SER A 101 7.21 2.63 -12.94
N ALA A 102 6.10 1.90 -12.98
CA ALA A 102 6.04 0.56 -12.39
C ALA A 102 7.02 -0.39 -13.09
N ALA A 103 7.16 -0.24 -14.40
CA ALA A 103 8.05 -1.10 -15.16
C ALA A 103 9.49 -0.98 -14.63
N GLU A 104 9.93 0.25 -14.43
CA GLU A 104 11.29 0.50 -13.94
C GLU A 104 11.44 0.07 -12.47
N LEU A 105 10.38 0.25 -11.69
CA LEU A 105 10.39 -0.12 -10.27
C LEU A 105 10.59 -1.62 -10.09
N ARG A 106 9.95 -2.36 -10.97
CA ARG A 106 10.00 -3.83 -10.99
C ARG A 106 11.46 -4.31 -11.01
N HIS A 107 12.27 -3.70 -11.85
CA HIS A 107 13.68 -4.07 -11.93
C HIS A 107 14.38 -3.83 -10.59
N VAL A 108 14.11 -2.67 -10.00
CA VAL A 108 14.70 -2.33 -8.71
C VAL A 108 14.22 -3.29 -7.62
N MET A 109 12.92 -3.57 -7.63
CA MET A 109 12.32 -4.47 -6.67
C MET A 109 12.86 -5.88 -6.85
N THR A 110 13.09 -6.27 -8.09
CA THR A 110 13.60 -7.61 -8.40
C THR A 110 14.98 -7.80 -7.76
N ASN A 111 15.85 -6.82 -7.91
CA ASN A 111 17.20 -6.91 -7.36
C ASN A 111 17.17 -6.89 -5.83
N LEU A 112 16.11 -6.32 -5.26
CA LEU A 112 15.99 -6.24 -3.81
C LEU A 112 15.95 -7.63 -3.19
N GLY A 113 15.16 -8.51 -3.79
CA GLY A 113 15.03 -9.88 -3.28
C GLY A 113 13.81 -10.57 -3.87
N GLU A 114 13.21 -11.47 -3.09
CA GLU A 114 12.03 -12.23 -3.53
C GLU A 114 11.02 -12.39 -2.40
N LYS A 115 11.05 -11.46 -1.44
CA LYS A 115 10.14 -11.52 -0.29
C LYS A 115 8.69 -11.34 -0.74
N LEU A 116 8.48 -10.35 -1.61
CA LEU A 116 7.14 -10.05 -2.12
C LEU A 116 7.08 -10.36 -3.62
N THR A 117 5.87 -10.32 -4.18
CA THR A 117 5.70 -10.59 -5.61
C THR A 117 6.28 -9.46 -6.45
N ASP A 118 6.53 -9.74 -7.73
CA ASP A 118 7.07 -8.75 -8.65
C ASP A 118 5.95 -8.00 -9.37
N GLU A 119 4.79 -8.65 -9.46
CA GLU A 119 3.64 -8.06 -10.17
C GLU A 119 2.77 -7.19 -9.25
N GLU A 120 2.87 -7.38 -7.94
CA GLU A 120 2.10 -6.58 -6.99
C GLU A 120 1.91 -5.12 -7.44
N VAL A 121 3.00 -4.37 -7.47
CA VAL A 121 2.95 -2.96 -7.84
C VAL A 121 2.49 -2.76 -9.28
N ASP A 122 2.89 -3.67 -10.16
CA ASP A 122 2.53 -3.56 -11.58
C ASP A 122 1.01 -3.51 -11.77
N GLU A 123 0.34 -4.61 -11.47
CA GLU A 123 -1.12 -4.69 -11.65
C GLU A 123 -1.87 -3.71 -10.74
N MET A 124 -1.46 -3.61 -9.48
CA MET A 124 -2.14 -2.72 -8.55
C MET A 124 -2.10 -1.30 -9.10
N ILE A 125 -0.92 -0.86 -9.51
CA ILE A 125 -0.78 0.47 -10.07
C ILE A 125 -1.51 0.57 -11.39
N ARG A 126 -1.72 -0.55 -12.08
CA ARG A 126 -2.39 -0.48 -13.37
C ARG A 126 -3.88 -0.30 -13.22
N GLU A 127 -4.51 -1.08 -12.34
CA GLU A 127 -5.95 -0.97 -12.17
C GLU A 127 -6.33 0.12 -11.18
N ALA A 128 -6.00 -0.09 -9.92
CA ALA A 128 -6.31 0.89 -8.88
C ALA A 128 -6.14 2.33 -9.39
N ASP A 129 -5.16 2.54 -10.28
CA ASP A 129 -4.92 3.87 -10.82
C ASP A 129 -5.65 4.06 -12.16
N ILE A 130 -6.09 5.29 -12.42
CA ILE A 130 -6.80 5.60 -13.65
C ILE A 130 -5.82 6.01 -14.74
N ASP A 131 -4.60 6.36 -14.35
CA ASP A 131 -3.59 6.79 -15.30
C ASP A 131 -3.20 5.63 -16.21
N GLY A 132 -3.01 4.46 -15.61
CA GLY A 132 -2.63 3.26 -16.35
C GLY A 132 -1.18 3.35 -16.81
N ASP A 133 -0.58 4.52 -16.67
CA ASP A 133 0.81 4.72 -17.07
C ASP A 133 1.74 4.40 -15.90
N GLY A 134 1.19 4.40 -14.69
CA GLY A 134 1.99 4.10 -13.50
C GLY A 134 3.20 5.03 -13.41
N GLN A 135 3.13 5.99 -12.49
CA GLN A 135 4.23 6.92 -12.28
C GLN A 135 4.43 7.18 -10.79
N VAL A 136 5.68 7.16 -10.33
CA VAL A 136 6.00 7.40 -8.92
C VAL A 136 6.85 8.65 -8.77
N ASN A 137 6.45 9.52 -7.83
CA ASN A 137 7.16 10.78 -7.58
C ASN A 137 7.18 11.10 -6.09
N TYR A 138 7.88 12.16 -5.74
CA TYR A 138 7.98 12.59 -4.35
C TYR A 138 6.59 12.87 -3.76
N GLU A 139 5.77 13.58 -4.51
CA GLU A 139 4.43 13.92 -4.03
C GLU A 139 3.57 12.69 -3.84
N GLU A 140 3.73 11.69 -4.71
CA GLU A 140 2.94 10.47 -4.60
C GLU A 140 3.32 9.68 -3.35
N PHE A 141 4.59 9.73 -2.96
CA PHE A 141 5.04 9.01 -1.77
C PHE A 141 4.35 9.51 -0.50
N VAL A 142 4.17 10.82 -0.39
CA VAL A 142 3.54 11.39 0.78
C VAL A 142 2.14 10.79 0.99
N GLN A 143 1.37 10.70 -0.09
CA GLN A 143 0.01 10.14 0.00
C GLN A 143 0.04 8.62 -0.06
N MET A 144 1.17 8.06 -0.50
CA MET A 144 1.30 6.61 -0.61
C MET A 144 1.12 5.95 0.75
N MET A 145 1.70 6.54 1.80
CA MET A 145 1.60 5.99 3.15
C MET A 145 0.90 6.98 4.09
N THR A 146 0.06 6.45 4.98
CA THR A 146 -0.67 7.29 5.93
C THR A 146 -1.14 6.48 7.14
N ALA A 147 -0.26 6.32 8.12
CA ALA A 147 -0.61 5.57 9.32
C ALA A 147 -1.62 6.32 10.17
N LYS A 148 -1.43 7.64 10.29
CA LYS A 148 -2.33 8.47 11.09
C LYS A 148 -2.80 9.68 10.29
N ALA A 1 -0.39 24.44 0.57
CA ALA A 1 -0.79 24.12 -0.82
C ALA A 1 -0.82 22.60 -1.02
N ASP A 2 -1.79 21.94 -0.38
CA ASP A 2 -1.92 20.50 -0.49
C ASP A 2 -2.64 20.12 -1.77
N GLN A 3 -1.93 19.43 -2.66
CA GLN A 3 -2.51 19.00 -3.92
C GLN A 3 -3.32 17.73 -3.73
N LEU A 4 -3.30 17.18 -2.52
CA LEU A 4 -4.05 15.97 -2.24
C LEU A 4 -5.49 16.30 -1.88
N THR A 5 -6.43 15.73 -2.63
CA THR A 5 -7.85 15.99 -2.38
C THR A 5 -8.33 15.15 -1.20
N GLU A 6 -9.40 15.60 -0.56
CA GLU A 6 -9.96 14.89 0.58
C GLU A 6 -10.74 13.66 0.10
N GLU A 7 -11.18 13.71 -1.15
CA GLU A 7 -11.96 12.60 -1.70
C GLU A 7 -11.13 11.33 -1.72
N GLN A 8 -9.88 11.44 -2.14
CA GLN A 8 -8.99 10.28 -2.21
C GLN A 8 -8.74 9.70 -0.82
N ILE A 9 -8.52 10.58 0.15
CA ILE A 9 -8.27 10.14 1.52
C ILE A 9 -9.49 9.43 2.09
N ALA A 10 -10.67 9.99 1.85
CA ALA A 10 -11.90 9.40 2.37
C ALA A 10 -12.01 7.93 1.98
N GLU A 11 -11.64 7.62 0.75
CA GLU A 11 -11.71 6.25 0.27
C GLU A 11 -11.18 5.28 1.33
N PHE A 12 -10.01 5.60 1.87
CA PHE A 12 -9.40 4.75 2.89
C PHE A 12 -10.25 4.76 4.16
N LYS A 13 -10.78 5.92 4.52
CA LYS A 13 -11.62 6.04 5.71
C LYS A 13 -12.90 5.25 5.57
N GLU A 14 -13.58 5.41 4.44
CA GLU A 14 -14.84 4.71 4.20
C GLU A 14 -14.61 3.21 4.14
N ALA A 15 -13.45 2.82 3.62
CA ALA A 15 -13.12 1.40 3.51
C ALA A 15 -13.21 0.72 4.87
N PHE A 16 -13.16 1.52 5.94
CA PHE A 16 -13.23 0.98 7.29
C PHE A 16 -14.51 0.17 7.49
N SER A 17 -15.63 0.75 7.11
CA SER A 17 -16.91 0.07 7.26
C SER A 17 -16.93 -1.22 6.44
N LEU A 18 -16.38 -1.16 5.25
CA LEU A 18 -16.34 -2.33 4.37
C LEU A 18 -15.53 -3.45 5.00
N PHE A 19 -14.38 -3.10 5.59
CA PHE A 19 -13.53 -4.11 6.19
C PHE A 19 -14.27 -4.86 7.30
N ASP A 20 -14.90 -4.12 8.20
CA ASP A 20 -15.63 -4.74 9.29
C ASP A 20 -16.96 -5.32 8.83
N LYS A 21 -17.41 -4.92 7.65
CA LYS A 21 -18.69 -5.43 7.14
C LYS A 21 -18.81 -6.92 7.36
N ASP A 22 -17.69 -7.62 7.30
CA ASP A 22 -17.70 -9.07 7.50
C ASP A 22 -18.40 -9.43 8.81
N GLY A 23 -18.09 -8.67 9.87
CA GLY A 23 -18.69 -8.91 11.19
C GLY A 23 -18.90 -7.60 11.94
N ASP A 24 -18.92 -7.65 13.26
CA ASP A 24 -19.11 -6.46 14.07
C ASP A 24 -17.84 -5.60 14.08
N GLY A 25 -16.70 -6.25 14.31
CA GLY A 25 -15.42 -5.55 14.31
C GLY A 25 -14.27 -6.55 14.29
N THR A 26 -13.60 -6.66 13.13
CA THR A 26 -12.49 -7.58 13.03
C THR A 26 -11.68 -7.31 11.76
N ILE A 27 -10.37 -7.60 11.82
CA ILE A 27 -9.49 -7.43 10.65
C ILE A 27 -8.89 -8.76 10.26
N THR A 28 -9.33 -9.30 9.12
CA THR A 28 -8.82 -10.59 8.64
C THR A 28 -8.42 -10.48 7.18
N THR A 29 -7.74 -11.52 6.69
CA THR A 29 -7.29 -11.54 5.31
C THR A 29 -8.50 -11.52 4.36
N LYS A 30 -9.61 -12.07 4.82
CA LYS A 30 -10.82 -12.12 4.02
C LYS A 30 -11.30 -10.70 3.71
N GLU A 31 -11.22 -9.84 4.71
CA GLU A 31 -11.65 -8.45 4.55
C GLU A 31 -10.71 -7.74 3.57
N LEU A 32 -9.40 -7.94 3.78
CA LEU A 32 -8.41 -7.31 2.92
C LEU A 32 -8.50 -7.87 1.50
N GLY A 33 -8.63 -9.18 1.40
CA GLY A 33 -8.72 -9.84 0.10
C GLY A 33 -9.77 -9.17 -0.78
N THR A 34 -10.71 -8.47 -0.13
CA THR A 34 -11.76 -7.78 -0.86
C THR A 34 -11.17 -6.62 -1.67
N VAL A 35 -10.08 -6.05 -1.17
CA VAL A 35 -9.43 -4.93 -1.84
C VAL A 35 -8.94 -5.38 -3.20
N MET A 36 -8.73 -6.67 -3.35
CA MET A 36 -8.25 -7.19 -4.60
C MET A 36 -9.18 -6.78 -5.71
N ARG A 37 -10.49 -6.75 -5.46
CA ARG A 37 -11.36 -6.38 -6.54
C ARG A 37 -11.06 -4.96 -6.98
N SER A 38 -10.90 -4.05 -6.02
CA SER A 38 -10.64 -2.67 -6.36
C SER A 38 -9.35 -2.53 -7.18
N LEU A 39 -8.34 -3.33 -6.82
CA LEU A 39 -7.05 -3.29 -7.50
C LEU A 39 -7.00 -4.35 -8.60
N GLY A 40 -8.12 -5.01 -8.81
CA GLY A 40 -8.23 -6.06 -9.82
C GLY A 40 -7.38 -7.27 -9.42
N GLN A 41 -6.07 -7.07 -9.44
CA GLN A 41 -5.12 -8.12 -9.09
C GLN A 41 -3.89 -7.50 -8.44
N ASN A 42 -3.79 -7.64 -7.12
CA ASN A 42 -2.68 -7.07 -6.36
C ASN A 42 -1.93 -8.14 -5.58
N PRO A 43 -1.11 -8.94 -6.23
CA PRO A 43 -0.33 -10.01 -5.56
C PRO A 43 0.16 -9.60 -4.18
N THR A 44 0.38 -8.31 -4.02
CA THR A 44 0.88 -7.76 -2.76
C THR A 44 0.23 -8.48 -1.57
N GLU A 45 -1.01 -8.91 -1.77
CA GLU A 45 -1.74 -9.62 -0.73
C GLU A 45 -1.47 -11.12 -0.84
N ALA A 46 -1.34 -11.60 -2.06
CA ALA A 46 -1.09 -13.01 -2.28
C ALA A 46 0.15 -13.46 -1.52
N GLU A 47 1.24 -12.71 -1.67
CA GLU A 47 2.48 -13.06 -0.99
C GLU A 47 2.33 -12.82 0.51
N LEU A 48 1.84 -11.64 0.86
CA LEU A 48 1.67 -11.29 2.26
C LEU A 48 0.67 -12.22 2.94
N GLN A 49 -0.16 -12.86 2.14
CA GLN A 49 -1.16 -13.78 2.69
C GLN A 49 -0.52 -14.70 3.72
N ASP A 50 0.62 -15.27 3.38
CA ASP A 50 1.33 -16.15 4.29
C ASP A 50 1.92 -15.37 5.46
N MET A 51 2.43 -14.18 5.15
CA MET A 51 3.04 -13.34 6.17
C MET A 51 2.02 -12.94 7.22
N ILE A 52 0.81 -12.58 6.78
CA ILE A 52 -0.24 -12.15 7.68
C ILE A 52 -0.65 -13.30 8.61
N ASN A 53 -0.84 -14.48 8.04
CA ASN A 53 -1.22 -15.64 8.82
C ASN A 53 -0.13 -16.01 9.82
N GLU A 54 1.13 -15.95 9.38
CA GLU A 54 2.25 -16.31 10.25
C GLU A 54 2.29 -15.43 11.49
N VAL A 55 2.41 -14.12 11.29
CA VAL A 55 2.47 -13.19 12.41
C VAL A 55 1.14 -13.17 13.17
N ASP A 56 0.05 -13.39 12.45
CA ASP A 56 -1.29 -13.38 13.03
C ASP A 56 -1.68 -14.77 13.59
N ALA A 57 -0.91 -15.78 13.23
CA ALA A 57 -1.17 -17.14 13.67
C ALA A 57 -0.85 -17.29 15.15
N ASP A 58 -0.67 -16.17 15.83
CA ASP A 58 -0.40 -16.20 17.25
C ASP A 58 -1.60 -16.78 17.98
N GLY A 59 -2.80 -16.50 17.45
CA GLY A 59 -4.03 -17.01 18.07
C GLY A 59 -5.08 -17.27 17.00
N ASN A 60 -4.97 -16.54 15.89
CA ASN A 60 -5.91 -16.68 14.78
C ASN A 60 -5.52 -15.76 13.64
N GLY A 61 -5.79 -16.18 12.40
CA GLY A 61 -5.48 -15.37 11.23
C GLY A 61 -6.29 -14.08 11.22
N THR A 62 -6.56 -13.54 12.42
CA THR A 62 -7.32 -12.30 12.54
C THR A 62 -6.57 -11.32 13.44
N ILE A 63 -6.78 -10.02 13.20
CA ILE A 63 -6.12 -8.98 13.97
C ILE A 63 -7.17 -8.12 14.67
N ASP A 64 -6.93 -7.86 15.95
CA ASP A 64 -7.84 -7.05 16.74
C ASP A 64 -7.66 -5.57 16.40
N PHE A 65 -8.02 -4.69 17.34
CA PHE A 65 -7.90 -3.25 17.12
C PHE A 65 -6.59 -2.70 17.72
N PRO A 66 -6.28 -3.06 18.93
CA PRO A 66 -5.03 -2.57 19.61
C PRO A 66 -3.78 -2.90 18.78
N GLU A 67 -3.81 -4.04 18.11
CA GLU A 67 -2.68 -4.47 17.28
C GLU A 67 -2.75 -3.84 15.90
N PHE A 68 -3.97 -3.56 15.46
CA PHE A 68 -4.18 -2.97 14.14
C PHE A 68 -3.45 -1.62 14.04
N LEU A 69 -3.62 -0.79 15.06
CA LEU A 69 -2.98 0.52 15.07
C LEU A 69 -1.46 0.39 15.08
N THR A 70 -0.95 -0.52 15.90
CA THR A 70 0.49 -0.74 16.00
C THR A 70 1.03 -1.24 14.66
N MET A 71 0.33 -2.21 14.07
CA MET A 71 0.75 -2.76 12.79
C MET A 71 0.74 -1.70 11.71
N MET A 72 -0.31 -0.89 11.67
CA MET A 72 -0.42 0.16 10.67
C MET A 72 0.69 1.19 10.84
N ALA A 73 0.97 1.55 12.09
CA ALA A 73 2.02 2.53 12.36
C ALA A 73 3.37 2.04 11.84
N ARG A 74 3.70 0.79 12.19
CA ARG A 74 4.98 0.23 11.77
C ARG A 74 5.00 -0.07 10.27
N LYS A 75 3.98 -0.75 9.79
CA LYS A 75 3.89 -1.08 8.38
C LYS A 75 3.76 0.19 7.55
N MET A 76 2.92 1.13 8.04
CA MET A 76 2.72 2.38 7.33
C MET A 76 3.10 3.56 8.23
N LYS A 77 3.95 4.43 7.70
CA LYS A 77 4.40 5.60 8.44
C LYS A 77 3.38 6.73 8.33
N ASP A 78 3.36 7.59 9.33
CA ASP A 78 2.43 8.72 9.34
C ASP A 78 2.55 9.51 8.04
N THR A 79 1.76 10.56 7.93
CA THR A 79 1.78 11.40 6.74
C THR A 79 2.94 12.40 6.79
N ASP A 80 3.58 12.47 7.95
CA ASP A 80 4.72 13.40 8.12
C ASP A 80 5.88 12.97 7.24
N SER A 81 5.88 11.70 6.85
CA SER A 81 6.95 11.18 6.00
C SER A 81 7.15 12.07 4.78
N GLU A 82 6.06 12.68 4.32
CA GLU A 82 6.12 13.58 3.16
C GLU A 82 7.42 14.40 3.19
N GLU A 83 7.73 14.96 4.35
CA GLU A 83 8.93 15.77 4.50
C GLU A 83 10.19 14.92 4.39
N GLU A 84 10.21 13.79 5.09
CA GLU A 84 11.37 12.90 5.06
C GLU A 84 11.58 12.32 3.69
N ILE A 85 10.51 11.79 3.11
CA ILE A 85 10.58 11.23 1.79
C ILE A 85 11.10 12.28 0.85
N ARG A 86 10.96 13.54 1.23
CA ARG A 86 11.42 14.59 0.34
C ARG A 86 12.88 14.40 0.03
N GLU A 87 13.67 14.11 1.05
CA GLU A 87 15.10 13.93 0.85
C GLU A 87 15.36 12.68 0.01
N ALA A 88 14.43 11.74 0.07
CA ALA A 88 14.56 10.49 -0.67
C ALA A 88 14.17 10.65 -2.15
N PHE A 89 13.50 11.75 -2.48
CA PHE A 89 13.06 11.98 -3.86
C PHE A 89 14.23 11.93 -4.82
N ARG A 90 15.26 12.68 -4.50
CA ARG A 90 16.46 12.77 -5.32
C ARG A 90 17.16 11.42 -5.42
N VAL A 91 17.29 10.73 -4.28
CA VAL A 91 17.95 9.43 -4.28
C VAL A 91 17.11 8.42 -5.06
N PHE A 92 15.81 8.42 -4.80
CA PHE A 92 14.90 7.49 -5.48
C PHE A 92 14.89 7.76 -6.99
N ASP A 93 14.77 9.04 -7.36
CA ASP A 93 14.75 9.43 -8.77
C ASP A 93 15.90 10.39 -9.06
N LYS A 94 16.92 9.89 -9.76
CA LYS A 94 18.07 10.71 -10.10
C LYS A 94 17.68 11.78 -11.10
N ASP A 95 16.91 11.38 -12.11
CA ASP A 95 16.49 12.32 -13.14
C ASP A 95 15.64 13.44 -12.54
N GLY A 96 14.71 13.05 -11.67
CA GLY A 96 13.84 14.02 -11.03
C GLY A 96 12.82 14.57 -12.02
N ASN A 97 13.30 14.96 -13.20
CA ASN A 97 12.43 15.50 -14.24
C ASN A 97 11.62 14.38 -14.89
N GLY A 98 12.04 13.14 -14.64
CA GLY A 98 11.36 11.97 -15.19
C GLY A 98 10.68 11.17 -14.09
N TYR A 99 9.74 10.31 -14.47
CA TYR A 99 9.00 9.51 -13.50
C TYR A 99 9.37 8.04 -13.67
N ILE A 100 9.43 7.32 -12.55
CA ILE A 100 9.79 5.90 -12.59
C ILE A 100 8.64 5.06 -13.13
N SER A 101 8.95 4.22 -14.11
CA SER A 101 7.94 3.34 -14.71
C SER A 101 7.77 2.09 -13.86
N ALA A 102 6.73 1.32 -14.16
CA ALA A 102 6.48 0.09 -13.42
C ALA A 102 7.61 -0.92 -13.61
N ALA A 103 8.09 -1.02 -14.85
CA ALA A 103 9.18 -1.95 -15.16
C ALA A 103 10.46 -1.55 -14.43
N GLU A 104 10.74 -0.25 -14.40
CA GLU A 104 11.93 0.26 -13.72
C GLU A 104 11.83 0.05 -12.21
N LEU A 105 10.63 0.23 -11.67
CA LEU A 105 10.42 0.08 -10.23
C LEU A 105 10.77 -1.32 -9.78
N ARG A 106 10.36 -2.29 -10.57
CA ARG A 106 10.61 -3.69 -10.27
C ARG A 106 12.09 -3.95 -10.04
N HIS A 107 12.93 -3.32 -10.86
CA HIS A 107 14.36 -3.49 -10.72
C HIS A 107 14.81 -3.06 -9.33
N VAL A 108 14.26 -1.94 -8.86
CA VAL A 108 14.61 -1.41 -7.54
C VAL A 108 14.17 -2.38 -6.44
N MET A 109 12.96 -2.91 -6.56
CA MET A 109 12.42 -3.85 -5.58
C MET A 109 13.25 -5.13 -5.55
N THR A 110 13.73 -5.53 -6.73
CA THR A 110 14.54 -6.74 -6.83
C THR A 110 15.80 -6.63 -6.00
N ASN A 111 16.43 -5.45 -6.04
CA ASN A 111 17.66 -5.22 -5.28
C ASN A 111 17.41 -5.40 -3.79
N LEU A 112 16.25 -4.94 -3.32
CA LEU A 112 15.92 -5.06 -1.90
C LEU A 112 15.88 -6.52 -1.49
N GLY A 113 15.25 -7.35 -2.31
CA GLY A 113 15.13 -8.78 -2.00
C GLY A 113 13.96 -9.40 -2.75
N GLU A 114 13.29 -10.34 -2.10
CA GLU A 114 12.14 -11.02 -2.70
C GLU A 114 11.09 -11.34 -1.65
N LYS A 115 11.00 -10.49 -0.63
CA LYS A 115 10.03 -10.69 0.43
C LYS A 115 8.61 -10.60 -0.12
N LEU A 116 8.39 -9.65 -1.03
CA LEU A 116 7.07 -9.45 -1.64
C LEU A 116 7.08 -9.98 -3.07
N THR A 117 5.90 -10.14 -3.65
CA THR A 117 5.80 -10.64 -5.01
C THR A 117 6.42 -9.65 -6.00
N ASP A 118 6.74 -10.13 -7.20
CA ASP A 118 7.31 -9.29 -8.24
C ASP A 118 6.21 -8.69 -9.13
N GLU A 119 5.03 -9.32 -9.10
CA GLU A 119 3.90 -8.87 -9.93
C GLU A 119 3.03 -7.83 -9.19
N GLU A 120 3.02 -7.86 -7.85
CA GLU A 120 2.21 -6.94 -7.06
C GLU A 120 2.09 -5.55 -7.70
N VAL A 121 3.20 -4.85 -7.81
CA VAL A 121 3.19 -3.51 -8.38
C VAL A 121 2.90 -3.54 -9.88
N ASP A 122 3.24 -4.65 -10.54
CA ASP A 122 3.03 -4.75 -11.98
C ASP A 122 1.54 -4.68 -12.34
N GLU A 123 0.70 -5.40 -11.58
CA GLU A 123 -0.74 -5.43 -11.86
C GLU A 123 -1.48 -4.30 -11.14
N MET A 124 -1.10 -4.04 -9.89
CA MET A 124 -1.76 -2.99 -9.13
C MET A 124 -1.59 -1.65 -9.83
N ILE A 125 -0.39 -1.41 -10.32
CA ILE A 125 -0.13 -0.17 -11.02
C ILE A 125 -0.85 -0.20 -12.35
N ARG A 126 -1.29 -1.39 -12.78
CA ARG A 126 -1.95 -1.46 -14.07
C ARG A 126 -3.43 -1.20 -13.95
N GLU A 127 -4.15 -2.10 -13.29
CA GLU A 127 -5.58 -1.94 -13.21
C GLU A 127 -5.98 -0.78 -12.32
N ALA A 128 -5.74 -0.93 -11.02
CA ALA A 128 -6.10 0.11 -10.07
C ALA A 128 -5.87 1.51 -10.63
N ASP A 129 -4.77 1.68 -11.36
CA ASP A 129 -4.44 2.97 -11.96
C ASP A 129 -5.08 3.11 -13.32
N ILE A 130 -5.86 4.17 -13.49
CA ILE A 130 -6.53 4.42 -14.75
C ILE A 130 -5.53 4.88 -15.81
N ASP A 131 -4.34 5.27 -15.37
CA ASP A 131 -3.31 5.72 -16.30
C ASP A 131 -2.85 4.57 -17.18
N GLY A 132 -2.62 3.41 -16.57
CA GLY A 132 -2.18 2.24 -17.32
C GLY A 132 -0.74 2.40 -17.78
N ASP A 133 -0.21 3.61 -17.68
CA ASP A 133 1.15 3.90 -18.10
C ASP A 133 2.11 3.66 -16.95
N GLY A 134 1.56 3.59 -15.74
CA GLY A 134 2.38 3.36 -14.55
C GLY A 134 3.45 4.42 -14.40
N GLN A 135 3.41 5.14 -13.28
CA GLN A 135 4.37 6.19 -13.01
C GLN A 135 4.40 6.50 -11.52
N VAL A 136 5.62 6.68 -10.97
CA VAL A 136 5.79 7.00 -9.55
C VAL A 136 6.61 8.27 -9.41
N ASN A 137 6.13 9.16 -8.53
CA ASN A 137 6.82 10.43 -8.26
C ASN A 137 6.59 10.86 -6.82
N TYR A 138 7.46 11.73 -6.32
CA TYR A 138 7.35 12.24 -4.96
C TYR A 138 5.90 12.51 -4.59
N GLU A 139 5.12 12.97 -5.55
CA GLU A 139 3.72 13.28 -5.31
C GLU A 139 2.92 12.02 -4.97
N GLU A 140 3.19 10.94 -5.69
CA GLU A 140 2.48 9.68 -5.46
C GLU A 140 2.92 9.03 -4.15
N PHE A 141 4.17 9.25 -3.77
CA PHE A 141 4.70 8.66 -2.54
C PHE A 141 3.89 9.09 -1.32
N VAL A 142 3.57 10.37 -1.23
CA VAL A 142 2.81 10.86 -0.09
C VAL A 142 1.46 10.19 -0.01
N GLN A 143 0.75 10.13 -1.13
CA GLN A 143 -0.57 9.50 -1.16
C GLN A 143 -0.45 8.00 -1.01
N MET A 144 0.64 7.43 -1.51
CA MET A 144 0.83 5.99 -1.43
C MET A 144 0.77 5.50 0.02
N MET A 145 1.49 6.20 0.90
CA MET A 145 1.51 5.84 2.32
C MET A 145 0.69 6.82 3.14
N THR A 146 -0.14 6.29 4.03
CA THR A 146 -0.98 7.13 4.88
C THR A 146 -1.45 6.35 6.10
N ALA A 147 -0.59 6.26 7.11
CA ALA A 147 -0.93 5.53 8.33
C ALA A 147 -2.08 6.23 9.07
N LYS A 148 -2.02 7.57 9.10
CA LYS A 148 -3.04 8.37 9.77
C LYS A 148 -3.34 9.64 8.98
N ALA A 1 -5.71 19.79 -14.25
CA ALA A 1 -6.51 18.80 -13.48
C ALA A 1 -5.82 18.53 -12.14
N ASP A 2 -6.62 18.33 -11.10
CA ASP A 2 -6.10 18.05 -9.77
C ASP A 2 -5.86 16.56 -9.58
N GLN A 3 -4.59 16.17 -9.44
CA GLN A 3 -4.25 14.77 -9.24
C GLN A 3 -4.43 14.37 -7.78
N LEU A 4 -4.52 15.37 -6.90
CA LEU A 4 -4.71 15.13 -5.47
C LEU A 4 -6.08 15.62 -5.03
N THR A 5 -6.91 14.69 -4.57
CA THR A 5 -8.26 15.02 -4.09
C THR A 5 -8.59 14.24 -2.83
N GLU A 6 -9.53 14.75 -2.04
CA GLU A 6 -9.93 14.09 -0.81
C GLU A 6 -10.71 12.81 -1.10
N GLU A 7 -11.29 12.73 -2.29
CA GLU A 7 -12.07 11.56 -2.68
C GLU A 7 -11.25 10.28 -2.55
N GLN A 8 -10.00 10.35 -3.00
CA GLN A 8 -9.13 9.18 -2.94
C GLN A 8 -8.89 8.76 -1.48
N ILE A 9 -8.64 9.74 -0.62
CA ILE A 9 -8.41 9.48 0.80
C ILE A 9 -9.67 8.90 1.45
N ALA A 10 -10.83 9.46 1.13
CA ALA A 10 -12.08 8.99 1.70
C ALA A 10 -12.26 7.49 1.49
N GLU A 11 -11.99 7.01 0.28
CA GLU A 11 -12.12 5.59 -0.02
C GLU A 11 -11.60 4.73 1.13
N PHE A 12 -10.43 5.09 1.64
CA PHE A 12 -9.83 4.36 2.76
C PHE A 12 -10.67 4.53 4.03
N LYS A 13 -11.17 5.74 4.24
CA LYS A 13 -11.97 6.04 5.41
C LYS A 13 -13.26 5.20 5.42
N GLU A 14 -13.90 5.10 4.26
CA GLU A 14 -15.13 4.33 4.14
C GLU A 14 -14.86 2.85 4.37
N ALA A 15 -13.75 2.36 3.83
CA ALA A 15 -13.39 0.96 3.97
C ALA A 15 -13.25 0.59 5.45
N PHE A 16 -13.05 1.60 6.28
CA PHE A 16 -12.89 1.36 7.71
C PHE A 16 -13.99 0.47 8.25
N SER A 17 -15.23 0.78 7.90
CA SER A 17 -16.36 -0.02 8.36
C SER A 17 -16.49 -1.31 7.56
N LEU A 18 -15.89 -1.33 6.37
CA LEU A 18 -15.97 -2.52 5.51
C LEU A 18 -15.26 -3.70 6.17
N PHE A 19 -14.12 -3.44 6.81
CA PHE A 19 -13.36 -4.52 7.45
C PHE A 19 -14.21 -5.23 8.50
N ASP A 20 -14.92 -4.46 9.32
CA ASP A 20 -15.75 -5.04 10.37
C ASP A 20 -17.14 -5.41 9.86
N LYS A 21 -17.55 -4.80 8.75
CA LYS A 21 -18.87 -5.08 8.19
C LYS A 21 -19.16 -6.58 8.20
N ASP A 22 -18.11 -7.40 8.02
CA ASP A 22 -18.29 -8.85 8.01
C ASP A 22 -18.98 -9.32 9.29
N GLY A 23 -18.50 -8.83 10.43
CA GLY A 23 -19.05 -9.21 11.74
C GLY A 23 -19.13 -8.01 12.67
N ASP A 24 -19.07 -8.25 13.98
CA ASP A 24 -19.14 -7.17 14.96
C ASP A 24 -17.83 -6.38 14.99
N GLY A 25 -16.72 -7.09 15.04
CA GLY A 25 -15.40 -6.45 15.04
C GLY A 25 -14.31 -7.48 14.79
N THR A 26 -13.72 -7.46 13.59
CA THR A 26 -12.67 -8.41 13.27
C THR A 26 -11.91 -8.00 12.01
N ILE A 27 -10.63 -8.33 11.94
CA ILE A 27 -9.80 -8.02 10.77
C ILE A 27 -9.15 -9.29 10.25
N THR A 28 -9.94 -10.16 9.60
CA THR A 28 -9.43 -11.42 9.06
C THR A 28 -8.88 -11.21 7.67
N THR A 29 -8.13 -12.20 7.18
CA THR A 29 -7.55 -12.11 5.86
C THR A 29 -8.64 -12.12 4.80
N LYS A 30 -9.76 -12.77 5.13
CA LYS A 30 -10.88 -12.85 4.20
C LYS A 30 -11.41 -11.45 3.89
N GLU A 31 -11.46 -10.62 4.92
CA GLU A 31 -11.94 -9.24 4.76
C GLU A 31 -10.96 -8.45 3.88
N LEU A 32 -9.66 -8.67 4.10
CA LEU A 32 -8.63 -7.97 3.32
C LEU A 32 -8.75 -8.35 1.85
N GLY A 33 -8.95 -9.65 1.60
CA GLY A 33 -9.08 -10.12 0.22
C GLY A 33 -10.15 -9.35 -0.53
N THR A 34 -11.20 -8.93 0.19
CA THR A 34 -12.29 -8.17 -0.44
C THR A 34 -11.78 -6.83 -0.94
N VAL A 35 -11.00 -6.15 -0.12
CA VAL A 35 -10.46 -4.83 -0.49
C VAL A 35 -9.69 -4.94 -1.79
N MET A 36 -9.34 -6.15 -2.17
CA MET A 36 -8.60 -6.36 -3.41
C MET A 36 -9.31 -5.70 -4.57
N ARG A 37 -10.64 -5.80 -4.63
CA ARG A 37 -11.32 -5.20 -5.76
C ARG A 37 -11.13 -3.69 -5.76
N SER A 38 -11.31 -3.06 -4.60
CA SER A 38 -11.14 -1.61 -4.52
C SER A 38 -9.69 -1.22 -4.82
N LEU A 39 -8.77 -2.18 -4.71
CA LEU A 39 -7.36 -1.93 -4.97
C LEU A 39 -7.01 -2.28 -6.41
N GLY A 40 -8.02 -2.62 -7.21
CA GLY A 40 -7.77 -2.98 -8.61
C GLY A 40 -6.57 -3.90 -8.72
N GLN A 41 -6.77 -5.17 -8.43
CA GLN A 41 -5.72 -6.17 -8.49
C GLN A 41 -4.50 -5.73 -7.69
N ASN A 42 -4.15 -6.49 -6.65
CA ASN A 42 -3.00 -6.12 -5.82
C ASN A 42 -2.32 -7.37 -5.24
N PRO A 43 -1.68 -8.17 -6.07
CA PRO A 43 -0.97 -9.39 -5.60
C PRO A 43 -0.31 -9.19 -4.24
N THR A 44 0.10 -7.95 -3.97
CA THR A 44 0.75 -7.62 -2.71
C THR A 44 0.09 -8.37 -1.56
N GLU A 45 -1.19 -8.69 -1.73
CA GLU A 45 -1.93 -9.42 -0.70
C GLU A 45 -1.82 -10.93 -0.92
N ALA A 46 -1.71 -11.34 -2.18
CA ALA A 46 -1.59 -12.76 -2.51
C ALA A 46 -0.37 -13.37 -1.85
N GLU A 47 0.79 -12.75 -2.03
CA GLU A 47 2.01 -13.25 -1.43
C GLU A 47 1.95 -13.12 0.07
N LEU A 48 1.50 -11.95 0.52
CA LEU A 48 1.41 -11.69 1.95
C LEU A 48 0.40 -12.65 2.59
N GLN A 49 -0.59 -13.07 1.81
CA GLN A 49 -1.63 -13.98 2.30
C GLN A 49 -1.02 -15.02 3.24
N ASP A 50 0.00 -15.73 2.75
CA ASP A 50 0.65 -16.75 3.56
C ASP A 50 1.37 -16.12 4.74
N MET A 51 1.97 -14.95 4.51
CA MET A 51 2.68 -14.25 5.57
C MET A 51 1.73 -13.86 6.72
N ILE A 52 0.52 -13.42 6.37
CA ILE A 52 -0.46 -13.01 7.37
C ILE A 52 -0.85 -14.17 8.30
N ASN A 53 -1.13 -15.33 7.71
CA ASN A 53 -1.50 -16.51 8.51
C ASN A 53 -0.36 -16.92 9.44
N GLU A 54 0.87 -16.90 8.93
CA GLU A 54 2.02 -17.29 9.75
C GLU A 54 2.16 -16.40 10.97
N VAL A 55 2.23 -15.08 10.75
CA VAL A 55 2.38 -14.14 11.86
C VAL A 55 1.09 -14.07 12.69
N ASP A 56 -0.05 -14.19 12.02
CA ASP A 56 -1.35 -14.13 12.68
C ASP A 56 -1.73 -15.48 13.30
N ALA A 57 -1.02 -16.53 12.92
CA ALA A 57 -1.29 -17.87 13.43
C ALA A 57 -0.84 -17.97 14.89
N ASP A 58 -0.49 -16.84 15.46
CA ASP A 58 -0.07 -16.81 16.86
C ASP A 58 -1.23 -17.29 17.74
N GLY A 59 -2.46 -17.13 17.23
CA GLY A 59 -3.63 -17.57 17.98
C GLY A 59 -4.81 -17.79 17.05
N ASN A 60 -4.73 -17.19 15.87
CA ASN A 60 -5.78 -17.31 14.87
C ASN A 60 -5.45 -16.45 13.65
N GLY A 61 -5.76 -16.95 12.45
CA GLY A 61 -5.49 -16.21 11.23
C GLY A 61 -6.32 -14.92 11.19
N THR A 62 -6.56 -14.34 12.36
CA THR A 62 -7.33 -13.09 12.44
C THR A 62 -6.59 -12.07 13.30
N ILE A 63 -6.79 -10.79 12.99
CA ILE A 63 -6.14 -9.71 13.75
C ILE A 63 -7.19 -8.84 14.44
N ASP A 64 -6.90 -8.46 15.68
CA ASP A 64 -7.80 -7.64 16.47
C ASP A 64 -7.65 -6.17 16.10
N PHE A 65 -8.59 -5.33 16.53
CA PHE A 65 -8.53 -3.91 16.22
C PHE A 65 -7.30 -3.26 16.85
N PRO A 66 -7.06 -3.47 18.12
CA PRO A 66 -5.87 -2.87 18.82
C PRO A 66 -4.58 -3.14 18.06
N GLU A 67 -4.40 -4.39 17.61
CA GLU A 67 -3.21 -4.76 16.87
C GLU A 67 -3.21 -4.14 15.48
N PHE A 68 -4.39 -4.05 14.87
CA PHE A 68 -4.51 -3.48 13.54
C PHE A 68 -4.03 -2.04 13.51
N LEU A 69 -4.46 -1.25 14.49
CA LEU A 69 -4.06 0.15 14.55
C LEU A 69 -2.55 0.28 14.71
N THR A 70 -1.98 -0.52 15.60
CA THR A 70 -0.54 -0.49 15.85
C THR A 70 0.23 -1.01 14.62
N MET A 71 -0.24 -2.10 14.06
CA MET A 71 0.42 -2.70 12.90
C MET A 71 0.45 -1.74 11.72
N MET A 72 -0.65 -1.02 11.52
CA MET A 72 -0.75 -0.06 10.43
C MET A 72 0.28 1.05 10.63
N ALA A 73 0.47 1.45 11.88
CA ALA A 73 1.43 2.51 12.19
C ALA A 73 2.85 2.09 11.83
N ARG A 74 3.17 0.82 12.11
CA ARG A 74 4.51 0.31 11.82
C ARG A 74 4.75 0.23 10.32
N LYS A 75 3.79 -0.31 9.58
CA LYS A 75 3.91 -0.43 8.14
C LYS A 75 3.90 0.96 7.49
N MET A 76 3.03 1.83 7.99
CA MET A 76 2.92 3.19 7.46
C MET A 76 3.92 4.10 8.18
N LYS A 77 4.17 5.28 7.59
CA LYS A 77 5.11 6.24 8.17
C LYS A 77 4.37 7.52 8.57
N ASP A 78 4.93 8.21 9.55
CA ASP A 78 4.32 9.44 10.04
C ASP A 78 4.22 10.46 8.92
N THR A 79 3.35 11.45 9.11
CA THR A 79 3.14 12.48 8.10
C THR A 79 4.42 13.30 7.91
N ASP A 80 5.21 13.41 8.97
CA ASP A 80 6.45 14.17 8.90
C ASP A 80 7.42 13.51 7.94
N SER A 81 7.08 12.30 7.51
CA SER A 81 7.92 11.56 6.58
C SER A 81 8.15 12.37 5.30
N GLU A 82 7.16 13.17 4.92
CA GLU A 82 7.27 13.98 3.72
C GLU A 82 8.58 14.77 3.71
N GLU A 83 8.86 15.46 4.82
CA GLU A 83 10.08 16.26 4.94
C GLU A 83 11.32 15.36 4.91
N GLU A 84 11.25 14.23 5.60
CA GLU A 84 12.37 13.29 5.66
C GLU A 84 12.62 12.68 4.29
N ILE A 85 11.53 12.26 3.65
CA ILE A 85 11.63 11.69 2.33
C ILE A 85 12.12 12.75 1.36
N ARG A 86 11.96 14.02 1.74
CA ARG A 86 12.37 15.07 0.84
C ARG A 86 13.85 14.96 0.55
N GLU A 87 14.64 14.67 1.58
CA GLU A 87 16.08 14.53 1.38
C GLU A 87 16.35 13.38 0.41
N ALA A 88 15.54 12.34 0.48
CA ALA A 88 15.70 11.17 -0.39
C ALA A 88 15.22 11.44 -1.82
N PHE A 89 14.49 12.53 -2.02
CA PHE A 89 13.97 12.85 -3.36
C PHE A 89 15.06 12.74 -4.43
N ARG A 90 16.17 13.39 -4.18
CA ARG A 90 17.29 13.40 -5.09
C ARG A 90 17.83 11.98 -5.34
N VAL A 91 18.01 11.21 -4.28
CA VAL A 91 18.50 9.84 -4.42
C VAL A 91 17.45 8.97 -5.08
N PHE A 92 16.20 9.12 -4.63
CA PHE A 92 15.10 8.33 -5.17
C PHE A 92 14.97 8.59 -6.66
N ASP A 93 15.06 9.85 -7.05
CA ASP A 93 14.96 10.25 -8.45
C ASP A 93 15.99 11.33 -8.77
N LYS A 94 17.10 10.93 -9.39
CA LYS A 94 18.15 11.87 -9.75
C LYS A 94 17.66 12.81 -10.84
N ASP A 95 16.92 12.23 -11.79
CA ASP A 95 16.42 13.02 -12.89
C ASP A 95 15.51 14.14 -12.38
N GLY A 96 14.67 13.82 -11.41
CA GLY A 96 13.76 14.80 -10.83
C GLY A 96 12.70 15.22 -11.83
N ASN A 97 13.13 15.71 -12.98
CA ASN A 97 12.21 16.16 -14.02
C ASN A 97 11.53 14.95 -14.66
N GLY A 98 12.06 13.76 -14.39
CA GLY A 98 11.51 12.52 -14.94
C GLY A 98 10.89 11.68 -13.83
N TYR A 99 10.02 10.74 -14.22
CA TYR A 99 9.34 9.88 -13.25
C TYR A 99 9.78 8.43 -13.44
N ILE A 100 9.75 7.66 -12.35
CA ILE A 100 10.15 6.25 -12.41
C ILE A 100 8.98 5.38 -12.86
N SER A 101 9.19 4.64 -13.94
CA SER A 101 8.15 3.76 -14.46
C SER A 101 8.11 2.47 -13.66
N ALA A 102 7.05 1.68 -13.86
CA ALA A 102 6.92 0.42 -13.16
C ALA A 102 8.06 -0.53 -13.52
N ALA A 103 8.50 -0.49 -14.77
CA ALA A 103 9.59 -1.36 -15.22
C ALA A 103 10.88 -1.05 -14.46
N GLU A 104 11.19 0.23 -14.32
CA GLU A 104 12.40 0.65 -13.61
C GLU A 104 12.29 0.38 -12.11
N LEU A 105 11.09 0.58 -11.55
CA LEU A 105 10.86 0.37 -10.13
C LEU A 105 11.09 -1.09 -9.73
N ARG A 106 10.60 -1.97 -10.56
CA ARG A 106 10.70 -3.41 -10.36
C ARG A 106 12.15 -3.82 -10.10
N HIS A 107 13.07 -3.26 -10.89
CA HIS A 107 14.48 -3.57 -10.73
C HIS A 107 14.93 -3.30 -9.30
N VAL A 108 14.47 -2.18 -8.76
CA VAL A 108 14.81 -1.80 -7.40
C VAL A 108 14.23 -2.81 -6.40
N MET A 109 12.99 -3.20 -6.65
CA MET A 109 12.30 -4.15 -5.77
C MET A 109 13.10 -5.44 -5.65
N THR A 110 13.76 -5.84 -6.74
CA THR A 110 14.56 -7.06 -6.74
C THR A 110 15.66 -6.98 -5.70
N ASN A 111 16.30 -5.81 -5.61
CA ASN A 111 17.39 -5.61 -4.65
C ASN A 111 16.90 -5.85 -3.22
N LEU A 112 15.67 -5.41 -2.94
CA LEU A 112 15.12 -5.58 -1.59
C LEU A 112 15.02 -7.05 -1.24
N GLY A 113 14.51 -7.83 -2.18
CA GLY A 113 14.33 -9.26 -1.97
C GLY A 113 13.41 -9.87 -3.01
N GLU A 114 12.78 -10.99 -2.65
CA GLU A 114 11.85 -11.69 -3.54
C GLU A 114 10.67 -12.27 -2.75
N LYS A 115 10.54 -11.86 -1.49
CA LYS A 115 9.46 -12.38 -0.65
C LYS A 115 8.11 -11.96 -1.20
N LEU A 116 8.01 -10.69 -1.59
CA LEU A 116 6.77 -10.16 -2.15
C LEU A 116 6.63 -10.58 -3.61
N THR A 117 5.40 -10.52 -4.12
CA THR A 117 5.15 -10.90 -5.50
C THR A 117 5.79 -9.89 -6.46
N ASP A 118 5.97 -10.28 -7.71
CA ASP A 118 6.55 -9.40 -8.73
C ASP A 118 5.44 -8.65 -9.48
N GLU A 119 4.22 -9.20 -9.43
CA GLU A 119 3.08 -8.61 -10.13
C GLU A 119 2.40 -7.51 -9.29
N GLU A 120 2.49 -7.60 -7.97
CA GLU A 120 1.85 -6.62 -7.08
C GLU A 120 1.87 -5.20 -7.67
N VAL A 121 3.05 -4.65 -7.85
CA VAL A 121 3.18 -3.31 -8.38
C VAL A 121 2.78 -3.24 -9.85
N ASP A 122 2.97 -4.32 -10.58
CA ASP A 122 2.64 -4.33 -12.00
C ASP A 122 1.15 -4.04 -12.23
N GLU A 123 0.30 -4.97 -11.80
CA GLU A 123 -1.15 -4.81 -11.98
C GLU A 123 -1.71 -3.68 -11.12
N MET A 124 -1.31 -3.62 -9.86
CA MET A 124 -1.82 -2.58 -8.96
C MET A 124 -1.62 -1.23 -9.60
N ILE A 125 -0.41 -0.97 -10.05
CA ILE A 125 -0.14 0.29 -10.70
C ILE A 125 -0.94 0.39 -11.99
N ARG A 126 -1.42 -0.75 -12.51
CA ARG A 126 -2.15 -0.73 -13.75
C ARG A 126 -3.65 -0.48 -13.54
N GLU A 127 -4.29 -1.33 -12.76
CA GLU A 127 -5.72 -1.18 -12.55
C GLU A 127 -6.01 -0.14 -11.46
N ALA A 128 -5.65 -0.45 -10.22
CA ALA A 128 -5.89 0.47 -9.11
C ALA A 128 -5.70 1.93 -9.52
N ASP A 129 -4.74 2.17 -10.40
CA ASP A 129 -4.48 3.55 -10.87
C ASP A 129 -5.35 3.87 -12.06
N ILE A 130 -5.76 5.14 -12.15
CA ILE A 130 -6.60 5.61 -13.24
C ILE A 130 -5.75 6.08 -14.42
N ASP A 131 -4.47 6.30 -14.18
CA ASP A 131 -3.57 6.75 -15.24
C ASP A 131 -3.27 5.61 -16.20
N GLY A 132 -2.98 4.43 -15.64
CA GLY A 132 -2.69 3.26 -16.45
C GLY A 132 -1.33 3.40 -17.13
N ASP A 133 -0.74 4.59 -17.05
CA ASP A 133 0.57 4.84 -17.67
C ASP A 133 1.67 4.54 -16.66
N GLY A 134 1.29 4.34 -15.41
CA GLY A 134 2.27 4.04 -14.37
C GLY A 134 3.24 5.20 -14.20
N GLN A 135 3.32 5.71 -12.97
CA GLN A 135 4.22 6.82 -12.66
C GLN A 135 4.44 6.90 -11.16
N VAL A 136 5.69 6.76 -10.73
CA VAL A 136 6.04 6.83 -9.31
C VAL A 136 7.03 7.94 -9.06
N ASN A 137 6.72 8.80 -8.08
CA ASN A 137 7.59 9.92 -7.75
C ASN A 137 7.35 10.34 -6.31
N TYR A 138 8.26 11.16 -5.78
CA TYR A 138 8.15 11.64 -4.40
C TYR A 138 6.73 12.16 -4.13
N GLU A 139 6.04 12.56 -5.20
CA GLU A 139 4.68 13.09 -5.04
C GLU A 139 3.72 12.00 -4.55
N GLU A 140 3.92 10.75 -5.00
CA GLU A 140 3.05 9.66 -4.60
C GLU A 140 3.48 9.04 -3.26
N PHE A 141 4.73 9.26 -2.89
CA PHE A 141 5.26 8.72 -1.63
C PHE A 141 4.50 9.28 -0.43
N VAL A 142 4.31 10.60 -0.41
CA VAL A 142 3.60 11.22 0.69
C VAL A 142 2.21 10.64 0.83
N GLN A 143 1.51 10.50 -0.29
CA GLN A 143 0.16 9.94 -0.27
C GLN A 143 0.18 8.45 0.02
N MET A 144 1.19 7.75 -0.50
CA MET A 144 1.29 6.31 -0.31
C MET A 144 1.33 5.95 1.18
N MET A 145 2.09 6.71 1.95
CA MET A 145 2.21 6.48 3.39
C MET A 145 1.58 7.62 4.18
N THR A 146 0.71 7.29 5.12
CA THR A 146 0.06 8.30 5.93
C THR A 146 -0.55 7.66 7.18
N ALA A 147 0.26 7.52 8.22
CA ALA A 147 -0.21 6.91 9.46
C ALA A 147 -1.31 7.76 10.10
N LYS A 148 -1.09 9.07 10.13
CA LYS A 148 -2.07 10.01 10.71
C LYS A 148 -2.63 10.93 9.64
N ALA A 1 -8.75 19.46 -13.69
CA ALA A 1 -7.65 20.44 -13.47
C ALA A 1 -7.08 20.26 -12.07
N ASP A 2 -7.95 19.91 -11.12
CA ASP A 2 -7.53 19.70 -9.73
C ASP A 2 -7.08 18.26 -9.52
N GLN A 3 -5.81 18.08 -9.17
CA GLN A 3 -5.26 16.74 -8.94
C GLN A 3 -5.58 16.27 -7.53
N LEU A 4 -5.56 17.20 -6.58
CA LEU A 4 -5.85 16.87 -5.18
C LEU A 4 -7.29 17.23 -4.84
N THR A 5 -8.04 16.23 -4.39
CA THR A 5 -9.44 16.44 -4.02
C THR A 5 -9.76 15.69 -2.73
N GLU A 6 -10.84 16.11 -2.06
CA GLU A 6 -11.25 15.49 -0.81
C GLU A 6 -11.75 14.07 -1.06
N GLU A 7 -12.38 13.86 -2.22
CA GLU A 7 -12.91 12.55 -2.56
C GLU A 7 -11.83 11.47 -2.44
N GLN A 8 -10.65 11.77 -2.95
CA GLN A 8 -9.55 10.82 -2.89
C GLN A 8 -9.26 10.42 -1.44
N ILE A 9 -9.27 11.40 -0.55
CA ILE A 9 -9.00 11.14 0.87
C ILE A 9 -10.11 10.25 1.46
N ALA A 10 -11.35 10.56 1.12
CA ALA A 10 -12.49 9.81 1.64
C ALA A 10 -12.34 8.32 1.35
N GLU A 11 -11.66 7.98 0.26
CA GLU A 11 -11.48 6.59 -0.10
C GLU A 11 -10.86 5.81 1.06
N PHE A 12 -9.78 6.36 1.63
CA PHE A 12 -9.10 5.71 2.74
C PHE A 12 -10.00 5.65 3.96
N LYS A 13 -10.73 6.74 4.22
CA LYS A 13 -11.62 6.81 5.36
C LYS A 13 -12.71 5.74 5.26
N GLU A 14 -13.29 5.61 4.07
CA GLU A 14 -14.35 4.62 3.85
C GLU A 14 -13.81 3.20 3.98
N ALA A 15 -12.60 2.99 3.50
CA ALA A 15 -11.97 1.67 3.55
C ALA A 15 -11.87 1.17 4.99
N PHE A 16 -11.77 2.12 5.92
CA PHE A 16 -11.66 1.77 7.33
C PHE A 16 -12.85 0.92 7.77
N SER A 17 -14.04 1.36 7.41
CA SER A 17 -15.25 0.62 7.77
C SER A 17 -15.44 -0.59 6.86
N LEU A 18 -14.82 -0.56 5.69
CA LEU A 18 -14.94 -1.67 4.75
C LEU A 18 -14.37 -2.95 5.36
N PHE A 19 -13.22 -2.83 6.02
CA PHE A 19 -12.58 -4.00 6.62
C PHE A 19 -13.49 -4.66 7.65
N ASP A 20 -14.01 -3.86 8.59
CA ASP A 20 -14.87 -4.39 9.64
C ASP A 20 -16.27 -4.67 9.11
N LYS A 21 -16.58 -4.14 7.94
CA LYS A 21 -17.91 -4.34 7.36
C LYS A 21 -18.33 -5.81 7.47
N ASP A 22 -17.37 -6.71 7.38
CA ASP A 22 -17.67 -8.14 7.47
C ASP A 22 -18.48 -8.46 8.73
N GLY A 23 -18.04 -7.90 9.87
CA GLY A 23 -18.72 -8.12 11.14
C GLY A 23 -18.68 -6.86 12.00
N ASP A 24 -18.71 -7.06 13.32
CA ASP A 24 -18.68 -5.92 14.24
C ASP A 24 -17.29 -5.30 14.29
N GLY A 25 -16.26 -6.13 14.42
CA GLY A 25 -14.89 -5.66 14.44
C GLY A 25 -13.92 -6.83 14.28
N THR A 26 -13.29 -6.93 13.11
CA THR A 26 -12.35 -8.01 12.88
C THR A 26 -11.53 -7.75 11.63
N ILE A 27 -10.24 -8.07 11.69
CA ILE A 27 -9.34 -7.88 10.54
C ILE A 27 -8.82 -9.25 10.08
N THR A 28 -9.30 -9.71 8.92
CA THR A 28 -8.88 -11.01 8.38
C THR A 28 -8.41 -10.87 6.95
N THR A 29 -7.83 -11.93 6.42
CA THR A 29 -7.33 -11.92 5.05
C THR A 29 -8.46 -11.75 4.05
N LYS A 30 -9.63 -12.29 4.39
CA LYS A 30 -10.79 -12.20 3.51
C LYS A 30 -11.17 -10.73 3.34
N GLU A 31 -11.12 -9.98 4.42
CA GLU A 31 -11.45 -8.57 4.37
C GLU A 31 -10.46 -7.83 3.48
N LEU A 32 -9.17 -8.12 3.66
CA LEU A 32 -8.13 -7.50 2.86
C LEU A 32 -8.28 -7.91 1.39
N GLY A 33 -8.55 -9.19 1.16
CA GLY A 33 -8.71 -9.70 -0.20
C GLY A 33 -9.82 -8.94 -0.93
N THR A 34 -10.75 -8.39 -0.17
CA THR A 34 -11.85 -7.64 -0.77
C THR A 34 -11.31 -6.40 -1.47
N VAL A 35 -10.35 -5.73 -0.83
CA VAL A 35 -9.77 -4.52 -1.39
C VAL A 35 -9.22 -4.80 -2.78
N MET A 36 -8.89 -6.06 -3.03
CA MET A 36 -8.34 -6.42 -4.33
C MET A 36 -9.17 -5.82 -5.45
N ARG A 37 -10.48 -5.63 -5.22
CA ARG A 37 -11.28 -5.08 -6.31
C ARG A 37 -10.84 -3.66 -6.64
N SER A 38 -10.64 -2.84 -5.63
CA SER A 38 -10.23 -1.47 -5.87
C SER A 38 -8.86 -1.44 -6.52
N LEU A 39 -8.11 -2.53 -6.36
CA LEU A 39 -6.78 -2.66 -6.92
C LEU A 39 -6.79 -3.64 -8.09
N GLY A 40 -7.98 -4.14 -8.43
CA GLY A 40 -8.12 -5.11 -9.52
C GLY A 40 -7.35 -6.38 -9.21
N GLN A 41 -6.02 -6.27 -9.25
CA GLN A 41 -5.13 -7.40 -8.96
C GLN A 41 -3.88 -6.90 -8.27
N ASN A 42 -3.74 -7.20 -6.99
CA ASN A 42 -2.59 -6.77 -6.20
C ASN A 42 -1.90 -7.95 -5.52
N PRO A 43 -1.22 -8.81 -6.26
CA PRO A 43 -0.52 -9.99 -5.70
C PRO A 43 0.04 -9.73 -4.31
N THR A 44 0.39 -8.48 -4.06
CA THR A 44 0.95 -8.09 -2.78
C THR A 44 0.25 -8.81 -1.64
N GLU A 45 -1.02 -9.12 -1.84
CA GLU A 45 -1.81 -9.82 -0.84
C GLU A 45 -1.63 -11.33 -0.97
N ALA A 46 -1.48 -11.79 -2.21
CA ALA A 46 -1.29 -13.21 -2.48
C ALA A 46 -0.05 -13.74 -1.77
N GLU A 47 1.07 -13.04 -1.94
CA GLU A 47 2.31 -13.45 -1.31
C GLU A 47 2.21 -13.26 0.19
N LEU A 48 1.69 -12.11 0.59
CA LEU A 48 1.55 -11.81 2.02
C LEU A 48 0.55 -12.76 2.68
N GLN A 49 -0.45 -13.21 1.92
CA GLN A 49 -1.46 -14.13 2.46
C GLN A 49 -0.83 -15.13 3.42
N ASP A 50 0.23 -15.78 2.97
CA ASP A 50 0.92 -16.75 3.82
C ASP A 50 1.57 -16.05 5.00
N MET A 51 2.16 -14.88 4.75
CA MET A 51 2.83 -14.13 5.82
C MET A 51 1.83 -13.72 6.89
N ILE A 52 0.63 -13.29 6.48
CA ILE A 52 -0.38 -12.86 7.43
C ILE A 52 -0.80 -14.00 8.36
N ASN A 53 -1.10 -15.15 7.79
CA ASN A 53 -1.51 -16.31 8.58
C ASN A 53 -0.38 -16.76 9.49
N GLU A 54 0.84 -16.73 8.97
CA GLU A 54 2.00 -17.16 9.75
C GLU A 54 2.10 -16.38 11.07
N VAL A 55 2.25 -15.06 10.98
CA VAL A 55 2.35 -14.23 12.17
C VAL A 55 1.03 -14.16 12.92
N ASP A 56 -0.06 -14.26 12.17
CA ASP A 56 -1.41 -14.18 12.76
C ASP A 56 -1.87 -15.55 13.29
N ALA A 57 -1.16 -16.60 12.92
CA ALA A 57 -1.50 -17.96 13.34
C ALA A 57 -1.20 -18.14 14.82
N ASP A 58 -0.95 -17.04 15.50
CA ASP A 58 -0.68 -17.10 16.93
C ASP A 58 -1.93 -17.58 17.66
N GLY A 59 -3.10 -17.28 17.08
CA GLY A 59 -4.37 -17.71 17.68
C GLY A 59 -5.42 -17.92 16.59
N ASN A 60 -5.20 -17.29 15.44
CA ASN A 60 -6.13 -17.40 14.31
C ASN A 60 -5.73 -16.44 13.20
N GLY A 61 -6.06 -16.79 11.96
CA GLY A 61 -5.73 -15.94 10.82
C GLY A 61 -6.49 -14.62 10.88
N THR A 62 -6.71 -14.11 12.09
CA THR A 62 -7.43 -12.84 12.27
C THR A 62 -6.69 -11.96 13.26
N ILE A 63 -6.79 -10.65 13.09
CA ILE A 63 -6.13 -9.68 13.98
C ILE A 63 -7.16 -8.78 14.62
N ASP A 64 -7.03 -8.58 15.93
CA ASP A 64 -7.96 -7.74 16.67
C ASP A 64 -7.69 -6.25 16.38
N PHE A 65 -8.66 -5.40 16.69
CA PHE A 65 -8.52 -3.96 16.43
C PHE A 65 -7.39 -3.35 17.28
N PRO A 66 -7.36 -3.63 18.57
CA PRO A 66 -6.32 -3.07 19.47
C PRO A 66 -4.91 -3.31 18.93
N GLU A 67 -4.71 -4.47 18.31
CA GLU A 67 -3.40 -4.82 17.75
C GLU A 67 -3.27 -4.30 16.32
N PHE A 68 -4.41 -4.07 15.66
CA PHE A 68 -4.42 -3.58 14.29
C PHE A 68 -3.74 -2.23 14.19
N LEU A 69 -4.10 -1.32 15.09
CA LEU A 69 -3.52 0.02 15.08
C LEU A 69 -2.02 -0.05 15.36
N THR A 70 -1.64 -0.88 16.31
CA THR A 70 -0.22 -1.02 16.66
C THR A 70 0.56 -1.60 15.48
N MET A 71 0.01 -2.65 14.88
CA MET A 71 0.67 -3.30 13.74
C MET A 71 0.83 -2.32 12.58
N MET A 72 -0.26 -1.62 12.24
CA MET A 72 -0.22 -0.66 11.15
C MET A 72 0.71 0.49 11.48
N ALA A 73 0.71 0.91 12.74
CA ALA A 73 1.54 2.01 13.18
C ALA A 73 3.02 1.70 12.93
N ARG A 74 3.45 0.52 13.38
CA ARG A 74 4.84 0.13 13.22
C ARG A 74 5.16 -0.20 11.76
N LYS A 75 4.26 -0.92 11.11
CA LYS A 75 4.45 -1.29 9.70
C LYS A 75 4.41 -0.05 8.81
N MET A 76 3.46 0.84 9.08
CA MET A 76 3.30 2.07 8.30
C MET A 76 3.83 3.27 9.09
N LYS A 77 4.73 4.04 8.48
CA LYS A 77 5.30 5.20 9.13
C LYS A 77 4.39 6.42 8.96
N ASP A 78 4.30 7.22 10.03
CA ASP A 78 3.45 8.41 10.00
C ASP A 78 3.74 9.22 8.75
N THR A 79 3.03 10.33 8.60
CA THR A 79 3.21 11.20 7.44
C THR A 79 4.51 12.00 7.57
N ASP A 80 5.15 11.89 8.72
CA ASP A 80 6.40 12.61 8.97
C ASP A 80 7.50 12.11 8.05
N SER A 81 7.27 10.94 7.45
CA SER A 81 8.25 10.35 6.55
C SER A 81 8.49 11.27 5.35
N GLU A 82 7.55 12.16 5.10
CA GLU A 82 7.66 13.09 3.98
C GLU A 82 9.05 13.74 3.99
N GLU A 83 9.50 14.17 5.16
CA GLU A 83 10.80 14.80 5.27
C GLU A 83 11.93 13.79 5.04
N GLU A 84 11.75 12.58 5.55
CA GLU A 84 12.76 11.53 5.39
C GLU A 84 12.87 11.14 3.93
N ILE A 85 11.73 10.96 3.29
CA ILE A 85 11.72 10.61 1.88
C ILE A 85 12.28 11.75 1.06
N ARG A 86 12.31 12.95 1.64
CA ARG A 86 12.80 14.09 0.90
C ARG A 86 14.23 13.83 0.45
N GLU A 87 15.06 13.34 1.36
CA GLU A 87 16.44 13.06 1.02
C GLU A 87 16.51 11.95 -0.02
N ALA A 88 15.55 11.03 0.04
CA ALA A 88 15.51 9.90 -0.90
C ALA A 88 15.10 10.34 -2.30
N PHE A 89 14.56 11.54 -2.44
CA PHE A 89 14.11 12.03 -3.75
C PHE A 89 15.27 12.04 -4.75
N ARG A 90 16.38 12.60 -4.32
CA ARG A 90 17.59 12.73 -5.14
C ARG A 90 18.17 11.36 -5.49
N VAL A 91 18.25 10.48 -4.49
CA VAL A 91 18.79 9.13 -4.72
C VAL A 91 17.77 8.25 -5.43
N PHE A 92 16.56 8.20 -4.87
CA PHE A 92 15.50 7.39 -5.44
C PHE A 92 15.16 7.86 -6.85
N ASP A 93 14.99 9.17 -7.02
CA ASP A 93 14.67 9.75 -8.33
C ASP A 93 15.87 10.52 -8.89
N LYS A 94 16.68 9.84 -9.69
CA LYS A 94 17.85 10.46 -10.29
C LYS A 94 17.45 11.49 -11.32
N ASP A 95 16.44 11.14 -12.11
CA ASP A 95 15.97 12.03 -13.16
C ASP A 95 15.43 13.33 -12.57
N GLY A 96 14.72 13.22 -11.45
CA GLY A 96 14.16 14.40 -10.80
C GLY A 96 13.00 14.97 -11.61
N ASN A 97 13.31 15.50 -12.79
CA ASN A 97 12.29 16.07 -13.66
C ASN A 97 11.37 14.97 -14.19
N GLY A 98 11.83 13.73 -14.09
CA GLY A 98 11.07 12.58 -14.56
C GLY A 98 10.62 11.72 -13.39
N TYR A 99 9.63 10.87 -13.63
CA TYR A 99 9.09 9.99 -12.58
C TYR A 99 9.42 8.53 -12.88
N ILE A 100 9.46 7.72 -11.84
CA ILE A 100 9.79 6.30 -11.99
C ILE A 100 8.57 5.51 -12.48
N SER A 101 8.76 4.79 -13.58
CA SER A 101 7.69 3.98 -14.15
C SER A 101 7.60 2.64 -13.42
N ALA A 102 6.53 1.90 -13.67
CA ALA A 102 6.34 0.61 -13.03
C ALA A 102 7.44 -0.37 -13.45
N ALA A 103 7.85 -0.29 -14.72
CA ALA A 103 8.89 -1.17 -15.23
C ALA A 103 10.21 -0.92 -14.50
N GLU A 104 10.58 0.35 -14.38
CA GLU A 104 11.83 0.72 -13.70
C GLU A 104 11.74 0.41 -12.20
N LEU A 105 10.54 0.56 -11.64
CA LEU A 105 10.34 0.31 -10.21
C LEU A 105 10.67 -1.13 -9.85
N ARG A 106 10.24 -2.04 -10.71
CA ARG A 106 10.45 -3.48 -10.56
C ARG A 106 11.94 -3.80 -10.41
N HIS A 107 12.77 -3.16 -11.24
CA HIS A 107 14.20 -3.39 -11.17
C HIS A 107 14.71 -3.06 -9.76
N VAL A 108 14.21 -1.96 -9.22
CA VAL A 108 14.61 -1.52 -7.88
C VAL A 108 14.11 -2.50 -6.83
N MET A 109 12.87 -2.95 -6.98
CA MET A 109 12.28 -3.90 -6.03
C MET A 109 13.07 -5.21 -6.03
N THR A 110 13.56 -5.61 -7.20
CA THR A 110 14.32 -6.85 -7.31
C THR A 110 15.57 -6.80 -6.46
N ASN A 111 16.29 -5.69 -6.50
CA ASN A 111 17.51 -5.54 -5.72
C ASN A 111 17.21 -5.70 -4.23
N LEU A 112 16.05 -5.24 -3.80
CA LEU A 112 15.66 -5.34 -2.39
C LEU A 112 15.59 -6.80 -1.97
N GLY A 113 14.95 -7.62 -2.79
CA GLY A 113 14.81 -9.03 -2.49
C GLY A 113 13.71 -9.67 -3.34
N GLU A 114 13.23 -10.81 -2.89
CA GLU A 114 12.17 -11.55 -3.60
C GLU A 114 11.18 -12.14 -2.62
N LYS A 115 11.09 -11.56 -1.42
CA LYS A 115 10.16 -12.06 -0.41
C LYS A 115 8.72 -11.90 -0.90
N LEU A 116 8.43 -10.75 -1.50
CA LEU A 116 7.09 -10.47 -2.01
C LEU A 116 6.99 -10.88 -3.47
N THR A 117 5.80 -10.76 -4.05
CA THR A 117 5.59 -11.11 -5.45
C THR A 117 6.24 -10.08 -6.37
N ASP A 118 6.47 -10.48 -7.62
CA ASP A 118 7.07 -9.58 -8.62
C ASP A 118 5.98 -8.82 -9.40
N GLU A 119 4.77 -9.40 -9.42
CA GLU A 119 3.65 -8.81 -10.15
C GLU A 119 2.88 -7.80 -9.31
N GLU A 120 2.91 -7.93 -7.99
CA GLU A 120 2.19 -7.02 -7.10
C GLU A 120 2.16 -5.58 -7.64
N VAL A 121 3.34 -4.97 -7.79
CA VAL A 121 3.42 -3.59 -8.27
C VAL A 121 2.96 -3.45 -9.72
N ASP A 122 3.34 -4.41 -10.56
CA ASP A 122 2.98 -4.33 -11.97
C ASP A 122 1.47 -4.22 -12.17
N GLU A 123 0.71 -5.06 -11.48
CA GLU A 123 -0.75 -5.04 -11.59
C GLU A 123 -1.39 -4.02 -10.65
N MET A 124 -0.87 -3.92 -9.43
CA MET A 124 -1.43 -2.99 -8.45
C MET A 124 -1.35 -1.57 -9.00
N ILE A 125 -0.19 -1.22 -9.53
CA ILE A 125 0.01 0.10 -10.10
C ILE A 125 -0.81 0.27 -11.36
N ARG A 126 -1.27 -0.85 -11.94
CA ARG A 126 -2.02 -0.76 -13.18
C ARG A 126 -3.46 -0.33 -12.96
N GLU A 127 -4.14 -1.00 -12.04
CA GLU A 127 -5.54 -0.68 -11.79
C GLU A 127 -5.66 0.43 -10.74
N ALA A 128 -5.29 0.11 -9.50
CA ALA A 128 -5.36 1.08 -8.41
C ALA A 128 -4.99 2.48 -8.89
N ASP A 129 -4.18 2.57 -9.95
CA ASP A 129 -3.77 3.88 -10.48
C ASP A 129 -4.77 4.39 -11.51
N ILE A 130 -5.20 5.63 -11.30
CA ILE A 130 -6.17 6.26 -12.20
C ILE A 130 -5.53 6.49 -13.58
N ASP A 131 -4.29 6.96 -13.61
CA ASP A 131 -3.60 7.21 -14.87
C ASP A 131 -3.37 5.90 -15.61
N GLY A 132 -3.01 4.87 -14.85
CA GLY A 132 -2.74 3.56 -15.43
C GLY A 132 -1.38 3.56 -16.12
N ASP A 133 -0.72 4.70 -16.11
CA ASP A 133 0.60 4.82 -16.74
C ASP A 133 1.69 4.48 -15.73
N GLY A 134 1.28 4.34 -14.47
CA GLY A 134 2.23 4.00 -13.42
C GLY A 134 3.35 5.03 -13.34
N GLN A 135 3.40 5.74 -12.22
CA GLN A 135 4.42 6.75 -12.01
C GLN A 135 4.55 7.05 -10.51
N VAL A 136 5.80 7.10 -10.03
CA VAL A 136 6.08 7.37 -8.60
C VAL A 136 6.99 8.58 -8.47
N ASN A 137 6.68 9.45 -7.51
CA ASN A 137 7.47 10.65 -7.28
C ASN A 137 7.38 11.06 -5.82
N TYR A 138 8.18 12.06 -5.43
CA TYR A 138 8.18 12.56 -4.05
C TYR A 138 6.79 12.96 -3.60
N GLU A 139 6.09 13.71 -4.45
CA GLU A 139 4.75 14.18 -4.12
C GLU A 139 3.83 12.99 -3.84
N GLU A 140 3.90 11.98 -4.70
CA GLU A 140 3.06 10.79 -4.54
C GLU A 140 3.50 9.93 -3.36
N PHE A 141 4.79 9.97 -3.05
CA PHE A 141 5.32 9.17 -1.94
C PHE A 141 4.58 9.48 -0.64
N VAL A 142 4.34 10.76 -0.38
CA VAL A 142 3.65 11.15 0.83
C VAL A 142 2.26 10.51 0.88
N GLN A 143 1.55 10.57 -0.23
CA GLN A 143 0.21 9.98 -0.31
C GLN A 143 0.27 8.45 -0.27
N MET A 144 1.37 7.89 -0.76
CA MET A 144 1.52 6.44 -0.78
C MET A 144 1.45 5.87 0.63
N MET A 145 2.11 6.53 1.58
CA MET A 145 2.12 6.07 2.98
C MET A 145 1.44 7.10 3.88
N THR A 146 0.64 6.60 4.82
CA THR A 146 -0.07 7.47 5.75
C THR A 146 -0.57 6.68 6.96
N ALA A 147 0.34 6.39 7.89
CA ALA A 147 -0.03 5.64 9.08
C ALA A 147 -1.02 6.45 9.93
N LYS A 148 -0.93 7.78 9.84
CA LYS A 148 -1.80 8.66 10.61
C LYS A 148 -2.15 9.92 9.79
N ALA A 1 -12.01 18.64 -15.35
CA ALA A 1 -12.12 19.57 -14.19
C ALA A 1 -10.99 19.29 -13.20
N ASP A 2 -11.36 19.07 -11.94
CA ASP A 2 -10.36 18.79 -10.89
C ASP A 2 -10.07 17.30 -10.81
N GLN A 3 -8.83 16.92 -11.11
CA GLN A 3 -8.43 15.52 -11.06
C GLN A 3 -8.16 15.09 -9.61
N LEU A 4 -7.82 16.07 -8.77
CA LEU A 4 -7.55 15.79 -7.35
C LEU A 4 -8.64 16.37 -6.47
N THR A 5 -9.30 15.49 -5.72
CA THR A 5 -10.39 15.88 -4.82
C THR A 5 -10.27 15.13 -3.51
N GLU A 6 -10.89 15.67 -2.46
CA GLU A 6 -10.86 15.05 -1.14
C GLU A 6 -11.67 13.75 -1.14
N GLU A 7 -12.56 13.63 -2.10
CA GLU A 7 -13.40 12.44 -2.21
C GLU A 7 -12.52 11.19 -2.32
N GLN A 8 -11.43 11.31 -3.06
CA GLN A 8 -10.51 10.19 -3.24
C GLN A 8 -9.86 9.81 -1.90
N ILE A 9 -9.51 10.82 -1.10
CA ILE A 9 -8.88 10.56 0.20
C ILE A 9 -9.84 9.83 1.13
N ALA A 10 -11.10 10.26 1.15
CA ALA A 10 -12.10 9.65 2.02
C ALA A 10 -12.20 8.15 1.78
N GLU A 11 -11.71 7.71 0.62
CA GLU A 11 -11.76 6.29 0.29
C GLU A 11 -11.11 5.46 1.40
N PHE A 12 -9.99 5.95 1.93
CA PHE A 12 -9.28 5.24 3.00
C PHE A 12 -10.09 5.25 4.29
N LYS A 13 -10.69 6.40 4.59
CA LYS A 13 -11.48 6.54 5.82
C LYS A 13 -12.67 5.59 5.81
N GLU A 14 -13.36 5.52 4.68
CA GLU A 14 -14.50 4.64 4.55
C GLU A 14 -14.07 3.18 4.63
N ALA A 15 -12.90 2.89 4.07
CA ALA A 15 -12.38 1.52 4.07
C ALA A 15 -12.16 1.03 5.50
N PHE A 16 -11.98 1.97 6.43
CA PHE A 16 -11.75 1.62 7.83
C PHE A 16 -12.87 0.73 8.35
N SER A 17 -14.11 1.11 8.07
CA SER A 17 -15.25 0.32 8.52
C SER A 17 -15.50 -0.86 7.59
N LEU A 18 -14.96 -0.78 6.38
CA LEU A 18 -15.14 -1.87 5.41
C LEU A 18 -14.49 -3.16 5.89
N PHE A 19 -13.30 -3.04 6.46
CA PHE A 19 -12.57 -4.21 6.94
C PHE A 19 -13.39 -4.97 8.00
N ASP A 20 -13.94 -4.23 8.94
CA ASP A 20 -14.73 -4.83 10.01
C ASP A 20 -16.14 -5.16 9.54
N LYS A 21 -16.54 -4.63 8.39
CA LYS A 21 -17.88 -4.89 7.87
C LYS A 21 -18.26 -6.37 8.04
N ASP A 22 -17.27 -7.25 7.95
CA ASP A 22 -17.53 -8.68 8.10
C ASP A 22 -18.29 -8.95 9.39
N GLY A 23 -17.85 -8.33 10.48
CA GLY A 23 -18.49 -8.53 11.78
C GLY A 23 -18.36 -7.27 12.64
N ASP A 24 -18.33 -7.45 13.96
CA ASP A 24 -18.21 -6.33 14.89
C ASP A 24 -16.81 -5.72 14.83
N GLY A 25 -15.80 -6.59 14.89
CA GLY A 25 -14.42 -6.14 14.81
C GLY A 25 -13.49 -7.32 14.57
N THR A 26 -12.95 -7.43 13.36
CA THR A 26 -12.05 -8.53 13.06
C THR A 26 -11.30 -8.29 11.74
N ILE A 27 -10.00 -8.57 11.75
CA ILE A 27 -9.18 -8.40 10.54
C ILE A 27 -8.76 -9.77 10.02
N THR A 28 -9.18 -10.09 8.79
CA THR A 28 -8.85 -11.39 8.17
C THR A 28 -8.40 -11.19 6.73
N THR A 29 -7.83 -12.24 6.15
CA THR A 29 -7.37 -12.17 4.77
C THR A 29 -8.54 -11.96 3.82
N LYS A 30 -9.68 -12.53 4.18
CA LYS A 30 -10.88 -12.40 3.37
C LYS A 30 -11.29 -10.94 3.28
N GLU A 31 -11.17 -10.24 4.41
CA GLU A 31 -11.53 -8.83 4.46
C GLU A 31 -10.60 -8.02 3.57
N LEU A 32 -9.29 -8.24 3.71
CA LEU A 32 -8.30 -7.52 2.90
C LEU A 32 -8.47 -7.87 1.43
N GLY A 33 -8.65 -9.15 1.16
CA GLY A 33 -8.81 -9.61 -0.22
C GLY A 33 -9.91 -8.81 -0.91
N THR A 34 -10.82 -8.27 -0.11
CA THR A 34 -11.91 -7.48 -0.65
C THR A 34 -11.37 -6.22 -1.32
N VAL A 35 -10.38 -5.59 -0.69
CA VAL A 35 -9.77 -4.37 -1.22
C VAL A 35 -9.24 -4.62 -2.62
N MET A 36 -8.98 -5.87 -2.93
CA MET A 36 -8.47 -6.23 -4.25
C MET A 36 -9.28 -5.58 -5.34
N ARG A 37 -10.59 -5.42 -5.12
CA ARG A 37 -11.39 -4.84 -6.19
C ARG A 37 -10.95 -3.41 -6.46
N SER A 38 -10.77 -2.64 -5.39
CA SER A 38 -10.37 -1.26 -5.55
C SER A 38 -9.04 -1.17 -6.31
N LEU A 39 -8.20 -2.19 -6.15
CA LEU A 39 -6.89 -2.24 -6.80
C LEU A 39 -6.93 -3.18 -8.01
N GLY A 40 -8.13 -3.68 -8.31
CA GLY A 40 -8.31 -4.61 -9.43
C GLY A 40 -7.54 -5.90 -9.19
N GLN A 41 -6.21 -5.78 -9.25
CA GLN A 41 -5.33 -6.92 -9.03
C GLN A 41 -4.07 -6.45 -8.29
N ASN A 42 -3.89 -6.95 -7.07
CA ASN A 42 -2.74 -6.59 -6.25
C ASN A 42 -2.07 -7.83 -5.66
N PRO A 43 -1.41 -8.64 -6.46
CA PRO A 43 -0.71 -9.87 -5.97
C PRO A 43 -0.16 -9.69 -4.57
N THR A 44 0.28 -8.47 -4.28
CA THR A 44 0.85 -8.15 -2.98
C THR A 44 0.10 -8.88 -1.87
N GLU A 45 -1.17 -9.13 -2.10
CA GLU A 45 -2.00 -9.83 -1.11
C GLU A 45 -1.91 -11.33 -1.31
N ALA A 46 -1.80 -11.76 -2.55
CA ALA A 46 -1.70 -13.18 -2.86
C ALA A 46 -0.46 -13.80 -2.23
N GLU A 47 0.68 -13.14 -2.42
CA GLU A 47 1.94 -13.64 -1.85
C GLU A 47 1.90 -13.53 -0.35
N LEU A 48 1.51 -12.36 0.12
CA LEU A 48 1.47 -12.11 1.55
C LEU A 48 0.46 -13.03 2.23
N GLN A 49 -0.51 -13.53 1.46
CA GLN A 49 -1.51 -14.44 2.00
C GLN A 49 -0.89 -15.42 2.99
N ASP A 50 0.20 -16.06 2.57
CA ASP A 50 0.89 -17.01 3.43
C ASP A 50 1.59 -16.29 4.57
N MET A 51 2.19 -15.15 4.26
CA MET A 51 2.90 -14.38 5.29
C MET A 51 1.95 -13.95 6.41
N ILE A 52 0.74 -13.53 6.02
CA ILE A 52 -0.26 -13.06 7.00
C ILE A 52 -0.68 -14.19 7.95
N ASN A 53 -0.96 -15.35 7.40
CA ASN A 53 -1.36 -16.49 8.22
C ASN A 53 -0.23 -16.93 9.14
N GLU A 54 0.99 -16.91 8.61
CA GLU A 54 2.16 -17.33 9.39
C GLU A 54 2.30 -16.50 10.66
N VAL A 55 2.41 -15.19 10.51
CA VAL A 55 2.56 -14.31 11.66
C VAL A 55 1.28 -14.29 12.51
N ASP A 56 0.15 -14.42 11.84
CA ASP A 56 -1.16 -14.40 12.51
C ASP A 56 -1.56 -15.78 13.02
N ALA A 57 -0.85 -16.80 12.58
CA ALA A 57 -1.13 -18.18 12.99
C ALA A 57 -0.73 -18.39 14.44
N ASP A 58 -0.51 -17.29 15.15
CA ASP A 58 -0.15 -17.39 16.54
C ASP A 58 -1.34 -17.95 17.33
N GLY A 59 -2.54 -17.78 16.77
CA GLY A 59 -3.74 -18.28 17.41
C GLY A 59 -4.87 -18.41 16.41
N ASN A 60 -4.76 -17.66 15.33
CA ASN A 60 -5.78 -17.68 14.28
C ASN A 60 -5.40 -16.71 13.17
N GLY A 61 -5.75 -17.04 11.92
CA GLY A 61 -5.46 -16.18 10.80
C GLY A 61 -6.25 -14.88 10.89
N THR A 62 -6.49 -14.41 12.12
CA THR A 62 -7.23 -13.17 12.34
C THR A 62 -6.49 -12.29 13.34
N ILE A 63 -6.56 -10.97 13.12
CA ILE A 63 -5.89 -10.01 14.00
C ILE A 63 -6.91 -9.10 14.67
N ASP A 64 -6.73 -8.89 15.97
CA ASP A 64 -7.64 -8.07 16.75
C ASP A 64 -7.55 -6.60 16.30
N PHE A 65 -8.43 -5.76 16.82
CA PHE A 65 -8.44 -4.35 16.45
C PHE A 65 -7.23 -3.61 17.08
N PRO A 66 -7.01 -3.76 18.36
CA PRO A 66 -5.87 -3.09 19.05
C PRO A 66 -4.54 -3.34 18.34
N GLU A 67 -4.31 -4.59 17.92
CA GLU A 67 -3.08 -4.93 17.22
C GLU A 67 -3.04 -4.31 15.84
N PHE A 68 -4.20 -4.27 15.19
CA PHE A 68 -4.29 -3.70 13.84
C PHE A 68 -3.87 -2.22 13.85
N LEU A 69 -4.37 -1.47 14.82
CA LEU A 69 -4.06 -0.05 14.92
C LEU A 69 -2.55 0.14 15.14
N THR A 70 -1.97 -0.65 16.04
CA THR A 70 -0.54 -0.56 16.33
C THR A 70 0.29 -1.01 15.13
N MET A 71 -0.09 -2.13 14.53
CA MET A 71 0.63 -2.67 13.38
C MET A 71 0.62 -1.69 12.23
N MET A 72 -0.54 -1.10 11.97
CA MET A 72 -0.67 -0.14 10.89
C MET A 72 0.18 1.09 11.16
N ALA A 73 0.20 1.51 12.42
CA ALA A 73 0.98 2.68 12.80
C ALA A 73 2.45 2.49 12.49
N ARG A 74 2.96 1.30 12.79
CA ARG A 74 4.37 1.00 12.55
C ARG A 74 4.66 0.86 11.04
N LYS A 75 3.76 0.18 10.33
CA LYS A 75 3.92 0.01 8.89
C LYS A 75 3.86 1.34 8.17
N MET A 76 2.94 2.20 8.60
CA MET A 76 2.77 3.52 8.00
C MET A 76 3.55 4.56 8.80
N LYS A 77 4.36 5.36 8.09
CA LYS A 77 5.14 6.41 8.76
C LYS A 77 4.32 7.68 8.89
N ASP A 78 4.49 8.38 10.00
CA ASP A 78 3.75 9.61 10.25
C ASP A 78 3.87 10.54 9.04
N THR A 79 3.06 11.60 9.04
CA THR A 79 3.06 12.56 7.95
C THR A 79 4.29 13.47 8.04
N ASP A 80 4.95 13.46 9.20
CA ASP A 80 6.14 14.29 9.40
C ASP A 80 7.29 13.77 8.54
N SER A 81 7.16 12.55 8.05
CA SER A 81 8.19 11.95 7.22
C SER A 81 8.41 12.78 5.95
N GLU A 82 7.39 13.55 5.56
CA GLU A 82 7.48 14.39 4.36
C GLU A 82 8.89 14.98 4.20
N GLU A 83 9.42 15.55 5.29
CA GLU A 83 10.75 16.15 5.26
C GLU A 83 11.84 15.08 5.16
N GLU A 84 11.68 14.01 5.94
CA GLU A 84 12.66 12.92 5.94
C GLU A 84 12.69 12.26 4.58
N ILE A 85 11.52 12.10 3.98
CA ILE A 85 11.42 11.52 2.67
C ILE A 85 12.07 12.45 1.65
N ARG A 86 12.17 13.74 2.00
CA ARG A 86 12.74 14.68 1.06
C ARG A 86 14.15 14.24 0.67
N GLU A 87 14.92 13.84 1.65
CA GLU A 87 16.30 13.40 1.37
C GLU A 87 16.27 12.16 0.48
N ALA A 88 15.27 11.31 0.69
CA ALA A 88 15.13 10.07 -0.10
C ALA A 88 14.84 10.35 -1.57
N PHE A 89 14.35 11.56 -1.88
CA PHE A 89 14.03 11.90 -3.27
C PHE A 89 15.25 11.72 -4.16
N ARG A 90 16.36 12.28 -3.73
CA ARG A 90 17.63 12.22 -4.46
C ARG A 90 18.19 10.80 -4.50
N VAL A 91 18.16 10.11 -3.36
CA VAL A 91 18.67 8.74 -3.29
C VAL A 91 17.78 7.83 -4.14
N PHE A 92 16.47 7.94 -3.94
CA PHE A 92 15.52 7.11 -4.69
C PHE A 92 15.58 7.43 -6.18
N ASP A 93 15.58 8.73 -6.50
CA ASP A 93 15.64 9.17 -7.90
C ASP A 93 16.87 10.04 -8.11
N LYS A 94 17.92 9.45 -8.66
CA LYS A 94 19.15 10.17 -8.91
C LYS A 94 18.92 11.23 -9.97
N ASP A 95 18.13 10.86 -10.98
CA ASP A 95 17.85 11.78 -12.06
C ASP A 95 17.02 12.97 -11.56
N GLY A 96 16.06 12.72 -10.68
CA GLY A 96 15.21 13.78 -10.14
C GLY A 96 14.30 14.34 -11.22
N ASN A 97 14.90 14.87 -12.27
CA ASN A 97 14.14 15.45 -13.38
C ASN A 97 13.27 14.38 -14.04
N GLY A 98 13.59 13.12 -13.77
CA GLY A 98 12.85 11.99 -14.32
C GLY A 98 12.10 11.27 -13.22
N TYR A 99 11.08 10.49 -13.61
CA TYR A 99 10.27 9.74 -12.64
C TYR A 99 10.49 8.25 -12.80
N ILE A 100 10.24 7.48 -11.74
CA ILE A 100 10.43 6.03 -11.79
C ILE A 100 9.11 5.32 -12.11
N SER A 101 9.09 4.61 -13.24
CA SER A 101 7.91 3.86 -13.65
C SER A 101 7.90 2.48 -12.99
N ALA A 102 6.80 1.76 -13.13
CA ALA A 102 6.70 0.43 -12.55
C ALA A 102 7.75 -0.51 -13.15
N ALA A 103 8.03 -0.32 -14.44
CA ALA A 103 9.01 -1.16 -15.13
C ALA A 103 10.37 -1.07 -14.45
N GLU A 104 10.84 0.15 -14.22
CA GLU A 104 12.14 0.34 -13.59
C GLU A 104 12.10 -0.08 -12.11
N LEU A 105 10.97 0.20 -11.46
CA LEU A 105 10.79 -0.13 -10.03
C LEU A 105 10.86 -1.65 -9.81
N ARG A 106 10.26 -2.37 -10.74
CA ARG A 106 10.21 -3.83 -10.69
C ARG A 106 11.61 -4.43 -10.55
N HIS A 107 12.56 -3.90 -11.30
CA HIS A 107 13.92 -4.39 -11.23
C HIS A 107 14.49 -4.15 -9.84
N VAL A 108 14.16 -2.99 -9.28
CA VAL A 108 14.65 -2.62 -7.94
C VAL A 108 14.12 -3.62 -6.90
N MET A 109 12.84 -3.94 -7.00
CA MET A 109 12.22 -4.88 -6.07
C MET A 109 12.84 -6.27 -6.23
N THR A 110 13.14 -6.65 -7.47
CA THR A 110 13.74 -7.96 -7.73
C THR A 110 15.08 -8.06 -7.00
N ASN A 111 15.83 -6.96 -7.01
CA ASN A 111 17.13 -6.91 -6.36
C ASN A 111 17.00 -7.15 -4.86
N LEU A 112 15.93 -6.62 -4.25
CA LEU A 112 15.73 -6.78 -2.81
C LEU A 112 15.58 -8.26 -2.46
N GLY A 113 14.80 -8.97 -3.26
CA GLY A 113 14.57 -10.39 -3.02
C GLY A 113 13.37 -10.90 -3.83
N GLU A 114 12.77 -11.96 -3.32
CA GLU A 114 11.61 -12.58 -3.98
C GLU A 114 10.56 -12.99 -2.96
N LYS A 115 10.58 -12.34 -1.80
CA LYS A 115 9.61 -12.65 -0.74
C LYS A 115 8.20 -12.35 -1.22
N LEU A 116 8.05 -11.21 -1.87
CA LEU A 116 6.74 -10.79 -2.39
C LEU A 116 6.66 -11.11 -3.88
N THR A 117 5.46 -11.00 -4.44
CA THR A 117 5.27 -11.27 -5.86
C THR A 117 5.97 -10.21 -6.72
N ASP A 118 6.19 -10.53 -7.98
CA ASP A 118 6.83 -9.59 -8.92
C ASP A 118 5.78 -8.76 -9.66
N GLU A 119 4.55 -9.28 -9.71
CA GLU A 119 3.46 -8.60 -10.42
C GLU A 119 2.71 -7.59 -9.52
N GLU A 120 2.76 -7.79 -8.20
CA GLU A 120 2.07 -6.91 -7.25
C GLU A 120 2.09 -5.43 -7.70
N VAL A 121 3.27 -4.84 -7.74
CA VAL A 121 3.40 -3.43 -8.11
C VAL A 121 3.00 -3.20 -9.56
N ASP A 122 3.28 -4.17 -10.43
CA ASP A 122 2.95 -4.02 -11.84
C ASP A 122 1.45 -3.85 -12.06
N GLU A 123 0.66 -4.69 -11.40
CA GLU A 123 -0.81 -4.64 -11.53
C GLU A 123 -1.43 -3.61 -10.58
N MET A 124 -0.92 -3.55 -9.35
CA MET A 124 -1.47 -2.61 -8.37
C MET A 124 -1.35 -1.20 -8.91
N ILE A 125 -0.18 -0.88 -9.42
CA ILE A 125 0.05 0.44 -9.98
C ILE A 125 -0.74 0.61 -11.27
N ARG A 126 -1.17 -0.50 -11.89
CA ARG A 126 -1.89 -0.36 -13.15
C ARG A 126 -3.33 0.08 -12.92
N GLU A 127 -4.04 -0.61 -12.05
CA GLU A 127 -5.43 -0.26 -11.82
C GLU A 127 -5.56 0.84 -10.77
N ALA A 128 -5.25 0.51 -9.53
CA ALA A 128 -5.36 1.47 -8.44
C ALA A 128 -4.91 2.87 -8.87
N ASP A 129 -4.11 2.94 -9.93
CA ASP A 129 -3.62 4.23 -10.43
C ASP A 129 -4.58 4.81 -11.47
N ILE A 130 -5.03 6.04 -11.22
CA ILE A 130 -5.95 6.70 -12.13
C ILE A 130 -5.25 6.99 -13.46
N ASP A 131 -3.95 7.24 -13.41
CA ASP A 131 -3.19 7.53 -14.63
C ASP A 131 -3.02 6.26 -15.46
N GLY A 132 -2.66 5.17 -14.80
CA GLY A 132 -2.47 3.88 -15.47
C GLY A 132 -1.11 3.84 -16.16
N ASP A 133 -0.40 4.96 -16.15
CA ASP A 133 0.93 5.02 -16.78
C ASP A 133 2.00 4.64 -15.77
N GLY A 134 1.59 4.53 -14.51
CA GLY A 134 2.53 4.16 -13.45
C GLY A 134 3.68 5.15 -13.37
N GLN A 135 3.79 5.80 -12.23
CA GLN A 135 4.84 6.78 -12.00
C GLN A 135 5.05 7.01 -10.51
N VAL A 136 6.31 7.14 -10.10
CA VAL A 136 6.65 7.36 -8.68
C VAL A 136 7.53 8.60 -8.54
N ASN A 137 7.18 9.45 -7.58
CA ASN A 137 7.92 10.69 -7.33
C ASN A 137 7.82 11.08 -5.86
N TYR A 138 8.54 12.15 -5.49
CA TYR A 138 8.53 12.62 -4.11
C TYR A 138 7.12 12.98 -3.63
N GLU A 139 6.42 13.79 -4.41
CA GLU A 139 5.08 14.22 -4.04
C GLU A 139 4.17 13.01 -3.83
N GLU A 140 4.39 11.96 -4.61
CA GLU A 140 3.58 10.76 -4.49
C GLU A 140 3.86 10.01 -3.17
N PHE A 141 5.13 9.96 -2.77
CA PHE A 141 5.49 9.26 -1.53
C PHE A 141 4.81 9.87 -0.31
N VAL A 142 4.83 11.20 -0.21
CA VAL A 142 4.23 11.86 0.94
C VAL A 142 2.75 11.48 1.05
N GLN A 143 2.05 11.51 -0.08
CA GLN A 143 0.63 11.17 -0.10
C GLN A 143 0.41 9.67 0.03
N MET A 144 1.36 8.88 -0.47
CA MET A 144 1.24 7.43 -0.41
C MET A 144 1.16 6.95 1.04
N MET A 145 1.95 7.57 1.91
CA MET A 145 1.96 7.21 3.33
C MET A 145 1.24 8.28 4.16
N THR A 146 0.49 7.83 5.16
CA THR A 146 -0.24 8.74 6.03
C THR A 146 -0.75 8.00 7.26
N ALA A 147 0.16 7.66 8.17
CA ALA A 147 -0.20 6.94 9.38
C ALA A 147 -1.16 7.76 10.23
N LYS A 148 -0.88 9.06 10.32
CA LYS A 148 -1.71 9.98 11.09
C LYS A 148 -1.93 11.28 10.32
N ALA A 1 -5.33 20.10 -13.92
CA ALA A 1 -6.15 19.12 -13.14
C ALA A 1 -5.47 18.81 -11.82
N ASP A 2 -6.27 18.60 -10.78
CA ASP A 2 -5.73 18.30 -9.45
C ASP A 2 -5.52 16.80 -9.28
N GLN A 3 -4.26 16.39 -9.16
CA GLN A 3 -3.94 14.97 -8.99
C GLN A 3 -4.13 14.56 -7.53
N LEU A 4 -4.19 15.56 -6.63
CA LEU A 4 -4.38 15.29 -5.21
C LEU A 4 -5.74 15.79 -4.75
N THR A 5 -6.59 14.88 -4.29
CA THR A 5 -7.93 15.23 -3.81
C THR A 5 -8.26 14.43 -2.56
N GLU A 6 -9.19 14.94 -1.77
CA GLU A 6 -9.60 14.27 -0.54
C GLU A 6 -10.41 13.01 -0.84
N GLU A 7 -10.99 12.95 -2.04
CA GLU A 7 -11.79 11.80 -2.43
C GLU A 7 -10.99 10.51 -2.33
N GLN A 8 -9.74 10.56 -2.78
CA GLN A 8 -8.88 9.38 -2.74
C GLN A 8 -8.64 8.94 -1.29
N ILE A 9 -8.38 9.90 -0.42
CA ILE A 9 -8.15 9.61 1.00
C ILE A 9 -9.41 9.04 1.65
N ALA A 10 -10.56 9.63 1.34
CA ALA A 10 -11.82 9.16 1.91
C ALA A 10 -12.03 7.67 1.68
N GLU A 11 -11.77 7.21 0.45
CA GLU A 11 -11.93 5.79 0.14
C GLU A 11 -11.41 4.92 1.28
N PHE A 12 -10.23 5.24 1.79
CA PHE A 12 -9.65 4.49 2.89
C PHE A 12 -10.47 4.66 4.16
N LYS A 13 -10.95 5.87 4.40
CA LYS A 13 -11.75 6.16 5.58
C LYS A 13 -13.04 5.34 5.57
N GLU A 14 -13.69 5.28 4.42
CA GLU A 14 -14.93 4.53 4.30
C GLU A 14 -14.69 3.04 4.50
N ALA A 15 -13.59 2.54 3.95
CA ALA A 15 -13.26 1.12 4.07
C ALA A 15 -13.12 0.74 5.53
N PHE A 16 -12.89 1.73 6.39
CA PHE A 16 -12.73 1.47 7.82
C PHE A 16 -13.84 0.58 8.34
N SER A 17 -15.08 0.92 8.00
CA SER A 17 -16.23 0.14 8.46
C SER A 17 -16.38 -1.14 7.63
N LEU A 18 -15.78 -1.15 6.43
CA LEU A 18 -15.87 -2.32 5.57
C LEU A 18 -15.19 -3.52 6.20
N PHE A 19 -14.04 -3.30 6.84
CA PHE A 19 -13.30 -4.39 7.47
C PHE A 19 -14.16 -5.11 8.51
N ASP A 20 -14.84 -4.34 9.34
CA ASP A 20 -15.68 -4.93 10.39
C ASP A 20 -17.09 -5.26 9.88
N LYS A 21 -17.48 -4.63 8.78
CA LYS A 21 -18.81 -4.88 8.22
C LYS A 21 -19.12 -6.38 8.21
N ASP A 22 -18.10 -7.21 8.02
CA ASP A 22 -18.30 -8.66 7.98
C ASP A 22 -18.97 -9.15 9.26
N GLY A 23 -18.49 -8.67 10.42
CA GLY A 23 -19.04 -9.05 11.71
C GLY A 23 -19.10 -7.86 12.66
N ASP A 24 -19.04 -8.13 13.96
CA ASP A 24 -19.09 -7.06 14.95
C ASP A 24 -17.77 -6.29 15.00
N GLY A 25 -16.65 -7.02 15.04
CA GLY A 25 -15.34 -6.41 15.04
C GLY A 25 -14.26 -7.45 14.76
N THR A 26 -13.67 -7.42 13.57
CA THR A 26 -12.63 -8.39 13.22
C THR A 26 -11.88 -7.97 11.97
N ILE A 27 -10.61 -8.32 11.89
CA ILE A 27 -9.78 -8.01 10.72
C ILE A 27 -9.15 -9.28 10.18
N THR A 28 -9.96 -10.12 9.53
CA THR A 28 -9.47 -11.38 8.96
C THR A 28 -8.92 -11.16 7.57
N THR A 29 -8.19 -12.16 7.07
CA THR A 29 -7.61 -12.06 5.74
C THR A 29 -8.72 -12.04 4.69
N LYS A 30 -9.84 -12.66 5.01
CA LYS A 30 -10.97 -12.72 4.09
C LYS A 30 -11.47 -11.30 3.80
N GLU A 31 -11.50 -10.48 4.83
CA GLU A 31 -11.96 -9.11 4.69
C GLU A 31 -10.98 -8.32 3.83
N LEU A 32 -9.68 -8.56 4.04
CA LEU A 32 -8.64 -7.87 3.27
C LEU A 32 -8.77 -8.23 1.79
N GLY A 33 -8.99 -9.51 1.52
CA GLY A 33 -9.14 -9.96 0.14
C GLY A 33 -10.20 -9.16 -0.59
N THR A 34 -11.24 -8.74 0.13
CA THR A 34 -12.31 -7.95 -0.48
C THR A 34 -11.79 -6.61 -0.97
N VAL A 35 -10.99 -5.95 -0.14
CA VAL A 35 -10.43 -4.64 -0.49
C VAL A 35 -9.68 -4.73 -1.80
N MET A 36 -9.34 -5.95 -2.20
CA MET A 36 -8.61 -6.15 -3.44
C MET A 36 -9.31 -5.47 -4.59
N ARG A 37 -10.64 -5.54 -4.64
CA ARG A 37 -11.32 -4.93 -5.76
C ARG A 37 -11.10 -3.41 -5.73
N SER A 38 -11.27 -2.79 -4.58
CA SER A 38 -11.07 -1.35 -4.47
C SER A 38 -9.62 -0.97 -4.77
N LEU A 39 -8.72 -1.95 -4.67
CA LEU A 39 -7.31 -1.73 -4.94
C LEU A 39 -6.96 -2.07 -6.38
N GLY A 40 -7.98 -2.37 -7.19
CA GLY A 40 -7.75 -2.71 -8.59
C GLY A 40 -6.56 -3.65 -8.72
N GLN A 41 -6.79 -4.92 -8.44
CA GLN A 41 -5.75 -5.95 -8.53
C GLN A 41 -4.52 -5.53 -7.73
N ASN A 42 -4.18 -6.30 -6.70
CA ASN A 42 -3.02 -5.98 -5.87
C ASN A 42 -2.35 -7.24 -5.31
N PRO A 43 -1.73 -8.04 -6.15
CA PRO A 43 -1.04 -9.28 -5.71
C PRO A 43 -0.37 -9.11 -4.35
N THR A 44 0.06 -7.88 -4.07
CA THR A 44 0.73 -7.57 -2.81
C THR A 44 0.05 -8.34 -1.66
N GLU A 45 -1.24 -8.63 -1.83
CA GLU A 45 -1.99 -9.36 -0.80
C GLU A 45 -1.89 -10.87 -1.04
N ALA A 46 -1.80 -11.26 -2.31
CA ALA A 46 -1.71 -12.68 -2.67
C ALA A 46 -0.49 -13.32 -2.02
N GLU A 47 0.67 -12.71 -2.19
CA GLU A 47 1.89 -13.25 -1.61
C GLU A 47 1.83 -13.14 -0.10
N LEU A 48 1.42 -11.97 0.37
CA LEU A 48 1.34 -11.74 1.80
C LEU A 48 0.31 -12.67 2.43
N GLN A 49 -0.69 -13.07 1.64
CA GLN A 49 -1.73 -13.96 2.14
C GLN A 49 -1.15 -15.04 3.05
N ASP A 50 -0.14 -15.75 2.55
CA ASP A 50 0.51 -16.80 3.33
C ASP A 50 1.23 -16.19 4.53
N MET A 51 1.84 -15.03 4.31
CA MET A 51 2.58 -14.35 5.37
C MET A 51 1.64 -13.97 6.53
N ILE A 52 0.43 -13.51 6.19
CA ILE A 52 -0.54 -13.10 7.21
C ILE A 52 -0.93 -14.27 8.12
N ASN A 53 -1.23 -15.41 7.52
CA ASN A 53 -1.62 -16.59 8.30
C ASN A 53 -0.49 -17.03 9.22
N GLU A 54 0.74 -17.02 8.70
CA GLU A 54 1.89 -17.44 9.50
C GLU A 54 2.04 -16.56 10.74
N VAL A 55 2.14 -15.26 10.54
CA VAL A 55 2.30 -14.33 11.67
C VAL A 55 1.01 -14.25 12.50
N ASP A 56 -0.13 -14.35 11.84
CA ASP A 56 -1.42 -14.28 12.51
C ASP A 56 -1.82 -15.63 13.10
N ALA A 57 -1.13 -16.68 12.71
CA ALA A 57 -1.41 -18.03 13.21
C ALA A 57 -0.97 -18.16 14.65
N ASP A 58 -0.59 -17.04 15.25
CA ASP A 58 -0.17 -17.04 16.64
C ASP A 58 -1.33 -17.52 17.51
N GLY A 59 -2.56 -17.33 17.01
CA GLY A 59 -3.73 -17.75 17.76
C GLY A 59 -4.92 -17.95 16.83
N ASN A 60 -4.82 -17.32 15.66
CA ASN A 60 -5.89 -17.42 14.66
C ASN A 60 -5.54 -16.55 13.46
N GLY A 61 -5.87 -17.04 12.26
CA GLY A 61 -5.61 -16.28 11.04
C GLY A 61 -6.40 -14.97 11.01
N THR A 62 -6.64 -14.39 12.21
CA THR A 62 -7.39 -13.15 12.31
C THR A 62 -6.63 -12.15 13.18
N ILE A 63 -6.81 -10.85 12.89
CA ILE A 63 -6.14 -9.80 13.65
C ILE A 63 -7.17 -8.93 14.36
N ASP A 64 -6.86 -8.57 15.61
CA ASP A 64 -7.75 -7.74 16.42
C ASP A 64 -7.57 -6.26 16.07
N PHE A 65 -8.50 -5.43 16.51
CA PHE A 65 -8.43 -4.00 16.22
C PHE A 65 -7.17 -3.37 16.86
N PRO A 66 -6.93 -3.60 18.13
CA PRO A 66 -5.74 -3.04 18.82
C PRO A 66 -4.45 -3.32 18.06
N GLU A 67 -4.30 -4.56 17.59
CA GLU A 67 -3.11 -4.94 16.83
C GLU A 67 -3.10 -4.29 15.45
N PHE A 68 -4.28 -4.18 14.86
CA PHE A 68 -4.41 -3.59 13.54
C PHE A 68 -3.90 -2.15 13.52
N LEU A 69 -4.31 -1.38 14.51
CA LEU A 69 -3.90 0.02 14.59
C LEU A 69 -2.37 0.12 14.74
N THR A 70 -1.82 -0.70 15.62
CA THR A 70 -0.38 -0.70 15.86
C THR A 70 0.38 -1.21 14.63
N MET A 71 -0.12 -2.29 14.04
CA MET A 71 0.54 -2.88 12.88
C MET A 71 0.57 -1.90 11.71
N MET A 72 -0.52 -1.16 11.54
CA MET A 72 -0.60 -0.19 10.46
C MET A 72 0.45 0.90 10.67
N ALA A 73 0.65 1.29 11.93
CA ALA A 73 1.63 2.32 12.25
C ALA A 73 3.04 1.87 11.88
N ARG A 74 3.34 0.61 12.13
CA ARG A 74 4.67 0.08 11.83
C ARG A 74 4.90 0.00 10.33
N LYS A 75 3.93 -0.50 9.59
CA LYS A 75 4.04 -0.59 8.13
C LYS A 75 4.05 0.80 7.51
N MET A 76 3.20 1.68 8.02
CA MET A 76 3.11 3.05 7.51
C MET A 76 4.12 3.94 8.24
N LYS A 77 4.39 5.11 7.68
CA LYS A 77 5.35 6.05 8.27
C LYS A 77 4.63 7.33 8.69
N ASP A 78 5.20 8.00 9.68
CA ASP A 78 4.63 9.24 10.18
C ASP A 78 4.52 10.28 9.07
N THR A 79 3.68 11.27 9.29
CA THR A 79 3.48 12.32 8.29
C THR A 79 4.77 13.11 8.11
N ASP A 80 5.57 13.20 9.17
CA ASP A 80 6.82 13.95 9.10
C ASP A 80 7.77 13.28 8.13
N SER A 81 7.40 12.09 7.68
CA SER A 81 8.23 11.35 6.74
C SER A 81 8.48 12.17 5.48
N GLU A 82 7.50 12.99 5.11
CA GLU A 82 7.61 13.83 3.91
C GLU A 82 8.94 14.59 3.92
N GLU A 83 9.23 15.25 5.04
CA GLU A 83 10.47 16.03 5.16
C GLU A 83 11.70 15.12 5.11
N GLU A 84 11.61 13.98 5.78
CA GLU A 84 12.72 13.02 5.81
C GLU A 84 12.94 12.44 4.44
N ILE A 85 11.85 12.04 3.79
CA ILE A 85 11.93 11.48 2.46
C ILE A 85 12.44 12.55 1.52
N ARG A 86 12.29 13.81 1.91
CA ARG A 86 12.72 14.87 1.04
C ARG A 86 14.21 14.74 0.74
N GLU A 87 14.98 14.42 1.75
CA GLU A 87 16.42 14.27 1.54
C GLU A 87 16.68 13.13 0.55
N ALA A 88 15.85 12.09 0.61
CA ALA A 88 15.98 10.94 -0.27
C ALA A 88 15.50 11.24 -1.69
N PHE A 89 14.78 12.34 -1.88
CA PHE A 89 14.27 12.69 -3.21
C PHE A 89 15.35 12.57 -4.28
N ARG A 90 16.48 13.20 -4.02
CA ARG A 90 17.60 13.20 -4.95
C ARG A 90 18.10 11.79 -5.22
N VAL A 91 18.28 11.00 -4.17
CA VAL A 91 18.74 9.62 -4.33
C VAL A 91 17.67 8.78 -5.00
N PHE A 92 16.43 8.94 -4.54
CA PHE A 92 15.32 8.17 -5.09
C PHE A 92 15.20 8.46 -6.57
N ASP A 93 15.29 9.72 -6.94
CA ASP A 93 15.20 10.14 -8.33
C ASP A 93 16.24 11.21 -8.64
N LYS A 94 17.34 10.80 -9.27
CA LYS A 94 18.40 11.73 -9.63
C LYS A 94 17.93 12.68 -10.71
N ASP A 95 17.17 12.14 -11.66
CA ASP A 95 16.67 12.95 -12.75
C ASP A 95 15.79 14.08 -12.22
N GLY A 96 14.95 13.76 -11.25
CA GLY A 96 14.06 14.74 -10.65
C GLY A 96 12.99 15.19 -11.64
N ASN A 97 13.44 15.70 -12.78
CA ASN A 97 12.53 16.17 -13.82
C ASN A 97 11.81 14.99 -14.47
N GLY A 98 12.33 13.78 -14.21
CA GLY A 98 11.76 12.57 -14.78
C GLY A 98 11.12 11.72 -13.68
N TYR A 99 10.24 10.80 -14.08
CA TYR A 99 9.55 9.93 -13.12
C TYR A 99 9.96 8.48 -13.33
N ILE A 100 9.92 7.69 -12.25
CA ILE A 100 10.31 6.28 -12.34
C ILE A 100 9.12 5.44 -12.79
N SER A 101 9.30 4.71 -13.89
CA SER A 101 8.25 3.85 -14.41
C SER A 101 8.19 2.56 -13.63
N ALA A 102 7.13 1.79 -13.84
CA ALA A 102 6.97 0.51 -13.15
C ALA A 102 8.10 -0.44 -13.53
N ALA A 103 8.53 -0.40 -14.79
CA ALA A 103 9.61 -1.27 -15.26
C ALA A 103 10.90 -1.00 -14.50
N GLU A 104 11.24 0.27 -14.34
CA GLU A 104 12.46 0.66 -13.63
C GLU A 104 12.34 0.36 -12.13
N LEU A 105 11.16 0.59 -11.57
CA LEU A 105 10.92 0.35 -10.13
C LEU A 105 11.14 -1.11 -9.76
N ARG A 106 10.63 -1.97 -10.62
CA ARG A 106 10.71 -3.42 -10.43
C ARG A 106 12.16 -3.85 -10.18
N HIS A 107 13.07 -3.30 -10.96
CA HIS A 107 14.49 -3.64 -10.82
C HIS A 107 14.94 -3.39 -9.38
N VAL A 108 14.50 -2.28 -8.82
CA VAL A 108 14.85 -1.92 -7.46
C VAL A 108 14.26 -2.92 -6.48
N MET A 109 13.01 -3.31 -6.73
CA MET A 109 12.31 -4.25 -5.87
C MET A 109 13.09 -5.57 -5.76
N THR A 110 13.74 -5.95 -6.85
CA THR A 110 14.52 -7.18 -6.87
C THR A 110 15.63 -7.13 -5.84
N ASN A 111 16.29 -5.98 -5.74
CA ASN A 111 17.38 -5.81 -4.79
C ASN A 111 16.89 -6.06 -3.35
N LEU A 112 15.68 -5.61 -3.05
CA LEU A 112 15.13 -5.78 -1.71
C LEU A 112 15.00 -7.27 -1.38
N GLY A 113 14.47 -8.02 -2.34
CA GLY A 113 14.28 -9.44 -2.14
C GLY A 113 13.33 -10.02 -3.19
N GLU A 114 12.69 -11.14 -2.84
CA GLU A 114 11.75 -11.80 -3.73
C GLU A 114 10.57 -12.38 -2.95
N LYS A 115 10.45 -12.00 -1.68
CA LYS A 115 9.36 -12.51 -0.84
C LYS A 115 8.01 -12.05 -1.38
N LEU A 116 7.93 -10.79 -1.76
CA LEU A 116 6.71 -10.23 -2.30
C LEU A 116 6.54 -10.61 -3.77
N THR A 117 5.33 -10.53 -4.27
CA THR A 117 5.06 -10.89 -5.66
C THR A 117 5.70 -9.88 -6.60
N ASP A 118 5.87 -10.25 -7.86
CA ASP A 118 6.46 -9.36 -8.87
C ASP A 118 5.36 -8.59 -9.60
N GLU A 119 4.14 -9.12 -9.56
CA GLU A 119 3.01 -8.49 -10.24
C GLU A 119 2.34 -7.40 -9.39
N GLU A 120 2.44 -7.51 -8.07
CA GLU A 120 1.82 -6.53 -7.16
C GLU A 120 1.87 -5.10 -7.73
N VAL A 121 3.06 -4.58 -7.90
CA VAL A 121 3.20 -3.22 -8.41
C VAL A 121 2.79 -3.13 -9.88
N ASP A 122 2.97 -4.20 -10.63
CA ASP A 122 2.62 -4.19 -12.05
C ASP A 122 1.14 -3.88 -12.27
N GLU A 123 0.28 -4.79 -11.84
CA GLU A 123 -1.17 -4.60 -12.02
C GLU A 123 -1.71 -3.47 -11.14
N MET A 124 -1.30 -3.44 -9.88
CA MET A 124 -1.80 -2.41 -8.96
C MET A 124 -1.58 -1.05 -9.58
N ILE A 125 -0.36 -0.80 -10.03
CA ILE A 125 -0.07 0.46 -10.67
C ILE A 125 -0.87 0.59 -11.96
N ARG A 126 -1.38 -0.53 -12.48
CA ARG A 126 -2.12 -0.48 -13.72
C ARG A 126 -3.61 -0.21 -13.50
N GLU A 127 -4.26 -1.07 -12.73
CA GLU A 127 -5.69 -0.89 -12.50
C GLU A 127 -5.95 0.14 -11.40
N ALA A 128 -5.59 -0.19 -10.17
CA ALA A 128 -5.81 0.71 -9.04
C ALA A 128 -5.60 2.17 -9.44
N ASP A 129 -4.64 2.42 -10.32
CA ASP A 129 -4.36 3.78 -10.76
C ASP A 129 -5.24 4.14 -11.96
N ILE A 130 -5.61 5.42 -12.02
CA ILE A 130 -6.46 5.91 -13.10
C ILE A 130 -5.61 6.40 -14.28
N ASP A 131 -4.31 6.59 -14.05
CA ASP A 131 -3.41 7.04 -15.09
C ASP A 131 -3.14 5.91 -16.07
N GLY A 132 -2.87 4.73 -15.54
CA GLY A 132 -2.59 3.56 -16.36
C GLY A 132 -1.24 3.68 -17.05
N ASP A 133 -0.64 4.87 -16.96
CA ASP A 133 0.68 5.10 -17.57
C ASP A 133 1.78 4.77 -16.58
N GLY A 134 1.39 4.56 -15.32
CA GLY A 134 2.37 4.23 -14.29
C GLY A 134 3.38 5.37 -14.11
N GLN A 135 3.46 5.86 -12.88
CA GLN A 135 4.39 6.94 -12.55
C GLN A 135 4.61 7.01 -11.04
N VAL A 136 5.86 6.83 -10.64
CA VAL A 136 6.21 6.87 -9.21
C VAL A 136 7.23 7.98 -8.95
N ASN A 137 6.94 8.82 -7.96
CA ASN A 137 7.81 9.93 -7.62
C ASN A 137 7.60 10.33 -6.16
N TYR A 138 8.52 11.12 -5.63
CA TYR A 138 8.42 11.58 -4.24
C TYR A 138 7.02 12.12 -3.96
N GLU A 139 6.32 12.54 -5.01
CA GLU A 139 4.98 13.09 -4.85
C GLU A 139 4.00 12.01 -4.37
N GLU A 140 4.18 10.77 -4.84
CA GLU A 140 3.29 9.68 -4.45
C GLU A 140 3.72 9.05 -3.12
N PHE A 141 4.99 9.23 -2.75
CA PHE A 141 5.50 8.66 -1.50
C PHE A 141 4.76 9.23 -0.28
N VAL A 142 4.58 10.54 -0.25
CA VAL A 142 3.90 11.17 0.86
C VAL A 142 2.48 10.60 1.00
N GLN A 143 1.78 10.48 -0.12
CA GLN A 143 0.42 9.95 -0.11
C GLN A 143 0.42 8.45 0.16
N MET A 144 1.42 7.75 -0.37
CA MET A 144 1.50 6.30 -0.19
C MET A 144 1.53 5.93 1.28
N MET A 145 2.32 6.66 2.07
CA MET A 145 2.43 6.40 3.51
C MET A 145 1.83 7.55 4.30
N THR A 146 0.96 7.21 5.24
CA THR A 146 0.32 8.22 6.08
C THR A 146 -0.28 7.58 7.32
N ALA A 147 0.52 7.40 8.36
CA ALA A 147 0.05 6.78 9.59
C ALA A 147 -1.03 7.65 10.24
N LYS A 148 -0.80 8.95 10.29
CA LYS A 148 -1.75 9.90 10.89
C LYS A 148 -2.30 10.84 9.83
N ALA A 1 -5.97 23.52 -10.94
CA ALA A 1 -6.55 22.20 -10.57
C ALA A 1 -5.94 21.74 -9.24
N ASP A 2 -6.80 21.27 -8.34
CA ASP A 2 -6.36 20.79 -7.04
C ASP A 2 -6.10 19.28 -7.09
N GLN A 3 -4.85 18.89 -6.89
CA GLN A 3 -4.49 17.48 -6.92
C GLN A 3 -5.08 16.76 -5.73
N LEU A 4 -5.24 17.50 -4.62
CA LEU A 4 -5.80 16.92 -3.40
C LEU A 4 -7.26 17.33 -3.24
N THR A 5 -8.12 16.33 -3.01
CA THR A 5 -9.55 16.58 -2.83
C THR A 5 -10.08 15.77 -1.64
N GLU A 6 -11.21 16.22 -1.09
CA GLU A 6 -11.81 15.53 0.05
C GLU A 6 -12.30 14.15 -0.35
N GLU A 7 -12.53 13.96 -1.64
CA GLU A 7 -13.01 12.68 -2.16
C GLU A 7 -11.98 11.58 -1.90
N GLN A 8 -10.72 11.89 -2.16
CA GLN A 8 -9.64 10.92 -1.96
C GLN A 8 -9.48 10.59 -0.47
N ILE A 9 -9.56 11.62 0.37
CA ILE A 9 -9.41 11.42 1.81
C ILE A 9 -10.56 10.56 2.35
N ALA A 10 -11.77 10.85 1.89
CA ALA A 10 -12.94 10.10 2.35
C ALA A 10 -12.77 8.60 2.15
N GLU A 11 -12.17 8.22 1.02
CA GLU A 11 -11.97 6.81 0.74
C GLU A 11 -11.37 6.08 1.94
N PHE A 12 -10.31 6.65 2.51
CA PHE A 12 -9.66 6.04 3.66
C PHE A 12 -10.64 5.89 4.81
N LYS A 13 -11.41 6.93 5.07
CA LYS A 13 -12.39 6.90 6.14
C LYS A 13 -13.46 5.84 5.87
N GLU A 14 -13.87 5.73 4.61
CA GLU A 14 -14.89 4.75 4.24
C GLU A 14 -14.37 3.33 4.39
N ALA A 15 -13.13 3.11 3.99
CA ALA A 15 -12.53 1.78 4.09
C ALA A 15 -12.44 1.33 5.55
N PHE A 16 -12.45 2.30 6.46
CA PHE A 16 -12.35 2.00 7.88
C PHE A 16 -13.44 1.02 8.31
N SER A 17 -14.67 1.30 7.92
CA SER A 17 -15.79 0.44 8.27
C SER A 17 -15.86 -0.76 7.34
N LEU A 18 -15.19 -0.66 6.20
CA LEU A 18 -15.20 -1.75 5.23
C LEU A 18 -14.56 -3.00 5.82
N PHE A 19 -13.43 -2.82 6.51
CA PHE A 19 -12.74 -3.96 7.11
C PHE A 19 -13.62 -4.69 8.12
N ASP A 20 -14.21 -3.94 9.04
CA ASP A 20 -15.05 -4.54 10.06
C ASP A 20 -16.43 -4.88 9.50
N LYS A 21 -16.75 -4.35 8.33
CA LYS A 21 -18.05 -4.63 7.72
C LYS A 21 -18.39 -6.12 7.81
N ASP A 22 -17.38 -6.98 7.74
CA ASP A 22 -17.60 -8.42 7.80
C ASP A 22 -18.39 -8.79 9.07
N GLY A 23 -17.99 -8.23 10.21
CA GLY A 23 -18.67 -8.52 11.48
C GLY A 23 -18.70 -7.27 12.37
N ASP A 24 -18.72 -7.47 13.68
CA ASP A 24 -18.75 -6.36 14.62
C ASP A 24 -17.40 -5.64 14.67
N GLY A 25 -16.33 -6.42 14.78
CA GLY A 25 -14.99 -5.86 14.81
C GLY A 25 -13.95 -6.96 14.62
N THR A 26 -13.33 -7.01 13.45
CA THR A 26 -12.32 -8.01 13.19
C THR A 26 -11.52 -7.67 11.94
N ILE A 27 -10.21 -7.96 11.98
CA ILE A 27 -9.34 -7.70 10.83
C ILE A 27 -8.72 -9.03 10.37
N THR A 28 -9.25 -9.57 9.27
CA THR A 28 -8.76 -10.85 8.73
C THR A 28 -8.33 -10.68 7.29
N THR A 29 -7.68 -11.69 6.76
CA THR A 29 -7.17 -11.65 5.39
C THR A 29 -8.32 -11.53 4.40
N LYS A 30 -9.45 -12.16 4.72
CA LYS A 30 -10.61 -12.10 3.85
C LYS A 30 -11.07 -10.66 3.69
N GLU A 31 -10.99 -9.89 4.78
CA GLU A 31 -11.39 -8.50 4.74
C GLU A 31 -10.46 -7.70 3.84
N LEU A 32 -9.15 -7.98 3.96
CA LEU A 32 -8.16 -7.29 3.14
C LEU A 32 -8.36 -7.63 1.66
N GLY A 33 -8.65 -8.90 1.39
CA GLY A 33 -8.85 -9.34 0.01
C GLY A 33 -9.86 -8.45 -0.70
N THR A 34 -10.78 -7.88 0.06
CA THR A 34 -11.80 -6.99 -0.52
C THR A 34 -11.16 -5.74 -1.12
N VAL A 35 -10.21 -5.16 -0.37
CA VAL A 35 -9.53 -3.95 -0.81
C VAL A 35 -8.87 -4.18 -2.15
N MET A 36 -8.70 -5.44 -2.51
CA MET A 36 -8.08 -5.76 -3.78
C MET A 36 -8.78 -5.05 -4.90
N ARG A 37 -10.12 -4.94 -4.84
CA ARG A 37 -10.80 -4.28 -5.94
C ARG A 37 -10.38 -2.82 -6.01
N SER A 38 -10.37 -2.14 -4.88
CA SER A 38 -10.00 -0.73 -4.87
C SER A 38 -8.55 -0.55 -5.33
N LEU A 39 -7.78 -1.64 -5.23
CA LEU A 39 -6.37 -1.61 -5.63
C LEU A 39 -6.19 -2.20 -7.03
N GLY A 40 -7.31 -2.50 -7.70
CA GLY A 40 -7.26 -3.07 -9.05
C GLY A 40 -6.06 -4.00 -9.22
N GLN A 41 -6.30 -5.29 -9.00
CA GLN A 41 -5.24 -6.28 -9.12
C GLN A 41 -4.03 -5.88 -8.26
N ASN A 42 -3.80 -6.62 -7.18
CA ASN A 42 -2.68 -6.30 -6.30
C ASN A 42 -2.06 -7.56 -5.70
N PRO A 43 -1.49 -8.42 -6.51
CA PRO A 43 -0.84 -9.67 -6.04
C PRO A 43 -0.15 -9.49 -4.69
N THR A 44 0.30 -8.26 -4.44
CA THR A 44 0.99 -7.94 -3.20
C THR A 44 0.28 -8.64 -2.02
N GLU A 45 -1.02 -8.86 -2.16
CA GLU A 45 -1.80 -9.52 -1.12
C GLU A 45 -1.82 -11.02 -1.33
N ALA A 46 -1.72 -11.44 -2.59
CA ALA A 46 -1.73 -12.85 -2.93
C ALA A 46 -0.54 -13.56 -2.29
N GLU A 47 0.65 -13.00 -2.44
CA GLU A 47 1.85 -13.60 -1.86
C GLU A 47 1.82 -13.41 -0.35
N LEU A 48 1.46 -12.21 0.06
CA LEU A 48 1.43 -11.91 1.48
C LEU A 48 0.33 -12.69 2.19
N GLN A 49 -0.70 -13.08 1.45
CA GLN A 49 -1.80 -13.84 2.03
C GLN A 49 -1.29 -14.88 3.01
N ASP A 50 -0.20 -15.56 2.63
CA ASP A 50 0.39 -16.57 3.49
C ASP A 50 1.20 -15.93 4.61
N MET A 51 1.87 -14.83 4.30
CA MET A 51 2.69 -14.15 5.29
C MET A 51 1.83 -13.70 6.48
N ILE A 52 0.61 -13.27 6.19
CA ILE A 52 -0.30 -12.80 7.24
C ILE A 52 -0.65 -13.93 8.22
N ASN A 53 -0.95 -15.10 7.68
CA ASN A 53 -1.31 -16.25 8.50
C ASN A 53 -0.13 -16.63 9.39
N GLU A 54 1.07 -16.58 8.84
CA GLU A 54 2.28 -16.94 9.60
C GLU A 54 2.39 -16.11 10.87
N VAL A 55 2.41 -14.79 10.72
CA VAL A 55 2.53 -13.92 11.89
C VAL A 55 1.22 -13.88 12.68
N ASP A 56 0.11 -13.84 11.95
CA ASP A 56 -1.22 -13.79 12.58
C ASP A 56 -1.59 -15.12 13.23
N ALA A 57 -0.82 -16.16 12.92
CA ALA A 57 -1.07 -17.49 13.46
C ALA A 57 -0.71 -17.54 14.94
N ASP A 58 -0.40 -16.38 15.50
CA ASP A 58 -0.07 -16.31 16.92
C ASP A 58 -1.24 -16.84 17.73
N GLY A 59 -2.44 -16.72 17.18
CA GLY A 59 -3.64 -17.20 17.86
C GLY A 59 -4.74 -17.53 16.86
N ASN A 60 -4.67 -16.89 15.69
CA ASN A 60 -5.67 -17.08 14.64
C ASN A 60 -5.38 -16.16 13.46
N GLY A 61 -5.75 -16.58 12.25
CA GLY A 61 -5.55 -15.76 11.06
C GLY A 61 -6.36 -14.46 11.13
N THR A 62 -6.49 -13.89 12.33
CA THR A 62 -7.23 -12.64 12.51
C THR A 62 -6.47 -11.72 13.46
N ILE A 63 -6.69 -10.41 13.31
CA ILE A 63 -6.02 -9.41 14.14
C ILE A 63 -7.05 -8.49 14.77
N ASP A 64 -6.86 -8.19 16.05
CA ASP A 64 -7.78 -7.31 16.76
C ASP A 64 -7.44 -5.85 16.46
N PHE A 65 -8.37 -4.95 16.79
CA PHE A 65 -8.16 -3.52 16.55
C PHE A 65 -6.96 -2.99 17.34
N PRO A 66 -6.89 -3.26 18.62
CA PRO A 66 -5.77 -2.77 19.48
C PRO A 66 -4.39 -3.10 18.87
N GLU A 67 -4.27 -4.31 18.33
CA GLU A 67 -3.01 -4.74 17.71
C GLU A 67 -2.89 -4.19 16.29
N PHE A 68 -4.02 -3.99 15.63
CA PHE A 68 -4.02 -3.47 14.26
C PHE A 68 -3.35 -2.11 14.20
N LEU A 69 -3.69 -1.23 15.14
CA LEU A 69 -3.12 0.11 15.16
C LEU A 69 -1.61 0.04 15.36
N THR A 70 -1.17 -0.83 16.27
CA THR A 70 0.26 -0.98 16.53
C THR A 70 0.98 -1.53 15.30
N MET A 71 0.38 -2.55 14.68
CA MET A 71 0.98 -3.16 13.49
C MET A 71 1.15 -2.13 12.37
N MET A 72 0.11 -1.33 12.15
CA MET A 72 0.15 -0.32 11.11
C MET A 72 1.23 0.72 11.41
N ALA A 73 1.32 1.10 12.68
CA ALA A 73 2.32 2.08 13.08
C ALA A 73 3.73 1.58 12.79
N ARG A 74 4.01 0.35 13.19
CA ARG A 74 5.34 -0.22 12.99
C ARG A 74 5.59 -0.52 11.52
N LYS A 75 4.62 -1.15 10.86
CA LYS A 75 4.76 -1.49 9.45
C LYS A 75 4.78 -0.22 8.60
N MET A 76 3.88 0.70 8.88
CA MET A 76 3.79 1.95 8.13
C MET A 76 4.48 3.07 8.90
N LYS A 77 4.42 4.28 8.36
CA LYS A 77 5.05 5.43 9.00
C LYS A 77 4.05 6.58 9.12
N ASP A 78 4.26 7.42 10.13
CA ASP A 78 3.38 8.55 10.38
C ASP A 78 3.24 9.40 9.12
N THR A 79 2.43 10.44 9.21
CA THR A 79 2.22 11.33 8.06
C THR A 79 3.36 12.34 7.95
N ASP A 80 4.14 12.47 9.02
CA ASP A 80 5.26 13.40 9.04
C ASP A 80 6.33 12.96 8.04
N SER A 81 6.21 11.72 7.59
CA SER A 81 7.17 11.18 6.63
C SER A 81 7.31 12.10 5.43
N GLU A 82 6.20 12.74 5.04
CA GLU A 82 6.21 13.65 3.90
C GLU A 82 7.50 14.47 3.88
N GLU A 83 8.08 14.70 5.06
CA GLU A 83 9.31 15.48 5.17
C GLU A 83 10.54 14.59 4.97
N GLU A 84 10.63 13.51 5.75
CA GLU A 84 11.76 12.59 5.65
C GLU A 84 11.83 12.03 4.24
N ILE A 85 10.68 11.79 3.64
CA ILE A 85 10.63 11.29 2.30
C ILE A 85 11.26 12.30 1.37
N ARG A 86 11.32 13.56 1.81
CA ARG A 86 11.88 14.57 0.94
C ARG A 86 13.31 14.22 0.60
N GLU A 87 14.08 13.84 1.60
CA GLU A 87 15.47 13.50 1.37
C GLU A 87 15.57 12.27 0.47
N ALA A 88 14.49 11.48 0.44
CA ALA A 88 14.46 10.27 -0.38
C ALA A 88 14.14 10.56 -1.84
N PHE A 89 13.60 11.73 -2.13
CA PHE A 89 13.25 12.09 -3.51
C PHE A 89 14.49 11.99 -4.42
N ARG A 90 15.56 12.61 -3.98
CA ARG A 90 16.81 12.63 -4.73
C ARG A 90 17.47 11.25 -4.77
N VAL A 91 17.51 10.58 -3.63
CA VAL A 91 18.11 9.25 -3.58
C VAL A 91 17.31 8.26 -4.42
N PHE A 92 16.00 8.27 -4.20
CA PHE A 92 15.12 7.37 -4.94
C PHE A 92 15.19 7.68 -6.43
N ASP A 93 15.12 8.97 -6.75
CA ASP A 93 15.18 9.42 -8.14
C ASP A 93 16.37 10.37 -8.34
N LYS A 94 17.42 9.85 -8.97
CA LYS A 94 18.62 10.64 -9.24
C LYS A 94 18.29 11.75 -10.22
N ASP A 95 17.51 11.42 -11.23
CA ASP A 95 17.15 12.38 -12.23
C ASP A 95 16.20 13.44 -11.67
N GLY A 96 15.24 13.00 -10.87
CA GLY A 96 14.26 13.91 -10.27
C GLY A 96 13.31 14.47 -11.34
N ASN A 97 13.89 15.03 -12.40
CA ASN A 97 13.11 15.59 -13.49
C ASN A 97 12.30 14.50 -14.18
N GLY A 98 12.73 13.25 -14.00
CA GLY A 98 12.05 12.10 -14.59
C GLY A 98 11.40 11.26 -13.50
N TYR A 99 10.43 10.42 -13.90
CA TYR A 99 9.72 9.57 -12.96
C TYR A 99 10.05 8.11 -13.22
N ILE A 100 10.04 7.31 -12.15
CA ILE A 100 10.35 5.89 -12.28
C ILE A 100 9.10 5.09 -12.66
N SER A 101 9.21 4.37 -13.77
CA SER A 101 8.10 3.55 -14.25
C SER A 101 8.15 2.16 -13.60
N ALA A 102 7.16 1.34 -13.90
CA ALA A 102 7.09 -0.01 -13.36
C ALA A 102 8.25 -0.86 -13.86
N ALA A 103 8.63 -0.67 -15.12
CA ALA A 103 9.72 -1.43 -15.72
C ALA A 103 11.01 -1.27 -14.93
N GLU A 104 11.39 -0.02 -14.66
CA GLU A 104 12.59 0.26 -13.90
C GLU A 104 12.42 -0.10 -12.42
N LEU A 105 11.18 0.00 -11.94
CA LEU A 105 10.89 -0.29 -10.52
C LEU A 105 11.22 -1.76 -10.20
N ARG A 106 10.86 -2.63 -11.12
CA ARG A 106 11.07 -4.06 -10.97
C ARG A 106 12.53 -4.37 -10.65
N HIS A 107 13.44 -3.68 -11.32
CA HIS A 107 14.86 -3.89 -11.08
C HIS A 107 15.17 -3.63 -9.62
N VAL A 108 14.58 -2.55 -9.07
CA VAL A 108 14.79 -2.19 -7.68
C VAL A 108 14.19 -3.26 -6.75
N MET A 109 13.00 -3.72 -7.09
CA MET A 109 12.31 -4.73 -6.29
C MET A 109 13.12 -6.03 -6.25
N THR A 110 13.74 -6.36 -7.39
CA THR A 110 14.55 -7.57 -7.48
C THR A 110 15.69 -7.54 -6.46
N ASN A 111 16.30 -6.38 -6.30
CA ASN A 111 17.41 -6.23 -5.35
C ASN A 111 16.95 -6.60 -3.94
N LEU A 112 15.74 -6.23 -3.58
CA LEU A 112 15.22 -6.53 -2.25
C LEU A 112 15.18 -8.03 -2.01
N GLY A 113 14.67 -8.76 -3.01
CA GLY A 113 14.57 -10.22 -2.90
C GLY A 113 13.49 -10.75 -3.82
N GLU A 114 12.80 -11.80 -3.38
CA GLU A 114 11.73 -12.42 -4.17
C GLU A 114 10.59 -12.88 -3.27
N LYS A 115 10.56 -12.39 -2.03
CA LYS A 115 9.52 -12.78 -1.10
C LYS A 115 8.14 -12.35 -1.64
N LEU A 116 8.07 -11.12 -2.13
CA LEU A 116 6.82 -10.60 -2.69
C LEU A 116 6.64 -11.07 -4.12
N THR A 117 5.42 -11.01 -4.61
CA THR A 117 5.13 -11.44 -5.96
C THR A 117 5.83 -10.51 -6.95
N ASP A 118 5.98 -10.98 -8.19
CA ASP A 118 6.59 -10.20 -9.26
C ASP A 118 5.53 -9.40 -10.04
N GLU A 119 4.27 -9.84 -9.93
CA GLU A 119 3.18 -9.19 -10.66
C GLU A 119 2.57 -8.01 -9.87
N GLU A 120 2.64 -8.06 -8.53
CA GLU A 120 2.09 -7.02 -7.67
C GLU A 120 2.24 -5.62 -8.30
N VAL A 121 3.47 -5.14 -8.43
CA VAL A 121 3.71 -3.81 -8.98
C VAL A 121 3.26 -3.70 -10.44
N ASP A 122 3.50 -4.76 -11.22
CA ASP A 122 3.13 -4.73 -12.63
C ASP A 122 1.65 -4.38 -12.82
N GLU A 123 0.77 -5.26 -12.36
CA GLU A 123 -0.67 -5.03 -12.53
C GLU A 123 -1.19 -3.89 -11.65
N MET A 124 -0.77 -3.87 -10.38
CA MET A 124 -1.23 -2.83 -9.47
C MET A 124 -0.99 -1.46 -10.07
N ILE A 125 0.23 -1.27 -10.57
CA ILE A 125 0.55 -0.01 -11.19
C ILE A 125 -0.26 0.14 -12.46
N ARG A 126 -0.77 -0.97 -13.01
CA ARG A 126 -1.54 -0.88 -14.24
C ARG A 126 -3.02 -0.70 -13.97
N GLU A 127 -3.65 -1.71 -13.41
CA GLU A 127 -5.08 -1.62 -13.19
C GLU A 127 -5.41 -0.53 -12.18
N ALA A 128 -5.03 -0.74 -10.93
CA ALA A 128 -5.29 0.22 -9.86
C ALA A 128 -5.12 1.67 -10.38
N ASP A 129 -4.14 1.89 -11.25
CA ASP A 129 -3.90 3.22 -11.80
C ASP A 129 -4.75 3.46 -13.03
N ILE A 130 -5.31 4.67 -13.12
CA ILE A 130 -6.16 5.04 -14.23
C ILE A 130 -5.30 5.57 -15.40
N ASP A 131 -4.05 5.91 -15.10
CA ASP A 131 -3.16 6.40 -16.14
C ASP A 131 -2.74 5.27 -17.07
N GLY A 132 -2.35 4.15 -16.47
CA GLY A 132 -1.92 2.98 -17.22
C GLY A 132 -0.52 3.18 -17.79
N ASP A 133 0.05 4.37 -17.54
CA ASP A 133 1.39 4.68 -18.03
C ASP A 133 2.42 4.24 -16.99
N GLY A 134 1.98 4.12 -15.75
CA GLY A 134 2.87 3.70 -14.67
C GLY A 134 3.97 4.73 -14.44
N GLN A 135 3.83 5.50 -13.36
CA GLN A 135 4.82 6.53 -13.02
C GLN A 135 4.89 6.69 -11.50
N VAL A 136 6.11 6.88 -10.98
CA VAL A 136 6.32 7.04 -9.55
C VAL A 136 7.16 8.28 -9.28
N ASN A 137 6.72 9.08 -8.30
CA ASN A 137 7.42 10.31 -7.94
C ASN A 137 7.19 10.65 -6.45
N TYR A 138 7.77 11.76 -6.01
CA TYR A 138 7.63 12.19 -4.63
C TYR A 138 6.16 12.37 -4.24
N GLU A 139 5.41 13.06 -5.09
CA GLU A 139 4.00 13.32 -4.81
C GLU A 139 3.25 12.03 -4.47
N GLU A 140 3.51 10.97 -5.22
CA GLU A 140 2.84 9.69 -4.95
C GLU A 140 3.27 9.08 -3.63
N PHE A 141 4.56 9.17 -3.31
CA PHE A 141 5.05 8.59 -2.06
C PHE A 141 4.38 9.22 -0.84
N VAL A 142 4.23 10.53 -0.84
CA VAL A 142 3.61 11.22 0.28
C VAL A 142 2.24 10.62 0.57
N GLN A 143 1.46 10.38 -0.47
CA GLN A 143 0.12 9.81 -0.31
C GLN A 143 0.17 8.29 -0.20
N MET A 144 1.27 7.69 -0.65
CA MET A 144 1.42 6.23 -0.59
C MET A 144 1.46 5.74 0.86
N MET A 145 2.17 6.48 1.71
CA MET A 145 2.30 6.12 3.13
C MET A 145 1.42 7.02 4.00
N THR A 146 0.68 6.38 4.91
CA THR A 146 -0.20 7.12 5.80
C THR A 146 -0.68 6.22 6.92
N ALA A 147 0.16 6.06 7.95
CA ALA A 147 -0.18 5.21 9.08
C ALA A 147 -1.47 5.71 9.74
N LYS A 148 -1.63 7.04 9.80
CA LYS A 148 -2.82 7.63 10.40
C LYS A 148 -3.92 7.80 9.37
N ALA A 1 -5.09 15.60 -15.28
CA ALA A 1 -4.53 16.59 -14.31
C ALA A 1 -4.48 15.95 -12.93
N ASP A 2 -3.31 16.01 -12.30
CA ASP A 2 -3.14 15.44 -10.97
C ASP A 2 -3.41 16.50 -9.91
N GLN A 3 -4.54 16.37 -9.22
CA GLN A 3 -4.92 17.33 -8.18
C GLN A 3 -5.44 16.58 -6.95
N LEU A 4 -5.54 17.29 -5.84
CA LEU A 4 -6.03 16.69 -4.60
C LEU A 4 -7.52 16.94 -4.43
N THR A 5 -8.28 15.86 -4.23
CA THR A 5 -9.73 15.96 -4.04
C THR A 5 -10.16 15.25 -2.76
N GLU A 6 -11.34 15.61 -2.28
CA GLU A 6 -11.86 15.01 -1.05
C GLU A 6 -12.25 13.56 -1.29
N GLU A 7 -12.44 13.20 -2.55
CA GLU A 7 -12.81 11.83 -2.90
C GLU A 7 -11.67 10.86 -2.60
N GLN A 8 -10.45 11.28 -2.92
CA GLN A 8 -9.28 10.44 -2.68
C GLN A 8 -9.10 10.17 -1.19
N ILE A 9 -9.28 11.21 -0.38
CA ILE A 9 -9.14 11.08 1.07
C ILE A 9 -10.28 10.24 1.65
N ALA A 10 -11.45 10.32 1.01
CA ALA A 10 -12.61 9.57 1.48
C ALA A 10 -12.37 8.07 1.37
N GLU A 11 -11.54 7.67 0.40
CA GLU A 11 -11.25 6.25 0.20
C GLU A 11 -10.80 5.60 1.50
N PHE A 12 -9.95 6.30 2.24
CA PHE A 12 -9.45 5.77 3.52
C PHE A 12 -10.58 5.68 4.54
N LYS A 13 -11.37 6.74 4.65
CA LYS A 13 -12.46 6.77 5.60
C LYS A 13 -13.48 5.67 5.29
N GLU A 14 -13.81 5.54 4.00
CA GLU A 14 -14.78 4.53 3.59
C GLU A 14 -14.21 3.14 3.78
N ALA A 15 -12.93 2.97 3.44
CA ALA A 15 -12.27 1.68 3.57
C ALA A 15 -12.12 1.28 5.04
N PHE A 16 -12.02 2.29 5.90
CA PHE A 16 -11.85 2.05 7.34
C PHE A 16 -12.96 1.15 7.86
N SER A 17 -14.20 1.47 7.49
CA SER A 17 -15.35 0.69 7.94
C SER A 17 -15.51 -0.56 7.09
N LEU A 18 -14.88 -0.56 5.91
CA LEU A 18 -14.98 -1.72 5.02
C LEU A 18 -14.32 -2.94 5.62
N PHE A 19 -13.15 -2.73 6.24
CA PHE A 19 -12.42 -3.84 6.85
C PHE A 19 -13.23 -4.51 7.95
N ASP A 20 -13.83 -3.70 8.82
CA ASP A 20 -14.63 -4.23 9.92
C ASP A 20 -16.04 -4.60 9.46
N LYS A 21 -16.44 -4.10 8.29
CA LYS A 21 -17.77 -4.39 7.78
C LYS A 21 -18.13 -5.86 7.99
N ASP A 22 -17.13 -6.73 7.92
CA ASP A 22 -17.38 -8.15 8.11
C ASP A 22 -18.13 -8.42 9.42
N GLY A 23 -17.66 -7.79 10.49
CA GLY A 23 -18.29 -7.96 11.81
C GLY A 23 -18.22 -6.67 12.61
N ASP A 24 -18.10 -6.79 13.93
CA ASP A 24 -18.03 -5.62 14.79
C ASP A 24 -16.63 -4.98 14.71
N GLY A 25 -15.60 -5.80 14.84
CA GLY A 25 -14.24 -5.31 14.74
C GLY A 25 -13.27 -6.48 14.60
N THR A 26 -12.72 -6.66 13.41
CA THR A 26 -11.78 -7.76 13.19
C THR A 26 -11.05 -7.58 11.86
N ILE A 27 -9.76 -7.94 11.84
CA ILE A 27 -8.97 -7.84 10.61
C ILE A 27 -8.55 -9.22 10.14
N THR A 28 -9.00 -9.59 8.95
CA THR A 28 -8.68 -10.91 8.39
C THR A 28 -8.25 -10.77 6.93
N THR A 29 -7.65 -11.83 6.41
CA THR A 29 -7.18 -11.83 5.03
C THR A 29 -8.35 -11.66 4.07
N LYS A 30 -9.50 -12.25 4.44
CA LYS A 30 -10.69 -12.16 3.62
C LYS A 30 -11.12 -10.70 3.48
N GLU A 31 -10.99 -9.95 4.56
CA GLU A 31 -11.36 -8.54 4.54
C GLU A 31 -10.47 -7.76 3.59
N LEU A 32 -9.16 -7.97 3.71
CA LEU A 32 -8.21 -7.27 2.85
C LEU A 32 -8.45 -7.65 1.39
N GLY A 33 -8.66 -8.94 1.15
CA GLY A 33 -8.89 -9.42 -0.20
C GLY A 33 -9.95 -8.58 -0.89
N THR A 34 -10.81 -7.94 -0.10
CA THR A 34 -11.87 -7.10 -0.65
C THR A 34 -11.27 -5.90 -1.38
N VAL A 35 -10.25 -5.30 -0.77
CA VAL A 35 -9.60 -4.14 -1.37
C VAL A 35 -9.13 -4.46 -2.78
N MET A 36 -9.08 -5.74 -3.10
CA MET A 36 -8.66 -6.14 -4.42
C MET A 36 -9.57 -5.52 -5.43
N ARG A 37 -10.86 -5.43 -5.12
CA ARG A 37 -11.73 -4.87 -6.12
C ARG A 37 -11.34 -3.43 -6.42
N SER A 38 -11.12 -2.64 -5.38
CA SER A 38 -10.78 -1.25 -5.59
C SER A 38 -9.50 -1.11 -6.39
N LEU A 39 -8.56 -2.03 -6.16
CA LEU A 39 -7.28 -2.00 -6.87
C LEU A 39 -7.31 -2.93 -8.09
N GLY A 40 -8.47 -3.54 -8.31
CA GLY A 40 -8.65 -4.46 -9.41
C GLY A 40 -7.79 -5.71 -9.22
N GLN A 41 -6.47 -5.51 -9.26
CA GLN A 41 -5.53 -6.61 -9.06
C GLN A 41 -4.33 -6.12 -8.26
N ASN A 42 -4.08 -6.78 -7.14
CA ASN A 42 -2.96 -6.39 -6.27
C ASN A 42 -2.27 -7.62 -5.68
N PRO A 43 -1.55 -8.36 -6.48
CA PRO A 43 -0.81 -9.57 -6.00
C PRO A 43 -0.22 -9.36 -4.61
N THR A 44 0.12 -8.12 -4.31
CA THR A 44 0.70 -7.79 -3.02
C THR A 44 0.02 -8.57 -1.90
N GLU A 45 -1.23 -8.93 -2.14
CA GLU A 45 -2.00 -9.69 -1.15
C GLU A 45 -1.81 -11.19 -1.37
N ALA A 46 -1.73 -11.57 -2.65
CA ALA A 46 -1.56 -12.97 -2.99
C ALA A 46 -0.31 -13.54 -2.33
N GLU A 47 0.80 -12.82 -2.46
CA GLU A 47 2.05 -13.27 -1.86
C GLU A 47 1.98 -13.16 -0.34
N LEU A 48 1.47 -12.03 0.11
CA LEU A 48 1.37 -11.79 1.55
C LEU A 48 0.31 -12.68 2.18
N GLN A 49 -0.59 -13.19 1.35
CA GLN A 49 -1.65 -14.05 1.85
C GLN A 49 -1.09 -15.11 2.78
N ASP A 50 0.01 -15.73 2.38
CA ASP A 50 0.64 -16.76 3.20
C ASP A 50 1.38 -16.12 4.35
N MET A 51 1.96 -14.95 4.10
CA MET A 51 2.72 -14.26 5.14
C MET A 51 1.82 -13.85 6.29
N ILE A 52 0.64 -13.33 5.96
CA ILE A 52 -0.31 -12.89 6.98
C ILE A 52 -0.75 -14.06 7.86
N ASN A 53 -1.10 -15.18 7.23
CA ASN A 53 -1.53 -16.35 7.96
C ASN A 53 -0.39 -16.90 8.82
N GLU A 54 0.82 -16.91 8.28
CA GLU A 54 1.97 -17.43 9.01
C GLU A 54 2.20 -16.67 10.30
N VAL A 55 2.38 -15.35 10.20
CA VAL A 55 2.63 -14.52 11.37
C VAL A 55 1.38 -14.42 12.24
N ASP A 56 0.22 -14.37 11.58
CA ASP A 56 -1.06 -14.25 12.30
C ASP A 56 -1.51 -15.60 12.85
N ALA A 57 -0.86 -16.66 12.40
CA ALA A 57 -1.22 -18.02 12.83
C ALA A 57 -0.77 -18.24 14.28
N ASP A 58 -0.47 -17.15 14.98
CA ASP A 58 -0.07 -17.25 16.36
C ASP A 58 -1.23 -17.77 17.20
N GLY A 59 -2.45 -17.60 16.68
CA GLY A 59 -3.63 -18.06 17.40
C GLY A 59 -4.85 -18.04 16.49
N ASN A 60 -4.68 -17.43 15.32
CA ASN A 60 -5.77 -17.33 14.35
C ASN A 60 -5.38 -16.38 13.23
N GLY A 61 -5.75 -16.72 11.98
CA GLY A 61 -5.46 -15.87 10.84
C GLY A 61 -6.21 -14.55 10.94
N THR A 62 -6.36 -14.02 12.16
CA THR A 62 -7.04 -12.76 12.39
C THR A 62 -6.26 -11.90 13.36
N ILE A 63 -6.45 -10.59 13.28
CA ILE A 63 -5.76 -9.65 14.16
C ILE A 63 -6.77 -8.68 14.78
N ASP A 64 -6.66 -8.50 16.09
CA ASP A 64 -7.55 -7.60 16.81
C ASP A 64 -7.20 -6.15 16.47
N PHE A 65 -8.19 -5.27 16.54
CA PHE A 65 -7.96 -3.86 16.24
C PHE A 65 -6.82 -3.29 17.10
N PRO A 66 -6.87 -3.47 18.39
CA PRO A 66 -5.82 -2.94 19.31
C PRO A 66 -4.42 -3.29 18.82
N GLU A 67 -4.20 -4.57 18.50
CA GLU A 67 -2.90 -5.02 18.03
C GLU A 67 -2.61 -4.46 16.65
N PHE A 68 -3.66 -4.30 15.86
CA PHE A 68 -3.53 -3.77 14.51
C PHE A 68 -2.98 -2.35 14.53
N LEU A 69 -3.50 -1.53 15.44
CA LEU A 69 -3.06 -0.14 15.53
C LEU A 69 -1.56 -0.06 15.81
N THR A 70 -1.10 -0.87 16.76
CA THR A 70 0.31 -0.88 17.11
C THR A 70 1.15 -1.35 15.92
N MET A 71 0.69 -2.41 15.26
CA MET A 71 1.41 -2.96 14.12
C MET A 71 1.54 -1.91 13.01
N MET A 72 0.43 -1.22 12.73
CA MET A 72 0.43 -0.19 11.69
C MET A 72 1.34 0.96 12.08
N ALA A 73 1.33 1.32 13.35
CA ALA A 73 2.16 2.41 13.83
C ALA A 73 3.63 2.14 13.54
N ARG A 74 4.05 0.89 13.71
CA ARG A 74 5.43 0.52 13.47
C ARG A 74 5.72 0.38 11.99
N LYS A 75 4.90 -0.39 11.30
CA LYS A 75 5.09 -0.59 9.86
C LYS A 75 4.88 0.71 9.12
N MET A 76 3.82 1.44 9.48
CA MET A 76 3.51 2.70 8.83
C MET A 76 3.99 3.87 9.66
N LYS A 77 4.78 4.74 9.05
CA LYS A 77 5.32 5.91 9.76
C LYS A 77 4.32 7.07 9.70
N ASP A 78 4.26 7.83 10.79
CA ASP A 78 3.36 8.97 10.85
C ASP A 78 3.52 9.84 9.61
N THR A 79 2.49 10.65 9.32
CA THR A 79 2.53 11.53 8.16
C THR A 79 3.75 12.43 8.20
N ASP A 80 4.48 12.40 9.32
CA ASP A 80 5.67 13.21 9.47
C ASP A 80 6.77 12.73 8.52
N SER A 81 6.52 11.60 7.87
CA SER A 81 7.48 11.03 6.94
C SER A 81 7.75 12.02 5.81
N GLU A 82 6.76 12.84 5.48
CA GLU A 82 6.90 13.83 4.40
C GLU A 82 8.31 14.44 4.40
N GLU A 83 8.76 14.87 5.56
CA GLU A 83 10.09 15.48 5.68
C GLU A 83 11.18 14.44 5.39
N GLU A 84 11.15 13.33 6.12
CA GLU A 84 12.14 12.28 5.92
C GLU A 84 12.11 11.76 4.50
N ILE A 85 10.93 11.76 3.91
CA ILE A 85 10.77 11.32 2.55
C ILE A 85 11.43 12.33 1.66
N ARG A 86 11.72 13.50 2.21
CA ARG A 86 12.31 14.50 1.37
C ARG A 86 13.63 14.00 0.80
N GLU A 87 14.48 13.48 1.66
CA GLU A 87 15.78 13.00 1.22
C GLU A 87 15.61 11.81 0.27
N ALA A 88 14.57 11.02 0.52
CA ALA A 88 14.30 9.83 -0.29
C ALA A 88 14.11 10.18 -1.75
N PHE A 89 13.50 11.32 -2.03
CA PHE A 89 13.25 11.72 -3.41
C PHE A 89 14.55 11.64 -4.24
N ARG A 90 15.60 12.24 -3.73
CA ARG A 90 16.89 12.26 -4.40
C ARG A 90 17.52 10.87 -4.42
N VAL A 91 17.48 10.18 -3.29
CA VAL A 91 18.07 8.85 -3.23
C VAL A 91 17.25 7.87 -4.08
N PHE A 92 15.95 7.86 -3.86
CA PHE A 92 15.06 6.97 -4.61
C PHE A 92 15.07 7.34 -6.08
N ASP A 93 14.94 8.65 -6.37
CA ASP A 93 14.94 9.13 -7.75
C ASP A 93 16.24 9.86 -8.07
N LYS A 94 17.12 9.20 -8.82
CA LYS A 94 18.39 9.79 -9.18
C LYS A 94 18.20 10.92 -10.19
N ASP A 95 17.37 10.66 -11.19
CA ASP A 95 17.11 11.65 -12.22
C ASP A 95 16.36 12.85 -11.67
N GLY A 96 15.50 12.60 -10.69
CA GLY A 96 14.71 13.67 -10.08
C GLY A 96 13.73 14.25 -11.08
N ASN A 97 14.25 15.05 -12.02
CA ASN A 97 13.41 15.67 -13.03
C ASN A 97 12.58 14.61 -13.76
N GLY A 98 12.94 13.34 -13.55
CA GLY A 98 12.25 12.23 -14.18
C GLY A 98 11.49 11.42 -13.13
N TYR A 99 10.52 10.62 -13.58
CA TYR A 99 9.71 9.81 -12.68
C TYR A 99 10.01 8.34 -12.88
N ILE A 100 9.77 7.54 -11.86
CA ILE A 100 10.02 6.10 -11.94
C ILE A 100 8.74 5.33 -12.22
N SER A 101 8.71 4.65 -13.37
CA SER A 101 7.54 3.87 -13.75
C SER A 101 7.57 2.50 -13.07
N ALA A 102 6.52 1.72 -13.27
CA ALA A 102 6.44 0.40 -12.66
C ALA A 102 7.52 -0.53 -13.24
N ALA A 103 7.78 -0.39 -14.54
CA ALA A 103 8.78 -1.23 -15.20
C ALA A 103 10.14 -1.10 -14.50
N GLU A 104 10.59 0.13 -14.31
CA GLU A 104 11.87 0.38 -13.67
C GLU A 104 11.80 -0.01 -12.19
N LEU A 105 10.62 0.14 -11.60
CA LEU A 105 10.43 -0.18 -10.19
C LEU A 105 10.66 -1.67 -9.93
N ARG A 106 10.14 -2.48 -10.84
CA ARG A 106 10.25 -3.93 -10.73
C ARG A 106 11.70 -4.37 -10.55
N HIS A 107 12.60 -3.70 -11.26
CA HIS A 107 14.01 -4.04 -11.14
C HIS A 107 14.50 -3.76 -9.73
N VAL A 108 14.05 -2.64 -9.17
CA VAL A 108 14.44 -2.25 -7.81
C VAL A 108 13.92 -3.27 -6.80
N MET A 109 12.67 -3.70 -6.99
CA MET A 109 12.06 -4.68 -6.08
C MET A 109 12.83 -5.99 -6.11
N THR A 110 13.25 -6.41 -7.29
CA THR A 110 13.99 -7.66 -7.45
C THR A 110 15.30 -7.60 -6.67
N ASN A 111 15.95 -6.45 -6.73
CA ASN A 111 17.23 -6.28 -6.04
C ASN A 111 17.07 -6.52 -4.54
N LEU A 112 15.96 -6.04 -3.99
CA LEU A 112 15.72 -6.21 -2.56
C LEU A 112 15.64 -7.69 -2.20
N GLY A 113 14.91 -8.44 -3.03
CA GLY A 113 14.75 -9.87 -2.78
C GLY A 113 13.56 -10.41 -3.56
N GLU A 114 12.95 -11.46 -3.03
CA GLU A 114 11.79 -12.10 -3.69
C GLU A 114 10.73 -12.47 -2.66
N LYS A 115 10.66 -11.70 -1.58
CA LYS A 115 9.68 -11.96 -0.54
C LYS A 115 8.27 -11.68 -1.05
N LEU A 116 8.10 -10.54 -1.74
CA LEU A 116 6.79 -10.15 -2.27
C LEU A 116 6.73 -10.48 -3.76
N THR A 117 5.53 -10.42 -4.32
CA THR A 117 5.35 -10.72 -5.73
C THR A 117 5.98 -9.62 -6.59
N ASP A 118 6.23 -9.94 -7.85
CA ASP A 118 6.79 -8.98 -8.79
C ASP A 118 5.70 -8.24 -9.56
N GLU A 119 4.50 -8.85 -9.61
CA GLU A 119 3.37 -8.28 -10.35
C GLU A 119 2.55 -7.30 -9.52
N GLU A 120 2.62 -7.46 -8.19
CA GLU A 120 1.88 -6.61 -7.26
C GLU A 120 1.78 -5.16 -7.78
N VAL A 121 2.90 -4.46 -7.83
CA VAL A 121 2.91 -3.07 -8.29
C VAL A 121 2.49 -2.95 -9.75
N ASP A 122 2.98 -3.85 -10.59
CA ASP A 122 2.67 -3.80 -12.01
C ASP A 122 1.17 -3.62 -12.25
N GLU A 123 0.39 -4.64 -11.91
CA GLU A 123 -1.05 -4.60 -12.12
C GLU A 123 -1.72 -3.61 -11.16
N MET A 124 -1.28 -3.58 -9.92
CA MET A 124 -1.88 -2.67 -8.94
C MET A 124 -1.81 -1.24 -9.43
N ILE A 125 -0.70 -0.88 -10.04
CA ILE A 125 -0.55 0.45 -10.57
C ILE A 125 -1.31 0.55 -11.86
N ARG A 126 -1.53 -0.59 -12.50
CA ARG A 126 -2.23 -0.55 -13.75
C ARG A 126 -3.72 -0.39 -13.55
N GLU A 127 -4.30 -1.16 -12.65
CA GLU A 127 -5.75 -1.08 -12.47
C GLU A 127 -6.14 0.11 -11.59
N ALA A 128 -5.78 0.04 -10.33
CA ALA A 128 -6.11 1.11 -9.39
C ALA A 128 -6.00 2.49 -10.03
N ASP A 129 -4.89 2.74 -10.72
CA ASP A 129 -4.68 4.03 -11.38
C ASP A 129 -5.25 3.99 -12.79
N ILE A 130 -6.04 5.01 -13.13
CA ILE A 130 -6.64 5.11 -14.45
C ILE A 130 -5.65 5.69 -15.45
N ASP A 131 -4.53 6.20 -14.95
CA ASP A 131 -3.51 6.77 -15.81
C ASP A 131 -2.92 5.69 -16.71
N GLY A 132 -2.71 4.52 -16.14
CA GLY A 132 -2.15 3.40 -16.89
C GLY A 132 -0.68 3.65 -17.21
N ASP A 133 -0.22 4.87 -16.93
CA ASP A 133 1.18 5.22 -17.19
C ASP A 133 2.04 4.87 -15.99
N GLY A 134 1.39 4.57 -14.87
CA GLY A 134 2.10 4.20 -13.65
C GLY A 134 3.37 5.05 -13.47
N GLN A 135 3.26 6.09 -12.65
CA GLN A 135 4.40 6.98 -12.38
C GLN A 135 4.57 7.19 -10.88
N VAL A 136 5.82 7.14 -10.43
CA VAL A 136 6.13 7.32 -9.01
C VAL A 136 6.96 8.58 -8.82
N ASN A 137 6.58 9.36 -7.81
CA ASN A 137 7.28 10.61 -7.50
C ASN A 137 7.14 10.96 -6.02
N TYR A 138 7.80 12.04 -5.62
CA TYR A 138 7.76 12.48 -4.22
C TYR A 138 6.33 12.76 -3.78
N GLU A 139 5.59 13.50 -4.59
CA GLU A 139 4.23 13.85 -4.25
C GLU A 139 3.38 12.61 -4.02
N GLU A 140 3.77 11.50 -4.64
CA GLU A 140 3.02 10.25 -4.49
C GLU A 140 3.45 9.50 -3.23
N PHE A 141 4.72 9.60 -2.88
CA PHE A 141 5.23 8.92 -1.69
C PHE A 141 4.60 9.47 -0.40
N VAL A 142 4.56 10.78 -0.27
CA VAL A 142 4.01 11.40 0.92
C VAL A 142 2.58 10.93 1.14
N GLN A 143 1.79 10.89 0.07
CA GLN A 143 0.40 10.45 0.17
C GLN A 143 0.33 8.95 0.41
N MET A 144 1.20 8.19 -0.24
CA MET A 144 1.20 6.74 -0.10
C MET A 144 1.42 6.32 1.34
N MET A 145 2.44 6.89 1.97
CA MET A 145 2.75 6.56 3.36
C MET A 145 1.98 7.47 4.31
N THR A 146 1.17 6.85 5.18
CA THR A 146 0.37 7.60 6.13
C THR A 146 -0.19 6.68 7.21
N ALA A 147 0.48 6.63 8.36
CA ALA A 147 0.01 5.79 9.46
C ALA A 147 -1.34 6.29 9.99
N LYS A 148 -1.49 7.61 10.05
CA LYS A 148 -2.74 8.20 10.54
C LYS A 148 -3.81 8.19 9.44
N ALA A 1 -9.25 19.59 -13.57
CA ALA A 1 -8.17 20.59 -13.34
C ALA A 1 -7.60 20.40 -11.94
N ASP A 2 -8.45 20.02 -10.99
CA ASP A 2 -8.03 19.80 -9.61
C ASP A 2 -7.56 18.36 -9.41
N GLN A 3 -6.28 18.20 -9.07
CA GLN A 3 -5.71 16.88 -8.85
C GLN A 3 -6.01 16.38 -7.45
N LEU A 4 -6.02 17.31 -6.48
CA LEU A 4 -6.30 16.95 -5.09
C LEU A 4 -7.75 17.28 -4.75
N THR A 5 -8.48 16.26 -4.30
CA THR A 5 -9.89 16.43 -3.94
C THR A 5 -10.20 15.66 -2.66
N GLU A 6 -11.27 16.06 -1.98
CA GLU A 6 -11.68 15.41 -0.74
C GLU A 6 -12.15 13.98 -1.01
N GLU A 7 -12.77 13.77 -2.17
CA GLU A 7 -13.28 12.46 -2.53
C GLU A 7 -12.17 11.40 -2.42
N GLN A 8 -10.99 11.73 -2.92
CA GLN A 8 -9.87 10.80 -2.87
C GLN A 8 -9.58 10.39 -1.43
N ILE A 9 -9.62 11.36 -0.53
CA ILE A 9 -9.35 11.09 0.88
C ILE A 9 -10.43 10.18 1.47
N ALA A 10 -11.68 10.46 1.13
CA ALA A 10 -12.80 9.68 1.64
C ALA A 10 -12.62 8.20 1.34
N GLU A 11 -11.93 7.89 0.24
CA GLU A 11 -11.72 6.49 -0.14
C GLU A 11 -11.09 5.72 1.00
N PHE A 12 -10.03 6.29 1.58
CA PHE A 12 -9.34 5.63 2.69
C PHE A 12 -10.23 5.54 3.92
N LYS A 13 -10.98 6.61 4.17
CA LYS A 13 -11.88 6.65 5.33
C LYS A 13 -12.95 5.57 5.21
N GLU A 14 -13.52 5.43 4.02
CA GLU A 14 -14.56 4.44 3.79
C GLU A 14 -13.99 3.01 3.89
N ALA A 15 -12.77 2.84 3.41
CA ALA A 15 -12.12 1.53 3.45
C ALA A 15 -12.01 1.03 4.88
N PHE A 16 -11.93 1.95 5.84
CA PHE A 16 -11.81 1.59 7.23
C PHE A 16 -12.98 0.72 7.66
N SER A 17 -14.19 1.13 7.30
CA SER A 17 -15.38 0.37 7.65
C SER A 17 -15.55 -0.83 6.73
N LEU A 18 -14.91 -0.78 5.56
CA LEU A 18 -15.02 -1.88 4.61
C LEU A 18 -14.42 -3.15 5.21
N PHE A 19 -13.28 -3.02 5.87
CA PHE A 19 -12.62 -4.18 6.46
C PHE A 19 -13.51 -4.88 7.48
N ASP A 20 -14.04 -4.10 8.43
CA ASP A 20 -14.89 -4.67 9.46
C ASP A 20 -16.30 -4.97 8.94
N LYS A 21 -16.62 -4.43 7.77
CA LYS A 21 -17.93 -4.64 7.19
C LYS A 21 -18.33 -6.12 7.27
N ASP A 22 -17.34 -7.01 7.18
CA ASP A 22 -17.62 -8.44 7.25
C ASP A 22 -18.42 -8.79 8.51
N GLY A 23 -18.00 -8.24 9.64
CA GLY A 23 -18.68 -8.49 10.92
C GLY A 23 -18.66 -7.24 11.80
N ASP A 24 -18.69 -7.45 13.11
CA ASP A 24 -18.68 -6.32 14.05
C ASP A 24 -17.30 -5.66 14.10
N GLY A 25 -16.27 -6.48 14.23
CA GLY A 25 -14.89 -5.98 14.25
C GLY A 25 -13.91 -7.13 14.08
N THR A 26 -13.27 -7.21 12.91
CA THR A 26 -12.31 -8.26 12.66
C THR A 26 -11.48 -7.98 11.41
N ILE A 27 -10.18 -8.26 11.48
CA ILE A 27 -9.30 -8.05 10.34
C ILE A 27 -8.76 -9.40 9.86
N THR A 28 -9.22 -9.85 8.69
CA THR A 28 -8.78 -11.14 8.15
C THR A 28 -8.31 -10.98 6.70
N THR A 29 -7.70 -12.02 6.17
CA THR A 29 -7.20 -11.97 4.79
C THR A 29 -8.34 -11.82 3.81
N LYS A 30 -9.50 -12.40 4.13
CA LYS A 30 -10.65 -12.30 3.26
C LYS A 30 -11.07 -10.85 3.09
N GLU A 31 -11.03 -10.11 4.19
CA GLU A 31 -11.39 -8.71 4.16
C GLU A 31 -10.41 -7.94 3.27
N LEU A 32 -9.12 -8.21 3.45
CA LEU A 32 -8.09 -7.55 2.65
C LEU A 32 -8.23 -7.94 1.18
N GLY A 33 -8.47 -9.23 0.94
CA GLY A 33 -8.62 -9.72 -0.43
C GLY A 33 -9.73 -8.98 -1.15
N THR A 34 -10.69 -8.46 -0.39
CA THR A 34 -11.80 -7.72 -0.97
C THR A 34 -11.29 -6.47 -1.66
N VAL A 35 -10.35 -5.78 -1.01
CA VAL A 35 -9.78 -4.56 -1.56
C VAL A 35 -9.22 -4.80 -2.94
N MET A 36 -8.88 -6.05 -3.21
CA MET A 36 -8.32 -6.39 -4.52
C MET A 36 -9.16 -5.79 -5.62
N ARG A 37 -10.47 -5.63 -5.41
CA ARG A 37 -11.28 -5.09 -6.48
C ARG A 37 -10.88 -3.66 -6.81
N SER A 38 -10.69 -2.85 -5.78
CA SER A 38 -10.31 -1.45 -6.00
C SER A 38 -8.93 -1.40 -6.66
N LEU A 39 -8.17 -2.48 -6.50
CA LEU A 39 -6.82 -2.56 -7.07
C LEU A 39 -6.81 -3.54 -8.25
N GLY A 40 -8.00 -4.06 -8.59
CA GLY A 40 -8.12 -5.01 -9.69
C GLY A 40 -7.31 -6.27 -9.39
N GLN A 41 -6.00 -6.14 -9.43
CA GLN A 41 -5.09 -7.25 -9.16
C GLN A 41 -3.84 -6.72 -8.45
N ASN A 42 -3.70 -7.04 -7.18
CA ASN A 42 -2.56 -6.59 -6.38
C ASN A 42 -1.84 -7.78 -5.72
N PRO A 43 -1.14 -8.61 -6.48
CA PRO A 43 -0.42 -9.78 -5.92
C PRO A 43 0.13 -9.53 -4.53
N THR A 44 0.46 -8.27 -4.26
CA THR A 44 1.00 -7.88 -2.97
C THR A 44 0.31 -8.64 -1.84
N GLU A 45 -0.95 -8.97 -2.06
CA GLU A 45 -1.72 -9.70 -1.06
C GLU A 45 -1.50 -11.19 -1.21
N ALA A 46 -1.35 -11.64 -2.46
CA ALA A 46 -1.13 -13.06 -2.74
C ALA A 46 0.12 -13.56 -2.04
N GLU A 47 1.22 -12.84 -2.20
CA GLU A 47 2.48 -13.23 -1.56
C GLU A 47 2.36 -13.06 -0.06
N LEU A 48 1.83 -11.93 0.34
CA LEU A 48 1.68 -11.65 1.78
C LEU A 48 0.70 -12.63 2.43
N GLN A 49 -0.29 -13.09 1.66
CA GLN A 49 -1.29 -14.03 2.19
C GLN A 49 -0.64 -15.04 3.14
N ASP A 50 0.44 -15.67 2.69
CA ASP A 50 1.14 -16.63 3.53
C ASP A 50 1.78 -15.92 4.71
N MET A 51 2.35 -14.74 4.48
CA MET A 51 3.00 -13.98 5.55
C MET A 51 1.99 -13.61 6.64
N ILE A 52 0.79 -13.21 6.22
CA ILE A 52 -0.24 -12.80 7.18
C ILE A 52 -0.63 -13.97 8.09
N ASN A 53 -0.92 -15.12 7.50
CA ASN A 53 -1.30 -16.29 8.27
C ASN A 53 -0.15 -16.73 9.20
N GLU A 54 1.07 -16.67 8.67
CA GLU A 54 2.24 -17.08 9.45
C GLU A 54 2.31 -16.32 10.78
N VAL A 55 2.43 -15.00 10.70
CA VAL A 55 2.52 -14.17 11.90
C VAL A 55 1.19 -14.13 12.65
N ASP A 56 0.10 -14.26 11.91
CA ASP A 56 -1.25 -14.21 12.48
C ASP A 56 -1.68 -15.59 12.99
N ALA A 57 -0.94 -16.62 12.61
CA ALA A 57 -1.26 -17.99 13.02
C ALA A 57 -0.95 -18.20 14.50
N ASP A 58 -0.73 -17.10 15.20
CA ASP A 58 -0.46 -17.17 16.62
C ASP A 58 -1.70 -17.67 17.34
N GLY A 59 -2.88 -17.40 16.77
CA GLY A 59 -4.13 -17.85 17.35
C GLY A 59 -5.18 -18.07 16.27
N ASN A 60 -4.98 -17.42 15.13
CA ASN A 60 -5.91 -17.54 14.00
C ASN A 60 -5.51 -16.56 12.89
N GLY A 61 -5.83 -16.91 11.65
CA GLY A 61 -5.52 -16.04 10.52
C GLY A 61 -6.32 -14.73 10.58
N THR A 62 -6.55 -14.24 11.81
CA THR A 62 -7.29 -12.99 12.00
C THR A 62 -6.57 -12.11 13.01
N ILE A 63 -6.70 -10.79 12.85
CA ILE A 63 -6.06 -9.83 13.76
C ILE A 63 -7.11 -8.94 14.41
N ASP A 64 -6.98 -8.76 15.72
CA ASP A 64 -7.93 -7.94 16.46
C ASP A 64 -7.68 -6.45 16.19
N PHE A 65 -8.68 -5.62 16.51
CA PHE A 65 -8.56 -4.18 16.28
C PHE A 65 -7.45 -3.56 17.13
N PRO A 66 -7.42 -3.85 18.41
CA PRO A 66 -6.38 -3.29 19.33
C PRO A 66 -4.97 -3.49 18.78
N GLU A 67 -4.74 -4.64 18.15
CA GLU A 67 -3.43 -4.95 17.59
C GLU A 67 -3.32 -4.41 16.16
N PHE A 68 -4.46 -4.20 15.51
CA PHE A 68 -4.47 -3.70 14.14
C PHE A 68 -3.82 -2.32 14.05
N LEU A 69 -4.20 -1.44 14.97
CA LEU A 69 -3.66 -0.08 14.98
C LEU A 69 -2.15 -0.12 15.26
N THR A 70 -1.74 -0.96 16.20
CA THR A 70 -0.33 -1.08 16.55
C THR A 70 0.47 -1.63 15.36
N MET A 71 -0.06 -2.68 14.74
CA MET A 71 0.62 -3.30 13.60
C MET A 71 0.75 -2.30 12.44
N MET A 72 -0.35 -1.63 12.12
CA MET A 72 -0.33 -0.65 11.03
C MET A 72 0.57 0.52 11.38
N ALA A 73 0.56 0.92 12.65
CA ALA A 73 1.39 2.03 13.10
C ALA A 73 2.86 1.75 12.86
N ARG A 74 3.31 0.58 13.29
CA ARG A 74 4.72 0.22 13.13
C ARG A 74 5.04 -0.08 11.66
N LYS A 75 4.16 -0.82 11.00
CA LYS A 75 4.35 -1.16 9.59
C LYS A 75 4.29 0.09 8.72
N MET A 76 3.32 0.95 8.99
CA MET A 76 3.14 2.19 8.23
C MET A 76 3.65 3.38 9.03
N LYS A 77 4.52 4.17 8.42
CA LYS A 77 5.07 5.35 9.10
C LYS A 77 4.14 6.55 8.94
N ASP A 78 4.02 7.33 10.01
CA ASP A 78 3.17 8.51 10.00
C ASP A 78 3.43 9.34 8.76
N THR A 79 2.70 10.44 8.62
CA THR A 79 2.87 11.32 7.48
C THR A 79 4.14 12.15 7.61
N ASP A 80 4.79 12.04 8.77
CA ASP A 80 6.02 12.79 9.03
C ASP A 80 7.13 12.31 8.10
N SER A 81 6.93 11.15 7.48
CA SER A 81 7.92 10.59 6.58
C SER A 81 8.14 11.52 5.39
N GLU A 82 7.18 12.40 5.15
CA GLU A 82 7.28 13.34 4.05
C GLU A 82 8.64 14.02 4.05
N GLU A 83 9.09 14.44 5.23
CA GLU A 83 10.38 15.11 5.36
C GLU A 83 11.52 14.12 5.11
N GLU A 84 11.37 12.90 5.62
CA GLU A 84 12.40 11.87 5.45
C GLU A 84 12.52 11.50 3.97
N ILE A 85 11.39 11.31 3.33
CA ILE A 85 11.39 10.97 1.91
C ILE A 85 11.93 12.14 1.11
N ARG A 86 11.92 13.33 1.71
CA ARG A 86 12.40 14.48 0.98
C ARG A 86 13.84 14.26 0.53
N GLU A 87 14.67 13.78 1.44
CA GLU A 87 16.05 13.53 1.09
C GLU A 87 16.15 12.43 0.04
N ALA A 88 15.22 11.49 0.09
CA ALA A 88 15.19 10.37 -0.86
C ALA A 88 14.78 10.83 -2.27
N PHE A 89 14.21 12.01 -2.38
CA PHE A 89 13.76 12.50 -3.69
C PHE A 89 14.92 12.55 -4.69
N ARG A 90 16.02 13.14 -4.25
CA ARG A 90 17.22 13.29 -5.07
C ARG A 90 17.82 11.94 -5.43
N VAL A 91 17.93 11.05 -4.44
CA VAL A 91 18.50 9.72 -4.69
C VAL A 91 17.49 8.83 -5.41
N PHE A 92 16.28 8.75 -4.86
CA PHE A 92 15.24 7.91 -5.44
C PHE A 92 14.89 8.40 -6.84
N ASP A 93 14.70 9.71 -6.99
CA ASP A 93 14.36 10.29 -8.30
C ASP A 93 15.55 11.09 -8.84
N LYS A 94 16.37 10.44 -9.66
CA LYS A 94 17.54 11.09 -10.24
C LYS A 94 17.11 12.13 -11.27
N ASP A 95 16.11 11.77 -12.07
CA ASP A 95 15.62 12.66 -13.10
C ASP A 95 15.05 13.94 -12.48
N GLY A 96 14.35 13.81 -11.38
CA GLY A 96 13.76 14.96 -10.71
C GLY A 96 12.59 15.51 -11.51
N ASN A 97 12.89 16.07 -12.69
CA ASN A 97 11.84 16.63 -13.55
C ASN A 97 10.97 15.52 -14.10
N GLY A 98 11.45 14.29 -14.01
CA GLY A 98 10.72 13.11 -14.50
C GLY A 98 10.28 12.24 -13.34
N TYR A 99 9.30 11.37 -13.59
CA TYR A 99 8.78 10.48 -12.55
C TYR A 99 9.15 9.03 -12.87
N ILE A 100 9.20 8.19 -11.83
CA ILE A 100 9.56 6.79 -12.01
C ILE A 100 8.37 5.98 -12.51
N SER A 101 8.56 5.27 -13.63
CA SER A 101 7.51 4.45 -14.20
C SER A 101 7.44 3.11 -13.48
N ALA A 102 6.39 2.35 -13.74
CA ALA A 102 6.23 1.04 -13.12
C ALA A 102 7.35 0.10 -13.55
N ALA A 103 7.75 0.19 -14.81
CA ALA A 103 8.82 -0.66 -15.34
C ALA A 103 10.14 -0.39 -14.60
N GLU A 104 10.48 0.88 -14.45
CA GLU A 104 11.71 1.27 -13.78
C GLU A 104 11.63 0.95 -12.29
N LEU A 105 10.43 1.06 -11.72
CA LEU A 105 10.22 0.80 -10.29
C LEU A 105 10.59 -0.66 -9.95
N ARG A 106 10.18 -1.55 -10.83
CA ARG A 106 10.42 -2.99 -10.68
C ARG A 106 11.92 -3.28 -10.54
N HIS A 107 12.72 -2.62 -11.36
CA HIS A 107 14.16 -2.82 -11.29
C HIS A 107 14.66 -2.49 -9.89
N VAL A 108 14.15 -1.41 -9.33
CA VAL A 108 14.54 -0.98 -7.99
C VAL A 108 14.06 -1.99 -6.94
N MET A 109 12.83 -2.46 -7.09
CA MET A 109 12.25 -3.43 -6.17
C MET A 109 13.06 -4.73 -6.17
N THR A 110 13.57 -5.10 -7.34
CA THR A 110 14.35 -6.33 -7.48
C THR A 110 15.61 -6.27 -6.61
N ASN A 111 16.30 -5.12 -6.65
CA ASN A 111 17.51 -4.96 -5.87
C ASN A 111 17.22 -5.15 -4.38
N LEU A 112 16.04 -4.71 -3.95
CA LEU A 112 15.65 -4.85 -2.54
C LEU A 112 15.62 -6.31 -2.13
N GLY A 113 15.00 -7.13 -2.97
CA GLY A 113 14.88 -8.54 -2.67
C GLY A 113 13.80 -9.20 -3.54
N GLU A 114 13.33 -10.36 -3.10
CA GLU A 114 12.30 -11.11 -3.82
C GLU A 114 11.30 -11.73 -2.84
N LYS A 115 11.21 -11.17 -1.65
CA LYS A 115 10.29 -11.69 -0.65
C LYS A 115 8.85 -11.56 -1.12
N LEU A 116 8.54 -10.41 -1.72
CA LEU A 116 7.19 -10.15 -2.22
C LEU A 116 7.10 -10.55 -3.69
N THR A 117 5.90 -10.44 -4.27
CA THR A 117 5.72 -10.79 -5.67
C THR A 117 6.33 -9.73 -6.58
N ASP A 118 6.58 -10.10 -7.85
CA ASP A 118 7.15 -9.18 -8.82
C ASP A 118 6.05 -8.44 -9.59
N GLU A 119 4.86 -9.04 -9.62
CA GLU A 119 3.73 -8.47 -10.35
C GLU A 119 2.93 -7.48 -9.51
N GLU A 120 2.97 -7.62 -8.18
CA GLU A 120 2.22 -6.74 -7.28
C GLU A 120 2.17 -5.29 -7.80
N VAL A 121 3.33 -4.66 -7.95
CA VAL A 121 3.39 -3.27 -8.41
C VAL A 121 2.94 -3.13 -9.86
N ASP A 122 3.32 -4.07 -10.72
CA ASP A 122 2.96 -3.99 -12.12
C ASP A 122 1.45 -3.89 -12.32
N GLU A 123 0.72 -4.76 -11.63
CA GLU A 123 -0.74 -4.77 -11.75
C GLU A 123 -1.40 -3.77 -10.80
N MET A 124 -0.89 -3.67 -9.57
CA MET A 124 -1.47 -2.77 -8.59
C MET A 124 -1.42 -1.34 -9.12
N ILE A 125 -0.27 -0.97 -9.64
CA ILE A 125 -0.10 0.37 -10.20
C ILE A 125 -0.91 0.52 -11.46
N ARG A 126 -1.35 -0.59 -12.05
CA ARG A 126 -2.10 -0.49 -13.30
C ARG A 126 -3.55 -0.10 -13.06
N GLU A 127 -4.22 -0.80 -12.16
CA GLU A 127 -5.63 -0.50 -11.91
C GLU A 127 -5.76 0.58 -10.84
N ALA A 128 -5.40 0.26 -9.62
CA ALA A 128 -5.48 1.22 -8.52
C ALA A 128 -5.15 2.64 -8.97
N ASP A 129 -4.34 2.75 -10.02
CA ASP A 129 -3.94 4.07 -10.54
C ASP A 129 -4.96 4.58 -11.56
N ILE A 130 -5.42 5.80 -11.34
CA ILE A 130 -6.39 6.42 -12.24
C ILE A 130 -5.76 6.68 -13.62
N ASP A 131 -4.52 7.18 -13.63
CA ASP A 131 -3.84 7.46 -14.89
C ASP A 131 -3.58 6.17 -15.64
N GLY A 132 -3.20 5.13 -14.90
CA GLY A 132 -2.91 3.83 -15.50
C GLY A 132 -1.56 3.86 -16.18
N ASP A 133 -0.91 5.03 -16.16
CA ASP A 133 0.40 5.17 -16.79
C ASP A 133 1.49 4.85 -15.78
N GLY A 134 1.09 4.68 -14.51
CA GLY A 134 2.05 4.36 -13.47
C GLY A 134 3.15 5.40 -13.38
N GLN A 135 3.18 6.10 -12.24
CA GLN A 135 4.18 7.14 -12.01
C GLN A 135 4.31 7.41 -10.52
N VAL A 136 5.55 7.48 -10.04
CA VAL A 136 5.83 7.74 -8.62
C VAL A 136 6.71 8.97 -8.47
N ASN A 137 6.38 9.82 -7.50
CA ASN A 137 7.14 11.04 -7.25
C ASN A 137 7.05 11.43 -5.77
N TYR A 138 7.82 12.43 -5.38
CA TYR A 138 7.83 12.91 -4.00
C TYR A 138 6.41 13.28 -3.55
N GLU A 139 5.71 14.03 -4.38
CA GLU A 139 4.36 14.46 -4.05
C GLU A 139 3.45 13.26 -3.79
N GLU A 140 3.54 12.25 -4.65
CA GLU A 140 2.73 11.04 -4.51
C GLU A 140 3.19 10.19 -3.34
N PHE A 141 4.47 10.25 -3.02
CA PHE A 141 5.04 9.45 -1.93
C PHE A 141 4.28 9.72 -0.63
N VAL A 142 4.02 10.99 -0.36
CA VAL A 142 3.30 11.36 0.87
C VAL A 142 1.94 10.68 0.91
N GLN A 143 1.21 10.75 -0.21
CA GLN A 143 -0.11 10.13 -0.29
C GLN A 143 -0.02 8.61 -0.27
N MET A 144 1.09 8.08 -0.77
CA MET A 144 1.27 6.63 -0.81
C MET A 144 1.22 6.03 0.60
N MET A 145 1.87 6.70 1.56
CA MET A 145 1.89 6.22 2.94
C MET A 145 1.18 7.22 3.86
N THR A 146 0.39 6.70 4.80
CA THR A 146 -0.34 7.54 5.73
C THR A 146 -0.82 6.73 6.93
N ALA A 147 0.09 6.44 7.86
CA ALA A 147 -0.28 5.68 9.05
C ALA A 147 -1.27 6.46 9.91
N LYS A 148 -1.21 7.79 9.82
CA LYS A 148 -2.10 8.65 10.60
C LYS A 148 -2.47 9.90 9.80
N ALA A 1 -12.47 18.72 -15.24
CA ALA A 1 -12.61 19.64 -14.07
C ALA A 1 -11.48 19.37 -13.08
N ASP A 2 -11.83 19.13 -11.83
CA ASP A 2 -10.83 18.86 -10.79
C ASP A 2 -10.51 17.37 -10.72
N GLN A 3 -9.27 17.02 -11.02
CA GLN A 3 -8.84 15.62 -10.97
C GLN A 3 -8.57 15.19 -9.55
N LEU A 4 -8.24 16.16 -8.68
CA LEU A 4 -7.96 15.88 -7.26
C LEU A 4 -9.08 16.42 -6.39
N THR A 5 -9.72 15.52 -5.65
CA THR A 5 -10.81 15.88 -4.75
C THR A 5 -10.69 15.11 -3.43
N GLU A 6 -11.30 15.63 -2.39
CA GLU A 6 -11.27 14.99 -1.08
C GLU A 6 -12.04 13.67 -1.10
N GLU A 7 -12.95 13.54 -2.05
CA GLU A 7 -13.75 12.33 -2.19
C GLU A 7 -12.85 11.11 -2.30
N GLN A 8 -11.77 11.26 -3.05
CA GLN A 8 -10.83 10.17 -3.23
C GLN A 8 -10.18 9.79 -1.90
N ILE A 9 -9.83 10.79 -1.09
CA ILE A 9 -9.20 10.53 0.21
C ILE A 9 -10.15 9.76 1.13
N ALA A 10 -11.42 10.17 1.16
CA ALA A 10 -12.41 9.53 2.02
C ALA A 10 -12.48 8.03 1.75
N GLU A 11 -11.97 7.61 0.61
CA GLU A 11 -11.99 6.20 0.24
C GLU A 11 -11.34 5.37 1.35
N PHE A 12 -10.22 5.87 1.88
CA PHE A 12 -9.51 5.17 2.95
C PHE A 12 -10.31 5.15 4.24
N LYS A 13 -10.93 6.28 4.56
CA LYS A 13 -11.72 6.39 5.79
C LYS A 13 -12.90 5.41 5.76
N GLU A 14 -13.57 5.34 4.62
CA GLU A 14 -14.71 4.45 4.48
C GLU A 14 -14.25 2.99 4.54
N ALA A 15 -13.07 2.73 3.98
CA ALA A 15 -12.52 1.38 3.97
C ALA A 15 -12.30 0.87 5.39
N PHE A 16 -12.14 1.80 6.33
CA PHE A 16 -11.90 1.45 7.72
C PHE A 16 -13.01 0.53 8.24
N SER A 17 -14.25 0.88 7.97
CA SER A 17 -15.38 0.07 8.40
C SER A 17 -15.60 -1.11 7.46
N LEU A 18 -15.05 -1.01 6.24
CA LEU A 18 -15.22 -2.09 5.27
C LEU A 18 -14.54 -3.37 5.73
N PHE A 19 -13.34 -3.23 6.30
CA PHE A 19 -12.60 -4.40 6.77
C PHE A 19 -13.40 -5.18 7.82
N ASP A 20 -13.97 -4.46 8.76
CA ASP A 20 -14.75 -5.09 9.83
C ASP A 20 -16.16 -5.45 9.36
N LYS A 21 -16.57 -4.91 8.20
CA LYS A 21 -17.90 -5.20 7.69
C LYS A 21 -18.25 -6.68 7.85
N ASP A 22 -17.25 -7.53 7.74
CA ASP A 22 -17.47 -8.98 7.87
C ASP A 22 -18.22 -9.29 9.16
N GLY A 23 -17.80 -8.67 10.26
CA GLY A 23 -18.43 -8.88 11.56
C GLY A 23 -18.33 -7.64 12.42
N ASP A 24 -18.30 -7.84 13.75
CA ASP A 24 -18.21 -6.71 14.68
C ASP A 24 -16.82 -6.09 14.65
N GLY A 25 -15.79 -6.93 14.68
CA GLY A 25 -14.42 -6.45 14.61
C GLY A 25 -13.47 -7.62 14.36
N THR A 26 -12.93 -7.71 13.15
CA THR A 26 -12.00 -8.78 12.83
C THR A 26 -11.26 -8.51 11.54
N ILE A 27 -9.95 -8.75 11.53
CA ILE A 27 -9.12 -8.56 10.32
C ILE A 27 -8.68 -9.92 9.78
N THR A 28 -9.10 -10.23 8.56
CA THR A 28 -8.74 -11.51 7.92
C THR A 28 -8.30 -11.29 6.48
N THR A 29 -7.70 -12.32 5.89
CA THR A 29 -7.23 -12.22 4.52
C THR A 29 -8.42 -12.02 3.57
N LYS A 30 -9.55 -12.62 3.92
CA LYS A 30 -10.74 -12.50 3.10
C LYS A 30 -11.18 -11.05 3.04
N GLU A 31 -11.08 -10.37 4.17
CA GLU A 31 -11.47 -8.96 4.24
C GLU A 31 -10.55 -8.11 3.36
N LEU A 32 -9.24 -8.32 3.50
CA LEU A 32 -8.27 -7.57 2.70
C LEU A 32 -8.42 -7.90 1.22
N GLY A 33 -8.58 -9.20 0.94
CA GLY A 33 -8.73 -9.64 -0.45
C GLY A 33 -9.84 -8.85 -1.12
N THR A 34 -10.76 -8.34 -0.33
CA THR A 34 -11.88 -7.56 -0.86
C THR A 34 -11.35 -6.28 -1.51
N VAL A 35 -10.37 -5.64 -0.87
CA VAL A 35 -9.80 -4.40 -1.38
C VAL A 35 -9.25 -4.63 -2.79
N MET A 36 -8.97 -5.88 -3.12
CA MET A 36 -8.44 -6.19 -4.43
C MET A 36 -9.28 -5.55 -5.52
N ARG A 37 -10.59 -5.42 -5.30
CA ARG A 37 -11.40 -4.84 -6.36
C ARG A 37 -10.99 -3.40 -6.61
N SER A 38 -10.82 -2.65 -5.54
CA SER A 38 -10.45 -1.25 -5.68
C SER A 38 -9.13 -1.13 -6.43
N LEU A 39 -8.26 -2.14 -6.28
CA LEU A 39 -6.95 -2.15 -6.94
C LEU A 39 -6.97 -3.07 -8.16
N GLY A 40 -8.15 -3.60 -8.47
CA GLY A 40 -8.32 -4.51 -9.59
C GLY A 40 -7.52 -5.79 -9.36
N GLN A 41 -6.21 -5.65 -9.43
CA GLN A 41 -5.29 -6.76 -9.22
C GLN A 41 -4.05 -6.28 -8.47
N ASN A 42 -3.86 -6.80 -7.26
CA ASN A 42 -2.72 -6.42 -6.43
C ASN A 42 -2.03 -7.65 -5.85
N PRO A 43 -1.34 -8.45 -6.67
CA PRO A 43 -0.62 -9.66 -6.19
C PRO A 43 -0.07 -9.49 -4.79
N THR A 44 0.34 -8.26 -4.48
CA THR A 44 0.91 -7.96 -3.17
C THR A 44 0.17 -8.71 -2.08
N GLU A 45 -1.10 -8.98 -2.31
CA GLU A 45 -1.91 -9.69 -1.33
C GLU A 45 -1.79 -11.20 -1.54
N ALA A 46 -1.67 -11.62 -2.80
CA ALA A 46 -1.54 -13.02 -3.13
C ALA A 46 -0.30 -13.63 -2.50
N GLU A 47 0.84 -12.96 -2.68
CA GLU A 47 2.10 -13.44 -2.12
C GLU A 47 2.06 -13.34 -0.61
N LEU A 48 1.65 -12.18 -0.13
CA LEU A 48 1.59 -11.95 1.31
C LEU A 48 0.61 -12.90 1.97
N GLN A 49 -0.35 -13.41 1.20
CA GLN A 49 -1.34 -14.34 1.73
C GLN A 49 -0.70 -15.32 2.70
N ASP A 50 0.40 -15.94 2.27
CA ASP A 50 1.11 -16.88 3.12
C ASP A 50 1.79 -16.16 4.27
N MET A 51 2.38 -15.00 3.98
CA MET A 51 3.07 -14.24 5.02
C MET A 51 2.11 -13.84 6.14
N ILE A 52 0.89 -13.43 5.76
CA ILE A 52 -0.12 -13.00 6.73
C ILE A 52 -0.51 -14.14 7.68
N ASN A 53 -0.77 -15.31 7.13
CA ASN A 53 -1.16 -16.47 7.92
C ASN A 53 -0.01 -16.89 8.83
N GLU A 54 1.21 -16.84 8.31
CA GLU A 54 2.38 -17.25 9.08
C GLU A 54 2.51 -16.43 10.36
N VAL A 55 2.58 -15.11 10.23
CA VAL A 55 2.72 -14.24 11.39
C VAL A 55 1.44 -14.26 12.23
N ASP A 56 0.31 -14.41 11.56
CA ASP A 56 -1.00 -14.42 12.23
C ASP A 56 -1.37 -15.81 12.73
N ALA A 57 -0.63 -16.81 12.28
CA ALA A 57 -0.90 -18.20 12.67
C ALA A 57 -0.49 -18.42 14.12
N ASP A 58 -0.29 -17.33 14.83
CA ASP A 58 0.07 -17.43 16.24
C ASP A 58 -1.10 -18.02 17.01
N GLY A 59 -2.31 -17.87 16.44
CA GLY A 59 -3.50 -18.42 17.09
C GLY A 59 -4.63 -18.55 16.08
N ASN A 60 -4.54 -17.78 15.01
CA ASN A 60 -5.55 -17.81 13.96
C ASN A 60 -5.19 -16.82 12.86
N GLY A 61 -5.53 -17.15 11.61
CA GLY A 61 -5.25 -16.26 10.50
C GLY A 61 -6.07 -14.98 10.60
N THR A 62 -6.32 -14.53 11.84
CA THR A 62 -7.10 -13.31 12.08
C THR A 62 -6.37 -12.42 13.09
N ILE A 63 -6.46 -11.11 12.88
CA ILE A 63 -5.81 -10.14 13.77
C ILE A 63 -6.86 -9.26 14.45
N ASP A 64 -6.68 -9.07 15.75
CA ASP A 64 -7.60 -8.27 16.54
C ASP A 64 -7.55 -6.80 16.11
N PHE A 65 -8.45 -5.98 16.64
CA PHE A 65 -8.47 -4.56 16.28
C PHE A 65 -7.29 -3.81 16.92
N PRO A 66 -7.06 -3.98 18.20
CA PRO A 66 -5.94 -3.28 18.90
C PRO A 66 -4.60 -3.50 18.19
N GLU A 67 -4.35 -4.73 17.76
CA GLU A 67 -3.11 -5.05 17.06
C GLU A 67 -3.09 -4.40 15.68
N PHE A 68 -4.24 -4.38 15.02
CA PHE A 68 -4.34 -3.79 13.69
C PHE A 68 -3.95 -2.32 13.71
N LEU A 69 -4.47 -1.59 14.69
CA LEU A 69 -4.18 -0.17 14.81
C LEU A 69 -2.68 0.05 15.04
N THR A 70 -2.09 -0.74 15.93
CA THR A 70 -0.65 -0.62 16.22
C THR A 70 0.19 -1.04 15.01
N MET A 71 -0.18 -2.16 14.40
CA MET A 71 0.56 -2.68 13.25
C MET A 71 0.53 -1.68 12.10
N MET A 72 -0.64 -1.11 11.85
CA MET A 72 -0.79 -0.14 10.77
C MET A 72 0.03 1.11 11.07
N ALA A 73 0.05 1.51 12.33
CA ALA A 73 0.80 2.69 12.73
C ALA A 73 2.28 2.54 12.42
N ARG A 74 2.82 1.34 12.71
CA ARG A 74 4.23 1.08 12.46
C ARG A 74 4.51 0.96 10.96
N LYS A 75 3.63 0.29 10.23
CA LYS A 75 3.80 0.12 8.79
C LYS A 75 3.72 1.47 8.08
N MET A 76 2.78 2.30 8.53
CA MET A 76 2.58 3.63 7.94
C MET A 76 3.35 4.67 8.75
N LYS A 77 4.13 5.50 8.07
CA LYS A 77 4.89 6.55 8.74
C LYS A 77 4.04 7.80 8.88
N ASP A 78 4.20 8.49 10.00
CA ASP A 78 3.45 9.71 10.26
C ASP A 78 3.54 10.66 9.07
N THR A 79 2.71 11.70 9.09
CA THR A 79 2.70 12.67 8.01
C THR A 79 3.91 13.60 8.11
N ASP A 80 4.56 13.60 9.27
CA ASP A 80 5.73 14.44 9.47
C ASP A 80 6.90 13.96 8.61
N SER A 81 6.79 12.74 8.11
CA SER A 81 7.84 12.17 7.26
C SER A 81 8.04 13.02 6.01
N GLU A 82 7.01 13.77 5.62
CA GLU A 82 7.08 14.64 4.43
C GLU A 82 8.48 15.26 4.29
N GLU A 83 8.98 15.83 5.38
CA GLU A 83 10.31 16.45 5.36
C GLU A 83 11.42 15.39 5.25
N GLU A 84 11.28 14.31 6.02
CA GLU A 84 12.27 13.25 6.01
C GLU A 84 12.33 12.60 4.64
N ILE A 85 11.16 12.42 4.05
CA ILE A 85 11.08 11.85 2.72
C ILE A 85 11.71 12.81 1.71
N ARG A 86 11.78 14.11 2.08
CA ARG A 86 12.33 15.07 1.14
C ARG A 86 13.75 14.66 0.75
N GLU A 87 14.54 14.26 1.73
CA GLU A 87 15.91 13.85 1.45
C GLU A 87 15.90 12.62 0.54
N ALA A 88 14.93 11.75 0.74
CA ALA A 88 14.81 10.52 -0.06
C ALA A 88 14.51 10.82 -1.53
N PHE A 89 14.01 12.02 -1.82
CA PHE A 89 13.68 12.37 -3.21
C PHE A 89 14.90 12.22 -4.11
N ARG A 90 16.00 12.79 -3.66
CA ARG A 90 17.27 12.77 -4.39
C ARG A 90 17.86 11.35 -4.45
N VAL A 91 17.84 10.65 -3.32
CA VAL A 91 18.38 9.29 -3.27
C VAL A 91 17.51 8.38 -4.13
N PHE A 92 16.20 8.46 -3.94
CA PHE A 92 15.26 7.62 -4.69
C PHE A 92 15.33 7.96 -6.17
N ASP A 93 15.30 9.26 -6.49
CA ASP A 93 15.35 9.72 -7.88
C ASP A 93 16.57 10.61 -8.07
N LYS A 94 17.63 10.06 -8.63
CA LYS A 94 18.84 10.80 -8.87
C LYS A 94 18.58 11.87 -9.91
N ASP A 95 17.82 11.51 -10.92
CA ASP A 95 17.51 12.42 -12.00
C ASP A 95 16.66 13.60 -11.48
N GLY A 96 15.70 13.30 -10.61
CA GLY A 96 14.83 14.34 -10.06
C GLY A 96 13.90 14.91 -11.13
N ASN A 97 14.49 15.46 -12.19
CA ASN A 97 13.72 16.04 -13.28
C ASN A 97 12.87 14.95 -13.95
N GLY A 98 13.23 13.69 -13.70
CA GLY A 98 12.51 12.57 -14.27
C GLY A 98 11.77 11.81 -13.16
N TYR A 99 10.78 11.02 -13.56
CA TYR A 99 9.97 10.25 -12.61
C TYR A 99 10.23 8.76 -12.80
N ILE A 100 9.99 7.97 -11.73
CA ILE A 100 10.20 6.53 -11.81
C ILE A 100 8.91 5.79 -12.14
N SER A 101 8.90 5.09 -13.27
CA SER A 101 7.72 4.33 -13.69
C SER A 101 7.76 2.94 -13.05
N ALA A 102 6.66 2.20 -13.20
CA ALA A 102 6.58 0.86 -12.64
C ALA A 102 7.66 -0.04 -13.25
N ALA A 103 7.94 0.16 -14.53
CA ALA A 103 8.94 -0.66 -15.23
C ALA A 103 10.30 -0.55 -14.54
N GLU A 104 10.74 0.68 -14.32
CA GLU A 104 12.03 0.90 -13.66
C GLU A 104 12.00 0.46 -12.20
N LEU A 105 10.86 0.71 -11.53
CA LEU A 105 10.69 0.35 -10.13
C LEU A 105 10.78 -1.17 -9.93
N ARG A 106 10.21 -1.89 -10.86
CA ARG A 106 10.18 -3.35 -10.83
C ARG A 106 11.60 -3.92 -10.69
N HIS A 107 12.54 -3.37 -11.44
CA HIS A 107 13.91 -3.84 -11.37
C HIS A 107 14.47 -3.60 -9.97
N VAL A 108 14.12 -2.45 -9.39
CA VAL A 108 14.59 -2.09 -8.05
C VAL A 108 14.09 -3.11 -7.03
N MET A 109 12.81 -3.45 -7.13
CA MET A 109 12.21 -4.42 -6.22
C MET A 109 12.85 -5.79 -6.39
N THR A 110 13.16 -6.15 -7.63
CA THR A 110 13.79 -7.44 -7.91
C THR A 110 15.13 -7.52 -7.18
N ASN A 111 15.86 -6.41 -7.19
CA ASN A 111 17.16 -6.34 -6.52
C ASN A 111 17.04 -6.61 -5.02
N LEU A 112 15.96 -6.10 -4.41
CA LEU A 112 15.75 -6.29 -2.98
C LEU A 112 15.63 -7.76 -2.64
N GLY A 113 14.87 -8.48 -3.45
CA GLY A 113 14.66 -9.90 -3.23
C GLY A 113 13.48 -10.43 -4.05
N GLU A 114 12.89 -11.52 -3.55
CA GLU A 114 11.74 -12.15 -4.22
C GLU A 114 10.69 -12.59 -3.20
N LYS A 115 10.71 -11.96 -2.03
CA LYS A 115 9.75 -12.30 -0.98
C LYS A 115 8.33 -12.02 -1.45
N LEU A 116 8.15 -10.88 -2.10
CA LEU A 116 6.84 -10.47 -2.61
C LEU A 116 6.77 -10.78 -4.10
N THR A 117 5.57 -10.68 -4.67
CA THR A 117 5.39 -10.94 -6.09
C THR A 117 6.07 -9.86 -6.93
N ASP A 118 6.30 -10.16 -8.21
CA ASP A 118 6.92 -9.20 -9.12
C ASP A 118 5.84 -8.38 -9.86
N GLU A 119 4.63 -8.93 -9.92
CA GLU A 119 3.53 -8.26 -10.62
C GLU A 119 2.76 -7.27 -9.72
N GLU A 120 2.80 -7.49 -8.39
CA GLU A 120 2.10 -6.63 -7.43
C GLU A 120 2.10 -5.14 -7.86
N VAL A 121 3.26 -4.53 -7.89
CA VAL A 121 3.36 -3.12 -8.25
C VAL A 121 2.96 -2.88 -9.70
N ASP A 122 3.26 -3.83 -10.57
CA ASP A 122 2.93 -3.66 -12.00
C ASP A 122 1.42 -3.52 -12.20
N GLU A 123 0.64 -4.39 -11.56
CA GLU A 123 -0.81 -4.37 -11.69
C GLU A 123 -1.45 -3.37 -10.73
N MET A 124 -0.95 -3.31 -9.49
CA MET A 124 -1.52 -2.39 -8.51
C MET A 124 -1.43 -0.98 -9.02
N ILE A 125 -0.26 -0.62 -9.52
CA ILE A 125 -0.06 0.70 -10.08
C ILE A 125 -0.85 0.87 -11.37
N ARG A 126 -1.26 -0.22 -12.00
CA ARG A 126 -1.99 -0.10 -13.25
C ARG A 126 -3.42 0.32 -13.02
N GLU A 127 -4.12 -0.41 -12.16
CA GLU A 127 -5.52 -0.07 -11.93
C GLU A 127 -5.68 1.00 -10.87
N ALA A 128 -5.37 0.66 -9.63
CA ALA A 128 -5.49 1.61 -8.53
C ALA A 128 -5.07 3.03 -8.94
N ASP A 129 -4.28 3.13 -10.00
CA ASP A 129 -3.80 4.43 -10.49
C ASP A 129 -4.78 5.00 -11.52
N ILE A 130 -5.25 6.21 -11.25
CA ILE A 130 -6.18 6.88 -12.16
C ILE A 130 -5.49 7.20 -13.48
N ASP A 131 -4.19 7.47 -13.44
CA ASP A 131 -3.44 7.78 -14.64
C ASP A 131 -3.25 6.53 -15.49
N GLY A 132 -2.86 5.44 -14.84
CA GLY A 132 -2.65 4.17 -15.53
C GLY A 132 -1.29 4.15 -16.22
N ASP A 133 -0.59 5.29 -16.19
CA ASP A 133 0.73 5.39 -16.82
C ASP A 133 1.81 5.01 -15.81
N GLY A 134 1.40 4.88 -14.55
CA GLY A 134 2.35 4.51 -13.50
C GLY A 134 3.48 5.53 -13.40
N GLN A 135 3.57 6.17 -12.25
CA GLN A 135 4.61 7.17 -12.02
C GLN A 135 4.80 7.38 -10.52
N VAL A 136 6.06 7.54 -10.10
CA VAL A 136 6.40 7.74 -8.68
C VAL A 136 7.25 9.00 -8.54
N ASN A 137 6.89 9.84 -7.56
CA ASN A 137 7.60 11.08 -7.31
C ASN A 137 7.49 11.46 -5.83
N TYR A 138 8.18 12.52 -5.43
CA TYR A 138 8.17 12.99 -4.05
C TYR A 138 6.75 13.30 -3.57
N GLU A 139 6.04 14.12 -4.33
CA GLU A 139 4.68 14.52 -3.98
C GLU A 139 3.81 13.29 -3.77
N GLU A 140 4.05 12.25 -4.56
CA GLU A 140 3.26 11.02 -4.45
C GLU A 140 3.54 10.28 -3.15
N PHE A 141 4.82 10.24 -2.74
CA PHE A 141 5.19 9.53 -1.52
C PHE A 141 4.50 10.11 -0.28
N VAL A 142 4.49 11.43 -0.17
CA VAL A 142 3.87 12.08 0.98
C VAL A 142 2.41 11.67 1.09
N GLN A 143 1.71 11.70 -0.04
CA GLN A 143 0.29 11.34 -0.07
C GLN A 143 0.11 9.82 0.04
N MET A 144 1.07 9.06 -0.46
CA MET A 144 0.98 7.60 -0.42
C MET A 144 0.90 7.11 1.02
N MET A 145 1.69 7.73 1.90
CA MET A 145 1.69 7.36 3.32
C MET A 145 0.96 8.40 4.16
N THR A 146 0.22 7.93 5.15
CA THR A 146 -0.54 8.81 6.03
C THR A 146 -1.03 8.04 7.25
N ALA A 147 -0.11 7.71 8.15
CA ALA A 147 -0.46 6.97 9.36
C ALA A 147 -1.44 7.76 10.22
N LYS A 148 -1.19 9.07 10.32
CA LYS A 148 -2.04 9.96 11.11
C LYS A 148 -2.28 11.27 10.36
N ALA A 1 -5.83 20.29 -13.79
CA ALA A 1 -6.63 19.29 -13.05
C ALA A 1 -5.94 18.98 -11.72
N ASP A 2 -6.74 18.74 -10.68
CA ASP A 2 -6.20 18.44 -9.36
C ASP A 2 -5.96 16.94 -9.21
N GLN A 3 -4.70 16.54 -9.08
CA GLN A 3 -4.35 15.14 -8.92
C GLN A 3 -4.52 14.71 -7.48
N LEU A 4 -4.61 15.69 -6.57
CA LEU A 4 -4.80 15.39 -5.15
C LEU A 4 -6.17 15.88 -4.68
N THR A 5 -6.99 14.94 -4.24
CA THR A 5 -8.34 15.25 -3.76
C THR A 5 -8.66 14.44 -2.51
N GLU A 6 -9.61 14.92 -1.72
CA GLU A 6 -10.00 14.23 -0.49
C GLU A 6 -10.78 12.95 -0.81
N GLU A 7 -11.36 12.90 -2.01
CA GLU A 7 -12.14 11.73 -2.42
C GLU A 7 -11.30 10.46 -2.33
N GLN A 8 -10.05 10.54 -2.78
CA GLN A 8 -9.17 9.38 -2.75
C GLN A 8 -8.93 8.93 -1.31
N ILE A 9 -8.69 9.88 -0.42
CA ILE A 9 -8.46 9.58 0.99
C ILE A 9 -9.70 8.98 1.63
N ALA A 10 -10.86 9.54 1.33
CA ALA A 10 -12.12 9.05 1.89
C ALA A 10 -12.29 7.55 1.64
N GLU A 11 -12.02 7.11 0.42
CA GLU A 11 -12.16 5.70 0.09
C GLU A 11 -11.63 4.82 1.21
N PHE A 12 -10.46 5.16 1.73
CA PHE A 12 -9.85 4.40 2.82
C PHE A 12 -10.68 4.55 4.10
N LYS A 13 -11.19 5.75 4.34
CA LYS A 13 -11.99 6.01 5.53
C LYS A 13 -13.27 5.17 5.51
N GLU A 14 -13.90 5.10 4.35
CA GLU A 14 -15.14 4.33 4.22
C GLU A 14 -14.87 2.84 4.41
N ALA A 15 -13.76 2.36 3.85
CA ALA A 15 -13.39 0.97 3.96
C ALA A 15 -13.25 0.56 5.42
N PHE A 16 -13.04 1.54 6.28
CA PHE A 16 -12.88 1.27 7.71
C PHE A 16 -13.97 0.36 8.23
N SER A 17 -15.22 0.68 7.89
CA SER A 17 -16.34 -0.14 8.33
C SER A 17 -16.46 -1.41 7.49
N LEU A 18 -15.87 -1.40 6.30
CA LEU A 18 -15.94 -2.56 5.42
C LEU A 18 -15.24 -3.75 6.04
N PHE A 19 -14.08 -3.51 6.68
CA PHE A 19 -13.34 -4.60 7.29
C PHE A 19 -14.18 -5.34 8.32
N ASP A 20 -14.88 -4.60 9.17
CA ASP A 20 -15.70 -5.21 10.20
C ASP A 20 -17.09 -5.56 9.69
N LYS A 21 -17.52 -4.93 8.59
CA LYS A 21 -18.84 -5.21 8.03
C LYS A 21 -19.12 -6.71 8.00
N ASP A 22 -18.07 -7.51 7.80
CA ASP A 22 -18.24 -8.96 7.75
C ASP A 22 -18.91 -9.48 9.03
N GLY A 23 -18.43 -9.01 10.18
CA GLY A 23 -18.98 -9.42 11.47
C GLY A 23 -19.07 -8.24 12.44
N ASP A 24 -19.00 -8.52 13.74
CA ASP A 24 -19.08 -7.46 14.74
C ASP A 24 -17.77 -6.67 14.79
N GLY A 25 -16.64 -7.37 14.83
CA GLY A 25 -15.34 -6.74 14.84
C GLY A 25 -14.23 -7.76 14.56
N THR A 26 -13.65 -7.70 13.36
CA THR A 26 -12.59 -8.63 13.01
C THR A 26 -11.85 -8.19 11.75
N ILE A 27 -10.55 -8.52 11.68
CA ILE A 27 -9.75 -8.17 10.51
C ILE A 27 -9.09 -9.43 9.96
N THR A 28 -9.88 -10.28 9.29
CA THR A 28 -9.36 -11.52 8.73
C THR A 28 -8.82 -11.28 7.33
N THR A 29 -8.07 -12.24 6.82
CA THR A 29 -7.48 -12.13 5.49
C THR A 29 -8.59 -12.11 4.43
N LYS A 30 -9.70 -12.77 4.75
CA LYS A 30 -10.82 -12.83 3.83
C LYS A 30 -11.35 -11.43 3.55
N GLU A 31 -11.41 -10.62 4.61
CA GLU A 31 -11.89 -9.25 4.47
C GLU A 31 -10.93 -8.42 3.62
N LEU A 32 -9.62 -8.65 3.82
CA LEU A 32 -8.60 -7.94 3.07
C LEU A 32 -8.72 -8.28 1.59
N GLY A 33 -8.91 -9.55 1.29
CA GLY A 33 -9.04 -9.99 -0.09
C GLY A 33 -10.12 -9.21 -0.81
N THR A 34 -11.17 -8.82 -0.09
CA THR A 34 -12.27 -8.05 -0.69
C THR A 34 -11.76 -6.68 -1.16
N VAL A 35 -10.97 -6.02 -0.32
CA VAL A 35 -10.44 -4.70 -0.66
C VAL A 35 -9.68 -4.76 -1.97
N MET A 36 -9.32 -5.96 -2.38
CA MET A 36 -8.58 -6.14 -3.62
C MET A 36 -9.30 -5.45 -4.77
N ARG A 37 -10.64 -5.56 -4.81
CA ARG A 37 -11.33 -4.94 -5.92
C ARG A 37 -11.13 -3.43 -5.90
N SER A 38 -11.32 -2.83 -4.72
CA SER A 38 -11.15 -1.38 -4.61
C SER A 38 -9.70 -0.97 -4.90
N LEU A 39 -8.79 -1.93 -4.81
CA LEU A 39 -7.38 -1.67 -5.07
C LEU A 39 -7.02 -1.98 -6.52
N GLY A 40 -8.03 -2.30 -7.33
CA GLY A 40 -7.78 -2.63 -8.73
C GLY A 40 -6.58 -3.54 -8.88
N GLN A 41 -6.79 -4.82 -8.61
CA GLN A 41 -5.73 -5.81 -8.70
C GLN A 41 -4.51 -5.38 -7.89
N ASN A 42 -4.16 -6.17 -6.88
CA ASN A 42 -3.00 -5.83 -6.05
C ASN A 42 -2.31 -7.07 -5.50
N PRO A 43 -1.68 -7.86 -6.35
CA PRO A 43 -0.95 -9.09 -5.91
C PRO A 43 -0.29 -8.91 -4.55
N THR A 44 0.13 -7.69 -4.26
CA THR A 44 0.77 -7.38 -2.99
C THR A 44 0.11 -8.16 -1.85
N GLU A 45 -1.17 -8.48 -2.02
CA GLU A 45 -1.90 -9.25 -1.01
C GLU A 45 -1.78 -10.75 -1.26
N ALA A 46 -1.68 -11.13 -2.54
CA ALA A 46 -1.56 -12.53 -2.91
C ALA A 46 -0.33 -13.16 -2.27
N GLU A 47 0.83 -12.52 -2.43
CA GLU A 47 2.06 -13.04 -1.86
C GLU A 47 1.98 -12.95 -0.34
N LEU A 48 1.56 -11.79 0.12
CA LEU A 48 1.46 -11.58 1.58
C LEU A 48 0.45 -12.53 2.19
N GLN A 49 -0.54 -12.95 1.39
CA GLN A 49 -1.56 -13.87 1.88
C GLN A 49 -0.96 -14.95 2.78
N ASP A 50 0.06 -15.63 2.27
CA ASP A 50 0.73 -16.67 3.05
C ASP A 50 1.44 -16.07 4.25
N MET A 51 2.03 -14.88 4.05
CA MET A 51 2.75 -14.21 5.12
C MET A 51 1.80 -13.86 6.28
N ILE A 52 0.59 -13.42 5.94
CA ILE A 52 -0.39 -13.04 6.97
C ILE A 52 -0.77 -14.23 7.85
N ASN A 53 -1.05 -15.36 7.25
CA ASN A 53 -1.42 -16.56 8.02
C ASN A 53 -0.27 -16.99 8.93
N GLU A 54 0.96 -16.96 8.41
CA GLU A 54 2.12 -17.36 9.22
C GLU A 54 2.25 -16.49 10.47
N VAL A 55 2.32 -15.18 10.28
CA VAL A 55 2.46 -14.27 11.42
C VAL A 55 1.18 -14.23 12.25
N ASP A 56 0.04 -14.33 11.57
CA ASP A 56 -1.26 -14.29 12.25
C ASP A 56 -1.63 -15.66 12.82
N ALA A 57 -0.92 -16.70 12.41
CA ALA A 57 -1.18 -18.05 12.90
C ALA A 57 -0.73 -18.19 14.35
N ASP A 58 -0.38 -17.06 14.96
CA ASP A 58 0.04 -17.08 16.35
C ASP A 58 -1.11 -17.58 17.21
N GLY A 59 -2.34 -17.41 16.72
CA GLY A 59 -3.51 -17.87 17.46
C GLY A 59 -4.69 -18.08 16.53
N ASN A 60 -4.61 -17.44 15.35
CA ASN A 60 -5.67 -17.54 14.36
C ASN A 60 -5.34 -16.66 13.16
N GLY A 61 -5.65 -17.13 11.95
CA GLY A 61 -5.40 -16.35 10.76
C GLY A 61 -6.22 -15.07 10.74
N THR A 62 -6.48 -14.50 11.93
CA THR A 62 -7.24 -13.27 12.05
C THR A 62 -6.51 -12.27 12.93
N ILE A 63 -6.71 -10.98 12.66
CA ILE A 63 -6.07 -9.92 13.43
C ILE A 63 -7.13 -9.08 14.15
N ASP A 64 -6.82 -8.73 15.39
CA ASP A 64 -7.73 -7.94 16.21
C ASP A 64 -7.58 -6.44 15.89
N PHE A 65 -8.53 -5.63 16.34
CA PHE A 65 -8.48 -4.19 16.07
C PHE A 65 -7.24 -3.56 16.70
N PRO A 66 -7.00 -3.79 17.98
CA PRO A 66 -5.82 -3.21 18.67
C PRO A 66 -4.52 -3.46 17.91
N GLU A 67 -4.34 -4.69 17.43
CA GLU A 67 -3.14 -5.04 16.68
C GLU A 67 -3.15 -4.39 15.30
N PHE A 68 -4.33 -4.28 14.70
CA PHE A 68 -4.47 -3.68 13.38
C PHE A 68 -3.99 -2.23 13.39
N LEU A 69 -4.42 -1.47 14.39
CA LEU A 69 -4.03 -0.07 14.48
C LEU A 69 -2.51 0.06 14.65
N THR A 70 -1.94 -0.76 15.51
CA THR A 70 -0.50 -0.74 15.75
C THR A 70 0.27 -1.21 14.52
N MET A 71 -0.20 -2.30 13.92
CA MET A 71 0.46 -2.87 12.74
C MET A 71 0.48 -1.87 11.59
N MET A 72 -0.62 -1.16 11.42
CA MET A 72 -0.72 -0.17 10.36
C MET A 72 0.31 0.94 10.58
N ALA A 73 0.49 1.32 11.84
CA ALA A 73 1.45 2.37 12.18
C ALA A 73 2.87 1.95 11.80
N ARG A 74 3.20 0.69 12.04
CA ARG A 74 4.53 0.18 11.75
C ARG A 74 4.78 0.14 10.24
N LYS A 75 3.80 -0.37 9.49
CA LYS A 75 3.93 -0.46 8.03
C LYS A 75 3.92 0.95 7.43
N MET A 76 3.04 1.80 7.95
CA MET A 76 2.93 3.18 7.46
C MET A 76 3.92 4.07 8.19
N LYS A 77 4.16 5.26 7.64
CA LYS A 77 5.10 6.21 8.24
C LYS A 77 4.36 7.47 8.67
N ASP A 78 4.92 8.15 9.67
CA ASP A 78 4.32 9.36 10.19
C ASP A 78 4.19 10.41 9.10
N THR A 79 3.32 11.39 9.32
CA THR A 79 3.11 12.44 8.33
C THR A 79 4.38 13.27 8.16
N ASP A 80 5.17 13.36 9.22
CA ASP A 80 6.41 14.13 9.18
C ASP A 80 7.38 13.50 8.18
N SER A 81 7.04 12.30 7.72
CA SER A 81 7.88 11.58 6.78
C SER A 81 8.11 12.43 5.52
N GLU A 82 7.11 13.23 5.15
CA GLU A 82 7.21 14.08 3.97
C GLU A 82 8.52 14.88 3.99
N GLU A 83 8.80 15.53 5.12
CA GLU A 83 10.02 16.33 5.25
C GLU A 83 11.27 15.44 5.19
N GLU A 84 11.21 14.29 5.86
CA GLU A 84 12.33 13.36 5.87
C GLU A 84 12.57 12.79 4.49
N ILE A 85 11.49 12.38 3.85
CA ILE A 85 11.58 11.83 2.51
C ILE A 85 12.06 12.92 1.57
N ARG A 86 11.89 14.19 1.98
CA ARG A 86 12.31 15.27 1.13
C ARG A 86 13.79 15.16 0.83
N GLU A 87 14.57 14.85 1.83
CA GLU A 87 16.01 14.72 1.63
C GLU A 87 16.29 13.60 0.62
N ALA A 88 15.49 12.55 0.68
CA ALA A 88 15.65 11.41 -0.23
C ALA A 88 15.16 11.71 -1.64
N PHE A 89 14.42 12.80 -1.82
CA PHE A 89 13.89 13.16 -3.14
C PHE A 89 14.98 13.07 -4.22
N ARG A 90 16.10 13.72 -3.95
CA ARG A 90 17.22 13.75 -4.87
C ARG A 90 17.76 12.36 -5.17
N VAL A 91 17.94 11.55 -4.12
CA VAL A 91 18.44 10.19 -4.29
C VAL A 91 17.39 9.33 -4.97
N PHE A 92 16.14 9.46 -4.52
CA PHE A 92 15.05 8.68 -5.07
C PHE A 92 14.92 8.98 -6.56
N ASP A 93 14.99 10.26 -6.91
CA ASP A 93 14.88 10.68 -8.30
C ASP A 93 15.90 11.78 -8.60
N LYS A 94 17.02 11.40 -9.24
CA LYS A 94 18.06 12.36 -9.57
C LYS A 94 17.57 13.31 -10.64
N ASP A 95 16.83 12.77 -11.59
CA ASP A 95 16.31 13.57 -12.68
C ASP A 95 15.41 14.68 -12.14
N GLY A 96 14.57 14.33 -11.18
CA GLY A 96 13.67 15.29 -10.56
C GLY A 96 12.59 15.73 -11.56
N ASN A 97 13.02 16.26 -12.69
CA ASN A 97 12.10 16.72 -13.72
C ASN A 97 11.41 15.53 -14.39
N GLY A 98 11.96 14.34 -14.15
CA GLY A 98 11.40 13.11 -14.72
C GLY A 98 10.79 12.24 -13.64
N TYR A 99 9.93 11.31 -14.04
CA TYR A 99 9.25 10.42 -13.10
C TYR A 99 9.69 8.97 -13.32
N ILE A 100 9.67 8.17 -12.25
CA ILE A 100 10.08 6.77 -12.35
C ILE A 100 8.91 5.91 -12.82
N SER A 101 9.12 5.19 -13.92
CA SER A 101 8.08 4.32 -14.46
C SER A 101 8.05 3.01 -13.69
N ALA A 102 6.99 2.23 -13.92
CA ALA A 102 6.86 0.95 -13.24
C ALA A 102 8.01 0.02 -13.62
N ALA A 103 8.45 0.09 -14.88
CA ALA A 103 9.54 -0.76 -15.35
C ALA A 103 10.83 -0.48 -14.59
N GLU A 104 11.14 0.81 -14.42
CA GLU A 104 12.36 1.21 -13.70
C GLU A 104 12.24 0.89 -12.21
N LEU A 105 11.05 1.09 -11.65
CA LEU A 105 10.82 0.84 -10.22
C LEU A 105 11.06 -0.63 -9.87
N ARG A 106 10.57 -1.50 -10.73
CA ARG A 106 10.69 -2.93 -10.55
C ARG A 106 12.14 -3.35 -10.31
N HIS A 107 13.04 -2.76 -11.08
CA HIS A 107 14.47 -3.07 -10.93
C HIS A 107 14.90 -2.84 -9.49
N VAL A 108 14.45 -1.73 -8.93
CA VAL A 108 14.79 -1.38 -7.56
C VAL A 108 14.21 -2.42 -6.60
N MET A 109 12.97 -2.82 -6.85
CA MET A 109 12.29 -3.79 -5.99
C MET A 109 13.10 -5.09 -5.91
N THR A 110 13.76 -5.45 -7.00
CA THR A 110 14.55 -6.66 -7.04
C THR A 110 15.67 -6.60 -5.99
N ASN A 111 16.31 -5.43 -5.88
CA ASN A 111 17.39 -5.25 -4.92
C ASN A 111 16.90 -5.53 -3.50
N LEU A 112 15.68 -5.11 -3.19
CA LEU A 112 15.13 -5.31 -1.85
C LEU A 112 15.03 -6.80 -1.54
N GLY A 113 14.52 -7.55 -2.51
CA GLY A 113 14.37 -8.98 -2.33
C GLY A 113 13.43 -9.57 -3.38
N GLU A 114 12.81 -10.70 -3.04
CA GLU A 114 11.89 -11.38 -3.95
C GLU A 114 10.71 -11.99 -3.17
N LYS A 115 10.58 -11.62 -1.90
CA LYS A 115 9.50 -12.15 -1.07
C LYS A 115 8.14 -11.72 -1.61
N LEU A 116 8.04 -10.45 -1.98
CA LEU A 116 6.80 -9.92 -2.51
C LEU A 116 6.65 -10.29 -3.97
N THR A 117 5.43 -10.23 -4.48
CA THR A 117 5.17 -10.58 -5.88
C THR A 117 5.80 -9.53 -6.80
N ASP A 118 5.98 -9.89 -8.07
CA ASP A 118 6.55 -8.98 -9.06
C ASP A 118 5.44 -8.22 -9.79
N GLU A 119 4.23 -8.77 -9.74
CA GLU A 119 3.08 -8.17 -10.43
C GLU A 119 2.39 -7.10 -9.57
N GLU A 120 2.49 -7.22 -8.24
CA GLU A 120 1.85 -6.26 -7.33
C GLU A 120 1.86 -4.83 -7.89
N VAL A 121 3.05 -4.28 -8.05
CA VAL A 121 3.17 -2.92 -8.55
C VAL A 121 2.75 -2.81 -10.01
N ASP A 122 2.96 -3.87 -10.78
CA ASP A 122 2.61 -3.85 -12.20
C ASP A 122 1.13 -3.56 -12.41
N GLU A 123 0.27 -4.50 -11.99
CA GLU A 123 -1.18 -4.34 -12.17
C GLU A 123 -1.74 -3.24 -11.29
N MET A 124 -1.33 -3.21 -10.02
CA MET A 124 -1.85 -2.20 -9.10
C MET A 124 -1.65 -0.83 -9.69
N ILE A 125 -0.44 -0.55 -10.15
CA ILE A 125 -0.17 0.73 -10.77
C ILE A 125 -0.98 0.86 -12.05
N ARG A 126 -1.46 -0.27 -12.59
CA ARG A 126 -2.20 -0.22 -13.83
C ARG A 126 -3.69 0.01 -13.60
N GLU A 127 -4.33 -0.86 -12.85
CA GLU A 127 -5.77 -0.72 -12.63
C GLU A 127 -6.05 0.29 -11.52
N ALA A 128 -5.69 -0.05 -10.29
CA ALA A 128 -5.93 0.83 -9.15
C ALA A 128 -5.74 2.31 -9.53
N ASP A 129 -4.79 2.58 -10.41
CA ASP A 129 -4.54 3.97 -10.83
C ASP A 129 -5.41 4.32 -12.02
N ILE A 130 -5.82 5.58 -12.07
CA ILE A 130 -6.68 6.08 -13.15
C ILE A 130 -5.83 6.59 -14.32
N ASP A 131 -4.53 6.80 -14.07
CA ASP A 131 -3.64 7.29 -15.12
C ASP A 131 -3.34 6.16 -16.12
N GLY A 132 -3.05 4.99 -15.59
CA GLY A 132 -2.76 3.84 -16.43
C GLY A 132 -1.40 3.99 -17.10
N ASP A 133 -0.83 5.19 -17.00
CA ASP A 133 0.49 5.45 -17.61
C ASP A 133 1.59 5.13 -16.62
N GLY A 134 1.22 4.90 -15.37
CA GLY A 134 2.20 4.58 -14.34
C GLY A 134 3.18 5.73 -14.14
N GLN A 135 3.25 6.22 -12.91
CA GLN A 135 4.14 7.32 -12.57
C GLN A 135 4.37 7.36 -11.07
N VAL A 136 5.63 7.22 -10.65
CA VAL A 136 5.98 7.24 -9.22
C VAL A 136 6.97 8.37 -8.95
N ASN A 137 6.66 9.19 -7.96
CA ASN A 137 7.51 10.32 -7.59
C ASN A 137 7.29 10.69 -6.13
N TYR A 138 8.19 11.50 -5.60
CA TYR A 138 8.08 11.95 -4.21
C TYR A 138 6.67 12.46 -3.92
N GLU A 139 5.97 12.88 -4.96
CA GLU A 139 4.61 13.39 -4.80
C GLU A 139 3.65 12.28 -4.33
N GLU A 140 3.87 11.06 -4.81
CA GLU A 140 2.98 9.94 -4.44
C GLU A 140 3.43 9.30 -3.12
N PHE A 141 4.68 9.51 -2.74
CA PHE A 141 5.21 8.93 -1.49
C PHE A 141 4.45 9.47 -0.28
N VAL A 142 4.26 10.78 -0.23
CA VAL A 142 3.56 11.39 0.89
C VAL A 142 2.16 10.78 1.02
N GLN A 143 1.45 10.67 -0.10
CA GLN A 143 0.11 10.11 -0.10
C GLN A 143 0.14 8.61 0.15
N MET A 144 1.16 7.92 -0.38
CA MET A 144 1.26 6.48 -0.22
C MET A 144 1.30 6.09 1.25
N MET A 145 2.07 6.83 2.04
CA MET A 145 2.18 6.56 3.48
C MET A 145 1.56 7.68 4.29
N THR A 146 0.69 7.32 5.22
CA THR A 146 0.03 8.31 6.07
C THR A 146 -0.56 7.63 7.30
N ALA A 147 0.25 7.46 8.34
CA ALA A 147 -0.22 6.82 9.56
C ALA A 147 -1.32 7.65 10.22
N LYS A 148 -1.11 8.97 10.28
CA LYS A 148 -2.08 9.89 10.90
C LYS A 148 -2.65 10.83 9.85
N ALA A 1 -6.58 23.66 -10.79
CA ALA A 1 -7.12 22.32 -10.44
C ALA A 1 -6.51 21.85 -9.11
N ASP A 2 -7.36 21.36 -8.22
CA ASP A 2 -6.91 20.87 -6.92
C ASP A 2 -6.62 19.37 -6.99
N GLN A 3 -5.36 19.00 -6.79
CA GLN A 3 -4.97 17.60 -6.84
C GLN A 3 -5.55 16.85 -5.64
N LEU A 4 -5.73 17.58 -4.54
CA LEU A 4 -6.27 16.98 -3.32
C LEU A 4 -7.75 17.35 -3.15
N THR A 5 -8.58 16.33 -2.95
CA THR A 5 -10.02 16.54 -2.76
C THR A 5 -10.53 15.71 -1.59
N GLU A 6 -11.67 16.12 -1.04
CA GLU A 6 -12.27 15.42 0.09
C GLU A 6 -12.72 14.03 -0.33
N GLU A 7 -12.94 13.85 -1.62
CA GLU A 7 -13.39 12.56 -2.14
C GLU A 7 -12.34 11.48 -1.90
N GLN A 8 -11.08 11.82 -2.16
CA GLN A 8 -9.99 10.88 -1.96
C GLN A 8 -9.82 10.53 -0.47
N ILE A 9 -9.93 11.53 0.38
CA ILE A 9 -9.78 11.34 1.81
C ILE A 9 -10.90 10.45 2.34
N ALA A 10 -12.12 10.71 1.89
CA ALA A 10 -13.28 9.93 2.33
C ALA A 10 -13.07 8.44 2.12
N GLU A 11 -12.46 8.09 0.99
CA GLU A 11 -12.22 6.67 0.68
C GLU A 11 -11.61 5.95 1.88
N PHE A 12 -10.57 6.54 2.45
CA PHE A 12 -9.91 5.93 3.60
C PHE A 12 -10.89 5.75 4.75
N LYS A 13 -11.69 6.77 5.01
CA LYS A 13 -12.67 6.71 6.08
C LYS A 13 -13.71 5.63 5.80
N GLU A 14 -14.12 5.52 4.53
CA GLU A 14 -15.12 4.52 4.15
C GLU A 14 -14.57 3.10 4.29
N ALA A 15 -13.32 2.92 3.90
CA ALA A 15 -12.68 1.60 3.98
C ALA A 15 -12.59 1.15 5.43
N PHE A 16 -12.62 2.10 6.35
CA PHE A 16 -12.52 1.78 7.77
C PHE A 16 -13.59 0.78 8.19
N SER A 17 -14.83 1.04 7.80
CA SER A 17 -15.93 0.14 8.15
C SER A 17 -15.96 -1.05 7.20
N LEU A 18 -15.29 -0.92 6.05
CA LEU A 18 -15.28 -2.00 5.07
C LEU A 18 -14.61 -3.24 5.66
N PHE A 19 -13.49 -3.05 6.34
CA PHE A 19 -12.77 -4.18 6.93
C PHE A 19 -13.65 -4.93 7.93
N ASP A 20 -14.25 -4.21 8.86
CA ASP A 20 -15.09 -4.83 9.87
C ASP A 20 -16.45 -5.21 9.31
N LYS A 21 -16.79 -4.67 8.14
CA LYS A 21 -18.07 -4.98 7.52
C LYS A 21 -18.38 -6.47 7.59
N ASP A 22 -17.35 -7.30 7.51
CA ASP A 22 -17.54 -8.74 7.56
C ASP A 22 -18.32 -9.15 8.82
N GLY A 23 -17.94 -8.59 9.97
CA GLY A 23 -18.61 -8.90 11.24
C GLY A 23 -18.67 -7.67 12.14
N ASP A 24 -18.68 -7.89 13.45
CA ASP A 24 -18.75 -6.79 14.40
C ASP A 24 -17.42 -6.05 14.46
N GLY A 25 -16.32 -6.80 14.57
CA GLY A 25 -15.00 -6.21 14.60
C GLY A 25 -13.93 -7.29 14.40
N THR A 26 -13.30 -7.30 13.24
CA THR A 26 -12.27 -8.29 12.97
C THR A 26 -11.47 -7.91 11.73
N ILE A 27 -10.17 -8.17 11.76
CA ILE A 27 -9.29 -7.89 10.61
C ILE A 27 -8.65 -9.19 10.14
N THR A 28 -9.17 -9.74 9.04
CA THR A 28 -8.65 -10.99 8.49
C THR A 28 -8.21 -10.79 7.04
N THR A 29 -7.54 -11.79 6.51
CA THR A 29 -7.04 -11.73 5.14
C THR A 29 -8.19 -11.61 4.15
N LYS A 30 -9.30 -12.27 4.46
CA LYS A 30 -10.46 -12.23 3.58
C LYS A 30 -10.95 -10.79 3.44
N GLU A 31 -10.89 -10.04 4.53
CA GLU A 31 -11.32 -8.65 4.52
C GLU A 31 -10.40 -7.83 3.61
N LEU A 32 -9.09 -8.08 3.74
CA LEU A 32 -8.11 -7.36 2.93
C LEU A 32 -8.31 -7.68 1.46
N GLY A 33 -8.56 -8.95 1.16
CA GLY A 33 -8.76 -9.39 -0.22
C GLY A 33 -9.78 -8.51 -0.92
N THR A 34 -10.72 -7.96 -0.16
CA THR A 34 -11.75 -7.10 -0.74
C THR A 34 -11.13 -5.83 -1.31
N VAL A 35 -10.21 -5.24 -0.56
CA VAL A 35 -9.55 -4.00 -0.98
C VAL A 35 -8.89 -4.21 -2.32
N MET A 36 -8.69 -5.46 -2.69
CA MET A 36 -8.05 -5.75 -3.96
C MET A 36 -8.77 -5.04 -5.08
N ARG A 37 -10.11 -4.97 -5.02
CA ARG A 37 -10.80 -4.30 -6.11
C ARG A 37 -10.41 -2.83 -6.17
N SER A 38 -10.42 -2.17 -5.03
CA SER A 38 -10.08 -0.75 -5.01
C SER A 38 -8.64 -0.54 -5.46
N LEU A 39 -7.85 -1.60 -5.38
CA LEU A 39 -6.43 -1.54 -5.77
C LEU A 39 -6.24 -2.11 -7.18
N GLY A 40 -7.34 -2.43 -7.85
CA GLY A 40 -7.28 -2.98 -9.21
C GLY A 40 -6.06 -3.88 -9.38
N GLN A 41 -6.26 -5.17 -9.18
CA GLN A 41 -5.18 -6.15 -9.30
C GLN A 41 -3.99 -5.73 -8.44
N ASN A 42 -3.75 -6.47 -7.37
CA ASN A 42 -2.63 -6.14 -6.48
C ASN A 42 -1.99 -7.39 -5.88
N PRO A 43 -1.41 -8.23 -6.71
CA PRO A 43 -0.73 -9.47 -6.25
C PRO A 43 -0.05 -9.28 -4.91
N THR A 44 0.38 -8.06 -4.63
CA THR A 44 1.05 -7.74 -3.39
C THR A 44 0.38 -8.46 -2.22
N GLU A 45 -0.93 -8.70 -2.36
CA GLU A 45 -1.70 -9.40 -1.33
C GLU A 45 -1.67 -10.90 -1.56
N ALA A 46 -1.57 -11.29 -2.82
CA ALA A 46 -1.54 -12.71 -3.18
C ALA A 46 -0.35 -13.40 -2.54
N GLU A 47 0.84 -12.80 -2.69
CA GLU A 47 2.03 -13.38 -2.11
C GLU A 47 2.01 -13.22 -0.60
N LEU A 48 1.62 -12.03 -0.18
CA LEU A 48 1.58 -11.75 1.25
C LEU A 48 0.49 -12.56 1.95
N GLN A 49 -0.53 -12.96 1.20
CA GLN A 49 -1.62 -13.75 1.77
C GLN A 49 -1.08 -14.79 2.73
N ASP A 50 0.03 -15.44 2.35
CA ASP A 50 0.64 -16.45 3.20
C ASP A 50 1.43 -15.80 4.33
N MET A 51 2.08 -14.69 4.04
CA MET A 51 2.88 -14.00 5.04
C MET A 51 2.01 -13.58 6.22
N ILE A 52 0.78 -13.17 5.94
CA ILE A 52 -0.14 -12.73 6.99
C ILE A 52 -0.47 -13.88 7.95
N ASN A 53 -0.74 -15.05 7.39
CA ASN A 53 -1.07 -16.22 8.21
C ASN A 53 0.11 -16.59 9.10
N GLU A 54 1.31 -16.50 8.55
CA GLU A 54 2.52 -16.85 9.31
C GLU A 54 2.62 -16.02 10.59
N VAL A 55 2.59 -14.71 10.46
CA VAL A 55 2.70 -13.85 11.63
C VAL A 55 1.40 -13.84 12.42
N ASP A 56 0.27 -13.82 11.70
CA ASP A 56 -1.05 -13.80 12.31
C ASP A 56 -1.40 -15.15 12.95
N ALA A 57 -0.60 -16.17 12.63
CA ALA A 57 -0.83 -17.51 13.15
C ALA A 57 -0.46 -17.57 14.62
N ASP A 58 -0.19 -16.41 15.22
CA ASP A 58 0.14 -16.36 16.63
C ASP A 58 -1.01 -16.92 17.43
N GLY A 59 -2.22 -16.81 16.88
CA GLY A 59 -3.40 -17.33 17.55
C GLY A 59 -4.50 -17.66 16.55
N ASN A 60 -4.45 -17.01 15.39
CA ASN A 60 -5.43 -17.22 14.33
C ASN A 60 -5.16 -16.27 13.16
N GLY A 61 -5.52 -16.69 11.95
CA GLY A 61 -5.33 -15.85 10.76
C GLY A 61 -6.18 -14.58 10.84
N THR A 62 -6.31 -14.02 12.05
CA THR A 62 -7.09 -12.79 12.24
C THR A 62 -6.35 -11.87 13.21
N ILE A 63 -6.60 -10.57 13.07
CA ILE A 63 -5.95 -9.56 13.91
C ILE A 63 -7.00 -8.66 14.55
N ASP A 64 -6.82 -8.38 15.84
CA ASP A 64 -7.76 -7.53 16.57
C ASP A 64 -7.45 -6.05 16.28
N PHE A 65 -8.40 -5.18 16.61
CA PHE A 65 -8.23 -3.74 16.38
C PHE A 65 -7.04 -3.20 17.19
N PRO A 66 -6.97 -3.47 18.47
CA PRO A 66 -5.86 -2.97 19.33
C PRO A 66 -4.48 -3.26 18.72
N GLU A 67 -4.33 -4.46 18.16
CA GLU A 67 -3.06 -4.85 17.55
C GLU A 67 -2.94 -4.28 16.13
N PHE A 68 -4.08 -4.10 15.47
CA PHE A 68 -4.09 -3.57 14.11
C PHE A 68 -3.45 -2.19 14.06
N LEU A 69 -3.81 -1.34 15.01
CA LEU A 69 -3.27 0.01 15.05
C LEU A 69 -1.75 -0.03 15.26
N THR A 70 -1.30 -0.89 16.15
CA THR A 70 0.13 -1.02 16.41
C THR A 70 0.86 -1.54 15.18
N MET A 71 0.29 -2.56 14.54
CA MET A 71 0.91 -3.14 13.36
C MET A 71 1.06 -2.09 12.25
N MET A 72 0.01 -1.32 12.04
CA MET A 72 0.03 -0.30 11.00
C MET A 72 1.07 0.76 11.32
N ALA A 73 1.16 1.13 12.60
CA ALA A 73 2.13 2.13 13.01
C ALA A 73 3.56 1.67 12.71
N ARG A 74 3.85 0.43 13.10
CA ARG A 74 5.20 -0.10 12.89
C ARG A 74 5.47 -0.38 11.42
N LYS A 75 4.51 -1.03 10.76
CA LYS A 75 4.65 -1.34 9.35
C LYS A 75 4.66 -0.07 8.50
N MET A 76 3.72 0.83 8.79
CA MET A 76 3.62 2.09 8.07
C MET A 76 4.27 3.22 8.85
N LYS A 77 4.19 4.43 8.31
CA LYS A 77 4.79 5.60 8.97
C LYS A 77 3.77 6.71 9.11
N ASP A 78 3.96 7.54 10.13
CA ASP A 78 3.05 8.65 10.38
C ASP A 78 2.91 9.52 9.13
N THR A 79 2.06 10.54 9.22
CA THR A 79 1.84 11.44 8.09
C THR A 79 2.96 12.46 8.00
N ASP A 80 3.72 12.60 9.07
CA ASP A 80 4.83 13.56 9.10
C ASP A 80 5.91 13.15 8.10
N SER A 81 5.82 11.91 7.63
CA SER A 81 6.79 11.40 6.67
C SER A 81 6.91 12.33 5.47
N GLU A 82 5.80 12.96 5.10
CA GLU A 82 5.79 13.89 3.97
C GLU A 82 7.07 14.74 3.95
N GLU A 83 7.63 14.96 5.14
CA GLU A 83 8.84 15.76 5.27
C GLU A 83 10.10 14.90 5.05
N GLU A 84 10.20 13.83 5.82
CA GLU A 84 11.35 12.92 5.71
C GLU A 84 11.44 12.39 4.30
N ILE A 85 10.29 12.13 3.71
CA ILE A 85 10.27 11.64 2.34
C ILE A 85 10.87 12.68 1.43
N ARG A 86 10.91 13.94 1.89
CA ARG A 86 11.44 14.96 1.03
C ARG A 86 12.88 14.65 0.69
N GLU A 87 13.65 14.27 1.69
CA GLU A 87 15.05 13.96 1.45
C GLU A 87 15.18 12.74 0.54
N ALA A 88 14.13 11.94 0.50
CA ALA A 88 14.11 10.74 -0.33
C ALA A 88 13.80 11.03 -1.80
N PHE A 89 13.24 12.20 -2.07
CA PHE A 89 12.88 12.56 -3.44
C PHE A 89 14.12 12.50 -4.35
N ARG A 90 15.17 13.14 -3.90
CA ARG A 90 16.42 13.20 -4.65
C ARG A 90 17.11 11.84 -4.71
N VAL A 91 17.16 11.15 -3.57
CA VAL A 91 17.81 9.83 -3.53
C VAL A 91 17.02 8.85 -4.39
N PHE A 92 15.71 8.81 -4.18
CA PHE A 92 14.86 7.90 -4.92
C PHE A 92 14.91 8.23 -6.41
N ASP A 93 14.82 9.53 -6.72
CA ASP A 93 14.87 10.00 -8.11
C ASP A 93 16.04 10.97 -8.29
N LYS A 94 17.10 10.48 -8.92
CA LYS A 94 18.28 11.30 -9.17
C LYS A 94 17.94 12.41 -10.14
N ASP A 95 17.16 12.07 -11.15
CA ASP A 95 16.79 13.05 -12.16
C ASP A 95 15.81 14.07 -11.59
N GLY A 96 14.85 13.60 -10.78
CA GLY A 96 13.87 14.49 -10.18
C GLY A 96 12.90 15.03 -11.24
N ASN A 97 13.47 15.61 -12.30
CA ASN A 97 12.67 16.18 -13.39
C ASN A 97 11.89 15.07 -14.10
N GLY A 98 12.36 13.83 -13.91
CA GLY A 98 11.70 12.67 -14.54
C GLY A 98 11.06 11.80 -13.45
N TYR A 99 10.13 10.96 -13.87
CA TYR A 99 9.42 10.08 -12.93
C TYR A 99 9.78 8.62 -13.20
N ILE A 100 9.79 7.81 -12.15
CA ILE A 100 10.12 6.41 -12.28
C ILE A 100 8.91 5.58 -12.69
N SER A 101 9.02 4.87 -13.80
CA SER A 101 7.94 4.03 -14.30
C SER A 101 8.02 2.65 -13.66
N ALA A 102 7.05 1.80 -13.98
CA ALA A 102 7.01 0.45 -13.44
C ALA A 102 8.19 -0.37 -13.95
N ALA A 103 8.57 -0.16 -15.21
CA ALA A 103 9.67 -0.89 -15.82
C ALA A 103 10.96 -0.71 -15.02
N GLU A 104 11.31 0.54 -14.73
CA GLU A 104 12.51 0.85 -13.96
C GLU A 104 12.33 0.46 -12.50
N LEU A 105 11.10 0.53 -12.00
CA LEU A 105 10.81 0.21 -10.60
C LEU A 105 11.16 -1.24 -10.29
N ARG A 106 10.83 -2.12 -11.23
CA ARG A 106 11.07 -3.54 -11.09
C ARG A 106 12.54 -3.82 -10.77
N HIS A 107 13.44 -3.11 -11.43
CA HIS A 107 14.85 -3.29 -11.19
C HIS A 107 15.15 -3.03 -9.72
N VAL A 108 14.54 -1.99 -9.17
CA VAL A 108 14.73 -1.63 -7.77
C VAL A 108 14.17 -2.72 -6.85
N MET A 109 12.98 -3.21 -7.20
CA MET A 109 12.32 -4.24 -6.41
C MET A 109 13.16 -5.52 -6.39
N THR A 110 13.79 -5.83 -7.52
CA THR A 110 14.62 -7.02 -7.63
C THR A 110 15.76 -6.97 -6.61
N ASN A 111 16.34 -5.80 -6.43
CA ASN A 111 17.43 -5.64 -5.48
C ASN A 111 16.99 -6.04 -4.07
N LEU A 112 15.76 -5.69 -3.72
CA LEU A 112 15.26 -6.01 -2.39
C LEU A 112 15.25 -7.52 -2.17
N GLY A 113 14.76 -8.26 -3.17
CA GLY A 113 14.68 -9.71 -3.07
C GLY A 113 13.62 -10.26 -4.01
N GLU A 114 12.96 -11.33 -3.57
CA GLU A 114 11.90 -11.95 -4.38
C GLU A 114 10.77 -12.46 -3.50
N LYS A 115 10.72 -11.98 -2.26
CA LYS A 115 9.68 -12.40 -1.33
C LYS A 115 8.30 -12.00 -1.85
N LEU A 116 8.20 -10.76 -2.34
CA LEU A 116 6.95 -10.26 -2.88
C LEU A 116 6.79 -10.73 -4.32
N THR A 117 5.56 -10.69 -4.83
CA THR A 117 5.28 -11.11 -6.18
C THR A 117 5.96 -10.16 -7.16
N ASP A 118 6.13 -10.61 -8.41
CA ASP A 118 6.72 -9.79 -9.46
C ASP A 118 5.65 -9.02 -10.23
N GLU A 119 4.40 -9.48 -10.13
CA GLU A 119 3.30 -8.85 -10.85
C GLU A 119 2.66 -7.69 -10.05
N GLU A 120 2.74 -7.76 -8.72
CA GLU A 120 2.15 -6.73 -7.84
C GLU A 120 2.27 -5.32 -8.46
N VAL A 121 3.48 -4.82 -8.58
CA VAL A 121 3.70 -3.47 -9.11
C VAL A 121 3.26 -3.36 -10.58
N ASP A 122 3.52 -4.40 -11.36
CA ASP A 122 3.15 -4.37 -12.78
C ASP A 122 1.67 -4.06 -12.97
N GLU A 123 0.80 -4.96 -12.53
CA GLU A 123 -0.65 -4.75 -12.69
C GLU A 123 -1.18 -3.63 -11.79
N MET A 124 -0.77 -3.62 -10.53
CA MET A 124 -1.26 -2.60 -9.60
C MET A 124 -1.04 -1.22 -10.19
N ILE A 125 0.16 -1.00 -10.69
CA ILE A 125 0.46 0.27 -11.30
C ILE A 125 -0.35 0.43 -12.57
N ARG A 126 -0.83 -0.69 -13.13
CA ARG A 126 -1.61 -0.61 -14.36
C ARG A 126 -3.08 -0.46 -14.09
N GLU A 127 -3.69 -1.49 -13.54
CA GLU A 127 -5.12 -1.44 -13.32
C GLU A 127 -5.48 -0.36 -12.29
N ALA A 128 -5.10 -0.59 -11.04
CA ALA A 128 -5.37 0.37 -9.98
C ALA A 128 -5.26 1.82 -10.46
N ASP A 129 -4.28 2.06 -11.34
CA ASP A 129 -4.06 3.42 -11.87
C ASP A 129 -4.91 3.64 -13.11
N ILE A 130 -5.49 4.84 -13.18
CA ILE A 130 -6.35 5.21 -14.30
C ILE A 130 -5.50 5.77 -15.45
N ASP A 131 -4.26 6.13 -15.15
CA ASP A 131 -3.37 6.66 -16.18
C ASP A 131 -2.93 5.55 -17.12
N GLY A 132 -2.52 4.43 -16.52
CA GLY A 132 -2.06 3.28 -17.30
C GLY A 132 -0.66 3.52 -17.86
N ASP A 133 -0.12 4.71 -17.60
CA ASP A 133 1.22 5.05 -18.07
C ASP A 133 2.25 4.63 -17.04
N GLY A 134 1.81 4.48 -15.79
CA GLY A 134 2.71 4.07 -14.72
C GLY A 134 3.79 5.12 -14.47
N GLN A 135 3.63 5.89 -13.39
CA GLN A 135 4.59 6.93 -13.03
C GLN A 135 4.65 7.07 -11.51
N VAL A 136 5.87 7.27 -11.00
CA VAL A 136 6.07 7.44 -9.55
C VAL A 136 6.89 8.69 -9.27
N ASN A 137 6.43 9.47 -8.28
CA ASN A 137 7.10 10.71 -7.90
C ASN A 137 6.86 11.02 -6.42
N TYR A 138 7.41 12.13 -5.96
CA TYR A 138 7.27 12.55 -4.57
C TYR A 138 5.78 12.70 -4.19
N GLU A 139 5.01 13.38 -5.03
CA GLU A 139 3.61 13.61 -4.76
C GLU A 139 2.88 12.30 -4.43
N GLU A 140 3.17 11.25 -5.18
CA GLU A 140 2.52 9.96 -4.95
C GLU A 140 2.96 9.34 -3.62
N PHE A 141 4.25 9.46 -3.29
CA PHE A 141 4.75 8.87 -2.06
C PHE A 141 4.07 9.47 -0.83
N VAL A 142 3.89 10.79 -0.81
CA VAL A 142 3.25 11.44 0.32
C VAL A 142 1.89 10.81 0.60
N GLN A 143 1.12 10.56 -0.46
CA GLN A 143 -0.20 9.96 -0.30
C GLN A 143 -0.13 8.44 -0.20
N MET A 144 1.00 7.87 -0.66
CA MET A 144 1.16 6.41 -0.62
C MET A 144 1.21 5.91 0.83
N MET A 145 1.92 6.65 1.69
CA MET A 145 2.04 6.28 3.10
C MET A 145 1.15 7.15 3.98
N THR A 146 0.41 6.49 4.87
CA THR A 146 -0.48 7.20 5.77
C THR A 146 -0.94 6.27 6.90
N ALA A 147 -0.10 6.12 7.92
CA ALA A 147 -0.44 5.25 9.04
C ALA A 147 -1.72 5.71 9.70
N LYS A 148 -1.92 7.03 9.78
CA LYS A 148 -3.13 7.60 10.38
C LYS A 148 -4.23 7.76 9.35
N ALA A 1 -5.50 15.83 -15.19
CA ALA A 1 -4.98 16.82 -14.21
C ALA A 1 -4.91 16.17 -12.83
N ASP A 2 -3.74 16.25 -12.20
CA ASP A 2 -3.56 15.66 -10.88
C ASP A 2 -3.84 16.70 -9.80
N GLN A 3 -4.97 16.54 -9.11
CA GLN A 3 -5.37 17.47 -8.06
C GLN A 3 -5.87 16.70 -6.85
N LEU A 4 -6.00 17.40 -5.72
CA LEU A 4 -6.47 16.77 -4.49
C LEU A 4 -7.97 16.99 -4.32
N THR A 5 -8.70 15.90 -4.12
CA THR A 5 -10.15 15.96 -3.95
C THR A 5 -10.56 15.23 -2.68
N GLU A 6 -11.76 15.55 -2.19
CA GLU A 6 -12.28 14.94 -0.97
C GLU A 6 -12.63 13.47 -1.23
N GLU A 7 -12.81 13.13 -2.50
CA GLU A 7 -13.15 11.75 -2.87
C GLU A 7 -12.00 10.81 -2.57
N GLN A 8 -10.78 11.25 -2.89
CA GLN A 8 -9.60 10.42 -2.65
C GLN A 8 -9.41 10.14 -1.17
N ILE A 9 -9.62 11.17 -0.35
CA ILE A 9 -9.47 11.03 1.10
C ILE A 9 -10.59 10.16 1.67
N ALA A 10 -11.77 10.22 1.04
CA ALA A 10 -12.90 9.44 1.49
C ALA A 10 -12.64 7.94 1.37
N GLU A 11 -11.81 7.58 0.39
CA GLU A 11 -11.48 6.18 0.17
C GLU A 11 -11.02 5.52 1.46
N PHE A 12 -10.18 6.22 2.21
CA PHE A 12 -9.67 5.68 3.47
C PHE A 12 -10.80 5.56 4.50
N LYS A 13 -11.61 6.60 4.62
CA LYS A 13 -12.71 6.60 5.57
C LYS A 13 -13.71 5.49 5.24
N GLU A 14 -14.04 5.37 3.96
CA GLU A 14 -14.98 4.34 3.53
C GLU A 14 -14.38 2.95 3.70
N ALA A 15 -13.10 2.82 3.36
CA ALA A 15 -12.42 1.53 3.48
C ALA A 15 -12.26 1.13 4.94
N PHE A 16 -12.18 2.12 5.82
CA PHE A 16 -12.00 1.86 7.25
C PHE A 16 -13.10 0.95 7.76
N SER A 17 -14.34 1.24 7.39
CA SER A 17 -15.47 0.43 7.83
C SER A 17 -15.61 -0.82 6.96
N LEU A 18 -14.98 -0.79 5.79
CA LEU A 18 -15.06 -1.93 4.87
C LEU A 18 -14.37 -3.15 5.48
N PHE A 19 -13.21 -2.93 6.09
CA PHE A 19 -12.46 -4.03 6.68
C PHE A 19 -13.26 -4.73 7.78
N ASP A 20 -13.87 -3.94 8.65
CA ASP A 20 -14.66 -4.50 9.74
C ASP A 20 -16.07 -4.89 9.28
N LYS A 21 -16.47 -4.39 8.13
CA LYS A 21 -17.79 -4.69 7.61
C LYS A 21 -18.13 -6.17 7.80
N ASP A 22 -17.11 -7.02 7.73
CA ASP A 22 -17.33 -8.45 7.89
C ASP A 22 -18.07 -8.75 9.19
N GLY A 23 -17.63 -8.13 10.27
CA GLY A 23 -18.25 -8.33 11.59
C GLY A 23 -18.20 -7.05 12.41
N ASP A 24 -18.09 -7.18 13.72
CA ASP A 24 -18.03 -6.01 14.60
C ASP A 24 -16.66 -5.35 14.54
N GLY A 25 -15.61 -6.15 14.65
CA GLY A 25 -14.24 -5.64 14.56
C GLY A 25 -13.26 -6.78 14.40
N THR A 26 -12.71 -6.94 13.21
CA THR A 26 -11.74 -8.00 12.97
C THR A 26 -11.01 -7.80 11.66
N ILE A 27 -9.73 -8.14 11.62
CA ILE A 27 -8.92 -8.00 10.41
C ILE A 27 -8.48 -9.37 9.91
N THR A 28 -8.92 -9.74 8.71
CA THR A 28 -8.58 -11.04 8.13
C THR A 28 -8.15 -10.87 6.68
N THR A 29 -7.53 -11.91 6.15
CA THR A 29 -7.06 -11.88 4.77
C THR A 29 -8.24 -11.73 3.82
N LYS A 30 -9.36 -12.34 4.17
CA LYS A 30 -10.56 -12.27 3.35
C LYS A 30 -11.02 -10.82 3.23
N GLU A 31 -10.90 -10.07 4.32
CA GLU A 31 -11.30 -8.67 4.32
C GLU A 31 -10.42 -7.87 3.37
N LEU A 32 -9.11 -8.04 3.50
CA LEU A 32 -8.18 -7.32 2.65
C LEU A 32 -8.41 -7.69 1.19
N GLY A 33 -8.59 -8.98 0.93
CA GLY A 33 -8.82 -9.44 -0.43
C GLY A 33 -9.90 -8.62 -1.11
N THR A 34 -10.77 -8.01 -0.31
CA THR A 34 -11.83 -7.18 -0.85
C THR A 34 -11.26 -5.96 -1.57
N VAL A 35 -10.25 -5.35 -0.96
CA VAL A 35 -9.62 -4.17 -1.53
C VAL A 35 -9.15 -4.46 -2.94
N MET A 36 -9.08 -5.73 -3.28
CA MET A 36 -8.65 -6.11 -4.61
C MET A 36 -9.56 -5.49 -5.61
N ARG A 37 -10.86 -5.43 -5.30
CA ARG A 37 -11.74 -4.87 -6.30
C ARG A 37 -11.38 -3.42 -6.58
N SER A 38 -11.17 -2.65 -5.53
CA SER A 38 -10.86 -1.25 -5.71
C SER A 38 -9.58 -1.07 -6.51
N LEU A 39 -8.63 -1.97 -6.30
CA LEU A 39 -7.34 -1.91 -7.00
C LEU A 39 -7.36 -2.83 -8.23
N GLY A 40 -8.51 -3.45 -8.46
CA GLY A 40 -8.66 -4.36 -9.58
C GLY A 40 -7.78 -5.60 -9.39
N GLN A 41 -6.47 -5.38 -9.44
CA GLN A 41 -5.50 -6.46 -9.25
C GLN A 41 -4.32 -5.95 -8.45
N ASN A 42 -4.05 -6.62 -7.33
CA ASN A 42 -2.94 -6.22 -6.45
C ASN A 42 -2.22 -7.44 -5.86
N PRO A 43 -1.48 -8.16 -6.68
CA PRO A 43 -0.73 -9.36 -6.22
C PRO A 43 -0.14 -9.16 -4.84
N THR A 44 0.18 -7.92 -4.52
CA THR A 44 0.75 -7.58 -3.21
C THR A 44 0.09 -8.39 -2.11
N GLU A 45 -1.17 -8.77 -2.35
CA GLU A 45 -1.91 -9.57 -1.37
C GLU A 45 -1.70 -11.06 -1.62
N ALA A 46 -1.61 -11.43 -2.89
CA ALA A 46 -1.41 -12.82 -3.26
C ALA A 46 -0.15 -13.36 -2.61
N GLU A 47 0.94 -12.62 -2.72
CA GLU A 47 2.21 -13.06 -2.13
C GLU A 47 2.13 -12.97 -0.62
N LEU A 48 1.60 -11.85 -0.14
CA LEU A 48 1.50 -11.63 1.30
C LEU A 48 0.45 -12.55 1.91
N GLN A 49 -0.44 -13.07 1.07
CA GLN A 49 -1.49 -13.95 1.57
C GLN A 49 -0.90 -15.01 2.49
N ASP A 50 0.21 -15.62 2.07
CA ASP A 50 0.85 -16.64 2.88
C ASP A 50 1.59 -15.99 4.05
N MET A 51 2.15 -14.82 3.81
CA MET A 51 2.89 -14.12 4.85
C MET A 51 1.97 -13.73 6.02
N ILE A 52 0.78 -13.25 5.69
CA ILE A 52 -0.17 -12.83 6.72
C ILE A 52 -0.58 -14.02 7.58
N ASN A 53 -0.91 -15.13 6.92
CA ASN A 53 -1.32 -16.33 7.65
C ASN A 53 -0.17 -16.87 8.50
N GLU A 54 1.05 -16.85 7.96
CA GLU A 54 2.20 -17.36 8.69
C GLU A 54 2.41 -16.59 9.99
N VAL A 55 2.57 -15.28 9.90
CA VAL A 55 2.80 -14.47 11.09
C VAL A 55 1.54 -14.40 11.95
N ASP A 56 0.39 -14.36 11.30
CA ASP A 56 -0.90 -14.27 12.01
C ASP A 56 -1.32 -15.64 12.54
N ALA A 57 -0.65 -16.69 12.09
CA ALA A 57 -0.98 -18.05 12.50
C ALA A 57 -0.53 -18.29 13.94
N ASP A 58 -0.25 -17.20 14.66
CA ASP A 58 0.16 -17.31 16.05
C ASP A 58 -1.00 -17.86 16.88
N GLY A 59 -2.22 -17.71 16.35
CA GLY A 59 -3.39 -18.21 17.06
C GLY A 59 -4.61 -18.20 16.15
N ASN A 60 -4.45 -17.57 14.99
CA ASN A 60 -5.54 -17.48 14.02
C ASN A 60 -5.18 -16.50 12.91
N GLY A 61 -5.54 -16.83 11.66
CA GLY A 61 -5.27 -15.97 10.53
C GLY A 61 -6.03 -14.66 10.65
N THR A 62 -6.19 -14.15 11.88
CA THR A 62 -6.91 -12.91 12.11
C THR A 62 -6.14 -12.05 13.11
N ILE A 63 -6.36 -10.74 13.04
CA ILE A 63 -5.69 -9.80 13.92
C ILE A 63 -6.71 -8.85 14.56
N ASP A 64 -6.61 -8.69 15.87
CA ASP A 64 -7.52 -7.82 16.61
C ASP A 64 -7.20 -6.36 16.28
N PHE A 65 -8.20 -5.50 16.36
CA PHE A 65 -8.01 -4.08 16.09
C PHE A 65 -6.88 -3.49 16.95
N PRO A 66 -6.92 -3.70 18.24
CA PRO A 66 -5.88 -3.16 19.16
C PRO A 66 -4.47 -3.47 18.67
N GLU A 67 -4.23 -4.74 18.34
CA GLU A 67 -2.92 -5.16 17.86
C GLU A 67 -2.64 -4.57 16.49
N PHE A 68 -3.70 -4.42 15.70
CA PHE A 68 -3.58 -3.88 14.35
C PHE A 68 -3.06 -2.44 14.40
N LEU A 69 -3.59 -1.65 15.31
CA LEU A 69 -3.18 -0.24 15.42
C LEU A 69 -1.69 -0.15 15.70
N THR A 70 -1.21 -0.96 16.64
CA THR A 70 0.21 -0.95 16.99
C THR A 70 1.05 -1.38 15.80
N MET A 71 0.62 -2.44 15.13
CA MET A 71 1.36 -2.96 13.98
C MET A 71 1.45 -1.89 12.89
N MET A 72 0.34 -1.23 12.62
CA MET A 72 0.32 -0.19 11.58
C MET A 72 1.21 0.98 11.99
N ALA A 73 1.19 1.32 13.27
CA ALA A 73 1.99 2.43 13.76
C ALA A 73 3.47 2.19 13.46
N ARG A 74 3.91 0.94 13.62
CA ARG A 74 5.30 0.60 13.38
C ARG A 74 5.60 0.48 11.89
N LYS A 75 4.80 -0.29 11.19
CA LYS A 75 4.99 -0.47 9.76
C LYS A 75 4.74 0.84 9.02
N MET A 76 3.67 1.54 9.40
CA MET A 76 3.34 2.80 8.76
C MET A 76 3.80 3.97 9.62
N LYS A 77 4.57 4.87 9.01
CA LYS A 77 5.08 6.03 9.74
C LYS A 77 4.06 7.17 9.69
N ASP A 78 3.98 7.92 10.78
CA ASP A 78 3.06 9.05 10.86
C ASP A 78 3.20 9.94 9.64
N THR A 79 2.16 10.72 9.36
CA THR A 79 2.18 11.62 8.21
C THR A 79 3.39 12.54 8.26
N ASP A 80 4.11 12.51 9.38
CA ASP A 80 5.29 13.35 9.55
C ASP A 80 6.39 12.90 8.58
N SER A 81 6.17 11.77 7.93
CA SER A 81 7.14 11.25 6.98
C SER A 81 7.39 12.25 5.86
N GLU A 82 6.38 13.05 5.54
CA GLU A 82 6.50 14.06 4.48
C GLU A 82 7.90 14.68 4.49
N GLU A 83 8.35 15.12 5.66
CA GLU A 83 9.66 15.75 5.78
C GLU A 83 10.78 14.74 5.47
N GLU A 84 10.77 13.62 6.19
CA GLU A 84 11.79 12.59 5.98
C GLU A 84 11.76 12.09 4.55
N ILE A 85 10.57 12.07 3.97
CA ILE A 85 10.44 11.65 2.60
C ILE A 85 11.08 12.68 1.73
N ARG A 86 11.34 13.85 2.29
CA ARG A 86 11.91 14.88 1.45
C ARG A 86 13.23 14.41 0.89
N GLU A 87 14.10 13.89 1.73
CA GLU A 87 15.41 13.44 1.29
C GLU A 87 15.26 12.26 0.34
N ALA A 88 14.24 11.45 0.58
CA ALA A 88 13.98 10.26 -0.25
C ALA A 88 13.79 10.63 -1.71
N PHE A 89 13.16 11.76 -1.97
CA PHE A 89 12.91 12.18 -3.35
C PHE A 89 14.19 12.13 -4.18
N ARG A 90 15.23 12.74 -3.66
CA ARG A 90 16.52 12.80 -4.33
C ARG A 90 17.19 11.43 -4.37
N VAL A 91 17.17 10.71 -3.25
CA VAL A 91 17.78 9.39 -3.20
C VAL A 91 16.99 8.42 -4.07
N PHE A 92 15.68 8.36 -3.85
CA PHE A 92 14.81 7.49 -4.61
C PHE A 92 14.82 7.86 -6.08
N ASP A 93 14.66 9.17 -6.35
CA ASP A 93 14.64 9.67 -7.73
C ASP A 93 15.93 10.42 -8.02
N LYS A 94 16.82 9.81 -8.79
CA LYS A 94 18.09 10.43 -9.14
C LYS A 94 17.87 11.56 -10.13
N ASP A 95 17.04 11.29 -11.15
CA ASP A 95 16.77 12.29 -12.17
C ASP A 95 16.00 13.47 -11.60
N GLY A 96 15.13 13.19 -10.62
CA GLY A 96 14.33 14.24 -10.00
C GLY A 96 13.34 14.81 -11.00
N ASN A 97 13.84 15.63 -11.92
CA ASN A 97 12.99 16.24 -12.93
C ASN A 97 12.19 15.18 -13.67
N GLY A 98 12.58 13.92 -13.47
CA GLY A 98 11.90 12.80 -14.12
C GLY A 98 11.16 11.96 -13.08
N TYR A 99 10.21 11.15 -13.54
CA TYR A 99 9.41 10.31 -12.64
C TYR A 99 9.74 8.84 -12.87
N ILE A 100 9.51 8.02 -11.85
CA ILE A 100 9.80 6.59 -11.95
C ILE A 100 8.53 5.80 -12.25
N SER A 101 8.51 5.14 -13.40
CA SER A 101 7.36 4.34 -13.80
C SER A 101 7.42 2.97 -13.13
N ALA A 102 6.38 2.17 -13.34
CA ALA A 102 6.33 0.83 -12.75
C ALA A 102 7.41 -0.06 -13.34
N ALA A 103 7.68 0.10 -14.64
CA ALA A 103 8.70 -0.71 -15.31
C ALA A 103 10.05 -0.57 -14.60
N GLU A 104 10.48 0.67 -14.41
CA GLU A 104 11.75 0.93 -13.75
C GLU A 104 11.70 0.52 -12.29
N LEU A 105 10.51 0.64 -11.70
CA LEU A 105 10.33 0.31 -10.29
C LEU A 105 10.58 -1.19 -10.05
N ARG A 106 10.09 -1.99 -10.97
CA ARG A 106 10.22 -3.44 -10.88
C ARG A 106 11.67 -3.85 -10.70
N HIS A 107 12.56 -3.16 -11.40
CA HIS A 107 13.99 -3.47 -11.29
C HIS A 107 14.47 -3.20 -9.86
N VAL A 108 13.99 -2.09 -9.29
CA VAL A 108 14.37 -1.71 -7.93
C VAL A 108 13.87 -2.76 -6.93
N MET A 109 12.64 -3.22 -7.13
CA MET A 109 12.04 -4.22 -6.24
C MET A 109 12.84 -5.51 -6.27
N THR A 110 13.27 -5.91 -7.47
CA THR A 110 14.03 -7.14 -7.64
C THR A 110 15.33 -7.06 -6.86
N ASN A 111 15.97 -5.90 -6.89
CA ASN A 111 17.24 -5.71 -6.20
C ASN A 111 17.08 -5.97 -4.72
N LEU A 112 15.97 -5.52 -4.15
CA LEU A 112 15.73 -5.71 -2.72
C LEU A 112 15.67 -7.20 -2.39
N GLY A 113 14.96 -7.96 -3.22
CA GLY A 113 14.83 -9.39 -3.00
C GLY A 113 13.65 -9.95 -3.79
N GLU A 114 13.06 -11.02 -3.27
CA GLU A 114 11.92 -11.66 -3.94
C GLU A 114 10.86 -12.07 -2.92
N LYS A 115 10.79 -11.32 -1.83
CA LYS A 115 9.80 -11.61 -0.78
C LYS A 115 8.39 -11.35 -1.29
N LEU A 116 8.20 -10.21 -1.96
CA LEU A 116 6.89 -9.84 -2.50
C LEU A 116 6.82 -10.14 -3.99
N THR A 117 5.62 -10.10 -4.55
CA THR A 117 5.46 -10.40 -5.96
C THR A 117 6.06 -9.26 -6.80
N ASP A 118 6.31 -9.56 -8.08
CA ASP A 118 6.87 -8.58 -9.01
C ASP A 118 5.75 -7.86 -9.76
N GLU A 119 4.57 -8.49 -9.82
CA GLU A 119 3.43 -7.93 -10.56
C GLU A 119 2.59 -6.98 -9.71
N GLU A 120 2.66 -7.15 -8.39
CA GLU A 120 1.90 -6.32 -7.45
C GLU A 120 1.77 -4.87 -7.95
N VAL A 121 2.88 -4.15 -7.98
CA VAL A 121 2.85 -2.76 -8.42
C VAL A 121 2.44 -2.63 -9.89
N ASP A 122 2.95 -3.51 -10.74
CA ASP A 122 2.64 -3.44 -12.16
C ASP A 122 1.14 -3.30 -12.41
N GLU A 123 0.38 -4.34 -12.07
CA GLU A 123 -1.07 -4.32 -12.28
C GLU A 123 -1.76 -3.35 -11.31
N MET A 124 -1.32 -3.33 -10.07
CA MET A 124 -1.94 -2.45 -9.08
C MET A 124 -1.90 -1.00 -9.54
N ILE A 125 -0.79 -0.62 -10.15
CA ILE A 125 -0.66 0.72 -10.66
C ILE A 125 -1.43 0.83 -11.95
N ARG A 126 -1.62 -0.31 -12.61
CA ARG A 126 -2.32 -0.27 -13.87
C ARG A 126 -3.82 -0.14 -13.66
N GLU A 127 -4.38 -0.94 -12.77
CA GLU A 127 -5.83 -0.89 -12.59
C GLU A 127 -6.25 0.28 -11.70
N ALA A 128 -5.89 0.21 -10.44
CA ALA A 128 -6.24 1.25 -9.47
C ALA A 128 -6.16 2.64 -10.11
N ASP A 129 -5.05 2.92 -10.79
CA ASP A 129 -4.87 4.22 -11.43
C ASP A 129 -5.44 4.20 -12.84
N ILE A 130 -6.23 5.21 -13.17
CA ILE A 130 -6.85 5.31 -14.48
C ILE A 130 -5.86 5.92 -15.48
N ASP A 131 -4.76 6.44 -14.97
CA ASP A 131 -3.75 7.05 -15.82
C ASP A 131 -3.14 5.99 -16.74
N GLY A 132 -2.90 4.81 -16.19
CA GLY A 132 -2.32 3.72 -16.95
C GLY A 132 -0.86 4.01 -17.27
N ASP A 133 -0.42 5.23 -16.97
CA ASP A 133 0.96 5.61 -17.22
C ASP A 133 1.84 5.26 -16.03
N GLY A 134 1.20 4.93 -14.91
CA GLY A 134 1.92 4.57 -13.70
C GLY A 134 3.17 5.44 -13.50
N GLN A 135 3.04 6.46 -12.67
CA GLN A 135 4.15 7.36 -12.40
C GLN A 135 4.32 7.55 -10.89
N VAL A 136 5.57 7.53 -10.43
CA VAL A 136 5.88 7.70 -9.02
C VAL A 136 6.68 8.98 -8.80
N ASN A 137 6.29 9.74 -7.78
CA ASN A 137 6.95 11.00 -7.47
C ASN A 137 6.81 11.32 -5.98
N TYR A 138 7.44 12.42 -5.56
CA TYR A 138 7.40 12.83 -4.16
C TYR A 138 5.96 13.08 -3.71
N GLU A 139 5.21 13.82 -4.51
CA GLU A 139 3.83 14.13 -4.16
C GLU A 139 3.01 12.86 -3.96
N GLU A 140 3.43 11.78 -4.59
CA GLU A 140 2.71 10.52 -4.46
C GLU A 140 3.15 9.76 -3.21
N PHE A 141 4.42 9.88 -2.85
CA PHE A 141 4.93 9.18 -1.67
C PHE A 141 4.30 9.71 -0.38
N VAL A 142 4.23 11.02 -0.23
CA VAL A 142 3.67 11.61 0.97
C VAL A 142 2.25 11.11 1.19
N GLN A 143 1.46 11.07 0.11
CA GLN A 143 0.08 10.60 0.21
C GLN A 143 0.03 9.09 0.42
N MET A 144 0.93 8.36 -0.24
CA MET A 144 0.95 6.92 -0.12
C MET A 144 1.18 6.47 1.32
N MET A 145 2.19 7.06 1.96
CA MET A 145 2.50 6.72 3.35
C MET A 145 1.72 7.60 4.31
N THR A 146 0.92 6.95 5.15
CA THR A 146 0.11 7.68 6.13
C THR A 146 -0.44 6.73 7.19
N ALA A 147 0.22 6.68 8.35
CA ALA A 147 -0.22 5.82 9.44
C ALA A 147 -1.58 6.28 9.97
N LYS A 148 -1.76 7.60 10.04
CA LYS A 148 -3.02 8.16 10.54
C LYS A 148 -4.09 8.14 9.43
#